data_8C8T
#
_entry.id   8C8T
#
_cell.length_a   1.00
_cell.length_b   1.00
_cell.length_c   1.00
_cell.angle_alpha   90.00
_cell.angle_beta   90.00
_cell.angle_gamma   90.00
#
_symmetry.space_group_name_H-M   'P 1'
#
loop_
_entity.id
_entity.type
_entity.pdbx_description
1 polymer 'Envelope glycoprotein gp160'
2 polymer 'Gp41 Bg505 T332n Sosip.664'
3 polymer 'IgG EPTC112 Fab fragment heavy chain'
4 polymer 'IgG 3BNC117 Fab heavy chain'
5 polymer 'IgG 3BNC117 Fab Light Chain'
6 polymer 'IgG EPTC112 Fab Light Chain'
7 branched 2-acetamido-2-deoxy-beta-D-glucopyranose-(1-4)-2-acetamido-2-deoxy-beta-D-glucopyranose
8 branched beta-D-mannopyranose-(1-4)-2-acetamido-2-deoxy-beta-D-glucopyranose-(1-4)-2-acetamido-2-deoxy-beta-D-glucopyranose
9 branched alpha-D-mannopyranose-(1-3)-beta-D-mannopyranose-(1-4)-2-acetamido-2-deoxy-beta-D-glucopyranose-(1-4)-2-acetamido-2-deoxy-beta-D-glucopyranose
10 non-polymer 2-acetamido-2-deoxy-beta-D-glucopyranose
#
loop_
_entity_poly.entity_id
_entity_poly.type
_entity_poly.pdbx_seq_one_letter_code
_entity_poly.pdbx_strand_id
1 'polypeptide(L)'
;LWVTVYYGVPVWKDAETTLFCASDAKAYETEKHNVWATHACVPTDPNPQEIHLENVTEEFNMWKNNMVEQMHTDIISLWD
QSLKPCVKLTPLCVTLQCTNVTNNITDDMRGELKNCSFNMTTELRDKKQKVYSLFYRLDVVQINENQGNRSNNSNKEYRL
INCNTSAITQACPKVSFEPIPIHYCAPAGFAILKCKDKKFNGTGPCPSVSTVQCTHGIKPVVSTQLLLNGSLAEEEVMIR
SENITNNAKNILVQFNTPVQINCTRPNNNTRKSIRIGPGQAFYATGDIIGDIRQAHCNVSKATWNETLGKVVKQLRKHFG
NNTIIRFANSSGGDLEVTTHSFNCGGEFFYCNTSGLFNSTWISNTSVQGSNSTGSNDSITLPCRIKQIINMWQRIGQAMY
APPIQGVIRCVSNITGLILTRDGGSTNSTTETFRPGGGDMRDNWRSELYKYKVVKIEPLGVAPTRCKRR
;
A,F,G
2 'polypeptide(L)'
;LGFLGAAGSTMGAASMTLTVQARNLLSGIVQQQSNLLRAPEAQQHLLKLTVWGIKQLQARVLAVERYLRDQQLLGIWGCS
GKLICCTNVPWNSSWSNRNLSEIWDNMTWLQWDKEISNYTQIIYGLLEESQNQQEKNEQDLLALD
;
B,I,J
3 'polypeptide(L)'
;QVQLLESGPGLVRPSETLTLTCSVFNSRVSGYYYSWIRQPPGRGLEWIASTHFSLRPSRNPSLLSRVTTSIDTERYQVFL
NMRSVTAADTAVYFCARGDASGWRADYFPHWGQGTLVVVSSASTKGPSVFPLAPSSKSTSGGTAALGCLVKDYFPEPVTV
SWNSGALTSGVHTFPAVLQSSGLYSLSSVVTVPSSSLGTQTYICNVNHKPSNTKVDKRVEPKSCDKTHHHHHH
;
C,H
4 'polypeptide(L)'
;QVQLLQSGAAVTKPGASVRVSCEASGYNIRDYFIHWWRQAPGQGLQWVGWINPKTGQPNNPRQFQGRVSLTRHASWDFDT
FSFYMDLKALRSDDTAVYFCARQRSDYWDFDVWGSGTQVTVSSASTKGPSVFPLAPSSKSTSGGTAALGCLVKDYFPEPV
TVSWNSGALTSGVHTFPAVLQSSGLYSLSSVVTVPSSSLGTQTYICNVNHKPSNTKVDKKVEPKSC
;
R,S
5 'polypeptide(L)'
;DIQMTQSPSSLSASVGDTVTITCQANGYLNWYQQRRGKAPKLLIYDGSKLERGVPSRFSGRRWGQEYNLTINNLQPEDIA
TYFCQVYEFVVPGTRLDLKRTVAAPSVFIFPPSDEQLKSGTASVVCLLNNFYPREAKVQWKVDNALQSGNSQESVTEQDS
KDSTYSLSSTLTLSKADYEKHKVYACEVTHQGLSSPVTKSFNRGEC
;
T,U
6 'polypeptide(L)'
;QSVLTQPPSASGSPGQSVTISCTGTSSDIGASDYVSWYQQYPGEAPKVIIYDVTKRPSGVPDRFSGSKSGTTASLTVSGL
QAEDEADYYCSSDAGRHTLLFGGGTKVTVLGQPKAAPSVTLFPPSSEELQANKATLVCLISDFYPGAVTVAWKADSSPVK
AGVETTTPSKQSNNKYAASSYLSLTPEQWKSHRSYSCQVTHEGSTVEKTVAPTECS
;
D,K
#
loop_
_chem_comp.id
_chem_comp.type
_chem_comp.name
_chem_comp.formula
BMA D-saccharide, beta linking beta-D-mannopyranose 'C6 H12 O6'
MAN D-saccharide, alpha linking alpha-D-mannopyranose 'C6 H12 O6'
NAG D-saccharide, beta linking 2-acetamido-2-deoxy-beta-D-glucopyranose 'C8 H15 N O6'
#
# COMPACT_ATOMS: atom_id res chain seq x y z
N LEU A 1 10.83 -26.36 56.38
CA LEU A 1 9.93 -26.05 55.27
C LEU A 1 10.74 -25.73 54.02
N TRP A 2 10.37 -26.37 52.92
CA TRP A 2 11.14 -26.36 51.68
C TRP A 2 10.21 -26.04 50.51
N VAL A 3 10.77 -25.46 49.46
CA VAL A 3 9.95 -24.83 48.42
C VAL A 3 9.51 -25.88 47.41
N THR A 4 8.41 -25.59 46.73
CA THR A 4 7.88 -26.37 45.62
C THR A 4 7.40 -25.41 44.54
N VAL A 5 7.39 -25.91 43.30
CA VAL A 5 7.05 -25.12 42.13
C VAL A 5 5.75 -25.66 41.53
N TYR A 6 4.81 -24.75 41.28
CA TYR A 6 3.53 -25.09 40.66
C TYR A 6 3.39 -24.36 39.34
N TYR A 7 2.95 -25.09 38.32
CA TYR A 7 2.72 -24.54 36.98
C TYR A 7 1.23 -24.56 36.70
N GLY A 8 0.67 -23.41 36.39
CA GLY A 8 -0.74 -23.31 36.03
C GLY A 8 -1.66 -22.79 37.10
N VAL A 9 -1.14 -22.18 38.15
CA VAL A 9 -1.99 -21.64 39.23
C VAL A 9 -2.77 -20.44 38.69
N PRO A 10 -3.99 -20.20 39.18
CA PRO A 10 -4.76 -19.04 38.70
C PRO A 10 -4.30 -17.74 39.34
N VAL A 11 -3.57 -16.92 38.58
CA VAL A 11 -3.06 -15.64 39.05
C VAL A 11 -3.19 -14.63 37.91
N TRP A 12 -3.63 -13.42 38.24
CA TRP A 12 -3.78 -12.37 37.24
C TRP A 12 -2.74 -11.27 37.45
N LYS A 13 -2.58 -10.47 36.40
CA LYS A 13 -1.76 -9.27 36.43
C LYS A 13 -2.32 -8.28 35.43
N ASP A 14 -2.25 -7.00 35.76
CA ASP A 14 -2.71 -5.96 34.84
C ASP A 14 -1.74 -5.84 33.66
N ALA A 15 -2.28 -5.84 32.45
CA ALA A 15 -1.44 -5.78 31.27
C ALA A 15 -2.24 -5.22 30.10
N GLU A 16 -1.53 -4.77 29.07
CA GLU A 16 -2.13 -4.24 27.86
C GLU A 16 -1.42 -4.83 26.66
N THR A 17 -2.18 -5.43 25.75
CA THR A 17 -1.63 -6.08 24.57
C THR A 17 -2.62 -5.96 23.43
N THR A 18 -2.20 -6.41 22.25
CA THR A 18 -3.08 -6.41 21.10
C THR A 18 -4.24 -7.36 21.30
N LEU A 19 -5.41 -6.96 20.79
CA LEU A 19 -6.60 -7.79 20.77
C LEU A 19 -7.10 -7.87 19.34
N PHE A 20 -7.42 -9.08 18.88
CA PHE A 20 -7.86 -9.24 17.49
C PHE A 20 -9.39 -9.29 17.44
N CYS A 21 -9.92 -9.32 16.22
CA CYS A 21 -11.35 -9.25 16.00
C CYS A 21 -11.90 -10.61 15.60
N ALA A 22 -13.17 -10.83 15.95
CA ALA A 22 -13.91 -12.01 15.55
C ALA A 22 -15.35 -11.62 15.33
N SER A 23 -15.92 -11.99 14.18
CA SER A 23 -17.29 -11.64 13.85
C SER A 23 -17.98 -12.86 13.26
N ASP A 24 -19.31 -12.87 13.37
CA ASP A 24 -20.11 -13.97 12.84
C ASP A 24 -20.15 -13.94 11.32
N LYS A 32 -22.70 -7.13 -0.23
CA LYS A 32 -21.76 -6.03 -0.30
C LYS A 32 -20.74 -6.11 0.83
N HIS A 33 -19.60 -5.45 0.64
CA HIS A 33 -18.54 -5.46 1.65
C HIS A 33 -18.85 -4.46 2.75
N ASN A 34 -17.96 -4.36 3.73
CA ASN A 34 -18.12 -3.46 4.86
C ASN A 34 -16.90 -2.57 4.98
N VAL A 35 -17.12 -1.33 5.43
CA VAL A 35 -16.03 -0.38 5.56
C VAL A 35 -15.07 -0.77 6.67
N TRP A 36 -15.50 -1.60 7.61
CA TRP A 36 -14.66 -2.05 8.72
C TRP A 36 -13.98 -3.39 8.46
N ALA A 37 -14.17 -3.95 7.26
CA ALA A 37 -13.52 -5.21 6.85
C ALA A 37 -13.80 -6.33 7.85
N THR A 38 -15.07 -6.45 8.25
CA THR A 38 -15.45 -7.51 9.17
C THR A 38 -15.32 -8.89 8.57
N HIS A 39 -15.25 -9.01 7.23
CA HIS A 39 -15.07 -10.30 6.61
C HIS A 39 -13.66 -10.84 6.77
N ALA A 40 -12.70 -9.98 7.11
CA ALA A 40 -11.34 -10.42 7.40
C ALA A 40 -11.18 -10.90 8.84
N CYS A 41 -12.19 -10.73 9.68
CA CYS A 41 -12.14 -11.22 11.05
C CYS A 41 -12.17 -12.74 11.06
N VAL A 42 -11.53 -13.33 12.07
CA VAL A 42 -11.60 -14.78 12.25
C VAL A 42 -13.03 -15.15 12.65
N PRO A 43 -13.60 -16.23 12.11
CA PRO A 43 -14.97 -16.60 12.51
C PRO A 43 -15.07 -16.88 14.00
N THR A 44 -16.18 -16.44 14.59
CA THR A 44 -16.35 -16.56 16.03
C THR A 44 -16.85 -17.95 16.41
N ASP A 45 -16.64 -18.30 17.67
CA ASP A 45 -17.07 -19.61 18.16
C ASP A 45 -18.59 -19.64 18.28
N PRO A 46 -19.26 -20.65 17.73
CA PRO A 46 -20.72 -20.72 17.87
C PRO A 46 -21.20 -20.86 19.30
N ASN A 47 -20.34 -21.34 20.21
CA ASN A 47 -20.69 -21.51 21.62
C ASN A 47 -19.82 -20.59 22.46
N PRO A 48 -20.26 -19.37 22.75
CA PRO A 48 -19.48 -18.50 23.64
C PRO A 48 -19.38 -19.10 25.04
N GLN A 49 -18.19 -18.96 25.63
CA GLN A 49 -17.91 -19.50 26.96
C GLN A 49 -17.66 -18.36 27.93
N GLU A 50 -18.35 -18.39 29.07
CA GLU A 50 -18.17 -17.40 30.12
C GLU A 50 -18.21 -18.13 31.46
N ILE A 51 -17.28 -17.78 32.35
CA ILE A 51 -17.10 -18.49 33.60
C ILE A 51 -17.28 -17.52 34.75
N HIS A 52 -17.99 -17.95 35.79
CA HIS A 52 -18.23 -17.15 36.99
C HIS A 52 -17.19 -17.49 38.04
N LEU A 53 -16.54 -16.46 38.58
CA LEU A 53 -15.47 -16.61 39.56
C LEU A 53 -16.01 -16.22 40.93
N GLU A 54 -16.41 -17.23 41.71
CA GLU A 54 -16.95 -16.97 43.05
C GLU A 54 -15.86 -16.46 43.98
N ASN A 55 -16.28 -15.69 44.98
CA ASN A 55 -15.43 -15.24 46.08
C ASN A 55 -14.33 -14.29 45.63
N VAL A 56 -14.43 -13.73 44.43
CA VAL A 56 -13.38 -12.89 43.86
C VAL A 56 -13.92 -11.48 43.71
N THR A 57 -13.16 -10.50 44.20
CA THR A 57 -13.52 -9.08 44.13
C THR A 57 -12.33 -8.33 43.52
N GLU A 58 -12.30 -8.24 42.21
CA GLU A 58 -11.26 -7.50 41.49
C GLU A 58 -11.77 -6.12 41.12
N GLU A 59 -10.91 -5.11 41.27
CA GLU A 59 -11.31 -3.73 41.05
C GLU A 59 -11.10 -3.34 39.58
N PHE A 60 -12.16 -2.84 38.97
CA PHE A 60 -12.11 -2.30 37.61
C PHE A 60 -12.01 -0.79 37.65
N ASN A 61 -11.60 -0.20 36.53
CA ASN A 61 -11.50 1.24 36.43
C ASN A 61 -11.83 1.67 35.01
N MET A 62 -12.46 2.83 34.90
CA MET A 62 -12.77 3.47 33.63
C MET A 62 -11.89 4.70 33.47
N TRP A 63 -11.93 5.26 32.26
CA TRP A 63 -11.27 6.51 31.88
C TRP A 63 -9.76 6.32 31.81
N LYS A 64 -9.25 5.15 32.20
CA LYS A 64 -7.87 4.77 32.00
C LYS A 64 -7.72 3.42 31.31
N ASN A 65 -8.82 2.72 31.06
CA ASN A 65 -8.77 1.42 30.40
C ASN A 65 -8.11 1.58 29.03
N ASN A 66 -7.35 0.57 28.64
CA ASN A 66 -6.50 0.67 27.46
C ASN A 66 -7.17 0.27 26.16
N MET A 67 -8.12 -0.67 26.19
CA MET A 67 -8.71 -1.13 24.93
C MET A 67 -9.57 -0.08 24.25
N VAL A 68 -9.90 1.01 24.95
CA VAL A 68 -10.60 2.12 24.30
C VAL A 68 -9.69 2.84 23.33
N GLU A 69 -8.46 3.16 23.77
CA GLU A 69 -7.49 3.83 22.92
C GLU A 69 -6.91 2.90 21.87
N GLN A 70 -7.12 1.60 22.00
CA GLN A 70 -6.79 0.70 20.90
C GLN A 70 -7.90 0.65 19.87
N MET A 71 -9.16 0.60 20.34
CA MET A 71 -10.29 0.57 19.43
C MET A 71 -10.39 1.84 18.61
N HIS A 72 -10.09 2.99 19.22
CA HIS A 72 -10.16 4.25 18.47
C HIS A 72 -9.18 4.26 17.30
N THR A 73 -7.92 3.90 17.56
CA THR A 73 -6.92 3.89 16.49
C THR A 73 -7.21 2.80 15.48
N ASP A 74 -7.75 1.66 15.93
CA ASP A 74 -8.14 0.60 15.00
C ASP A 74 -9.22 1.07 14.04
N ILE A 75 -10.25 1.74 14.56
CA ILE A 75 -11.32 2.22 13.69
C ILE A 75 -10.79 3.27 12.73
N ILE A 76 -9.91 4.15 13.21
CA ILE A 76 -9.32 5.16 12.33
C ILE A 76 -8.52 4.50 11.22
N SER A 77 -7.73 3.48 11.56
CA SER A 77 -6.91 2.79 10.57
C SER A 77 -7.77 2.07 9.54
N LEU A 78 -8.84 1.41 9.99
CA LEU A 78 -9.73 0.72 9.05
C LEU A 78 -10.40 1.73 8.11
N TRP A 79 -10.85 2.86 8.66
CA TRP A 79 -11.45 3.90 7.84
C TRP A 79 -10.45 4.42 6.81
N ASP A 80 -9.20 4.63 7.22
CA ASP A 80 -8.18 5.11 6.29
C ASP A 80 -7.90 4.10 5.19
N GLN A 81 -7.79 2.82 5.54
CA GLN A 81 -7.45 1.82 4.53
C GLN A 81 -8.59 1.53 3.58
N SER A 82 -9.84 1.71 4.02
CA SER A 82 -10.95 1.43 3.13
C SER A 82 -11.11 2.46 2.02
N LEU A 83 -10.38 3.57 2.07
CA LEU A 83 -10.51 4.64 1.09
C LEU A 83 -9.38 4.68 0.07
N LYS A 84 -8.36 3.85 0.20
CA LYS A 84 -7.25 3.89 -0.74
C LYS A 84 -7.64 3.55 -2.17
N PRO A 85 -8.38 2.46 -2.45
CA PRO A 85 -8.71 2.15 -3.85
C PRO A 85 -9.69 3.12 -4.49
N CYS A 86 -10.37 3.96 -3.70
CA CYS A 86 -11.45 4.77 -4.23
C CYS A 86 -10.92 5.89 -5.12
N VAL A 87 -11.85 6.59 -5.78
CA VAL A 87 -11.51 7.56 -6.82
C VAL A 87 -11.16 8.90 -6.17
N LYS A 88 -10.02 9.46 -6.55
CA LYS A 88 -9.66 10.81 -6.13
C LYS A 88 -10.50 11.83 -6.90
N LEU A 89 -11.08 12.79 -6.19
CA LEU A 89 -11.96 13.79 -6.77
C LEU A 89 -11.32 15.17 -6.78
N THR A 90 -10.02 15.21 -7.03
CA THR A 90 -9.30 16.48 -7.08
C THR A 90 -9.66 17.39 -8.26
N PRO A 91 -10.15 16.87 -9.43
CA PRO A 91 -10.46 17.80 -10.53
C PRO A 91 -11.75 18.60 -10.33
N LEU A 92 -12.36 18.53 -9.16
CA LEU A 92 -13.62 19.24 -8.91
C LEU A 92 -13.43 20.61 -8.28
N CYS A 93 -12.19 21.08 -8.16
CA CYS A 93 -11.93 22.39 -7.55
C CYS A 93 -11.96 23.52 -8.58
N VAL A 94 -12.76 23.40 -9.63
CA VAL A 94 -12.98 24.51 -10.55
C VAL A 94 -14.02 25.45 -9.98
N THR A 95 -14.15 26.63 -10.58
CA THR A 95 -15.23 27.55 -10.21
C THR A 95 -16.56 27.01 -10.71
N LEU A 96 -17.58 27.04 -9.85
CA LEU A 96 -18.90 26.54 -10.17
C LEU A 96 -19.88 27.70 -10.35
N GLN A 97 -20.73 27.61 -11.35
CA GLN A 97 -21.81 28.57 -11.57
C GLN A 97 -23.08 27.98 -10.96
N CYS A 98 -23.53 28.54 -9.85
CA CYS A 98 -24.59 27.96 -9.05
C CYS A 98 -25.82 28.88 -9.02
N THR A 99 -26.99 28.29 -9.18
CA THR A 99 -28.26 28.98 -9.02
C THR A 99 -29.17 28.17 -8.12
N ASN A 100 -29.85 28.85 -7.20
CA ASN A 100 -30.74 28.16 -6.29
C ASN A 100 -32.03 27.70 -6.99
N VAL A 101 -32.59 26.61 -6.49
CA VAL A 101 -33.73 25.95 -7.11
C VAL A 101 -35.02 26.50 -6.52
N THR A 102 -35.93 26.94 -7.37
CA THR A 102 -37.20 27.47 -6.93
C THR A 102 -38.16 26.34 -6.57
N MET A 109 -37.94 25.97 3.54
CA MET A 109 -36.52 25.63 3.51
C MET A 109 -35.90 26.01 2.16
N ARG A 110 -36.36 27.12 1.60
CA ARG A 110 -35.85 27.57 0.31
C ARG A 110 -34.42 28.08 0.46
N GLY A 111 -33.56 27.66 -0.46
CA GLY A 111 -32.15 28.03 -0.42
C GLY A 111 -31.21 26.97 0.12
N GLU A 112 -31.70 25.77 0.41
CA GLU A 112 -30.86 24.69 0.90
C GLU A 112 -30.33 23.78 -0.19
N LEU A 113 -30.72 24.01 -1.44
CA LEU A 113 -30.24 23.22 -2.58
C LEU A 113 -29.88 24.17 -3.72
N LYS A 114 -28.80 23.86 -4.42
CA LYS A 114 -28.30 24.72 -5.48
C LYS A 114 -27.86 23.89 -6.66
N ASN A 115 -28.33 24.25 -7.85
CA ASN A 115 -27.93 23.61 -9.09
C ASN A 115 -26.67 24.30 -9.61
N CYS A 116 -25.57 23.56 -9.67
CA CYS A 116 -24.26 24.10 -10.02
C CYS A 116 -23.74 23.43 -11.28
N SER A 117 -23.30 24.24 -12.24
CA SER A 117 -22.73 23.75 -13.48
C SER A 117 -21.27 24.17 -13.57
N PHE A 118 -20.46 23.32 -14.20
CA PHE A 118 -19.02 23.55 -14.28
C PHE A 118 -18.45 22.76 -15.45
N ASN A 119 -17.14 22.90 -15.65
CA ASN A 119 -16.40 22.23 -16.71
C ASN A 119 -15.59 21.08 -16.11
N MET A 120 -15.72 19.90 -16.70
CA MET A 120 -15.03 18.72 -16.21
C MET A 120 -14.24 18.07 -17.33
N THR A 121 -13.22 17.29 -16.93
CA THR A 121 -12.38 16.59 -17.87
C THR A 121 -13.10 15.36 -18.42
N THR A 122 -12.58 14.86 -19.53
CA THR A 122 -13.14 13.69 -20.22
C THR A 122 -12.08 12.59 -20.30
N GLU A 123 -12.45 11.49 -20.94
CA GLU A 123 -11.51 10.41 -21.21
C GLU A 123 -10.30 10.90 -22.00
N LEU A 124 -10.49 11.91 -22.85
CA LEU A 124 -9.43 12.43 -23.70
C LEU A 124 -8.94 13.77 -23.17
N ARG A 125 -7.61 13.96 -23.17
CA ARG A 125 -7.03 15.16 -22.58
C ARG A 125 -7.31 16.40 -23.41
N ASP A 126 -7.55 16.24 -24.71
CA ASP A 126 -7.71 17.41 -25.59
C ASP A 126 -8.94 18.22 -25.23
N LYS A 127 -10.06 17.54 -24.97
CA LYS A 127 -11.35 18.18 -24.89
C LYS A 127 -12.02 17.89 -23.55
N LYS A 128 -12.93 18.78 -23.16
CA LYS A 128 -13.62 18.70 -21.89
C LYS A 128 -15.13 18.82 -22.12
N GLN A 129 -15.89 18.61 -21.04
CA GLN A 129 -17.34 18.61 -21.10
C GLN A 129 -17.89 19.60 -20.09
N LYS A 130 -19.15 19.97 -20.25
CA LYS A 130 -19.84 20.86 -19.33
C LYS A 130 -20.92 20.05 -18.62
N VAL A 131 -20.79 19.91 -17.30
CA VAL A 131 -21.70 19.08 -16.53
C VAL A 131 -22.34 19.90 -15.41
N TYR A 132 -23.25 19.29 -14.66
CA TYR A 132 -23.95 19.97 -13.59
C TYR A 132 -24.38 18.96 -12.53
N SER A 133 -24.67 19.47 -11.35
CA SER A 133 -25.08 18.63 -10.23
C SER A 133 -25.77 19.50 -9.18
N LEU A 134 -26.53 18.85 -8.30
CA LEU A 134 -27.24 19.53 -7.23
C LEU A 134 -26.46 19.37 -5.94
N PHE A 135 -26.01 20.49 -5.37
CA PHE A 135 -25.26 20.51 -4.13
C PHE A 135 -26.10 21.13 -3.03
N TYR A 136 -25.69 20.88 -1.79
CA TYR A 136 -26.33 21.50 -0.64
C TYR A 136 -25.67 22.84 -0.35
N ARG A 137 -26.39 23.69 0.40
CA ARG A 137 -25.89 25.02 0.71
C ARG A 137 -24.68 24.97 1.63
N LEU A 138 -24.48 23.88 2.36
CA LEU A 138 -23.34 23.78 3.28
C LEU A 138 -22.04 23.44 2.59
N ASP A 139 -22.08 22.95 1.35
CA ASP A 139 -20.90 22.47 0.65
C ASP A 139 -20.39 23.44 -0.41
N VAL A 140 -20.87 24.68 -0.43
CA VAL A 140 -20.43 25.68 -1.38
C VAL A 140 -20.11 26.97 -0.63
N VAL A 141 -19.03 27.63 -1.06
CA VAL A 141 -18.57 28.87 -0.45
C VAL A 141 -18.40 29.92 -1.53
N GLN A 142 -18.86 31.14 -1.26
CA GLN A 142 -18.74 32.21 -2.24
C GLN A 142 -17.28 32.55 -2.49
N ILE A 143 -17.01 33.07 -3.69
CA ILE A 143 -15.68 33.57 -4.02
C ILE A 143 -15.71 35.09 -4.08
N LYS A 156 -23.10 32.39 -9.26
CA LYS A 156 -22.36 33.54 -8.74
C LYS A 156 -20.93 33.15 -8.39
N GLU A 157 -20.39 32.19 -9.13
CA GLU A 157 -19.00 31.74 -8.99
C GLU A 157 -18.71 31.20 -7.60
N TYR A 158 -19.52 30.22 -7.17
CA TYR A 158 -19.24 29.53 -5.93
C TYR A 158 -18.06 28.58 -6.13
N ARG A 159 -17.57 28.03 -5.02
CA ARG A 159 -16.52 27.01 -5.10
C ARG A 159 -16.79 25.96 -4.03
N LEU A 160 -16.22 24.78 -4.26
CA LEU A 160 -16.35 23.70 -3.27
C LEU A 160 -15.66 24.12 -1.98
N ILE A 161 -16.22 23.69 -0.85
CA ILE A 161 -15.84 24.26 0.43
C ILE A 161 -14.38 23.99 0.75
N ASN A 162 -13.94 22.74 0.65
CA ASN A 162 -12.57 22.37 1.01
C ASN A 162 -11.71 22.24 -0.26
N CYS A 163 -11.43 23.39 -0.86
CA CYS A 163 -10.45 23.46 -1.94
C CYS A 163 -9.21 24.22 -1.55
N ASN A 164 -9.23 24.93 -0.41
CA ASN A 164 -8.04 25.55 0.14
C ASN A 164 -7.46 24.78 1.31
N THR A 165 -8.20 23.82 1.86
CA THR A 165 -7.79 23.09 3.06
C THR A 165 -7.38 21.65 2.81
N SER A 166 -8.03 20.95 1.88
CA SER A 166 -7.83 19.51 1.76
C SER A 166 -8.26 19.04 0.38
N ALA A 167 -7.94 17.78 0.09
CA ALA A 167 -8.31 17.13 -1.17
C ALA A 167 -9.26 15.98 -0.88
N ILE A 168 -10.38 15.96 -1.58
CA ILE A 168 -11.45 15.00 -1.32
C ILE A 168 -11.23 13.73 -2.13
N THR A 169 -11.66 12.62 -1.56
CA THR A 169 -11.75 11.33 -2.25
C THR A 169 -13.18 10.83 -2.13
N GLN A 170 -13.67 10.17 -3.19
CA GLN A 170 -15.05 9.75 -3.25
C GLN A 170 -15.21 8.37 -2.63
N ALA A 171 -16.08 8.25 -1.64
CA ALA A 171 -16.34 6.96 -1.00
C ALA A 171 -16.89 5.98 -2.02
N CYS A 172 -16.33 4.78 -2.04
CA CYS A 172 -16.74 3.78 -3.01
C CYS A 172 -18.16 3.32 -2.72
N PRO A 173 -19.07 3.38 -3.70
CA PRO A 173 -20.47 3.04 -3.42
C PRO A 173 -20.72 1.55 -3.19
N LYS A 174 -19.77 0.69 -3.51
CA LYS A 174 -19.98 -0.74 -3.27
C LYS A 174 -20.00 -1.05 -1.78
N VAL A 175 -19.10 -0.45 -1.01
CA VAL A 175 -19.05 -0.72 0.43
C VAL A 175 -20.23 -0.06 1.13
N SER A 176 -20.48 -0.48 2.37
CA SER A 176 -21.58 0.04 3.17
C SER A 176 -21.06 0.58 4.49
N PHE A 177 -21.75 1.59 5.00
CA PHE A 177 -21.43 2.17 6.30
C PHE A 177 -22.24 1.57 7.44
N GLU A 178 -23.04 0.55 7.17
CA GLU A 178 -23.86 -0.06 8.21
C GLU A 178 -22.98 -0.75 9.24
N PRO A 179 -23.14 -0.46 10.53
CA PRO A 179 -22.31 -1.10 11.54
C PRO A 179 -22.60 -2.59 11.65
N ILE A 180 -21.56 -3.34 12.02
CA ILE A 180 -21.67 -4.79 12.21
C ILE A 180 -20.96 -5.16 13.50
N PRO A 181 -21.59 -5.94 14.38
CA PRO A 181 -20.96 -6.25 15.68
C PRO A 181 -19.64 -6.99 15.51
N ILE A 182 -18.67 -6.63 16.35
CA ILE A 182 -17.35 -7.24 16.34
C ILE A 182 -16.96 -7.56 17.78
N HIS A 183 -16.33 -8.71 17.97
CA HIS A 183 -15.88 -9.17 19.29
C HIS A 183 -14.37 -9.06 19.36
N TYR A 184 -13.87 -8.49 20.46
CA TYR A 184 -12.43 -8.34 20.67
C TYR A 184 -11.92 -9.50 21.51
N CYS A 185 -11.15 -10.39 20.89
CA CYS A 185 -10.58 -11.55 21.54
C CYS A 185 -9.14 -11.26 21.94
N ALA A 186 -8.79 -11.62 23.17
CA ALA A 186 -7.44 -11.51 23.68
C ALA A 186 -6.60 -12.70 23.22
N PRO A 187 -5.28 -12.55 23.14
CA PRO A 187 -4.43 -13.66 22.70
C PRO A 187 -4.37 -14.76 23.76
N ALA A 188 -3.70 -15.85 23.39
CA ALA A 188 -3.49 -16.94 24.33
C ALA A 188 -2.60 -16.47 25.48
N GLY A 189 -2.95 -16.87 26.70
CA GLY A 189 -2.28 -16.37 27.87
C GLY A 189 -2.89 -15.10 28.44
N PHE A 190 -4.11 -14.75 28.03
CA PHE A 190 -4.81 -13.58 28.54
C PHE A 190 -6.28 -13.92 28.71
N ALA A 191 -6.98 -13.07 29.44
CA ALA A 191 -8.42 -13.24 29.66
C ALA A 191 -9.06 -11.86 29.74
N ILE A 192 -10.39 -11.83 29.60
CA ILE A 192 -11.13 -10.59 29.70
C ILE A 192 -12.08 -10.70 30.88
N LEU A 193 -11.88 -9.85 31.88
CA LEU A 193 -12.75 -9.84 33.05
C LEU A 193 -13.90 -8.87 32.83
N LYS A 194 -15.00 -9.13 33.53
CA LYS A 194 -16.19 -8.30 33.42
C LYS A 194 -16.91 -8.29 34.77
N CYS A 195 -17.69 -7.25 34.99
CA CYS A 195 -18.39 -7.02 36.25
C CYS A 195 -19.86 -7.39 36.10
N LYS A 196 -20.37 -8.17 37.04
CA LYS A 196 -21.76 -8.57 37.05
C LYS A 196 -22.61 -7.74 38.01
N ASP A 197 -22.05 -6.66 38.56
CA ASP A 197 -22.80 -5.80 39.47
C ASP A 197 -23.78 -4.96 38.68
N LYS A 198 -25.05 -5.00 39.08
CA LYS A 198 -26.08 -4.25 38.37
C LYS A 198 -25.87 -2.74 38.51
N LYS A 199 -25.47 -2.28 39.69
CA LYS A 199 -25.25 -0.86 39.97
C LYS A 199 -23.76 -0.64 40.17
N PHE A 200 -23.06 -0.37 39.07
CA PHE A 200 -21.62 -0.12 39.10
C PHE A 200 -21.35 1.35 38.84
N ASN A 201 -20.43 1.91 39.62
CA ASN A 201 -20.11 3.34 39.54
C ASN A 201 -19.07 3.64 38.47
N GLY A 202 -18.32 2.64 38.02
CA GLY A 202 -17.31 2.81 37.00
C GLY A 202 -15.88 2.67 37.50
N THR A 203 -15.65 2.90 38.80
CA THR A 203 -14.30 2.77 39.35
C THR A 203 -14.43 2.32 40.81
N GLY A 204 -14.23 1.01 41.03
CA GLY A 204 -14.31 0.44 42.35
C GLY A 204 -14.33 -1.06 42.32
N PRO A 205 -14.20 -1.70 43.48
CA PRO A 205 -14.23 -3.16 43.55
C PRO A 205 -15.56 -3.71 43.04
N CYS A 206 -15.49 -4.83 42.34
CA CYS A 206 -16.67 -5.48 41.78
C CYS A 206 -16.93 -6.77 42.52
N PRO A 207 -17.96 -6.84 43.38
CA PRO A 207 -18.20 -8.05 44.17
C PRO A 207 -18.50 -9.29 43.33
N SER A 208 -19.02 -9.13 42.12
CA SER A 208 -19.38 -10.27 41.27
C SER A 208 -18.68 -10.13 39.93
N VAL A 209 -17.57 -10.84 39.76
CA VAL A 209 -16.72 -10.73 38.58
C VAL A 209 -16.72 -12.06 37.84
N SER A 210 -16.66 -11.97 36.52
CA SER A 210 -16.63 -13.16 35.66
C SER A 210 -15.52 -13.01 34.62
N THR A 211 -15.10 -14.13 34.06
CA THR A 211 -14.07 -14.16 33.04
C THR A 211 -14.65 -14.67 31.72
N VAL A 212 -14.05 -14.23 30.63
CA VAL A 212 -14.53 -14.56 29.29
C VAL A 212 -13.37 -14.51 28.31
N GLN A 213 -13.52 -15.22 27.19
CA GLN A 213 -12.54 -15.21 26.13
C GLN A 213 -12.62 -13.95 25.28
N CYS A 214 -13.84 -13.46 25.03
CA CYS A 214 -14.03 -12.33 24.14
C CYS A 214 -15.25 -11.54 24.56
N THR A 215 -15.30 -10.28 24.14
CA THR A 215 -16.40 -9.39 24.46
C THR A 215 -17.61 -9.68 23.58
N HIS A 216 -18.73 -9.06 23.94
CA HIS A 216 -19.94 -9.18 23.16
C HIS A 216 -19.87 -8.29 21.92
N GLY A 217 -20.85 -8.44 21.03
CA GLY A 217 -20.90 -7.64 19.82
C GLY A 217 -21.04 -6.16 20.10
N ILE A 218 -20.14 -5.36 19.53
CA ILE A 218 -20.08 -3.93 19.79
C ILE A 218 -20.28 -3.20 18.46
N LYS A 219 -21.33 -2.40 18.37
CA LYS A 219 -21.57 -1.62 17.16
C LYS A 219 -20.74 -0.35 17.18
N PRO A 220 -20.02 -0.04 16.09
CA PRO A 220 -19.15 1.14 16.08
C PRO A 220 -19.89 2.44 15.78
N VAL A 221 -21.21 2.46 16.01
CA VAL A 221 -22.02 3.65 15.70
C VAL A 221 -21.37 4.92 16.23
N VAL A 222 -21.52 6.01 15.48
CA VAL A 222 -20.95 7.30 15.83
C VAL A 222 -22.09 8.29 16.09
N SER A 223 -21.93 9.11 17.13
CA SER A 223 -22.92 10.08 17.54
C SER A 223 -22.25 11.11 18.44
N THR A 224 -22.83 12.30 18.51
CA THR A 224 -22.25 13.37 19.31
C THR A 224 -23.05 13.71 20.56
N GLN A 225 -24.38 13.79 20.47
CA GLN A 225 -25.19 14.21 21.60
C GLN A 225 -26.04 13.11 22.21
N LEU A 226 -26.43 12.10 21.43
CA LEU A 226 -27.29 11.03 21.93
C LEU A 226 -26.77 9.71 21.41
N LEU A 227 -26.35 8.83 22.32
CA LEU A 227 -25.85 7.52 21.92
C LEU A 227 -27.00 6.68 21.35
N LEU A 228 -26.69 5.90 20.32
CA LEU A 228 -27.70 5.15 19.58
C LEU A 228 -27.33 3.68 19.51
N ASN A 229 -28.35 2.83 19.49
CA ASN A 229 -28.18 1.39 19.27
C ASN A 229 -27.19 0.78 20.26
N GLY A 230 -27.28 1.20 21.52
CA GLY A 230 -26.38 0.74 22.55
C GLY A 230 -27.01 -0.30 23.45
N SER A 231 -26.42 -0.46 24.63
CA SER A 231 -26.90 -1.41 25.63
C SER A 231 -27.68 -0.69 26.72
N LEU A 232 -28.65 -1.39 27.29
CA LEU A 232 -29.56 -0.83 28.29
C LEU A 232 -29.17 -1.29 29.69
N ALA A 233 -29.26 -0.37 30.65
CA ALA A 233 -29.05 -0.73 32.04
C ALA A 233 -30.18 -1.61 32.54
N GLU A 234 -29.86 -2.47 33.51
CA GLU A 234 -30.83 -3.42 34.03
C GLU A 234 -31.56 -2.93 35.28
N GLU A 235 -30.90 -2.12 36.11
CA GLU A 235 -31.50 -1.68 37.36
C GLU A 235 -32.20 -0.33 37.22
N GLU A 236 -31.46 0.71 36.83
CA GLU A 236 -32.02 2.05 36.69
C GLU A 236 -31.02 2.89 35.91
N VAL A 237 -31.35 4.18 35.76
CA VAL A 237 -30.46 5.10 35.08
C VAL A 237 -29.16 5.24 35.87
N MET A 238 -28.03 5.10 35.18
CA MET A 238 -26.73 5.14 35.81
C MET A 238 -25.96 6.36 35.32
N ILE A 239 -25.10 6.89 36.20
CA ILE A 239 -24.32 8.09 35.92
C ILE A 239 -22.87 7.80 36.22
N ARG A 240 -22.00 7.97 35.23
CA ARG A 240 -20.57 7.64 35.33
C ARG A 240 -19.79 8.80 34.72
N SER A 241 -19.40 9.77 35.55
CA SER A 241 -18.80 10.99 35.03
C SER A 241 -17.48 11.35 35.72
N GLU A 242 -16.73 10.35 36.20
CA GLU A 242 -15.40 10.54 36.76
C GLU A 242 -15.51 11.51 37.93
N ASN A 243 -14.83 12.66 37.90
CA ASN A 243 -14.95 13.64 38.98
C ASN A 243 -16.26 14.41 38.83
N ILE A 244 -17.14 14.27 39.82
CA ILE A 244 -18.43 14.95 39.76
C ILE A 244 -18.24 16.45 39.88
N THR A 245 -17.34 16.89 40.77
CA THR A 245 -17.18 18.31 41.05
C THR A 245 -16.71 19.08 39.82
N ASN A 246 -15.75 18.52 39.07
CA ASN A 246 -15.21 19.22 37.92
C ASN A 246 -16.25 19.31 36.81
N ASN A 247 -16.44 20.51 36.27
CA ASN A 247 -17.41 20.76 35.23
C ASN A 247 -16.82 20.70 33.82
N ALA A 248 -15.53 20.39 33.70
CA ALA A 248 -14.88 20.30 32.40
C ALA A 248 -14.89 18.89 31.83
N LYS A 249 -15.56 17.95 32.49
CA LYS A 249 -15.61 16.57 32.05
C LYS A 249 -17.07 16.16 31.80
N ASN A 250 -17.28 15.38 30.75
CA ASN A 250 -18.61 15.01 30.33
C ASN A 250 -19.27 14.07 31.32
N ILE A 251 -20.59 14.13 31.39
CA ILE A 251 -21.40 13.25 32.23
C ILE A 251 -22.12 12.27 31.30
N LEU A 252 -21.91 10.97 31.52
CA LEU A 252 -22.52 9.93 30.71
C LEU A 252 -23.73 9.37 31.45
N VAL A 253 -24.90 9.46 30.82
CA VAL A 253 -26.15 8.98 31.39
C VAL A 253 -26.59 7.77 30.57
N GLN A 254 -26.89 6.66 31.25
CA GLN A 254 -27.28 5.41 30.61
C GLN A 254 -28.74 5.12 30.90
N PHE A 255 -29.50 4.86 29.84
CA PHE A 255 -30.93 4.60 29.95
C PHE A 255 -31.18 3.12 30.22
N ASN A 256 -32.15 2.83 31.08
CA ASN A 256 -32.60 1.46 31.30
C ASN A 256 -33.78 1.09 30.41
N THR A 257 -34.28 2.03 29.61
CA THR A 257 -35.36 1.77 28.67
C THR A 257 -35.11 2.56 27.40
N PRO A 258 -35.08 1.92 26.24
CA PRO A 258 -34.76 2.65 25.01
C PRO A 258 -35.84 3.64 24.64
N VAL A 259 -35.42 4.73 24.00
CA VAL A 259 -36.35 5.70 23.45
C VAL A 259 -36.37 5.55 21.94
N GLN A 260 -37.49 5.10 21.40
CA GLN A 260 -37.59 4.92 19.96
C GLN A 260 -37.60 6.28 19.26
N ILE A 261 -36.85 6.37 18.17
CA ILE A 261 -36.84 7.59 17.35
C ILE A 261 -36.92 7.19 15.89
N ASN A 262 -37.70 7.95 15.12
CA ASN A 262 -37.77 7.76 13.68
C ASN A 262 -37.10 8.94 12.99
N CYS A 263 -36.59 8.70 11.79
CA CYS A 263 -35.95 9.74 11.01
C CYS A 263 -36.21 9.47 9.52
N THR A 264 -36.42 10.54 8.76
CA THR A 264 -36.80 10.40 7.38
C THR A 264 -36.12 11.47 6.54
N ARG A 265 -35.70 11.06 5.34
CA ARG A 265 -35.29 11.93 4.25
C ARG A 265 -36.33 11.71 3.16
N PRO A 266 -37.38 12.54 3.11
CA PRO A 266 -38.47 12.29 2.16
C PRO A 266 -38.11 12.59 0.71
N ASN A 267 -37.02 13.31 0.45
CA ASN A 267 -36.69 13.70 -0.91
C ASN A 267 -36.40 12.47 -1.76
N ASN A 268 -36.93 12.47 -2.98
CA ASN A 268 -36.77 11.38 -3.93
C ASN A 268 -35.61 11.73 -4.85
N ASN A 269 -34.42 11.23 -4.53
CA ASN A 269 -33.20 11.58 -5.24
C ASN A 269 -32.91 10.57 -6.34
N THR A 270 -32.08 11.01 -7.29
CA THR A 270 -31.60 10.15 -8.37
C THR A 270 -30.10 10.37 -8.51
N ARG A 271 -29.41 9.35 -9.05
CA ARG A 271 -27.96 9.37 -9.19
C ARG A 271 -27.59 9.14 -10.64
N LYS A 272 -26.70 9.98 -11.16
CA LYS A 272 -26.19 9.83 -12.51
C LYS A 272 -24.66 9.87 -12.49
N SER A 273 -24.04 9.06 -13.35
CA SER A 273 -22.61 8.90 -13.37
C SER A 273 -21.98 9.71 -14.50
N ILE A 274 -20.86 10.36 -14.20
CA ILE A 274 -20.12 11.17 -15.16
C ILE A 274 -18.71 10.60 -15.27
N ARG A 275 -18.25 10.38 -16.50
CA ARG A 275 -16.90 9.87 -16.73
C ARG A 275 -15.92 11.02 -16.72
N ILE A 276 -14.97 10.99 -15.78
CA ILE A 276 -14.01 12.07 -15.61
C ILE A 276 -12.59 11.60 -15.92
N GLY A 277 -12.45 10.47 -16.59
CA GLY A 277 -11.17 9.92 -16.92
C GLY A 277 -11.28 8.47 -17.33
N PRO A 278 -10.16 7.87 -17.73
CA PRO A 278 -10.19 6.45 -18.12
C PRO A 278 -10.51 5.54 -16.95
N GLY A 279 -11.71 4.96 -16.97
CA GLY A 279 -12.14 4.08 -15.90
C GLY A 279 -12.34 4.78 -14.56
N GLN A 280 -12.86 6.01 -14.58
CA GLN A 280 -13.11 6.78 -13.38
C GLN A 280 -14.50 7.41 -13.49
N ALA A 281 -15.28 7.32 -12.42
CA ALA A 281 -16.65 7.79 -12.43
C ALA A 281 -16.91 8.70 -11.23
N PHE A 282 -17.78 9.69 -11.45
CA PHE A 282 -18.21 10.63 -10.42
C PHE A 282 -19.73 10.58 -10.37
N TYR A 283 -20.28 10.26 -9.20
CA TYR A 283 -21.71 10.06 -9.03
C TYR A 283 -22.35 11.35 -8.53
N ALA A 284 -23.09 12.02 -9.38
CA ALA A 284 -23.76 13.27 -9.05
C ALA A 284 -25.26 13.04 -8.93
N THR A 285 -25.97 14.06 -8.46
CA THR A 285 -27.42 14.00 -8.32
C THR A 285 -28.08 14.55 -9.58
N GLY A 286 -29.21 13.95 -9.95
CA GLY A 286 -29.98 14.42 -11.09
C GLY A 286 -31.08 15.34 -10.64
N ASP A 287 -32.33 15.02 -10.97
CA ASP A 287 -33.45 15.80 -10.49
C ASP A 287 -34.01 15.18 -9.21
N ILE A 288 -35.04 15.81 -8.66
CA ILE A 288 -35.75 15.32 -7.48
C ILE A 288 -37.19 15.09 -7.89
N ILE A 289 -37.66 13.86 -7.72
CA ILE A 289 -38.97 13.44 -8.21
C ILE A 289 -40.02 13.81 -7.17
N GLY A 290 -40.82 14.83 -7.47
CA GLY A 290 -41.89 15.22 -6.59
C GLY A 290 -41.61 16.51 -5.83
N ASP A 291 -42.23 16.65 -4.66
CA ASP A 291 -42.02 17.83 -3.84
C ASP A 291 -40.64 17.79 -3.16
N ILE A 292 -40.16 18.97 -2.79
CA ILE A 292 -38.93 19.12 -2.03
C ILE A 292 -39.32 19.39 -0.58
N ARG A 293 -38.94 18.50 0.32
CA ARG A 293 -39.34 18.61 1.72
C ARG A 293 -38.15 18.32 2.61
N GLN A 294 -38.24 18.85 3.84
CA GLN A 294 -37.13 18.79 4.78
C GLN A 294 -37.04 17.44 5.47
N ALA A 295 -35.82 16.92 5.59
CA ALA A 295 -35.59 15.73 6.38
C ALA A 295 -35.79 16.05 7.86
N HIS A 296 -36.28 15.07 8.62
CA HIS A 296 -36.63 15.35 10.00
C HIS A 296 -36.55 14.06 10.83
N CYS A 297 -36.76 14.21 12.14
CA CYS A 297 -36.86 13.08 13.04
C CYS A 297 -38.03 13.30 13.98
N ASN A 298 -38.64 12.20 14.41
CA ASN A 298 -39.78 12.21 15.32
C ASN A 298 -39.46 11.43 16.59
N VAL A 299 -39.84 12.02 17.72
CA VAL A 299 -39.63 11.45 19.05
C VAL A 299 -40.96 11.50 19.79
N SER A 300 -41.18 10.53 20.68
CA SER A 300 -42.40 10.51 21.48
C SER A 300 -42.27 11.43 22.68
N LYS A 301 -43.35 12.17 22.98
CA LYS A 301 -43.30 13.19 24.02
C LYS A 301 -43.41 12.57 25.42
N ALA A 302 -44.43 11.73 25.64
CA ALA A 302 -44.70 11.24 26.99
C ALA A 302 -43.56 10.35 27.50
N THR A 303 -43.11 9.42 26.65
CA THR A 303 -42.04 8.51 27.08
C THR A 303 -40.76 9.27 27.37
N TRP A 304 -40.42 10.26 26.55
CA TRP A 304 -39.18 10.98 26.79
C TRP A 304 -39.30 11.91 27.98
N ASN A 305 -40.49 12.44 28.25
CA ASN A 305 -40.70 13.20 29.48
C ASN A 305 -40.52 12.30 30.70
N GLU A 306 -41.02 11.07 30.64
CA GLU A 306 -40.82 10.12 31.73
C GLU A 306 -39.35 9.80 31.92
N THR A 307 -38.61 9.62 30.81
CA THR A 307 -37.18 9.36 30.92
C THR A 307 -36.45 10.55 31.53
N LEU A 308 -36.85 11.78 31.16
CA LEU A 308 -36.27 12.95 31.79
C LEU A 308 -36.58 12.99 33.28
N GLY A 309 -37.79 12.60 33.68
CA GLY A 309 -38.10 12.53 35.09
C GLY A 309 -37.19 11.56 35.84
N LYS A 310 -36.97 10.39 35.25
CA LYS A 310 -36.06 9.41 35.87
C LYS A 310 -34.65 9.96 35.94
N VAL A 311 -34.19 10.63 34.87
CA VAL A 311 -32.84 11.18 34.85
C VAL A 311 -32.68 12.24 35.93
N VAL A 312 -33.68 13.11 36.10
CA VAL A 312 -33.60 14.14 37.14
C VAL A 312 -33.62 13.51 38.52
N LYS A 313 -34.44 12.46 38.70
CA LYS A 313 -34.46 11.77 39.99
C LYS A 313 -33.09 11.19 40.33
N GLN A 314 -32.41 10.62 39.33
CA GLN A 314 -31.07 10.08 39.57
C GLN A 314 -30.05 11.19 39.80
N LEU A 315 -30.18 12.31 39.08
CA LEU A 315 -29.30 13.45 39.28
C LEU A 315 -29.44 14.04 40.68
N ARG A 316 -30.64 13.96 41.25
CA ARG A 316 -30.87 14.59 42.55
C ARG A 316 -30.12 13.92 43.70
N LYS A 317 -29.29 12.91 43.48
CA LYS A 317 -28.51 12.29 44.55
C LYS A 317 -27.15 12.96 44.73
N HIS A 318 -26.49 13.34 43.64
CA HIS A 318 -25.20 14.01 43.74
C HIS A 318 -25.33 15.44 44.21
N PHE A 319 -26.51 16.04 44.11
CA PHE A 319 -26.75 17.41 44.53
C PHE A 319 -27.89 17.46 45.53
N GLY A 320 -27.99 18.57 46.23
CA GLY A 320 -29.03 18.71 47.25
C GLY A 320 -30.42 18.70 46.64
N ASN A 321 -31.39 18.27 47.45
CA ASN A 321 -32.77 18.21 46.99
C ASN A 321 -33.37 19.58 46.78
N ASN A 322 -32.79 20.63 47.35
CA ASN A 322 -33.30 21.99 47.16
C ASN A 322 -32.92 22.56 45.81
N THR A 323 -31.94 21.98 45.12
CA THR A 323 -31.52 22.49 43.82
C THR A 323 -32.59 22.25 42.77
N ILE A 324 -32.73 23.21 41.85
CA ILE A 324 -33.65 23.12 40.73
C ILE A 324 -32.84 22.88 39.47
N ILE A 325 -33.21 21.85 38.71
CA ILE A 325 -32.44 21.42 37.54
C ILE A 325 -33.13 21.94 36.29
N ARG A 326 -32.37 22.67 35.47
CA ARG A 326 -32.85 23.22 34.21
C ARG A 326 -31.97 22.72 33.08
N PHE A 327 -32.58 22.27 32.00
CA PHE A 327 -31.84 21.90 30.80
C PHE A 327 -31.81 23.07 29.83
N ALA A 328 -30.90 22.98 28.86
CA ALA A 328 -30.75 24.01 27.84
C ALA A 328 -30.11 23.38 26.62
N ASN A 329 -30.03 24.16 25.54
CA ASN A 329 -29.40 23.72 24.31
C ASN A 329 -27.93 24.13 24.30
N SER A 330 -27.19 23.56 23.34
CA SER A 330 -25.74 23.74 23.30
C SER A 330 -25.38 25.22 23.12
N SER A 331 -24.29 25.64 23.78
CA SER A 331 -23.90 27.04 23.74
C SER A 331 -23.47 27.46 22.34
N GLY A 332 -22.59 26.71 21.71
CA GLY A 332 -22.12 27.06 20.40
C GLY A 332 -20.93 26.19 19.98
N GLY A 333 -20.35 26.56 18.86
CA GLY A 333 -19.23 25.83 18.30
C GLY A 333 -19.39 25.57 16.82
N ASP A 334 -18.90 24.42 16.35
CA ASP A 334 -19.05 24.02 14.97
C ASP A 334 -20.30 23.15 14.81
N LEU A 335 -20.58 22.74 13.57
CA LEU A 335 -21.80 21.99 13.31
C LEU A 335 -21.75 20.59 13.92
N GLU A 336 -20.56 20.00 13.99
CA GLU A 336 -20.46 18.63 14.49
C GLU A 336 -20.78 18.54 15.99
N VAL A 337 -20.45 19.58 16.74
CA VAL A 337 -20.66 19.59 18.19
C VAL A 337 -21.99 20.23 18.57
N THR A 338 -22.36 21.32 17.90
CA THR A 338 -23.59 22.02 18.25
C THR A 338 -24.82 21.14 18.05
N THR A 339 -24.89 20.44 16.93
CA THR A 339 -26.04 19.62 16.59
C THR A 339 -25.75 18.15 16.94
N HIS A 340 -26.77 17.31 16.75
CA HIS A 340 -26.64 15.87 16.97
C HIS A 340 -26.42 15.22 15.61
N SER A 341 -25.21 14.71 15.38
CA SER A 341 -24.81 14.22 14.08
C SER A 341 -24.67 12.70 14.10
N PHE A 342 -25.13 12.07 13.03
CA PHE A 342 -25.01 10.63 12.87
C PHE A 342 -25.12 10.31 11.39
N ASN A 343 -25.25 9.03 11.07
CA ASN A 343 -25.58 8.65 9.70
C ASN A 343 -26.42 7.38 9.72
N CYS A 344 -27.31 7.28 8.75
CA CYS A 344 -27.99 6.02 8.49
C CYS A 344 -28.50 6.03 7.06
N GLY A 345 -28.77 4.82 6.54
CA GLY A 345 -29.11 4.69 5.15
C GLY A 345 -28.03 5.14 4.22
N GLY A 346 -26.80 5.30 4.72
CA GLY A 346 -25.71 5.84 3.95
C GLY A 346 -25.60 7.35 3.93
N GLU A 347 -26.53 8.07 4.56
CA GLU A 347 -26.52 9.52 4.54
C GLU A 347 -26.29 10.09 5.92
N PHE A 348 -25.62 11.23 5.97
CA PHE A 348 -25.20 11.88 7.20
C PHE A 348 -26.19 12.96 7.60
N PHE A 349 -26.64 12.91 8.85
CA PHE A 349 -27.65 13.82 9.39
C PHE A 349 -27.04 14.67 10.49
N TYR A 350 -27.44 15.94 10.53
CA TYR A 350 -27.09 16.88 11.59
C TYR A 350 -28.40 17.48 12.08
N CYS A 351 -28.87 17.07 13.25
CA CYS A 351 -30.21 17.41 13.71
C CYS A 351 -30.16 18.40 14.86
N ASN A 352 -31.24 19.16 14.99
CA ASN A 352 -31.38 20.21 15.98
C ASN A 352 -32.12 19.64 17.18
N THR A 353 -31.49 19.71 18.36
CA THR A 353 -32.02 19.10 19.56
C THR A 353 -32.43 20.11 20.62
N SER A 354 -32.51 21.39 20.27
CA SER A 354 -32.91 22.41 21.23
C SER A 354 -34.36 22.25 21.68
N GLY A 355 -35.17 21.49 20.95
CA GLY A 355 -36.55 21.26 21.34
C GLY A 355 -36.69 20.17 22.37
N LEU A 356 -35.64 19.35 22.53
CA LEU A 356 -35.66 18.30 23.54
C LEU A 356 -35.21 18.83 24.90
N PHE A 357 -34.10 19.57 24.93
CA PHE A 357 -33.44 19.95 26.17
C PHE A 357 -33.88 21.33 26.68
N ASN A 358 -35.14 21.71 26.45
CA ASN A 358 -35.67 22.98 26.96
C ASN A 358 -36.77 22.66 27.96
N SER A 359 -36.39 22.51 29.22
CA SER A 359 -37.35 22.26 30.29
C SER A 359 -36.71 22.60 31.62
N THR A 360 -37.57 22.86 32.61
CA THR A 360 -37.13 23.13 33.98
C THR A 360 -37.93 22.24 34.93
N TRP A 361 -37.28 21.80 36.00
CA TRP A 361 -37.91 20.88 36.94
C TRP A 361 -37.80 21.40 38.37
N ASP A 377 -49.26 13.63 19.58
CA ASP A 377 -48.32 14.53 20.22
C ASP A 377 -46.90 13.97 20.18
N SER A 378 -46.10 14.49 19.25
CA SER A 378 -44.72 14.04 19.08
C SER A 378 -43.82 15.24 18.81
N ILE A 379 -42.58 15.16 19.30
CA ILE A 379 -41.59 16.20 19.05
C ILE A 379 -40.94 15.96 17.70
N THR A 380 -40.82 17.01 16.91
CA THR A 380 -40.19 16.95 15.59
C THR A 380 -38.89 17.73 15.62
N LEU A 381 -37.80 17.06 15.26
CA LEU A 381 -36.48 17.68 15.19
C LEU A 381 -36.12 17.91 13.74
N PRO A 382 -35.95 19.16 13.30
CA PRO A 382 -35.57 19.44 11.91
C PRO A 382 -34.08 19.20 11.69
N CYS A 383 -33.76 18.28 10.78
CA CYS A 383 -32.39 17.90 10.53
C CYS A 383 -31.85 18.60 9.29
N ARG A 384 -30.59 18.34 8.98
CA ARG A 384 -29.92 18.94 7.83
C ARG A 384 -28.88 17.95 7.33
N ILE A 385 -28.52 18.06 6.06
CA ILE A 385 -27.69 17.07 5.39
C ILE A 385 -26.44 17.73 4.82
N LYS A 386 -25.31 17.06 4.96
CA LYS A 386 -24.03 17.51 4.42
C LYS A 386 -23.36 16.34 3.70
N GLN A 387 -22.67 16.64 2.60
CA GLN A 387 -22.03 15.62 1.79
C GLN A 387 -20.51 15.61 1.91
N ILE A 388 -19.87 16.76 1.89
CA ILE A 388 -18.42 16.83 2.10
C ILE A 388 -18.17 16.59 3.59
N ILE A 389 -17.71 15.40 3.92
CA ILE A 389 -17.62 14.95 5.30
C ILE A 389 -16.17 14.95 5.73
N ASN A 390 -15.86 15.66 6.81
CA ASN A 390 -14.59 15.53 7.50
C ASN A 390 -14.85 14.88 8.85
N MET A 391 -13.95 14.00 9.26
CA MET A 391 -14.30 13.08 10.34
C MET A 391 -13.04 12.72 11.10
N TRP A 392 -13.22 12.32 12.36
CA TRP A 392 -12.14 12.11 13.33
C TRP A 392 -11.36 13.39 13.62
N GLN A 393 -11.93 14.54 13.27
CA GLN A 393 -11.42 15.89 13.55
C GLN A 393 -10.11 16.17 12.82
N ARG A 394 -9.59 15.22 12.02
CA ARG A 394 -8.42 15.50 11.20
C ARG A 394 -8.73 16.60 10.20
N ILE A 395 -7.71 17.38 9.86
CA ILE A 395 -7.90 18.51 8.94
C ILE A 395 -7.45 18.18 7.52
N GLY A 396 -6.40 17.37 7.37
CA GLY A 396 -5.82 17.17 6.06
C GLY A 396 -6.67 16.33 5.11
N GLN A 397 -7.34 15.31 5.64
CA GLN A 397 -8.04 14.32 4.82
C GLN A 397 -9.55 14.51 4.89
N ALA A 398 -10.20 14.51 3.73
CA ALA A 398 -11.64 14.68 3.61
C ALA A 398 -12.24 13.50 2.84
N MET A 399 -13.55 13.54 2.65
CA MET A 399 -14.27 12.46 1.98
C MET A 399 -15.57 13.00 1.41
N TYR A 400 -15.98 12.43 0.27
CA TYR A 400 -17.23 12.78 -0.40
C TYR A 400 -18.15 11.58 -0.39
N ALA A 401 -19.39 11.79 0.05
CA ALA A 401 -20.37 10.71 0.15
C ALA A 401 -21.31 10.76 -1.05
N PRO A 402 -21.37 9.71 -1.88
CA PRO A 402 -22.20 9.77 -3.07
C PRO A 402 -23.67 9.83 -2.71
N PRO A 403 -24.51 10.40 -3.57
CA PRO A 403 -25.95 10.43 -3.31
C PRO A 403 -26.56 9.05 -3.40
N ILE A 404 -27.72 8.90 -2.77
CA ILE A 404 -28.41 7.63 -2.67
C ILE A 404 -29.84 7.81 -3.15
N GLN A 405 -30.29 6.89 -4.01
CA GLN A 405 -31.61 6.98 -4.61
C GLN A 405 -32.71 6.58 -3.62
N GLY A 406 -33.90 7.15 -3.82
CA GLY A 406 -35.06 6.79 -3.05
C GLY A 406 -35.23 7.60 -1.78
N VAL A 407 -36.35 7.33 -1.11
CA VAL A 407 -36.69 7.96 0.16
C VAL A 407 -36.05 7.17 1.28
N ILE A 408 -35.51 7.86 2.29
CA ILE A 408 -34.75 7.21 3.34
C ILE A 408 -35.59 7.14 4.61
N ARG A 409 -35.79 5.93 5.12
CA ARG A 409 -36.48 5.67 6.38
C ARG A 409 -35.47 5.11 7.37
N CYS A 410 -35.59 5.50 8.63
CA CYS A 410 -34.59 5.14 9.63
C CYS A 410 -35.28 5.05 10.99
N VAL A 411 -35.05 3.95 11.72
CA VAL A 411 -35.62 3.76 13.04
C VAL A 411 -34.51 3.32 13.97
N SER A 412 -34.42 3.93 15.15
CA SER A 412 -33.32 3.60 16.05
C SER A 412 -33.72 3.82 17.51
N ASN A 413 -32.81 3.42 18.40
CA ASN A 413 -32.98 3.52 19.84
C ASN A 413 -32.04 4.57 20.41
N ILE A 414 -32.55 5.34 21.37
CA ILE A 414 -31.73 6.23 22.18
C ILE A 414 -31.51 5.53 23.52
N THR A 415 -30.26 5.22 23.83
CA THR A 415 -29.90 4.48 25.03
C THR A 415 -28.85 5.21 25.88
N GLY A 416 -28.76 6.54 25.75
CA GLY A 416 -27.80 7.27 26.55
C GLY A 416 -27.82 8.75 26.24
N LEU A 417 -26.97 9.48 26.97
CA LEU A 417 -26.84 10.92 26.83
C LEU A 417 -25.46 11.33 27.31
N ILE A 418 -24.95 12.43 26.74
CA ILE A 418 -23.69 13.05 27.13
C ILE A 418 -24.00 14.50 27.48
N LEU A 419 -23.87 14.85 28.75
CA LEU A 419 -24.21 16.18 29.25
C LEU A 419 -22.97 16.89 29.77
N THR A 420 -23.08 18.21 29.91
CA THR A 420 -22.05 19.06 30.51
C THR A 420 -22.77 20.09 31.38
N ARG A 421 -22.55 20.02 32.68
CA ARG A 421 -23.06 21.06 33.57
C ARG A 421 -22.10 22.25 33.60
N ASP A 422 -22.66 23.41 33.95
CA ASP A 422 -21.85 24.63 34.05
C ASP A 422 -22.44 25.59 35.08
N GLU A 431 -27.98 22.62 39.00
CA GLU A 431 -27.45 23.57 38.03
C GLU A 431 -28.09 23.40 36.67
N THR A 432 -27.38 23.79 35.62
CA THR A 432 -27.85 23.69 34.25
C THR A 432 -27.02 22.66 33.49
N PHE A 433 -27.71 21.85 32.67
CA PHE A 433 -27.07 20.77 31.91
C PHE A 433 -27.31 21.01 30.43
N ARG A 434 -26.24 21.02 29.65
CA ARG A 434 -26.36 21.24 28.21
C ARG A 434 -25.69 20.09 27.46
N PRO A 435 -26.23 19.70 26.32
CA PRO A 435 -25.62 18.58 25.57
C PRO A 435 -24.21 18.91 25.12
N GLY A 436 -23.37 17.89 25.09
CA GLY A 436 -21.98 18.05 24.69
C GLY A 436 -21.45 16.82 23.97
N GLY A 437 -20.14 16.70 23.90
CA GLY A 437 -19.53 15.55 23.25
C GLY A 437 -18.49 15.94 22.20
N GLY A 438 -18.47 15.22 21.09
CA GLY A 438 -17.60 15.51 19.98
C GLY A 438 -16.38 14.61 19.89
N ASP A 439 -16.04 13.91 20.96
CA ASP A 439 -14.90 12.99 20.98
C ASP A 439 -15.42 11.56 20.94
N MET A 440 -14.87 10.76 20.02
CA MET A 440 -15.42 9.44 19.76
C MET A 440 -15.15 8.45 20.89
N ARG A 441 -14.11 8.68 21.70
CA ARG A 441 -13.80 7.75 22.78
C ARG A 441 -14.96 7.62 23.76
N ASP A 442 -15.66 8.74 24.02
CA ASP A 442 -16.80 8.71 24.91
C ASP A 442 -17.87 7.75 24.41
N ASN A 443 -17.96 7.54 23.09
CA ASN A 443 -18.83 6.49 22.58
C ASN A 443 -18.34 5.11 23.01
N TRP A 444 -17.07 4.80 22.75
CA TRP A 444 -16.58 3.44 22.98
C TRP A 444 -16.63 3.09 24.46
N ARG A 445 -16.31 4.05 25.33
CA ARG A 445 -16.38 3.81 26.76
C ARG A 445 -17.78 3.36 27.17
N SER A 446 -18.81 3.91 26.53
CA SER A 446 -20.18 3.54 26.88
C SER A 446 -20.42 2.04 26.70
N GLU A 447 -19.62 1.39 25.85
CA GLU A 447 -19.72 -0.05 25.66
C GLU A 447 -18.60 -0.83 26.35
N LEU A 448 -17.54 -0.15 26.79
CA LEU A 448 -16.36 -0.82 27.33
C LEU A 448 -16.16 -0.52 28.81
N TYR A 449 -17.24 -0.23 29.53
CA TYR A 449 -17.15 0.00 30.97
C TYR A 449 -17.08 -1.29 31.78
N LYS A 450 -17.35 -2.43 31.15
CA LYS A 450 -17.39 -3.71 31.85
C LYS A 450 -16.05 -4.43 31.84
N TYR A 451 -15.43 -4.55 30.68
CA TYR A 451 -14.34 -5.48 30.44
C TYR A 451 -12.99 -4.88 30.84
N LYS A 452 -12.03 -5.78 31.06
CA LYS A 452 -10.64 -5.37 31.22
C LYS A 452 -9.73 -6.56 30.91
N VAL A 453 -8.58 -6.28 30.32
CA VAL A 453 -7.67 -7.31 29.84
C VAL A 453 -6.69 -7.66 30.94
N VAL A 454 -6.56 -8.96 31.22
CA VAL A 454 -5.69 -9.44 32.29
C VAL A 454 -4.75 -10.51 31.74
N LYS A 455 -3.49 -10.45 32.17
CA LYS A 455 -2.49 -11.44 31.80
C LYS A 455 -2.36 -12.49 32.89
N ILE A 456 -2.24 -13.76 32.49
CA ILE A 456 -2.16 -14.87 33.43
C ILE A 456 -0.71 -15.22 33.65
N GLU A 457 -0.33 -15.42 34.92
CA GLU A 457 1.04 -15.78 35.30
C GLU A 457 1.01 -17.14 35.98
N PRO A 458 1.33 -18.22 35.27
CA PRO A 458 1.09 -19.56 35.81
C PRO A 458 2.13 -20.04 36.82
N LEU A 459 3.38 -19.63 36.65
CA LEU A 459 4.46 -20.19 37.46
C LEU A 459 4.44 -19.59 38.86
N GLY A 460 4.56 -20.45 39.88
CA GLY A 460 4.57 -19.97 41.25
C GLY A 460 5.31 -20.91 42.17
N VAL A 461 5.59 -20.44 43.37
CA VAL A 461 6.31 -21.21 44.38
C VAL A 461 5.52 -21.19 45.68
N ALA A 462 5.72 -22.23 46.50
CA ALA A 462 5.03 -22.34 47.78
C ALA A 462 5.74 -23.35 48.65
N PRO A 463 5.79 -23.15 49.98
CA PRO A 463 6.51 -24.06 50.86
C PRO A 463 5.66 -25.20 51.40
N THR A 464 6.26 -26.39 51.46
CA THR A 464 5.70 -27.54 52.14
C THR A 464 6.84 -28.39 52.69
N ARG A 465 6.51 -29.56 53.24
CA ARG A 465 7.45 -30.35 54.02
C ARG A 465 8.21 -31.40 53.22
N CYS A 466 8.02 -31.47 51.91
CA CYS A 466 8.59 -32.54 51.12
C CYS A 466 10.10 -32.35 50.91
N LYS A 467 10.74 -33.43 50.45
CA LYS A 467 12.12 -33.41 49.97
C LYS A 467 12.18 -34.12 48.62
N ARG A 468 13.03 -33.62 47.73
CA ARG A 468 13.30 -34.30 46.47
C ARG A 468 14.18 -35.53 46.71
N GLY B 2 -14.29 -24.54 35.13
CA GLY B 2 -13.66 -24.24 33.87
C GLY B 2 -12.35 -23.49 34.02
N PHE B 3 -12.03 -22.66 33.02
CA PHE B 3 -10.80 -21.89 33.05
C PHE B 3 -10.86 -20.85 34.16
N LEU B 4 -9.83 -20.83 35.01
CA LEU B 4 -9.71 -19.89 36.13
C LEU B 4 -10.85 -20.03 37.13
N GLY B 5 -11.55 -21.16 37.11
CA GLY B 5 -12.73 -21.33 37.96
C GLY B 5 -12.43 -21.47 39.43
N ALA B 6 -11.22 -21.89 39.78
CA ALA B 6 -10.81 -22.08 41.18
C ALA B 6 -10.14 -20.85 41.76
N ALA B 7 -10.49 -19.65 41.29
CA ALA B 7 -9.84 -18.43 41.76
C ALA B 7 -10.15 -18.16 43.22
N GLY B 8 -11.43 -18.18 43.59
CA GLY B 8 -11.80 -17.89 44.96
C GLY B 8 -11.51 -19.01 45.93
N SER B 9 -11.27 -20.22 45.44
CA SER B 9 -10.99 -21.36 46.30
C SER B 9 -9.60 -21.25 46.91
N THR B 10 -9.41 -21.97 48.01
CA THR B 10 -8.13 -21.97 48.72
C THR B 10 -7.05 -22.63 47.87
N MET B 11 -5.79 -22.33 48.19
CA MET B 11 -4.66 -22.95 47.50
C MET B 11 -4.71 -24.46 47.62
N GLY B 12 -5.31 -24.99 48.69
CA GLY B 12 -5.46 -26.43 48.82
C GLY B 12 -6.37 -27.02 47.77
N ALA B 13 -7.50 -26.37 47.51
CA ALA B 13 -8.46 -26.86 46.53
C ALA B 13 -8.24 -26.31 45.13
N ALA B 14 -7.36 -25.32 44.96
CA ALA B 14 -7.06 -24.77 43.65
C ALA B 14 -5.85 -25.43 42.99
N SER B 15 -5.18 -26.35 43.69
CA SER B 15 -4.01 -27.03 43.15
C SER B 15 -4.35 -28.35 42.48
N MET B 16 -5.63 -28.71 42.42
CA MET B 16 -6.06 -29.94 41.76
C MET B 16 -6.54 -29.73 40.34
N THR B 17 -6.60 -28.48 39.88
CA THR B 17 -7.09 -28.17 38.53
C THR B 17 -6.04 -27.47 37.69
N LEU B 18 -4.75 -27.67 37.98
CA LEU B 18 -3.69 -27.01 37.23
C LEU B 18 -3.79 -27.27 35.73
N THR B 19 -4.25 -28.46 35.33
CA THR B 19 -4.25 -28.83 33.92
C THR B 19 -5.17 -27.94 33.09
N VAL B 20 -6.35 -27.61 33.64
CA VAL B 20 -7.33 -26.86 32.85
C VAL B 20 -6.82 -25.46 32.55
N GLN B 21 -6.06 -24.87 33.47
CA GLN B 21 -5.38 -23.60 33.16
C GLN B 21 -4.16 -23.83 32.29
N ALA B 22 -3.54 -25.01 32.38
CA ALA B 22 -2.31 -25.27 31.63
C ALA B 22 -2.58 -25.41 30.14
N ARG B 23 -3.73 -25.96 29.76
CA ARG B 23 -4.00 -26.19 28.35
C ARG B 23 -4.07 -24.89 27.57
N ASN B 24 -4.69 -23.85 28.14
CA ASN B 24 -5.01 -22.63 27.41
C ASN B 24 -3.82 -21.70 27.22
N LEU B 25 -2.59 -22.15 27.46
CA LEU B 25 -1.44 -21.28 27.22
C LEU B 25 -1.15 -21.14 25.73
N LEU B 26 -1.25 -22.23 24.97
CA LEU B 26 -1.02 -22.16 23.53
C LEU B 26 -2.31 -21.91 22.76
N SER B 27 -3.36 -22.68 23.05
CA SER B 27 -4.66 -22.55 22.40
C SER B 27 -4.55 -22.61 20.87
N THR B 50 -5.47 -5.41 5.80
CA THR B 50 -4.33 -6.11 6.39
C THR B 50 -4.10 -5.68 7.83
N VAL B 51 -4.99 -4.83 8.34
CA VAL B 51 -4.92 -4.43 9.75
C VAL B 51 -5.19 -5.62 10.65
N TRP B 52 -6.14 -6.47 10.29
CA TRP B 52 -6.44 -7.65 11.06
C TRP B 52 -5.49 -8.80 10.80
N GLY B 53 -4.68 -8.72 9.74
CA GLY B 53 -3.70 -9.75 9.47
C GLY B 53 -2.37 -9.56 10.15
N ILE B 54 -2.14 -8.40 10.76
CA ILE B 54 -0.92 -8.15 11.50
C ILE B 54 -1.13 -8.18 13.01
N LYS B 55 -2.36 -7.99 13.49
CA LYS B 55 -2.63 -8.04 14.92
C LYS B 55 -2.82 -9.46 15.44
N GLN B 56 -2.89 -10.45 14.56
CA GLN B 56 -3.00 -11.85 14.97
C GLN B 56 -1.66 -12.58 14.95
N LEU B 57 -0.80 -12.28 13.97
CA LEU B 57 0.55 -12.85 13.96
C LEU B 57 1.35 -12.39 15.16
N GLN B 58 1.20 -11.13 15.55
CA GLN B 58 1.87 -10.62 16.75
C GLN B 58 1.42 -11.39 17.99
N ALA B 59 0.11 -11.62 18.11
CA ALA B 59 -0.42 -12.38 19.24
C ALA B 59 0.11 -13.80 19.26
N ARG B 60 0.15 -14.44 18.08
CA ARG B 60 0.65 -15.81 18.00
C ARG B 60 2.11 -15.90 18.44
N VAL B 61 2.95 -14.99 17.93
CA VAL B 61 4.37 -15.03 18.28
C VAL B 61 4.57 -14.71 19.76
N LEU B 62 3.80 -13.76 20.29
CA LEU B 62 3.93 -13.41 21.70
C LEU B 62 3.55 -14.58 22.60
N ALA B 63 2.45 -15.27 22.27
CA ALA B 63 2.03 -16.41 23.07
C ALA B 63 3.07 -17.53 23.02
N VAL B 64 3.60 -17.81 21.83
CA VAL B 64 4.62 -18.85 21.72
C VAL B 64 5.85 -18.48 22.53
N GLU B 65 6.28 -17.21 22.46
CA GLU B 65 7.47 -16.79 23.18
C GLU B 65 7.28 -16.89 24.69
N ARG B 66 6.12 -16.44 25.20
CA ARG B 66 5.89 -16.50 26.65
C ARG B 66 5.85 -17.95 27.13
N TYR B 67 5.17 -18.82 26.38
CA TYR B 67 5.11 -20.22 26.78
C TYR B 67 6.50 -20.84 26.79
N LEU B 68 7.32 -20.52 25.77
CA LEU B 68 8.66 -21.09 25.71
C LEU B 68 9.55 -20.57 26.83
N ARG B 69 9.44 -19.29 27.18
CA ARG B 69 10.23 -18.76 28.29
C ARG B 69 9.86 -19.42 29.60
N ASP B 70 8.56 -19.60 29.86
CA ASP B 70 8.14 -20.28 31.08
C ASP B 70 8.62 -21.72 31.10
N GLN B 71 8.56 -22.41 29.95
CA GLN B 71 9.01 -23.80 29.90
C GLN B 71 10.51 -23.90 30.15
N GLN B 72 11.30 -22.98 29.60
CA GLN B 72 12.74 -22.99 29.85
C GLN B 72 13.03 -22.73 31.32
N LEU B 73 12.32 -21.78 31.92
CA LEU B 73 12.52 -21.50 33.34
C LEU B 73 12.22 -22.73 34.18
N LEU B 74 11.15 -23.45 33.85
CA LEU B 74 10.85 -24.69 34.56
C LEU B 74 11.96 -25.73 34.34
N GLY B 75 12.43 -25.84 33.10
CA GLY B 75 13.38 -26.90 32.78
C GLY B 75 14.73 -26.72 33.43
N ILE B 76 15.20 -25.47 33.54
CA ILE B 76 16.54 -25.24 34.09
C ILE B 76 16.60 -25.67 35.54
N TRP B 77 15.52 -25.45 36.30
CA TRP B 77 15.49 -25.82 37.71
C TRP B 77 15.42 -27.32 37.93
N GLY B 78 15.23 -28.12 36.88
CA GLY B 78 15.07 -29.55 37.01
C GLY B 78 13.65 -30.05 36.87
N CYS B 79 12.71 -29.18 36.51
CA CYS B 79 11.30 -29.52 36.42
C CYS B 79 10.87 -29.47 34.95
N SER B 80 10.96 -30.61 34.28
CA SER B 80 10.53 -30.74 32.90
C SER B 80 9.31 -31.64 32.85
N GLY B 81 8.20 -31.09 32.37
CA GLY B 81 6.96 -31.86 32.30
C GLY B 81 6.44 -32.32 33.65
N LYS B 82 6.47 -31.44 34.64
CA LYS B 82 5.98 -31.76 35.97
C LYS B 82 5.23 -30.57 36.53
N LEU B 83 3.94 -30.75 36.81
CA LEU B 83 3.12 -29.67 37.35
C LEU B 83 3.31 -29.45 38.84
N ILE B 84 3.88 -30.43 39.54
CA ILE B 84 4.18 -30.31 40.97
C ILE B 84 5.59 -30.84 41.20
N CYS B 85 6.45 -30.02 41.79
CA CYS B 85 7.84 -30.37 42.03
C CYS B 85 8.16 -30.26 43.51
N CYS B 86 9.31 -30.81 43.88
CA CYS B 86 9.89 -30.60 45.20
C CYS B 86 11.37 -30.34 45.01
N THR B 87 11.89 -29.30 45.68
CA THR B 87 13.28 -28.90 45.50
C THR B 87 13.92 -28.68 46.87
N ASN B 88 15.23 -28.41 46.84
CA ASN B 88 16.07 -28.56 48.02
C ASN B 88 16.18 -27.32 48.90
N VAL B 89 16.03 -26.13 48.33
CA VAL B 89 16.45 -24.94 49.11
C VAL B 89 15.53 -24.77 50.31
N PRO B 90 16.06 -24.38 51.47
CA PRO B 90 15.22 -24.20 52.66
C PRO B 90 14.37 -22.94 52.57
N TRP B 91 13.40 -22.86 53.48
CA TRP B 91 12.51 -21.70 53.55
C TRP B 91 12.45 -21.18 54.99
N TRP B 95 10.24 -14.30 52.53
CA TRP B 95 10.14 -14.80 53.89
C TRP B 95 8.68 -14.86 54.36
N SER B 96 8.42 -15.72 55.34
CA SER B 96 7.09 -15.83 55.92
C SER B 96 7.21 -16.51 57.28
N ASN B 97 6.27 -16.19 58.17
CA ASN B 97 6.22 -16.79 59.49
C ASN B 97 4.93 -17.57 59.73
N ARG B 98 4.06 -17.67 58.74
CA ARG B 98 2.78 -18.35 58.90
C ARG B 98 2.97 -19.85 58.98
N ASN B 99 2.00 -20.52 59.60
CA ASN B 99 2.00 -21.97 59.68
C ASN B 99 1.45 -22.58 58.39
N LEU B 100 1.81 -23.85 58.16
CA LEU B 100 1.39 -24.51 56.94
C LEU B 100 -0.12 -24.61 56.85
N SER B 101 -0.78 -24.97 57.96
CA SER B 101 -2.24 -25.04 57.96
C SER B 101 -2.86 -23.68 57.66
N GLU B 102 -2.29 -22.61 58.23
CA GLU B 102 -2.80 -21.27 57.95
C GLU B 102 -2.62 -20.91 56.48
N ILE B 103 -1.47 -21.24 55.89
CA ILE B 103 -1.21 -20.86 54.51
C ILE B 103 -2.13 -21.62 53.56
N TRP B 104 -2.26 -22.93 53.75
CA TRP B 104 -3.02 -23.75 52.81
C TRP B 104 -4.48 -23.93 53.21
N ASP B 105 -4.93 -23.30 54.28
CA ASP B 105 -6.30 -23.48 54.76
C ASP B 105 -7.24 -22.37 54.30
N ASN B 106 -6.84 -21.10 54.46
CA ASN B 106 -7.73 -19.98 54.15
C ASN B 106 -7.24 -19.08 53.02
N MET B 107 -5.93 -18.92 52.85
CA MET B 107 -5.41 -17.99 51.86
C MET B 107 -5.57 -18.54 50.45
N THR B 108 -5.81 -17.63 49.50
CA THR B 108 -5.87 -17.99 48.08
C THR B 108 -4.54 -17.69 47.41
N TRP B 109 -4.42 -18.15 46.16
CA TRP B 109 -3.17 -18.01 45.42
C TRP B 109 -2.82 -16.55 45.15
N LEU B 110 -3.82 -15.75 44.77
CA LEU B 110 -3.55 -14.37 44.38
C LEU B 110 -3.06 -13.53 45.56
N GLN B 111 -3.64 -13.74 46.74
CA GLN B 111 -3.17 -13.02 47.91
C GLN B 111 -1.72 -13.37 48.22
N TRP B 112 -1.36 -14.65 48.10
CA TRP B 112 0.03 -15.05 48.30
C TRP B 112 0.94 -14.40 47.27
N ASP B 113 0.51 -14.37 46.00
CA ASP B 113 1.34 -13.76 44.96
C ASP B 113 1.57 -12.28 45.23
N LYS B 114 0.51 -11.56 45.61
CA LYS B 114 0.66 -10.14 45.90
C LYS B 114 1.51 -9.91 47.14
N GLU B 115 1.42 -10.81 48.12
CA GLU B 115 2.15 -10.64 49.37
C GLU B 115 3.65 -10.83 49.18
N ILE B 116 4.06 -11.81 48.38
CA ILE B 116 5.44 -12.26 48.36
C ILE B 116 6.13 -11.90 47.04
N SER B 117 5.63 -10.91 46.32
CA SER B 117 6.24 -10.53 45.05
C SER B 117 7.68 -10.07 45.21
N ASN B 118 8.05 -9.61 46.40
CA ASN B 118 9.41 -9.11 46.61
C ASN B 118 10.42 -10.24 46.71
N TYR B 119 10.05 -11.35 47.33
CA TYR B 119 10.99 -12.41 47.67
C TYR B 119 11.18 -13.43 46.55
N THR B 120 10.52 -13.26 45.41
CA THR B 120 10.63 -14.25 44.34
C THR B 120 12.02 -14.25 43.71
N GLN B 121 12.58 -13.07 43.45
CA GLN B 121 13.83 -12.99 42.70
C GLN B 121 14.98 -13.69 43.43
N ILE B 122 14.93 -13.73 44.75
CA ILE B 122 15.96 -14.45 45.51
C ILE B 122 15.89 -15.93 45.21
N ILE B 123 14.68 -16.49 45.15
CA ILE B 123 14.53 -17.93 44.91
C ILE B 123 14.89 -18.28 43.47
N TYR B 124 14.45 -17.45 42.52
CA TYR B 124 14.60 -17.79 41.10
C TYR B 124 16.04 -18.07 40.73
N GLY B 125 16.96 -17.18 41.12
CA GLY B 125 18.36 -17.42 40.86
C GLY B 125 19.00 -18.45 41.76
N LEU B 126 18.40 -18.72 42.91
CA LEU B 126 18.98 -19.68 43.84
C LEU B 126 18.89 -21.11 43.31
N LEU B 127 17.77 -21.46 42.68
CA LEU B 127 17.57 -22.82 42.21
C LEU B 127 18.45 -23.14 41.00
N GLU B 128 18.48 -22.24 40.02
CA GLU B 128 19.14 -22.54 38.75
C GLU B 128 20.65 -22.46 38.86
N GLU B 129 21.17 -21.51 39.63
CA GLU B 129 22.61 -21.27 39.68
C GLU B 129 23.36 -22.42 40.31
N SER B 130 23.03 -22.76 41.56
CA SER B 130 23.78 -23.76 42.30
C SER B 130 23.07 -25.10 42.40
N GLN B 131 21.85 -25.11 42.97
CA GLN B 131 21.28 -26.35 43.48
C GLN B 131 21.16 -27.42 42.40
N ASN B 132 20.62 -27.07 41.24
CA ASN B 132 20.59 -28.04 40.16
C ASN B 132 21.98 -28.26 39.57
N GLN B 133 22.73 -27.17 39.37
CA GLN B 133 24.02 -27.26 38.70
C GLN B 133 24.97 -28.17 39.46
N GLN B 134 24.94 -28.12 40.79
CA GLN B 134 25.70 -29.07 41.58
C GLN B 134 25.25 -30.49 41.32
N GLU B 135 23.93 -30.74 41.43
CA GLU B 135 23.41 -32.10 41.32
C GLU B 135 23.65 -32.70 39.95
N LYS B 136 23.81 -31.89 38.91
CA LYS B 136 24.09 -32.39 37.58
C LYS B 136 25.50 -32.94 37.45
N ASN B 137 26.36 -32.71 38.44
CA ASN B 137 27.76 -33.09 38.39
C ASN B 137 28.06 -34.38 39.15
N GLU B 138 27.53 -34.54 40.36
CA GLU B 138 27.88 -35.71 41.16
C GLU B 138 27.50 -37.00 40.45
N GLN B 139 26.33 -37.04 39.80
CA GLN B 139 25.96 -38.20 39.00
C GLN B 139 27.06 -38.51 37.99
N ASP B 140 27.50 -37.48 37.25
CA ASP B 140 28.63 -37.65 36.33
C ASP B 140 29.86 -38.13 37.08
N LEU B 141 30.10 -37.56 38.27
CA LEU B 141 31.20 -38.06 39.10
C LEU B 141 30.92 -39.46 39.61
N LEU B 142 29.65 -39.78 39.91
CA LEU B 142 29.34 -41.09 40.48
C LEU B 142 29.44 -42.18 39.43
N ALA B 143 28.91 -41.95 38.24
CA ALA B 143 28.95 -42.95 37.17
C ALA B 143 30.29 -42.92 36.46
N VAL C 2 -48.27 27.26 -7.75
CA VAL C 2 -48.23 26.70 -9.10
C VAL C 2 -49.33 27.30 -9.98
N GLN C 3 -48.95 27.70 -11.19
CA GLN C 3 -49.93 28.09 -12.20
C GLN C 3 -49.32 27.90 -13.59
N LEU C 4 -50.15 27.48 -14.53
CA LEU C 4 -49.70 27.16 -15.88
C LEU C 4 -50.34 28.17 -16.85
N LEU C 5 -49.53 29.04 -17.43
CA LEU C 5 -49.98 30.01 -18.40
C LEU C 5 -49.65 29.52 -19.81
N GLU C 6 -50.67 29.29 -20.63
CA GLU C 6 -50.51 28.69 -21.93
C GLU C 6 -50.67 29.74 -23.01
N SER C 7 -49.70 29.78 -23.94
CA SER C 7 -49.69 30.75 -25.03
C SER C 7 -49.64 30.04 -26.36
N GLY C 8 -50.43 30.52 -27.31
CA GLY C 8 -50.45 29.98 -28.65
C GLY C 8 -50.55 31.09 -29.68
N PRO C 9 -49.76 30.99 -30.75
CA PRO C 9 -49.69 32.10 -31.71
C PRO C 9 -50.86 32.15 -32.68
N GLY C 10 -51.79 33.06 -32.42
CA GLY C 10 -52.88 33.40 -33.34
C GLY C 10 -53.49 32.26 -34.12
N LEU C 11 -53.50 32.41 -35.44
CA LEU C 11 -53.98 31.38 -36.36
C LEU C 11 -52.79 30.62 -36.94
N VAL C 12 -53.05 29.38 -37.32
CA VAL C 12 -51.99 28.45 -37.75
C VAL C 12 -52.16 28.16 -39.23
N ARG C 13 -51.05 28.22 -39.96
CA ARG C 13 -51.08 27.79 -41.35
C ARG C 13 -51.42 26.31 -41.42
N PRO C 14 -52.22 25.88 -42.40
CA PRO C 14 -52.69 24.49 -42.40
C PRO C 14 -51.59 23.47 -42.57
N SER C 15 -50.44 23.84 -43.15
CA SER C 15 -49.47 22.86 -43.58
C SER C 15 -48.53 22.40 -42.47
N GLU C 16 -47.74 23.31 -41.90
CA GLU C 16 -46.43 22.92 -41.40
C GLU C 16 -46.27 22.86 -39.88
N THR C 17 -46.56 23.92 -39.12
CA THR C 17 -46.01 24.00 -37.77
C THR C 17 -46.91 24.81 -36.85
N LEU C 18 -46.79 24.51 -35.55
CA LEU C 18 -47.39 25.30 -34.48
C LEU C 18 -46.69 24.93 -33.17
N THR C 19 -46.39 25.94 -32.36
CA THR C 19 -45.48 25.77 -31.22
C THR C 19 -46.19 25.37 -29.93
N LEU C 20 -47.08 26.25 -29.43
CA LEU C 20 -47.85 25.98 -28.20
C LEU C 20 -46.95 25.86 -26.98
N THR C 21 -46.07 26.83 -26.78
CA THR C 21 -45.27 26.89 -25.57
C THR C 21 -46.12 27.28 -24.37
N CYS C 22 -45.67 26.89 -23.17
CA CYS C 22 -46.36 27.24 -21.94
C CYS C 22 -45.32 27.62 -20.89
N SER C 23 -45.75 28.42 -19.92
CA SER C 23 -44.91 28.87 -18.81
C SER C 23 -45.47 28.37 -17.50
N VAL C 24 -44.57 27.94 -16.62
CA VAL C 24 -44.94 27.39 -15.31
C VAL C 24 -44.43 28.34 -14.24
N PHE C 25 -45.32 28.72 -13.31
CA PHE C 25 -44.98 29.59 -12.21
C PHE C 25 -45.12 28.87 -10.88
N ASN C 26 -44.18 29.13 -9.98
CA ASN C 26 -44.13 28.52 -8.65
C ASN C 26 -43.93 27.01 -8.72
N SER C 27 -43.13 26.55 -9.67
CA SER C 27 -42.83 25.12 -9.76
C SER C 27 -41.49 24.94 -10.46
N ARG C 28 -41.00 23.70 -10.40
CA ARG C 28 -39.63 23.36 -10.78
C ARG C 28 -39.50 22.87 -12.23
N VAL C 29 -40.61 22.54 -12.89
CA VAL C 29 -40.71 21.99 -14.25
C VAL C 29 -39.82 20.76 -14.32
N SER C 30 -39.53 20.16 -13.16
CA SER C 30 -38.70 18.98 -13.08
C SER C 30 -39.18 18.14 -11.90
N GLY C 31 -39.17 16.83 -12.07
CA GLY C 31 -39.74 15.93 -11.09
C GLY C 31 -41.25 15.80 -11.15
N TYR C 32 -41.90 16.41 -12.13
CA TYR C 32 -43.34 16.33 -12.32
C TYR C 32 -43.65 15.95 -13.76
N TYR C 33 -44.62 15.06 -13.93
CA TYR C 33 -45.07 14.71 -15.28
C TYR C 33 -45.90 15.85 -15.86
N TYR C 34 -45.51 16.33 -17.03
CA TYR C 34 -46.22 17.39 -17.73
C TYR C 34 -46.86 16.83 -18.99
N SER C 35 -48.14 17.11 -19.18
CA SER C 35 -48.92 16.51 -20.26
C SER C 35 -49.69 17.57 -21.04
N TRP C 36 -49.89 17.30 -22.32
CA TRP C 36 -50.70 18.14 -23.19
C TRP C 36 -51.90 17.33 -23.67
N ILE C 37 -53.10 17.92 -23.58
CA ILE C 37 -54.31 17.32 -24.08
C ILE C 37 -55.10 18.38 -24.85
N ARG C 38 -56.01 17.91 -25.70
CA ARG C 38 -56.77 18.77 -26.59
C ARG C 38 -58.22 18.33 -26.63
N GLN C 39 -59.11 19.32 -26.84
CA GLN C 39 -60.52 19.03 -27.05
C GLN C 39 -61.04 19.93 -28.18
N PRO C 40 -61.72 19.35 -29.16
CA PRO C 40 -62.46 20.16 -30.15
C PRO C 40 -63.59 20.91 -29.47
N PRO C 41 -64.08 22.00 -30.08
CA PRO C 41 -65.11 22.81 -29.41
C PRO C 41 -66.39 22.04 -29.08
N GLY C 42 -66.71 20.98 -29.84
CA GLY C 42 -67.89 20.20 -29.54
C GLY C 42 -67.67 19.20 -28.42
N ARG C 43 -66.76 18.25 -28.64
CA ARG C 43 -66.43 17.25 -27.64
C ARG C 43 -65.00 16.78 -27.88
N GLY C 44 -64.41 16.18 -26.86
CA GLY C 44 -62.99 15.87 -26.93
C GLY C 44 -62.35 15.34 -25.66
N LEU C 45 -61.27 16.00 -25.23
CA LEU C 45 -60.39 15.57 -24.15
C LEU C 45 -59.51 14.40 -24.56
N GLU C 46 -59.18 14.30 -25.83
CA GLU C 46 -58.13 13.39 -26.27
C GLU C 46 -56.77 13.91 -25.79
N TRP C 47 -55.89 12.98 -25.42
CA TRP C 47 -54.60 13.32 -24.84
C TRP C 47 -53.52 13.24 -25.92
N ILE C 48 -52.66 14.24 -25.98
CA ILE C 48 -51.59 14.25 -26.96
C ILE C 48 -50.38 13.47 -26.46
N ALA C 49 -49.75 13.95 -25.39
CA ALA C 49 -48.53 13.33 -24.89
C ALA C 49 -48.28 13.78 -23.47
N SER C 50 -47.35 13.09 -22.80
CA SER C 50 -46.92 13.44 -21.46
C SER C 50 -45.43 13.11 -21.34
N THR C 51 -44.66 14.03 -20.76
CA THR C 51 -43.22 13.92 -20.71
C THR C 51 -42.71 14.15 -19.30
N HIS C 52 -41.42 13.91 -19.11
CA HIS C 52 -40.76 14.09 -17.82
C HIS C 52 -39.31 14.51 -18.07
N PHE C 53 -38.66 14.92 -16.99
CA PHE C 53 -37.25 15.31 -17.08
C PHE C 53 -36.34 14.09 -17.12
N SER C 54 -36.49 13.19 -16.14
CA SER C 54 -35.59 12.05 -16.00
C SER C 54 -36.33 10.71 -16.00
N LEU C 55 -37.47 10.65 -16.69
CA LEU C 55 -38.21 9.39 -16.81
C LEU C 55 -38.76 9.27 -18.23
N ARG C 56 -39.07 8.04 -18.62
CA ARG C 56 -39.50 7.76 -19.98
C ARG C 56 -40.85 8.42 -20.27
N PRO C 57 -40.97 9.20 -21.34
CA PRO C 57 -42.25 9.84 -21.67
C PRO C 57 -43.18 8.89 -22.40
N SER C 58 -44.35 9.40 -22.79
CA SER C 58 -45.33 8.64 -23.53
C SER C 58 -46.00 9.56 -24.55
N ARG C 59 -46.46 8.97 -25.65
CA ARG C 59 -47.06 9.72 -26.74
C ARG C 59 -48.27 8.97 -27.27
N ASN C 60 -49.17 9.70 -27.91
CA ASN C 60 -50.38 9.10 -28.46
C ASN C 60 -50.03 8.23 -29.66
N PRO C 61 -50.46 6.97 -29.68
CA PRO C 61 -50.15 6.11 -30.84
C PRO C 61 -50.70 6.65 -32.15
N SER C 62 -51.88 7.28 -32.12
CA SER C 62 -52.47 7.80 -33.35
C SER C 62 -51.75 9.04 -33.86
N LEU C 63 -50.98 9.72 -33.00
CA LEU C 63 -50.22 10.91 -33.39
C LEU C 63 -48.73 10.72 -33.12
N LEU C 64 -48.26 9.48 -33.00
CA LEU C 64 -46.87 9.22 -32.66
C LEU C 64 -45.89 9.78 -33.67
N SER C 65 -46.34 10.03 -34.90
CA SER C 65 -45.42 10.40 -35.98
C SER C 65 -44.74 11.75 -35.70
N ARG C 66 -45.53 12.78 -35.42
CA ARG C 66 -45.03 14.16 -35.48
C ARG C 66 -45.07 14.90 -34.13
N VAL C 67 -45.12 14.19 -33.02
CA VAL C 67 -45.07 14.82 -31.71
C VAL C 67 -43.64 14.78 -31.16
N THR C 68 -43.11 15.96 -30.84
CA THR C 68 -41.78 16.11 -30.23
C THR C 68 -41.90 17.14 -29.11
N THR C 69 -42.16 16.65 -27.90
CA THR C 69 -42.37 17.52 -26.74
C THR C 69 -41.05 17.66 -25.98
N SER C 70 -40.73 18.90 -25.60
CA SER C 70 -39.48 19.19 -24.92
C SER C 70 -39.74 20.09 -23.73
N ILE C 71 -38.76 20.18 -22.83
CA ILE C 71 -38.84 21.04 -21.65
C ILE C 71 -37.57 21.86 -21.53
N ASP C 72 -37.73 23.13 -21.18
CA ASP C 72 -36.62 24.05 -20.91
C ASP C 72 -36.60 24.30 -19.41
N THR C 73 -35.60 23.73 -18.74
CA THR C 73 -35.55 23.77 -17.28
C THR C 73 -35.15 25.15 -16.76
N GLU C 74 -34.16 25.78 -17.39
CA GLU C 74 -33.66 27.05 -16.87
C GLU C 74 -34.70 28.16 -17.01
N ARG C 75 -35.62 28.04 -17.97
CA ARG C 75 -36.68 29.02 -18.16
C ARG C 75 -38.04 28.49 -17.73
N TYR C 76 -38.12 27.22 -17.33
CA TYR C 76 -39.36 26.62 -16.83
C TYR C 76 -40.48 26.63 -17.87
N GLN C 77 -40.18 26.16 -19.08
CA GLN C 77 -41.17 26.11 -20.14
C GLN C 77 -41.30 24.70 -20.70
N VAL C 78 -42.41 24.45 -21.37
CA VAL C 78 -42.67 23.19 -22.06
C VAL C 78 -43.13 23.50 -23.49
N PHE C 79 -42.73 22.66 -24.44
CA PHE C 79 -42.99 22.91 -25.85
C PHE C 79 -43.58 21.66 -26.50
N LEU C 80 -44.67 21.84 -27.24
CA LEU C 80 -45.32 20.74 -27.95
C LEU C 80 -44.68 20.48 -29.30
N ASN C 81 -44.59 21.51 -30.15
CA ASN C 81 -43.86 21.45 -31.42
C ASN C 81 -44.30 20.28 -32.30
N MET C 82 -45.60 20.02 -32.35
CA MET C 82 -46.11 18.98 -33.24
C MET C 82 -46.07 19.47 -34.69
N ARG C 83 -45.80 18.55 -35.61
CA ARG C 83 -45.70 18.84 -37.03
C ARG C 83 -46.82 18.17 -37.80
N SER C 84 -46.85 18.45 -39.11
CA SER C 84 -47.83 17.86 -40.03
C SER C 84 -49.26 18.14 -39.57
N VAL C 85 -49.54 19.41 -39.31
CA VAL C 85 -50.87 19.81 -38.86
C VAL C 85 -51.86 19.68 -40.01
N THR C 86 -53.09 19.29 -39.70
CA THR C 86 -54.18 19.25 -40.66
C THR C 86 -55.29 20.19 -40.21
N ALA C 87 -56.27 20.39 -41.09
CA ALA C 87 -57.41 21.22 -40.73
C ALA C 87 -58.40 20.50 -39.82
N ALA C 88 -58.30 19.18 -39.71
CA ALA C 88 -59.25 18.39 -38.94
C ALA C 88 -58.89 18.26 -37.47
N ASP C 89 -57.68 18.63 -37.07
CA ASP C 89 -57.23 18.48 -35.69
C ASP C 89 -57.35 19.77 -34.89
N THR C 90 -57.98 20.80 -35.44
CA THR C 90 -58.13 22.06 -34.72
C THR C 90 -58.89 21.86 -33.42
N ALA C 91 -58.38 22.45 -32.36
CA ALA C 91 -58.93 22.24 -31.01
C ALA C 91 -58.28 23.25 -30.07
N VAL C 92 -58.78 23.28 -28.85
CA VAL C 92 -58.19 24.07 -27.77
C VAL C 92 -57.32 23.15 -26.93
N TYR C 93 -56.13 23.62 -26.58
CA TYR C 93 -55.11 22.79 -25.95
C TYR C 93 -54.91 23.20 -24.50
N PHE C 94 -54.74 22.20 -23.63
CA PHE C 94 -54.52 22.43 -22.20
C PHE C 94 -53.28 21.69 -21.75
N CYS C 95 -52.63 22.24 -20.73
CA CYS C 95 -51.45 21.63 -20.12
C CYS C 95 -51.75 21.35 -18.65
N ALA C 96 -51.23 20.23 -18.16
CA ALA C 96 -51.50 19.80 -16.79
C ALA C 96 -50.35 18.96 -16.28
N ARG C 97 -50.07 19.08 -14.98
CA ARG C 97 -49.00 18.33 -14.33
C ARG C 97 -49.60 17.29 -13.38
N GLY C 98 -48.74 16.34 -12.98
CA GLY C 98 -49.15 15.30 -12.06
C GLY C 98 -49.18 15.78 -10.62
N ASP C 99 -49.66 14.90 -9.76
CA ASP C 99 -49.81 15.24 -8.35
C ASP C 99 -48.46 15.29 -7.64
N ALA C 100 -48.52 15.50 -6.33
CA ALA C 100 -47.36 15.74 -5.49
C ALA C 100 -46.32 14.62 -5.53
N SER C 101 -46.73 13.42 -5.93
CA SER C 101 -45.79 12.31 -5.99
C SER C 101 -44.82 12.44 -7.16
N GLY C 102 -45.31 12.88 -8.32
CA GLY C 102 -44.47 13.20 -9.45
C GLY C 102 -44.10 12.03 -10.34
N TRP C 103 -44.50 10.80 -9.99
CA TRP C 103 -44.19 9.62 -10.79
C TRP C 103 -45.43 9.00 -11.40
N ARG C 104 -46.59 9.65 -11.28
CA ARG C 104 -47.86 9.11 -11.77
C ARG C 104 -48.53 10.15 -12.67
N ALA C 105 -48.90 9.74 -13.88
CA ALA C 105 -49.48 10.61 -14.88
C ALA C 105 -50.87 10.15 -15.30
N ASP C 106 -51.62 9.61 -14.35
CA ASP C 106 -52.96 9.10 -14.63
C ASP C 106 -54.07 10.11 -14.33
N TYR C 107 -53.91 10.94 -13.31
CA TYR C 107 -54.86 12.00 -13.01
C TYR C 107 -54.09 13.29 -12.78
N PHE C 108 -54.62 14.39 -13.33
CA PHE C 108 -53.91 15.67 -13.40
C PHE C 108 -54.71 16.75 -12.67
N PRO C 109 -54.41 17.01 -11.40
CA PRO C 109 -55.17 18.02 -10.64
C PRO C 109 -55.02 19.44 -11.19
N HIS C 110 -53.78 19.91 -11.29
CA HIS C 110 -53.53 21.28 -11.71
C HIS C 110 -53.80 21.44 -13.20
N TRP C 111 -54.26 22.63 -13.59
CA TRP C 111 -54.74 22.87 -14.94
C TRP C 111 -54.36 24.29 -15.35
N GLY C 112 -54.78 24.67 -16.56
CA GLY C 112 -54.48 25.98 -17.09
C GLY C 112 -55.68 26.60 -17.76
N GLN C 113 -55.54 27.89 -18.09
CA GLN C 113 -56.64 28.62 -18.73
C GLN C 113 -56.93 28.08 -20.13
N GLY C 114 -55.88 27.79 -20.90
CA GLY C 114 -56.04 27.27 -22.25
C GLY C 114 -55.94 28.37 -23.30
N THR C 115 -55.89 27.94 -24.56
CA THR C 115 -55.76 28.83 -25.69
C THR C 115 -56.68 28.36 -26.81
N LEU C 116 -56.91 29.25 -27.77
CA LEU C 116 -57.79 28.99 -28.91
C LEU C 116 -56.93 28.82 -30.16
N VAL C 117 -56.59 27.57 -30.47
CA VAL C 117 -55.81 27.24 -31.64
C VAL C 117 -56.77 26.83 -32.75
N VAL C 118 -56.88 27.66 -33.79
CA VAL C 118 -57.72 27.39 -34.95
C VAL C 118 -56.83 27.26 -36.17
N VAL C 119 -57.07 26.21 -36.96
CA VAL C 119 -56.28 25.95 -38.16
C VAL C 119 -56.94 26.65 -39.34
N SER C 120 -56.17 27.50 -40.02
CA SER C 120 -56.68 28.23 -41.19
C SER C 120 -56.57 27.39 -42.45
N LEU D 1 36.52 -43.62 25.40
CA LEU D 1 35.83 -44.16 26.57
C LEU D 1 34.32 -44.11 26.32
N TRP D 2 33.70 -42.96 26.59
CA TRP D 2 32.31 -42.77 26.20
C TRP D 2 32.12 -41.31 25.81
N VAL D 3 31.07 -41.05 25.04
CA VAL D 3 30.78 -39.72 24.54
C VAL D 3 29.65 -39.11 25.37
N THR D 4 29.85 -37.87 25.81
CA THR D 4 28.86 -37.16 26.60
C THR D 4 28.54 -35.82 25.95
N VAL D 5 27.31 -35.36 26.15
CA VAL D 5 26.78 -34.17 25.49
C VAL D 5 26.67 -33.05 26.51
N TYR D 6 27.24 -31.89 26.17
CA TYR D 6 27.17 -30.70 26.98
C TYR D 6 26.33 -29.65 26.27
N TYR D 7 25.35 -29.09 26.98
CA TYR D 7 24.52 -28.01 26.50
C TYR D 7 24.93 -26.72 27.19
N GLY D 8 25.25 -25.69 26.40
CA GLY D 8 25.64 -24.41 26.93
C GLY D 8 27.12 -24.16 27.06
N VAL D 9 27.93 -24.67 26.13
CA VAL D 9 29.37 -24.43 26.15
C VAL D 9 29.67 -23.11 25.44
N PRO D 10 30.74 -22.40 25.82
CA PRO D 10 31.07 -21.16 25.11
C PRO D 10 31.78 -21.42 23.79
N VAL D 11 31.04 -21.32 22.68
CA VAL D 11 31.56 -21.51 21.34
C VAL D 11 30.82 -20.57 20.41
N TRP D 12 31.56 -19.93 19.51
CA TRP D 12 30.96 -19.02 18.53
C TRP D 12 31.50 -19.32 17.14
N LYS D 13 30.71 -18.98 16.14
CA LYS D 13 31.09 -19.12 14.74
C LYS D 13 30.72 -17.86 13.99
N ASP D 14 31.45 -17.57 12.92
CA ASP D 14 31.18 -16.38 12.12
C ASP D 14 29.85 -16.54 11.37
N ALA D 15 29.06 -15.48 11.37
CA ALA D 15 27.77 -15.50 10.70
C ALA D 15 27.30 -14.07 10.48
N GLU D 16 26.19 -13.92 9.76
CA GLU D 16 25.60 -12.63 9.49
C GLU D 16 24.10 -12.71 9.69
N THR D 17 23.55 -11.74 10.42
CA THR D 17 22.12 -11.70 10.74
C THR D 17 21.67 -10.25 10.82
N THR D 18 20.35 -10.07 10.89
CA THR D 18 19.77 -8.73 11.02
C THR D 18 19.91 -8.22 12.44
N LEU D 19 20.51 -7.05 12.61
CA LEU D 19 20.64 -6.38 13.90
C LEU D 19 19.64 -5.24 13.97
N PHE D 20 18.94 -5.12 15.09
CA PHE D 20 17.91 -4.10 15.25
C PHE D 20 18.46 -2.91 16.04
N CYS D 21 17.65 -1.84 16.07
CA CYS D 21 18.04 -0.54 16.59
C CYS D 21 17.53 -0.34 18.01
N ALA D 22 18.42 0.11 18.90
CA ALA D 22 18.06 0.60 20.22
C ALA D 22 18.62 2.01 20.39
N SER D 23 17.74 2.98 20.62
CA SER D 23 18.19 4.37 20.74
C SER D 23 17.52 5.01 21.94
N ASP D 24 18.32 5.71 22.74
CA ASP D 24 17.82 6.39 23.93
C ASP D 24 16.87 7.52 23.58
N HIS D 33 9.34 12.98 13.52
CA HIS D 33 10.03 14.22 13.83
C HIS D 33 11.53 14.07 13.62
N ASN D 34 11.93 12.96 13.00
CA ASN D 34 13.33 12.70 12.72
C ASN D 34 13.42 11.85 11.46
N VAL D 35 14.46 12.09 10.67
CA VAL D 35 14.63 11.36 9.41
C VAL D 35 14.92 9.89 9.66
N TRP D 36 15.66 9.57 10.72
CA TRP D 36 16.11 8.22 10.96
C TRP D 36 15.14 7.40 11.81
N ALA D 37 13.97 7.96 12.12
CA ALA D 37 12.87 7.24 12.75
C ALA D 37 13.33 6.49 14.00
N THR D 38 13.99 7.22 14.89
CA THR D 38 14.44 6.62 16.15
C THR D 38 13.29 6.38 17.12
N HIS D 39 12.08 6.87 16.83
CA HIS D 39 10.92 6.52 17.65
C HIS D 39 10.62 5.04 17.55
N ALA D 40 10.77 4.45 16.36
CA ALA D 40 10.57 3.01 16.20
C ALA D 40 11.70 2.20 16.84
N CYS D 41 12.84 2.82 17.09
CA CYS D 41 13.93 2.13 17.77
C CYS D 41 13.53 1.85 19.21
N VAL D 42 13.85 0.64 19.69
CA VAL D 42 13.48 0.23 21.04
C VAL D 42 14.32 1.02 22.04
N PRO D 43 13.83 1.23 23.27
CA PRO D 43 14.64 1.93 24.26
C PRO D 43 15.88 1.13 24.66
N THR D 44 16.92 1.86 25.04
CA THR D 44 18.17 1.22 25.46
C THR D 44 18.32 1.27 26.98
N ASN D 47 22.03 1.22 31.73
CA ASN D 47 23.45 1.06 31.46
C ASN D 47 23.74 -0.33 30.89
N PRO D 48 24.40 -0.37 29.74
CA PRO D 48 24.71 -1.66 29.12
C PRO D 48 25.96 -2.29 29.73
N GLN D 49 25.94 -3.61 29.85
CA GLN D 49 27.04 -4.35 30.46
C GLN D 49 28.00 -4.84 29.38
N GLU D 50 29.29 -4.76 29.69
CA GLU D 50 30.35 -5.26 28.82
C GLU D 50 31.19 -6.24 29.59
N ILE D 51 31.44 -7.41 29.01
CA ILE D 51 32.16 -8.50 29.66
C ILE D 51 33.53 -8.63 29.00
N HIS D 52 34.58 -8.69 29.82
CA HIS D 52 35.94 -8.90 29.32
C HIS D 52 36.23 -10.38 29.17
N LEU D 53 36.83 -10.74 28.04
CA LEU D 53 37.22 -12.10 27.75
C LEU D 53 38.75 -12.20 27.78
N GLU D 54 39.27 -13.12 28.57
CA GLU D 54 40.71 -13.30 28.70
C GLU D 54 41.15 -14.54 27.95
N ASN D 55 42.48 -14.64 27.77
CA ASN D 55 43.13 -15.78 27.14
C ASN D 55 42.67 -16.00 25.71
N VAL D 56 42.08 -14.98 25.08
CA VAL D 56 41.42 -15.13 23.78
C VAL D 56 41.99 -14.11 22.80
N THR D 57 42.15 -14.53 21.54
CA THR D 57 42.62 -13.67 20.46
C THR D 57 41.78 -13.95 19.22
N GLU D 58 40.83 -13.06 18.94
CA GLU D 58 39.95 -13.21 17.79
C GLU D 58 40.56 -12.53 16.56
N GLU D 59 40.35 -13.14 15.39
CA GLU D 59 40.91 -12.66 14.14
C GLU D 59 39.90 -11.73 13.48
N PHE D 60 40.17 -10.43 13.51
CA PHE D 60 39.23 -9.41 13.06
C PHE D 60 39.57 -8.96 11.64
N ASN D 61 38.53 -8.52 10.93
CA ASN D 61 38.69 -7.94 9.60
C ASN D 61 37.61 -6.87 9.44
N MET D 62 38.03 -5.67 9.02
CA MET D 62 37.11 -4.55 8.91
C MET D 62 36.68 -4.27 7.47
N TRP D 63 37.37 -4.80 6.48
CA TRP D 63 37.06 -4.56 5.08
C TRP D 63 36.04 -5.54 4.51
N LYS D 64 35.68 -6.58 5.27
CA LYS D 64 34.78 -7.62 4.77
C LYS D 64 33.65 -7.94 5.74
N ASN D 65 33.32 -7.02 6.65
CA ASN D 65 32.22 -7.28 7.58
C ASN D 65 30.89 -6.81 6.97
N ASN D 66 29.81 -7.45 7.41
CA ASN D 66 28.48 -7.20 6.86
C ASN D 66 27.72 -6.11 7.60
N MET D 67 28.25 -5.60 8.71
CA MET D 67 27.56 -4.54 9.44
C MET D 67 27.47 -3.27 8.61
N VAL D 68 28.52 -2.96 7.84
CA VAL D 68 28.54 -1.73 7.07
C VAL D 68 27.49 -1.78 5.95
N GLU D 69 27.36 -2.92 5.27
CA GLU D 69 26.37 -3.03 4.20
C GLU D 69 24.95 -2.88 4.75
N GLN D 70 24.66 -3.54 5.87
CA GLN D 70 23.33 -3.44 6.46
C GLN D 70 23.05 -2.03 6.96
N MET D 71 24.05 -1.36 7.52
CA MET D 71 23.87 0.01 7.95
C MET D 71 23.62 0.94 6.77
N HIS D 72 24.32 0.71 5.65
CA HIS D 72 24.11 1.53 4.46
C HIS D 72 22.69 1.35 3.92
N THR D 73 22.26 0.10 3.76
CA THR D 73 20.91 -0.10 3.23
C THR D 73 19.83 0.35 4.20
N ASP D 74 20.09 0.29 5.51
CA ASP D 74 19.09 0.76 6.47
C ASP D 74 19.00 2.27 6.46
N ILE D 75 20.14 2.96 6.36
CA ILE D 75 20.11 4.42 6.28
C ILE D 75 19.41 4.86 5.00
N ILE D 76 19.67 4.17 3.89
CA ILE D 76 18.98 4.50 2.64
C ILE D 76 17.48 4.30 2.80
N SER D 77 17.06 3.19 3.42
CA SER D 77 15.64 2.93 3.59
C SER D 77 14.97 3.98 4.48
N LEU D 78 15.63 4.36 5.58
CA LEU D 78 15.07 5.41 6.44
C LEU D 78 14.99 6.74 5.71
N TRP D 79 15.97 7.05 4.87
CA TRP D 79 15.91 8.27 4.07
C TRP D 79 14.73 8.24 3.11
N ASP D 80 14.48 7.08 2.49
CA ASP D 80 13.43 6.99 1.49
C ASP D 80 12.04 7.02 2.10
N GLN D 81 11.82 6.31 3.22
CA GLN D 81 10.46 6.24 3.75
C GLN D 81 10.00 7.54 4.40
N SER D 82 10.90 8.49 4.64
CA SER D 82 10.53 9.76 5.25
C SER D 82 10.23 10.84 4.22
N LEU D 83 10.27 10.51 2.93
CA LEU D 83 9.95 11.45 1.87
C LEU D 83 8.64 11.12 1.16
N LYS D 84 7.91 10.12 1.65
CA LYS D 84 6.66 9.71 1.02
C LYS D 84 5.50 10.66 1.33
N PRO D 85 5.21 10.97 2.61
CA PRO D 85 4.00 11.77 2.88
C PRO D 85 4.05 13.19 2.32
N CYS D 86 5.23 13.77 2.16
CA CYS D 86 5.33 15.21 1.99
C CYS D 86 5.31 15.60 0.51
N VAL D 87 5.32 16.91 0.27
CA VAL D 87 4.86 17.48 -1.00
C VAL D 87 5.73 17.03 -2.16
N LYS D 88 5.08 16.72 -3.28
CA LYS D 88 5.76 16.38 -4.53
C LYS D 88 5.80 17.63 -5.41
N LEU D 89 6.99 18.23 -5.55
CA LEU D 89 7.15 19.46 -6.32
C LEU D 89 7.45 19.12 -7.78
N THR D 90 6.41 18.75 -8.51
CA THR D 90 6.60 18.72 -9.95
C THR D 90 5.53 19.49 -10.75
N PRO D 91 5.07 20.65 -10.27
CA PRO D 91 4.65 21.70 -11.20
C PRO D 91 5.71 22.78 -11.40
N LEU D 92 6.83 22.69 -10.69
CA LEU D 92 7.86 23.71 -10.68
C LEU D 92 8.78 23.64 -11.89
N CYS D 93 8.68 22.60 -12.71
CA CYS D 93 9.43 22.53 -13.97
C CYS D 93 8.71 23.37 -15.02
N VAL D 94 8.98 24.67 -14.98
CA VAL D 94 8.49 25.62 -15.95
C VAL D 94 9.67 26.47 -16.42
N THR D 95 9.38 27.42 -17.30
CA THR D 95 10.40 28.32 -17.84
C THR D 95 10.51 29.51 -16.90
N LEU D 96 11.58 29.55 -16.12
CA LEU D 96 11.82 30.63 -15.17
C LEU D 96 12.37 31.84 -15.91
N GLN D 97 12.19 33.02 -15.29
CA GLN D 97 12.82 34.24 -15.79
C GLN D 97 13.59 34.88 -14.65
N CYS D 98 14.92 34.92 -14.77
CA CYS D 98 15.80 35.27 -13.66
C CYS D 98 16.56 36.55 -13.96
N THR D 99 16.74 37.37 -12.92
CA THR D 99 17.54 38.57 -12.96
C THR D 99 18.49 38.59 -11.77
N ASN D 100 19.44 39.51 -11.79
CA ASN D 100 20.38 39.63 -10.69
C ASN D 100 19.70 40.23 -9.46
N VAL D 101 20.17 39.83 -8.28
CA VAL D 101 19.53 40.27 -7.05
C VAL D 101 19.97 41.67 -6.65
N THR D 102 21.18 42.08 -7.01
CA THR D 102 21.68 43.41 -6.66
C THR D 102 22.42 44.01 -7.84
N ASN D 103 22.33 45.33 -7.97
CA ASN D 103 23.02 46.05 -9.04
C ASN D 103 23.43 47.45 -8.56
N MET D 109 31.11 37.02 -5.57
CA MET D 109 29.86 36.99 -4.83
C MET D 109 28.71 37.44 -5.73
N ARG D 110 29.01 38.33 -6.68
CA ARG D 110 28.00 38.81 -7.61
C ARG D 110 27.57 37.69 -8.55
N GLY D 111 26.27 37.58 -8.78
CA GLY D 111 25.73 36.53 -9.61
C GLY D 111 25.51 35.20 -8.92
N GLU D 112 25.77 35.12 -7.61
CA GLU D 112 25.53 33.88 -6.88
C GLU D 112 24.04 33.67 -6.63
N LEU D 113 23.32 34.74 -6.28
CA LEU D 113 21.88 34.68 -6.05
C LEU D 113 21.15 35.30 -7.23
N LYS D 114 19.98 34.75 -7.54
CA LYS D 114 19.16 35.23 -8.65
C LYS D 114 17.71 35.34 -8.21
N ASN D 115 17.03 36.38 -8.68
CA ASN D 115 15.61 36.55 -8.44
C ASN D 115 14.88 36.01 -9.67
N CYS D 116 14.21 34.87 -9.51
CA CYS D 116 13.56 34.19 -10.61
C CYS D 116 12.05 34.21 -10.41
N SER D 117 11.32 34.69 -11.40
CA SER D 117 9.88 34.73 -11.37
C SER D 117 9.31 33.74 -12.40
N PHE D 118 8.12 33.24 -12.10
CA PHE D 118 7.49 32.21 -12.94
C PHE D 118 5.98 32.23 -12.70
N ASN D 119 5.28 31.45 -13.49
CA ASN D 119 3.86 31.15 -13.30
C ASN D 119 3.72 29.92 -12.43
N MET D 120 2.56 29.80 -11.78
CA MET D 120 2.29 28.65 -10.94
C MET D 120 0.78 28.42 -10.91
N THR D 121 0.39 27.20 -10.53
CA THR D 121 -1.00 26.85 -10.40
C THR D 121 -1.52 27.28 -9.03
N THR D 122 -2.81 27.07 -8.79
CA THR D 122 -3.39 27.45 -7.52
C THR D 122 -4.47 26.43 -7.15
N GLU D 123 -5.13 26.69 -6.03
CA GLU D 123 -6.12 25.75 -5.49
C GLU D 123 -7.20 25.41 -6.50
N LEU D 124 -7.60 26.39 -7.32
CA LEU D 124 -8.56 26.15 -8.39
C LEU D 124 -7.82 25.79 -9.68
N ARG D 125 -8.36 24.82 -10.42
CA ARG D 125 -7.65 24.33 -11.59
C ARG D 125 -7.61 25.38 -12.71
N ASP D 126 -8.68 26.15 -12.87
CA ASP D 126 -8.76 27.08 -13.99
C ASP D 126 -7.99 28.39 -13.74
N LYS D 127 -7.56 28.65 -12.51
CA LYS D 127 -6.85 29.88 -12.19
C LYS D 127 -5.34 29.62 -12.09
N LYS D 128 -4.56 30.67 -12.31
CA LYS D 128 -3.11 30.63 -12.16
C LYS D 128 -2.63 31.92 -11.51
N GLN D 129 -1.41 31.86 -10.96
CA GLN D 129 -0.82 32.98 -10.25
C GLN D 129 0.61 33.17 -10.73
N LYS D 130 1.16 34.36 -10.47
CA LYS D 130 2.54 34.69 -10.82
C LYS D 130 3.33 34.93 -9.54
N VAL D 131 4.42 34.19 -9.36
CA VAL D 131 5.19 34.23 -8.13
C VAL D 131 6.68 34.37 -8.47
N TYR D 132 7.49 34.51 -7.43
CA TYR D 132 8.93 34.65 -7.58
C TYR D 132 9.61 33.98 -6.40
N SER D 133 10.91 33.76 -6.54
CA SER D 133 11.73 33.22 -5.47
C SER D 133 13.20 33.54 -5.74
N LEU D 134 13.99 33.49 -4.69
CA LEU D 134 15.44 33.68 -4.79
C LEU D 134 16.11 32.31 -4.87
N PHE D 135 16.78 32.07 -6.00
CA PHE D 135 17.46 30.80 -6.24
C PHE D 135 18.96 31.01 -6.26
N TYR D 136 19.70 29.94 -5.98
CA TYR D 136 21.14 29.99 -6.09
C TYR D 136 21.58 29.72 -7.53
N ARG D 137 22.80 30.13 -7.85
CA ARG D 137 23.31 29.93 -9.21
C ARG D 137 23.54 28.46 -9.51
N LEU D 138 23.74 27.63 -8.49
CA LEU D 138 24.02 26.21 -8.67
C LEU D 138 22.77 25.38 -8.88
N ASP D 139 21.57 25.97 -8.82
CA ASP D 139 20.32 25.25 -8.96
C ASP D 139 19.60 25.53 -10.27
N VAL D 140 20.10 26.44 -11.10
CA VAL D 140 19.42 26.83 -12.32
C VAL D 140 20.36 26.64 -13.50
N VAL D 141 19.78 26.33 -14.66
CA VAL D 141 20.50 26.11 -15.90
C VAL D 141 19.82 26.91 -17.00
N GLN D 142 20.61 27.64 -17.78
CA GLN D 142 20.06 28.45 -18.85
C GLN D 142 19.51 27.56 -19.97
N ILE D 143 18.40 27.98 -20.56
CA ILE D 143 17.78 27.24 -21.65
C ILE D 143 18.56 27.46 -22.94
N LYS D 156 17.30 35.16 -21.38
CA LYS D 156 17.35 35.17 -19.93
C LYS D 156 16.31 34.23 -19.33
N GLU D 157 16.09 33.10 -20.00
CA GLU D 157 15.14 32.09 -19.55
C GLU D 157 15.90 30.90 -19.00
N TYR D 158 15.65 30.58 -17.73
CA TYR D 158 16.34 29.50 -17.04
C TYR D 158 15.36 28.37 -16.75
N ARG D 159 15.88 27.30 -16.15
CA ARG D 159 15.05 26.20 -15.69
C ARG D 159 15.78 25.50 -14.55
N LEU D 160 15.07 24.65 -13.84
CA LEU D 160 15.71 23.90 -12.77
C LEU D 160 16.73 22.95 -13.36
N ILE D 161 17.74 22.62 -12.55
CA ILE D 161 18.90 21.88 -13.06
C ILE D 161 18.51 20.49 -13.52
N ASN D 162 17.55 19.86 -12.85
CA ASN D 162 17.28 18.43 -13.03
C ASN D 162 15.88 18.12 -13.54
N CYS D 163 15.23 19.06 -14.23
CA CYS D 163 13.91 18.74 -14.79
C CYS D 163 13.99 17.79 -15.97
N ASN D 164 15.18 17.51 -16.50
CA ASN D 164 15.34 16.53 -17.56
C ASN D 164 15.76 15.16 -17.05
N THR D 165 16.22 15.07 -15.80
CA THR D 165 16.73 13.81 -15.26
C THR D 165 15.89 13.21 -14.15
N SER D 166 15.25 14.02 -13.31
CA SER D 166 14.61 13.50 -12.12
C SER D 166 13.43 14.39 -11.73
N ALA D 167 12.70 13.93 -10.72
CA ALA D 167 11.56 14.65 -10.17
C ALA D 167 11.88 15.11 -8.75
N ILE D 168 11.31 16.25 -8.37
CA ILE D 168 11.62 16.92 -7.10
C ILE D 168 10.52 16.62 -6.09
N THR D 169 10.92 16.28 -4.87
CA THR D 169 10.03 16.21 -3.72
C THR D 169 10.61 17.09 -2.62
N GLN D 170 9.73 17.82 -1.94
CA GLN D 170 10.18 18.78 -0.94
C GLN D 170 10.70 18.06 0.30
N ALA D 171 11.53 18.75 1.08
CA ALA D 171 12.20 18.15 2.22
C ALA D 171 11.38 18.23 3.49
N CYS D 172 10.14 18.71 3.40
CA CYS D 172 9.13 18.49 4.44
C CYS D 172 9.55 19.09 5.79
N PRO D 173 9.41 20.43 5.94
CA PRO D 173 10.08 21.15 7.05
C PRO D 173 9.82 20.63 8.46
N LYS D 174 8.78 19.81 8.65
CA LYS D 174 8.45 19.36 10.00
C LYS D 174 9.48 18.41 10.59
N VAL D 175 10.42 17.92 9.81
CA VAL D 175 11.44 16.98 10.29
C VAL D 175 12.78 17.71 10.38
N SER D 176 13.68 17.15 11.18
CA SER D 176 15.00 17.72 11.41
C SER D 176 16.07 16.75 10.91
N PHE D 177 17.15 17.31 10.38
CA PHE D 177 18.24 16.53 9.80
C PHE D 177 19.37 16.27 10.78
N GLU D 178 19.25 16.71 12.02
CA GLU D 178 20.35 16.57 12.98
C GLU D 178 20.55 15.10 13.34
N PRO D 179 21.73 14.54 13.15
CA PRO D 179 21.96 13.13 13.53
C PRO D 179 21.91 12.95 15.04
N ILE D 180 21.40 11.79 15.44
CA ILE D 180 21.40 11.41 16.85
C ILE D 180 21.92 9.97 16.96
N PRO D 181 22.57 9.61 18.06
CA PRO D 181 23.25 8.31 18.12
C PRO D 181 22.29 7.14 17.96
N ILE D 182 22.76 6.10 17.28
CA ILE D 182 21.98 4.90 16.99
C ILE D 182 22.82 3.68 17.33
N HIS D 183 22.24 2.75 18.10
CA HIS D 183 22.89 1.49 18.39
C HIS D 183 22.43 0.43 17.40
N TYR D 184 23.15 -0.69 17.36
CA TYR D 184 22.84 -1.79 16.45
C TYR D 184 22.93 -3.09 17.26
N CYS D 185 21.79 -3.54 17.78
CA CYS D 185 21.78 -4.67 18.71
C CYS D 185 21.30 -5.94 18.02
N ALA D 186 21.93 -7.08 18.42
CA ALA D 186 21.86 -8.44 17.89
C ALA D 186 20.75 -9.23 18.56
N PRO D 187 20.18 -10.21 17.84
CA PRO D 187 19.09 -11.02 18.40
C PRO D 187 19.58 -11.98 19.48
N ALA D 188 18.67 -12.81 20.00
CA ALA D 188 19.04 -13.84 20.94
C ALA D 188 19.86 -14.92 20.24
N GLY D 189 20.84 -15.47 20.95
CA GLY D 189 21.72 -16.47 20.39
C GLY D 189 22.90 -15.94 19.61
N PHE D 190 23.11 -14.62 19.62
CA PHE D 190 24.22 -14.00 18.92
C PHE D 190 24.89 -12.99 19.85
N ALA D 191 26.11 -12.60 19.50
CA ALA D 191 26.88 -11.65 20.30
C ALA D 191 27.70 -10.76 19.38
N ILE D 192 28.12 -9.61 19.90
CA ILE D 192 28.98 -8.70 19.16
C ILE D 192 30.32 -8.63 19.88
N LEU D 193 31.37 -9.06 19.20
CA LEU D 193 32.72 -9.00 19.73
C LEU D 193 33.34 -7.64 19.45
N LYS D 194 34.17 -7.19 20.38
CA LYS D 194 34.83 -5.90 20.34
C LYS D 194 36.33 -6.09 20.54
N CYS D 195 37.11 -5.24 19.89
CA CYS D 195 38.57 -5.25 20.01
C CYS D 195 38.99 -4.04 20.81
N LYS D 196 39.71 -4.27 21.91
CA LYS D 196 40.17 -3.21 22.80
C LYS D 196 41.63 -2.88 22.62
N ASP D 197 42.27 -3.37 21.55
CA ASP D 197 43.65 -3.02 21.27
C ASP D 197 43.74 -1.56 20.86
N LYS D 198 44.57 -0.79 21.55
CA LYS D 198 44.69 0.64 21.27
C LYS D 198 45.38 0.86 19.92
N LYS D 199 46.57 0.28 19.74
CA LYS D 199 47.27 0.35 18.46
C LYS D 199 46.87 -0.86 17.65
N PHE D 200 45.73 -0.76 16.98
CA PHE D 200 45.15 -1.88 16.24
C PHE D 200 45.12 -1.55 14.76
N ASN D 201 45.60 -2.48 13.95
CA ASN D 201 45.63 -2.33 12.51
C ASN D 201 44.29 -2.84 11.96
N GLY D 202 44.03 -2.54 10.68
CA GLY D 202 42.71 -2.84 10.14
C GLY D 202 42.32 -4.30 10.25
N THR D 203 43.25 -5.19 9.91
CA THR D 203 42.99 -6.63 9.92
C THR D 203 44.01 -7.33 10.81
N GLY D 204 43.61 -8.47 11.38
CA GLY D 204 44.52 -9.27 12.15
C GLY D 204 43.99 -9.67 13.51
N PRO D 205 44.80 -10.39 14.29
CA PRO D 205 44.36 -10.79 15.63
C PRO D 205 44.24 -9.59 16.57
N CYS D 206 43.32 -9.72 17.53
CA CYS D 206 43.17 -8.75 18.61
C CYS D 206 43.39 -9.45 19.94
N PRO D 207 44.50 -9.17 20.65
CA PRO D 207 44.77 -9.89 21.91
C PRO D 207 43.89 -9.48 23.09
N SER D 208 42.95 -8.54 22.92
CA SER D 208 42.16 -8.05 24.05
C SER D 208 40.67 -8.06 23.76
N VAL D 209 40.19 -9.10 23.07
CA VAL D 209 38.79 -9.17 22.69
C VAL D 209 37.88 -9.13 23.92
N SER D 210 36.75 -8.46 23.79
CA SER D 210 35.66 -8.52 24.76
C SER D 210 34.37 -8.79 24.01
N THR D 211 33.29 -9.04 24.76
CA THR D 211 31.99 -9.28 24.17
C THR D 211 31.02 -8.20 24.62
N VAL D 212 29.92 -8.07 23.87
CA VAL D 212 28.90 -7.07 24.18
C VAL D 212 27.61 -7.48 23.49
N GLN D 213 26.49 -6.97 24.00
CA GLN D 213 25.21 -7.15 23.32
C GLN D 213 25.15 -6.28 22.07
N CYS D 214 25.60 -5.03 22.17
CA CYS D 214 25.57 -4.13 21.02
C CYS D 214 26.40 -2.88 21.28
N THR D 215 26.61 -2.12 20.20
CA THR D 215 27.64 -1.11 20.08
C THR D 215 27.28 0.17 20.83
N HIS D 216 28.13 1.19 20.66
CA HIS D 216 27.87 2.51 21.19
C HIS D 216 27.05 3.32 20.20
N GLY D 217 26.71 4.55 20.59
CA GLY D 217 25.95 5.42 19.71
C GLY D 217 26.79 5.84 18.51
N ILE D 218 26.21 5.72 17.32
CA ILE D 218 26.88 6.09 16.07
C ILE D 218 26.04 7.18 15.41
N LYS D 219 26.66 8.33 15.16
CA LYS D 219 25.98 9.44 14.52
C LYS D 219 26.03 9.26 13.01
N PRO D 220 24.88 9.19 12.33
CA PRO D 220 24.89 9.11 10.84
C PRO D 220 25.14 10.46 10.17
N VAL D 221 26.40 10.88 10.17
CA VAL D 221 26.83 12.13 9.55
C VAL D 221 27.33 11.84 8.15
N VAL D 222 27.06 12.74 7.22
CA VAL D 222 27.47 12.59 5.82
C VAL D 222 28.50 13.66 5.48
N SER D 223 29.64 13.23 4.96
CA SER D 223 30.71 14.11 4.52
C SER D 223 31.61 13.32 3.60
N THR D 224 32.43 14.03 2.82
CA THR D 224 33.24 13.40 1.79
C THR D 224 34.73 13.41 2.09
N GLN D 225 35.31 14.56 2.45
CA GLN D 225 36.75 14.66 2.59
C GLN D 225 37.25 14.74 4.02
N LEU D 226 36.49 15.36 4.91
CA LEU D 226 36.83 15.42 6.32
C LEU D 226 35.73 14.75 7.12
N LEU D 227 36.11 13.98 8.14
CA LEU D 227 35.15 13.31 8.99
C LEU D 227 34.83 14.17 10.20
N LEU D 228 33.54 14.35 10.47
CA LEU D 228 33.07 15.28 11.48
C LEU D 228 32.30 14.54 12.57
N ASN D 229 32.44 15.01 13.81
CA ASN D 229 31.70 14.47 14.95
C ASN D 229 31.88 12.96 15.07
N GLY D 230 33.11 12.50 14.86
CA GLY D 230 33.43 11.09 14.91
C GLY D 230 34.03 10.68 16.25
N SER D 231 34.67 9.51 16.24
CA SER D 231 35.31 8.95 17.43
C SER D 231 36.81 9.05 17.27
N LEU D 232 37.47 9.62 18.29
CA LEU D 232 38.89 9.89 18.23
C LEU D 232 39.70 8.65 18.63
N ALA D 233 40.94 8.61 18.15
CA ALA D 233 41.86 7.56 18.54
C ALA D 233 42.35 7.77 19.96
N GLU D 234 42.81 6.68 20.58
CA GLU D 234 43.25 6.72 21.96
C GLU D 234 44.74 6.99 22.10
N GLU D 235 45.57 6.36 21.27
CA GLU D 235 47.03 6.46 21.39
C GLU D 235 47.62 7.51 20.47
N GLU D 236 47.38 7.38 19.17
CA GLU D 236 47.99 8.29 18.19
C GLU D 236 47.23 8.17 16.87
N VAL D 237 47.75 8.85 15.85
CA VAL D 237 47.14 8.81 14.53
C VAL D 237 47.34 7.44 13.91
N MET D 238 46.28 6.89 13.31
CA MET D 238 46.29 5.56 12.74
C MET D 238 46.00 5.61 11.25
N ILE D 239 46.66 4.72 10.50
CA ILE D 239 46.54 4.64 9.05
C ILE D 239 45.99 3.26 8.70
N ARG D 240 44.91 3.23 7.93
CA ARG D 240 44.25 1.98 7.56
C ARG D 240 43.79 2.03 6.12
N SER D 241 44.31 1.11 5.30
CA SER D 241 43.82 0.91 3.94
C SER D 241 43.85 -0.59 3.64
N GLU D 242 43.00 -1.01 2.69
CA GLU D 242 42.87 -2.43 2.40
C GLU D 242 44.18 -3.02 1.88
N ASN D 243 44.82 -2.34 0.94
CA ASN D 243 46.16 -2.71 0.50
C ASN D 243 46.86 -1.43 0.06
N ILE D 244 47.88 -1.03 0.81
CA ILE D 244 48.47 0.30 0.60
C ILE D 244 49.25 0.36 -0.71
N THR D 245 49.73 -0.78 -1.21
CA THR D 245 50.48 -0.79 -2.46
C THR D 245 49.57 -0.46 -3.65
N ASN D 246 48.30 -0.86 -3.58
CA ASN D 246 47.34 -0.53 -4.63
C ASN D 246 46.87 0.90 -4.43
N ASN D 247 47.10 1.75 -5.44
CA ASN D 247 46.76 3.16 -5.34
C ASN D 247 45.28 3.43 -5.55
N ALA D 248 44.51 2.45 -6.01
CA ALA D 248 43.09 2.65 -6.29
C ALA D 248 42.22 2.56 -5.04
N LYS D 249 42.81 2.30 -3.87
CA LYS D 249 42.08 2.17 -2.63
C LYS D 249 42.44 3.31 -1.69
N ASN D 250 41.42 3.91 -1.08
CA ASN D 250 41.62 5.10 -0.25
C ASN D 250 42.30 4.74 1.07
N ILE D 251 42.92 5.75 1.67
CA ILE D 251 43.59 5.65 2.96
C ILE D 251 42.73 6.38 3.99
N LEU D 252 42.47 5.73 5.11
CA LEU D 252 41.67 6.30 6.19
C LEU D 252 42.58 6.71 7.33
N VAL D 253 42.47 7.97 7.75
CA VAL D 253 43.33 8.54 8.78
C VAL D 253 42.45 8.96 9.96
N GLN D 254 42.85 8.56 11.16
CA GLN D 254 42.12 8.89 12.37
C GLN D 254 43.01 9.71 13.31
N PHE D 255 42.48 10.82 13.81
CA PHE D 255 43.24 11.70 14.68
C PHE D 255 43.12 11.28 16.12
N ASN D 256 44.12 11.65 16.92
CA ASN D 256 44.08 11.45 18.36
C ASN D 256 43.60 12.69 19.12
N THR D 257 43.38 13.80 18.41
CA THR D 257 42.90 15.04 18.97
C THR D 257 42.08 15.73 17.89
N PRO D 258 40.98 16.40 18.24
CA PRO D 258 40.11 16.96 17.21
C PRO D 258 40.63 18.29 16.72
N VAL D 259 40.11 18.72 15.57
CA VAL D 259 40.40 20.04 15.03
C VAL D 259 39.09 20.81 14.95
N GLN D 260 38.98 21.88 15.72
CA GLN D 260 37.74 22.64 15.74
C GLN D 260 37.59 23.45 14.46
N ILE D 261 36.37 23.49 13.93
CA ILE D 261 36.07 24.24 12.72
C ILE D 261 34.71 24.92 12.90
N ASN D 262 34.66 26.22 12.62
CA ASN D 262 33.44 27.00 12.76
C ASN D 262 32.92 27.42 11.40
N CYS D 263 31.68 27.03 11.08
CA CYS D 263 31.08 27.35 9.80
C CYS D 263 29.90 28.29 10.00
N THR D 264 29.74 29.25 9.08
CA THR D 264 28.72 30.27 9.26
C THR D 264 28.10 30.65 7.91
N ARG D 265 26.84 31.09 8.01
CA ARG D 265 26.03 31.58 6.89
C ARG D 265 25.52 32.96 7.28
N PRO D 266 26.24 34.02 6.93
CA PRO D 266 25.90 35.35 7.46
C PRO D 266 24.54 35.90 7.02
N ASN D 267 23.96 35.39 5.93
CA ASN D 267 22.74 35.99 5.39
C ASN D 267 21.56 35.76 6.32
N ASN D 268 20.67 36.76 6.38
CA ASN D 268 19.46 36.75 7.21
C ASN D 268 18.27 36.62 6.26
N ASN D 269 17.85 35.38 6.01
CA ASN D 269 16.81 35.09 5.03
C ASN D 269 15.41 35.28 5.63
N THR D 270 14.43 35.44 4.74
CA THR D 270 13.02 35.33 5.09
C THR D 270 12.36 34.29 4.19
N ARG D 271 11.63 33.37 4.81
CA ARG D 271 10.91 32.32 4.09
C ARG D 271 9.47 32.74 3.86
N LYS D 272 8.98 32.51 2.65
CA LYS D 272 7.61 32.83 2.27
C LYS D 272 6.91 31.58 1.77
N SER D 273 5.67 31.37 2.23
CA SER D 273 4.90 30.19 1.88
C SER D 273 3.96 30.48 0.72
N ILE D 274 3.90 29.56 -0.23
CA ILE D 274 3.08 29.69 -1.43
C ILE D 274 2.20 28.47 -1.54
N ARG D 275 0.91 28.69 -1.79
CA ARG D 275 -0.07 27.60 -1.94
C ARG D 275 -0.17 27.22 -3.41
N ILE D 276 0.14 25.96 -3.73
CA ILE D 276 0.12 25.47 -5.10
C ILE D 276 -1.01 24.49 -5.37
N GLY D 277 -1.82 24.19 -4.35
CA GLY D 277 -2.93 23.27 -4.52
C GLY D 277 -3.66 23.04 -3.22
N PRO D 278 -4.67 22.17 -3.24
CA PRO D 278 -5.35 21.83 -1.99
C PRO D 278 -4.43 21.15 -0.99
N GLY D 279 -4.09 21.83 0.09
CA GLY D 279 -3.23 21.26 1.11
C GLY D 279 -1.77 21.16 0.72
N GLN D 280 -1.36 21.77 -0.38
CA GLN D 280 0.02 21.71 -0.85
C GLN D 280 0.65 23.09 -0.73
N ALA D 281 1.82 23.16 -0.08
CA ALA D 281 2.51 24.42 0.17
C ALA D 281 3.94 24.36 -0.35
N PHE D 282 4.37 25.45 -0.95
CA PHE D 282 5.74 25.62 -1.43
C PHE D 282 6.39 26.76 -0.67
N TYR D 283 7.57 26.51 -0.10
CA TYR D 283 8.24 27.47 0.76
C TYR D 283 9.36 28.15 -0.03
N ALA D 284 9.09 29.36 -0.51
CA ALA D 284 10.05 30.13 -1.28
C ALA D 284 10.88 31.01 -0.34
N THR D 285 11.60 31.98 -0.90
CA THR D 285 12.43 32.88 -0.12
C THR D 285 12.01 34.31 -0.43
N GLY D 286 11.58 35.05 0.59
CA GLY D 286 11.13 36.41 0.37
C GLY D 286 12.26 37.35 -0.01
N ASP D 287 13.23 37.52 0.89
CA ASP D 287 14.38 38.40 0.67
C ASP D 287 15.38 38.20 1.79
N ILE D 288 16.37 39.09 1.81
CA ILE D 288 17.48 39.05 2.77
C ILE D 288 17.54 40.42 3.44
N ILE D 289 17.61 40.42 4.78
CA ILE D 289 17.70 41.66 5.55
C ILE D 289 19.17 41.99 5.79
N GLY D 290 19.58 43.17 5.37
CA GLY D 290 20.92 43.65 5.66
C GLY D 290 21.85 43.51 4.46
N ASP D 291 23.04 42.99 4.69
CA ASP D 291 24.06 42.84 3.66
C ASP D 291 24.18 41.36 3.26
N ILE D 292 24.51 41.14 2.00
CA ILE D 292 24.75 39.81 1.47
C ILE D 292 26.23 39.50 1.65
N ARG D 293 26.53 38.45 2.43
CA ARG D 293 27.89 38.09 2.76
C ARG D 293 28.13 36.62 2.49
N GLN D 294 29.40 36.26 2.29
CA GLN D 294 29.75 34.92 1.88
C GLN D 294 29.80 33.98 3.08
N ALA D 295 29.25 32.78 2.91
CA ALA D 295 29.34 31.75 3.93
C ALA D 295 30.76 31.18 3.94
N HIS D 296 31.23 30.80 5.13
CA HIS D 296 32.62 30.38 5.21
C HIS D 296 32.86 29.58 6.49
N CYS D 297 34.00 28.89 6.51
CA CYS D 297 34.42 28.10 7.66
C CYS D 297 35.83 28.49 8.08
N ASN D 298 36.08 28.44 9.39
CA ASN D 298 37.35 28.81 9.98
C ASN D 298 37.99 27.59 10.63
N VAL D 299 39.31 27.46 10.41
CA VAL D 299 40.13 26.47 11.09
C VAL D 299 41.34 27.21 11.67
N SER D 300 41.91 26.64 12.73
CA SER D 300 43.10 27.24 13.35
C SER D 300 44.36 26.74 12.66
N LYS D 301 45.28 27.66 12.39
CA LYS D 301 46.44 27.32 11.56
C LYS D 301 47.44 26.43 12.33
N ALA D 302 47.75 26.80 13.57
CA ALA D 302 48.78 26.08 14.31
C ALA D 302 48.38 24.64 14.60
N THR D 303 47.13 24.42 15.02
CA THR D 303 46.66 23.07 15.30
C THR D 303 46.68 22.22 14.03
N TRP D 304 46.28 22.80 12.91
CA TRP D 304 46.32 22.07 11.65
C TRP D 304 47.76 21.73 11.27
N ASN D 305 48.70 22.64 11.53
CA ASN D 305 50.10 22.34 11.26
C ASN D 305 50.59 21.17 12.10
N GLU D 306 50.26 21.15 13.40
CA GLU D 306 50.66 20.02 14.23
C GLU D 306 50.03 18.72 13.75
N THR D 307 48.74 18.77 13.38
CA THR D 307 48.07 17.57 12.90
C THR D 307 48.71 17.05 11.62
N LEU D 308 49.04 17.95 10.69
CA LEU D 308 49.69 17.53 9.46
C LEU D 308 51.08 16.96 9.73
N GLY D 309 51.81 17.54 10.68
CA GLY D 309 53.11 16.98 11.03
C GLY D 309 52.99 15.57 11.59
N LYS D 310 52.00 15.35 12.46
CA LYS D 310 51.78 14.00 12.98
C LYS D 310 51.38 13.03 11.88
N VAL D 311 50.52 13.48 10.96
CA VAL D 311 50.10 12.62 9.86
C VAL D 311 51.28 12.25 8.98
N VAL D 312 52.16 13.20 8.70
CA VAL D 312 53.35 12.91 7.91
C VAL D 312 54.25 11.92 8.63
N LYS D 313 54.42 12.10 9.94
CA LYS D 313 55.27 11.18 10.70
C LYS D 313 54.73 9.76 10.65
N GLN D 314 53.40 9.60 10.77
CA GLN D 314 52.83 8.26 10.69
C GLN D 314 52.88 7.70 9.27
N LEU D 315 52.71 8.56 8.25
CA LEU D 315 52.73 8.10 6.86
C LEU D 315 54.13 7.66 6.45
N ARG D 316 55.16 8.24 7.06
CA ARG D 316 56.53 7.87 6.69
C ARG D 316 56.87 6.43 7.07
N LYS D 317 56.05 5.78 7.91
CA LYS D 317 56.32 4.41 8.32
C LYS D 317 56.03 3.38 7.23
N HIS D 318 55.24 3.74 6.22
CA HIS D 318 54.85 2.82 5.16
C HIS D 318 55.61 3.13 3.87
N PHE D 319 56.71 3.87 3.99
CA PHE D 319 57.55 4.23 2.87
C PHE D 319 58.98 4.36 3.40
N GLY D 320 59.87 4.87 2.57
CA GLY D 320 61.21 5.14 3.03
C GLY D 320 61.25 6.18 4.14
N ASN D 321 62.34 6.17 4.89
CA ASN D 321 62.46 7.11 5.99
C ASN D 321 62.88 8.50 5.53
N ASN D 322 63.38 8.63 4.30
CA ASN D 322 63.81 9.91 3.77
C ASN D 322 62.95 10.38 2.60
N THR D 323 61.81 9.74 2.34
CA THR D 323 60.97 10.13 1.22
C THR D 323 60.27 11.46 1.51
N ILE D 324 59.95 12.18 0.45
CA ILE D 324 59.30 13.48 0.54
C ILE D 324 57.80 13.28 0.54
N ILE D 325 57.09 14.01 1.40
CA ILE D 325 55.64 13.94 1.42
C ILE D 325 55.08 15.22 0.85
N ARG D 326 53.94 15.12 0.17
CA ARG D 326 53.30 16.28 -0.40
C ARG D 326 51.81 16.19 -0.18
N PHE D 327 51.14 17.34 -0.22
CA PHE D 327 49.69 17.41 -0.22
C PHE D 327 49.26 18.35 -1.33
N ALA D 328 48.05 18.15 -1.85
CA ALA D 328 47.59 18.99 -2.94
C ALA D 328 46.07 19.03 -3.00
N ASN D 329 45.56 20.00 -3.75
CA ASN D 329 44.14 20.14 -4.05
C ASN D 329 43.60 18.86 -4.68
N SER D 330 42.28 18.72 -4.67
CA SER D 330 41.66 17.58 -5.32
C SER D 330 41.88 17.62 -6.83
N SER D 331 42.03 16.45 -7.44
CA SER D 331 42.35 16.38 -8.85
C SER D 331 41.17 16.83 -9.71
N GLY D 332 39.98 16.30 -9.44
CA GLY D 332 38.82 16.65 -10.22
C GLY D 332 37.65 15.75 -9.89
N GLY D 333 36.57 15.96 -10.63
CA GLY D 333 35.37 15.16 -10.45
C GLY D 333 34.10 15.97 -10.33
N ASP D 334 33.14 15.47 -9.56
CA ASP D 334 31.91 16.19 -9.29
C ASP D 334 32.09 17.17 -8.15
N LEU D 335 31.09 18.03 -7.96
CA LEU D 335 31.14 18.99 -6.87
C LEU D 335 31.06 18.33 -5.51
N GLU D 336 30.59 17.08 -5.44
CA GLU D 336 30.48 16.40 -4.16
C GLU D 336 31.83 15.90 -3.65
N VAL D 337 32.73 15.53 -4.55
CA VAL D 337 34.00 14.94 -4.14
C VAL D 337 35.18 15.91 -4.18
N THR D 338 35.07 17.01 -4.92
CA THR D 338 36.15 17.99 -4.97
C THR D 338 36.06 19.01 -3.85
N THR D 339 34.98 19.03 -3.09
CA THR D 339 34.77 20.00 -2.03
C THR D 339 34.29 19.27 -0.78
N HIS D 340 34.64 19.82 0.38
CA HIS D 340 34.15 19.28 1.65
C HIS D 340 32.65 19.57 1.76
N SER D 341 31.83 18.53 1.74
CA SER D 341 30.38 18.67 1.67
C SER D 341 29.76 18.19 2.98
N PHE D 342 28.76 18.94 3.45
CA PHE D 342 28.04 18.58 4.67
C PHE D 342 26.78 19.44 4.74
N ASN D 343 26.05 19.31 5.84
CA ASN D 343 24.94 20.20 6.13
C ASN D 343 25.05 20.76 7.54
N CYS D 344 24.71 22.04 7.69
CA CYS D 344 24.72 22.73 8.98
C CYS D 344 23.32 23.25 9.28
N GLY D 345 22.57 22.52 10.09
CA GLY D 345 21.26 22.99 10.48
C GLY D 345 20.20 22.94 9.42
N GLY D 346 20.45 22.30 8.29
CA GLY D 346 19.49 22.19 7.21
C GLY D 346 19.88 22.84 5.90
N GLU D 347 21.04 23.48 5.83
CA GLU D 347 21.55 24.07 4.59
C GLU D 347 22.79 23.31 4.15
N PHE D 348 22.88 23.01 2.86
CA PHE D 348 23.90 22.11 2.34
C PHE D 348 25.11 22.90 1.87
N PHE D 349 26.24 22.72 2.55
CA PHE D 349 27.49 23.43 2.34
C PHE D 349 28.44 22.59 1.50
N TYR D 350 29.10 23.24 0.53
CA TYR D 350 30.19 22.68 -0.25
C TYR D 350 31.35 23.66 -0.15
N CYS D 351 32.44 23.26 0.51
CA CYS D 351 33.51 24.18 0.88
C CYS D 351 34.80 23.84 0.14
N ASN D 352 35.46 24.88 -0.36
CA ASN D 352 36.73 24.77 -1.06
C ASN D 352 37.84 24.55 -0.05
N THR D 353 38.47 23.39 -0.09
CA THR D 353 39.44 22.98 0.92
C THR D 353 40.89 23.05 0.44
N SER D 354 41.14 23.68 -0.71
CA SER D 354 42.48 23.70 -1.27
C SER D 354 43.46 24.58 -0.48
N GLY D 355 43.05 25.16 0.63
CA GLY D 355 43.95 25.95 1.45
C GLY D 355 44.56 25.15 2.59
N LEU D 356 44.04 23.95 2.83
CA LEU D 356 44.54 23.09 3.89
C LEU D 356 45.67 22.18 3.40
N PHE D 357 45.43 21.46 2.30
CA PHE D 357 46.36 20.48 1.76
C PHE D 357 47.50 21.13 0.99
N ASN D 358 47.81 22.37 1.32
CA ASN D 358 48.86 23.16 0.67
C ASN D 358 50.15 23.01 1.46
N SER D 359 50.92 21.96 1.17
CA SER D 359 52.19 21.77 1.89
C SER D 359 53.06 20.70 1.21
N THR D 360 54.34 20.74 1.54
CA THR D 360 55.34 19.80 1.08
C THR D 360 56.38 19.61 2.18
N TRP D 361 56.51 18.38 2.68
CA TRP D 361 57.28 18.08 3.88
C TRP D 361 58.52 17.27 3.54
N ILE D 362 59.66 17.71 4.07
CA ILE D 362 60.96 17.08 3.92
C ILE D 362 61.47 16.71 5.32
N SER D 363 62.14 15.56 5.42
CA SER D 363 62.71 15.13 6.69
C SER D 363 63.99 15.89 7.00
N ASP D 377 45.93 33.87 14.11
CA ASP D 377 45.83 33.53 12.70
C ASP D 377 44.86 32.40 12.49
N SER D 378 44.21 32.38 11.32
CA SER D 378 43.24 31.34 11.00
C SER D 378 43.18 31.16 9.49
N ILE D 379 42.64 30.01 9.09
CA ILE D 379 42.44 29.68 7.68
C ILE D 379 40.94 29.73 7.41
N THR D 380 40.54 30.52 6.42
CA THR D 380 39.15 30.70 6.05
C THR D 380 38.90 29.96 4.73
N LEU D 381 37.89 29.09 4.72
CA LEU D 381 37.56 28.29 3.55
C LEU D 381 36.26 28.78 2.94
N PRO D 382 36.29 29.46 1.80
CA PRO D 382 35.05 29.91 1.18
C PRO D 382 34.15 28.74 0.80
N CYS D 383 32.85 28.92 0.97
CA CYS D 383 31.88 27.84 0.77
C CYS D 383 30.76 28.33 -0.13
N ARG D 384 30.00 27.37 -0.66
CA ARG D 384 28.80 27.64 -1.44
C ARG D 384 27.67 26.76 -0.91
N ILE D 385 26.45 27.13 -1.25
CA ILE D 385 25.25 26.51 -0.69
C ILE D 385 24.40 25.96 -1.83
N LYS D 386 23.82 24.79 -1.62
CA LYS D 386 22.96 24.20 -2.63
C LYS D 386 21.69 23.67 -1.98
N GLN D 387 20.60 23.65 -2.76
CA GLN D 387 19.29 23.24 -2.25
C GLN D 387 18.73 22.00 -2.94
N ILE D 388 18.93 21.83 -4.24
CA ILE D 388 18.48 20.65 -4.95
C ILE D 388 19.58 19.59 -4.82
N ILE D 389 19.28 18.51 -4.10
CA ILE D 389 20.28 17.56 -3.66
C ILE D 389 20.00 16.20 -4.29
N ASN D 390 21.02 15.61 -4.90
CA ASN D 390 20.99 14.22 -5.36
C ASN D 390 21.83 13.41 -4.40
N MET D 391 21.17 12.68 -3.50
CA MET D 391 21.83 12.01 -2.38
C MET D 391 21.98 10.53 -2.66
N TRP D 392 22.96 9.92 -1.99
CA TRP D 392 23.24 8.49 -2.04
C TRP D 392 23.70 8.02 -3.41
N GLN D 393 24.24 8.94 -4.23
CA GLN D 393 24.82 8.62 -5.53
C GLN D 393 23.78 8.05 -6.50
N ARG D 394 22.51 8.38 -6.29
CA ARG D 394 21.45 7.95 -7.19
C ARG D 394 21.11 9.09 -8.15
N ILE D 395 20.87 8.74 -9.41
CA ILE D 395 20.54 9.70 -10.45
C ILE D 395 19.07 9.62 -10.84
N GLY D 396 18.27 8.83 -10.12
CA GLY D 396 16.87 8.67 -10.45
C GLY D 396 15.96 9.70 -9.80
N GLN D 397 16.15 9.95 -8.50
CA GLN D 397 15.30 10.85 -7.75
C GLN D 397 16.13 11.90 -7.02
N ALA D 398 15.53 13.06 -6.83
CA ALA D 398 16.18 14.20 -6.20
C ALA D 398 15.31 14.74 -5.08
N MET D 399 15.85 15.73 -4.35
CA MET D 399 15.14 16.32 -3.22
C MET D 399 15.38 17.82 -3.20
N TYR D 400 14.37 18.55 -2.73
CA TYR D 400 14.48 19.98 -2.48
C TYR D 400 14.88 20.20 -1.01
N ALA D 401 15.03 21.46 -0.63
CA ALA D 401 15.34 21.79 0.76
C ALA D 401 14.84 23.20 1.06
N PRO D 402 13.84 23.35 1.93
CA PRO D 402 13.24 24.66 2.13
C PRO D 402 14.23 25.62 2.76
N PRO D 403 14.12 26.92 2.46
CA PRO D 403 15.01 27.89 3.09
C PRO D 403 14.75 27.96 4.59
N ILE D 404 15.82 28.23 5.34
CA ILE D 404 15.76 28.31 6.79
C ILE D 404 16.11 29.74 7.19
N GLN D 405 15.18 30.40 7.87
CA GLN D 405 15.34 31.80 8.19
C GLN D 405 16.25 32.00 9.40
N GLY D 406 16.94 33.14 9.42
CA GLY D 406 17.91 33.44 10.45
C GLY D 406 19.32 33.10 10.03
N VAL D 407 20.25 33.44 10.90
CA VAL D 407 21.68 33.17 10.68
C VAL D 407 21.99 31.79 11.20
N ILE D 408 22.80 31.04 10.45
CA ILE D 408 23.13 29.65 10.77
C ILE D 408 24.62 29.57 11.10
N ARG D 409 24.93 28.85 12.18
CA ARG D 409 26.29 28.70 12.65
C ARG D 409 26.48 27.31 13.22
N CYS D 410 27.65 26.71 12.96
CA CYS D 410 28.00 25.39 13.46
C CYS D 410 29.42 25.42 14.02
N VAL D 411 29.63 24.69 15.10
CA VAL D 411 30.94 24.43 15.65
C VAL D 411 31.12 22.92 15.70
N SER D 412 32.10 22.40 14.95
CA SER D 412 32.25 20.95 14.85
C SER D 412 33.71 20.58 15.00
N ASN D 413 33.95 19.29 15.24
CA ASN D 413 35.25 18.75 15.58
C ASN D 413 35.67 17.72 14.54
N ILE D 414 36.61 18.10 13.67
CA ILE D 414 37.16 17.22 12.65
C ILE D 414 37.96 16.12 13.33
N THR D 415 37.58 14.86 13.08
CA THR D 415 38.23 13.70 13.64
C THR D 415 39.13 12.95 12.66
N GLY D 416 38.76 12.89 11.37
CA GLY D 416 39.50 12.05 10.45
C GLY D 416 39.74 12.60 9.06
N LEU D 417 40.30 11.75 8.19
CA LEU D 417 40.63 12.12 6.81
C LEU D 417 40.47 10.91 5.91
N ILE D 418 40.18 11.19 4.63
CA ILE D 418 40.14 10.19 3.57
C ILE D 418 41.05 10.68 2.45
N LEU D 419 42.06 9.89 2.09
CA LEU D 419 43.07 10.32 1.15
C LEU D 419 43.23 9.31 0.02
N THR D 420 43.85 9.76 -1.07
CA THR D 420 44.27 8.90 -2.17
C THR D 420 45.69 9.28 -2.56
N ARG D 421 46.42 8.33 -3.12
CA ARG D 421 47.83 8.52 -3.46
C ARG D 421 47.99 8.45 -4.98
N ASP D 422 48.73 9.40 -5.53
CA ASP D 422 49.01 9.41 -6.95
C ASP D 422 50.01 8.30 -7.29
N GLY D 423 49.70 7.51 -8.31
CA GLY D 423 50.51 6.38 -8.68
C GLY D 423 51.65 6.74 -9.61
N GLY D 424 52.33 5.71 -10.10
CA GLY D 424 53.42 5.90 -11.03
C GLY D 424 54.72 6.35 -10.41
N SER D 425 54.86 6.23 -9.10
CA SER D 425 56.09 6.64 -8.43
C SER D 425 57.08 5.48 -8.34
N THR D 429 60.09 8.02 -4.68
CA THR D 429 60.13 9.16 -3.78
C THR D 429 59.04 10.18 -4.12
N THR D 430 58.93 11.22 -3.29
CA THR D 430 57.99 12.33 -3.51
C THR D 430 56.56 11.84 -3.69
N GLU D 431 56.10 10.99 -2.78
CA GLU D 431 54.70 10.57 -2.76
C GLU D 431 53.81 11.77 -2.45
N THR D 432 52.73 11.92 -3.22
CA THR D 432 51.77 13.00 -3.02
C THR D 432 50.39 12.43 -2.75
N PHE D 433 49.62 13.13 -1.93
CA PHE D 433 48.31 12.66 -1.48
C PHE D 433 47.26 13.73 -1.74
N ARG D 434 46.11 13.32 -2.27
CA ARG D 434 44.97 14.17 -2.56
C ARG D 434 43.78 13.79 -1.69
N PRO D 435 42.92 14.73 -1.36
CA PRO D 435 41.67 14.37 -0.66
C PRO D 435 40.70 13.69 -1.61
N GLY D 436 39.91 12.76 -1.06
CA GLY D 436 38.94 12.05 -1.86
C GLY D 436 37.83 11.49 -1.00
N GLY D 437 36.78 11.03 -1.67
CA GLY D 437 35.64 10.46 -0.99
C GLY D 437 34.48 10.12 -1.91
N GLY D 438 33.26 10.35 -1.45
CA GLY D 438 32.07 10.14 -2.24
C GLY D 438 31.33 8.85 -1.95
N ASP D 439 31.95 7.89 -1.28
CA ASP D 439 31.33 6.62 -0.93
C ASP D 439 31.08 6.59 0.57
N MET D 440 29.82 6.42 0.95
CA MET D 440 29.46 6.50 2.37
C MET D 440 29.92 5.28 3.16
N ARG D 441 30.19 4.16 2.49
CA ARG D 441 30.68 2.99 3.23
C ARG D 441 32.02 3.27 3.89
N ASP D 442 32.84 4.13 3.29
CA ASP D 442 34.06 4.56 3.97
C ASP D 442 33.75 5.38 5.21
N ASN D 443 32.69 6.19 5.16
CA ASN D 443 32.27 6.94 6.34
C ASN D 443 31.79 6.01 7.45
N TRP D 444 31.02 4.99 7.11
CA TRP D 444 30.48 4.12 8.14
C TRP D 444 31.54 3.16 8.67
N ARG D 445 32.49 2.77 7.83
CA ARG D 445 33.50 1.80 8.20
C ARG D 445 34.47 2.34 9.25
N SER D 446 34.63 3.65 9.33
CA SER D 446 35.51 4.25 10.32
C SER D 446 34.95 4.14 11.73
N GLU D 447 33.68 3.76 11.89
CA GLU D 447 33.08 3.56 13.20
C GLU D 447 32.94 2.09 13.58
N LEU D 448 32.73 1.20 12.60
CA LEU D 448 32.51 -0.22 12.83
C LEU D 448 33.74 -1.05 12.52
N TYR D 449 34.94 -0.54 12.77
CA TYR D 449 36.14 -1.31 12.47
C TYR D 449 36.50 -2.29 13.58
N LYS D 450 35.92 -2.14 14.77
CA LYS D 450 36.25 -3.01 15.89
C LYS D 450 35.17 -4.04 16.21
N TYR D 451 33.93 -3.81 15.79
CA TYR D 451 32.85 -4.73 16.10
C TYR D 451 32.79 -5.88 15.11
N LYS D 452 32.26 -7.02 15.56
CA LYS D 452 31.91 -8.11 14.65
C LYS D 452 30.79 -8.92 15.30
N VAL D 453 30.10 -9.71 14.49
CA VAL D 453 28.94 -10.48 14.94
C VAL D 453 29.28 -11.97 14.89
N VAL D 454 28.90 -12.68 15.94
CA VAL D 454 29.14 -14.12 16.04
C VAL D 454 27.88 -14.82 16.52
N LYS D 455 27.78 -16.09 16.16
CA LYS D 455 26.62 -16.94 16.48
C LYS D 455 27.04 -18.00 17.50
N ILE D 456 26.21 -18.19 18.52
CA ILE D 456 26.52 -19.10 19.62
C ILE D 456 26.01 -20.49 19.26
N GLU D 457 26.86 -21.50 19.47
CA GLU D 457 26.52 -22.91 19.21
C GLU D 457 26.67 -23.68 20.51
N PRO D 458 25.59 -23.83 21.29
CA PRO D 458 25.68 -24.45 22.62
C PRO D 458 25.46 -25.97 22.63
N LEU D 459 26.22 -26.68 21.82
CA LEU D 459 26.23 -28.15 21.87
C LEU D 459 27.65 -28.65 21.69
N GLY D 460 28.07 -29.55 22.57
CA GLY D 460 29.38 -30.14 22.45
C GLY D 460 29.34 -31.61 22.81
N VAL D 461 30.28 -32.37 22.24
CA VAL D 461 30.46 -33.78 22.55
C VAL D 461 31.88 -33.98 23.03
N ALA D 462 32.04 -34.69 24.14
CA ALA D 462 33.36 -34.82 24.76
C ALA D 462 33.57 -36.25 25.27
N PRO D 463 34.82 -36.70 25.36
CA PRO D 463 35.09 -38.03 25.91
C PRO D 463 35.16 -37.99 27.43
N THR D 464 34.42 -38.90 28.07
CA THR D 464 34.38 -39.04 29.51
C THR D 464 34.19 -40.51 29.85
N ARG D 465 34.57 -40.87 31.08
CA ARG D 465 34.51 -42.25 31.54
C ARG D 465 33.13 -42.67 32.02
N CYS D 466 32.21 -41.74 32.21
CA CYS D 466 30.89 -42.09 32.73
C CYS D 466 30.11 -42.92 31.70
N LYS D 467 29.32 -43.87 32.20
CA LYS D 467 28.48 -44.72 31.37
C LYS D 467 27.04 -44.58 31.81
N ARG D 468 26.14 -44.41 30.84
CA ARG D 468 24.73 -44.27 31.16
C ARG D 468 24.17 -45.57 31.72
N ARG D 469 23.28 -45.45 32.71
CA ARG D 469 22.68 -46.62 33.35
C ARG D 469 21.69 -47.31 32.41
N LEU E 1 -5.49 -55.43 29.33
CA LEU E 1 -4.66 -54.63 28.43
C LEU E 1 -4.64 -53.16 28.85
N TRP E 2 -3.61 -52.44 28.43
CA TRP E 2 -3.44 -51.04 28.80
C TRP E 2 -3.11 -50.22 27.56
N VAL E 3 -3.63 -49.00 27.52
CA VAL E 3 -3.39 -48.11 26.38
C VAL E 3 -1.98 -47.53 26.49
N THR E 4 -1.39 -47.22 25.34
CA THR E 4 -0.06 -46.62 25.26
C THR E 4 -0.09 -45.48 24.24
N VAL E 5 1.04 -44.78 24.11
CA VAL E 5 1.14 -43.61 23.24
C VAL E 5 2.37 -43.75 22.36
N TYR E 6 2.19 -43.54 21.05
CA TYR E 6 3.28 -43.49 20.09
C TYR E 6 3.34 -42.10 19.48
N TYR E 7 4.55 -41.54 19.39
CA TYR E 7 4.71 -40.20 18.85
C TYR E 7 5.12 -40.18 17.38
N GLY E 8 5.60 -41.29 16.83
CA GLY E 8 5.87 -41.32 15.41
C GLY E 8 5.07 -42.38 14.69
N VAL E 9 4.09 -41.98 13.89
CA VAL E 9 3.27 -42.93 13.15
C VAL E 9 3.03 -42.38 11.74
N PRO E 10 3.08 -43.21 10.70
CA PRO E 10 2.73 -42.72 9.36
C PRO E 10 1.23 -42.59 9.21
N VAL E 11 0.73 -41.36 9.31
CA VAL E 11 -0.69 -41.05 9.19
C VAL E 11 -0.81 -39.69 8.51
N TRP E 12 -1.76 -39.57 7.59
CA TRP E 12 -1.97 -38.32 6.89
C TRP E 12 -3.45 -38.06 6.71
N LYS E 13 -3.78 -36.78 6.54
CA LYS E 13 -5.16 -36.34 6.35
C LYS E 13 -5.18 -35.24 5.29
N ASP E 14 -6.37 -34.96 4.77
CA ASP E 14 -6.53 -33.95 3.73
C ASP E 14 -6.73 -32.58 4.36
N ALA E 15 -5.91 -31.61 3.94
CA ALA E 15 -6.02 -30.25 4.42
C ALA E 15 -5.35 -29.30 3.43
N GLU E 16 -5.68 -28.03 3.55
CA GLU E 16 -5.17 -26.98 2.65
C GLU E 16 -4.30 -26.00 3.42
N THR E 17 -3.16 -25.64 2.83
CA THR E 17 -2.19 -24.75 3.46
C THR E 17 -1.53 -23.87 2.41
N THR E 18 -0.64 -23.01 2.88
CA THR E 18 0.17 -22.17 2.00
C THR E 18 1.41 -22.92 1.56
N LEU E 19 1.65 -22.93 0.25
CA LEU E 19 2.81 -23.59 -0.34
C LEU E 19 3.79 -22.53 -0.80
N PHE E 20 5.05 -22.68 -0.45
CA PHE E 20 6.04 -21.67 -0.79
C PHE E 20 6.85 -22.11 -2.02
N CYS E 21 7.68 -21.19 -2.50
CA CYS E 21 8.40 -21.34 -3.75
C CYS E 21 9.85 -21.72 -3.53
N ALA E 22 10.36 -22.56 -4.43
CA ALA E 22 11.76 -22.93 -4.48
C ALA E 22 12.20 -23.00 -5.93
N SER E 23 13.39 -22.46 -6.20
CA SER E 23 13.91 -22.43 -7.57
C SER E 23 15.43 -22.51 -7.57
N HIS E 33 15.51 -9.62 -14.87
CA HIS E 33 14.55 -10.14 -13.90
C HIS E 33 13.34 -10.75 -14.59
N ASN E 34 12.30 -11.04 -13.82
CA ASN E 34 11.12 -11.73 -14.32
C ASN E 34 9.86 -11.03 -13.81
N VAL E 35 8.75 -11.25 -14.53
CA VAL E 35 7.46 -10.80 -14.02
C VAL E 35 7.05 -11.62 -12.81
N TRP E 36 7.29 -12.93 -12.85
CA TRP E 36 7.15 -13.77 -11.66
C TRP E 36 8.46 -13.72 -10.88
N ALA E 37 8.43 -13.17 -9.67
CA ALA E 37 9.63 -12.79 -8.95
C ALA E 37 10.42 -14.04 -8.58
N THR E 38 11.56 -14.23 -9.24
CA THR E 38 12.47 -15.32 -8.96
C THR E 38 13.78 -14.72 -8.43
N HIS E 39 14.52 -15.53 -7.67
CA HIS E 39 15.65 -15.17 -6.81
C HIS E 39 15.13 -14.58 -5.50
N ALA E 40 13.82 -14.42 -5.36
CA ALA E 40 13.18 -14.25 -4.07
C ALA E 40 12.67 -15.58 -3.51
N CYS E 41 12.94 -16.67 -4.22
CA CYS E 41 12.57 -18.01 -3.80
C CYS E 41 13.78 -18.70 -3.19
N VAL E 42 13.55 -19.57 -2.22
CA VAL E 42 14.66 -20.27 -1.57
C VAL E 42 15.32 -21.21 -2.57
N PRO E 43 16.66 -21.21 -2.68
CA PRO E 43 17.32 -22.15 -3.59
C PRO E 43 17.01 -23.59 -3.22
N THR E 44 16.89 -24.43 -4.24
CA THR E 44 16.60 -25.84 -4.03
C THR E 44 17.84 -26.70 -4.27
N PRO E 48 17.63 -33.55 -4.97
CA PRO E 48 16.48 -33.80 -4.11
C PRO E 48 16.27 -35.28 -3.76
N GLN E 49 15.37 -35.54 -2.81
CA GLN E 49 15.08 -36.88 -2.34
C GLN E 49 13.62 -37.21 -2.61
N GLU E 50 13.37 -38.38 -3.18
CA GLU E 50 12.02 -38.86 -3.45
C GLU E 50 11.89 -40.26 -2.88
N ILE E 51 10.84 -40.49 -2.10
CA ILE E 51 10.61 -41.76 -1.40
C ILE E 51 9.40 -42.43 -2.02
N HIS E 52 9.52 -43.73 -2.30
CA HIS E 52 8.44 -44.52 -2.87
C HIS E 52 7.74 -45.28 -1.74
N LEU E 53 6.49 -44.93 -1.47
CA LEU E 53 5.71 -45.62 -0.45
C LEU E 53 5.09 -46.87 -1.05
N GLU E 54 5.40 -48.03 -0.48
CA GLU E 54 4.99 -49.31 -1.04
C GLU E 54 3.74 -49.82 -0.35
N ASN E 55 2.91 -50.53 -1.13
CA ASN E 55 1.69 -51.15 -0.62
C ASN E 55 0.71 -50.13 -0.07
N VAL E 56 0.64 -48.96 -0.70
CA VAL E 56 -0.29 -47.91 -0.32
C VAL E 56 -1.07 -47.46 -1.55
N THR E 57 -2.38 -47.29 -1.38
CA THR E 57 -3.26 -46.78 -2.43
C THR E 57 -4.09 -45.64 -1.87
N GLU E 58 -4.14 -44.53 -2.60
CA GLU E 58 -4.89 -43.36 -2.16
C GLU E 58 -5.61 -42.75 -3.36
N GLU E 59 -6.69 -42.03 -3.06
CA GLU E 59 -7.58 -41.46 -4.07
C GLU E 59 -7.20 -40.01 -4.35
N PHE E 60 -7.12 -39.66 -5.62
CA PHE E 60 -6.78 -38.31 -6.07
C PHE E 60 -7.94 -37.74 -6.87
N ASN E 61 -8.27 -36.47 -6.62
CA ASN E 61 -9.27 -35.73 -7.38
C ASN E 61 -8.65 -34.43 -7.87
N MET E 62 -8.35 -34.35 -9.17
CA MET E 62 -7.71 -33.15 -9.69
C MET E 62 -8.68 -32.01 -9.94
N TRP E 63 -9.99 -32.28 -9.89
CA TRP E 63 -10.98 -31.27 -10.20
C TRP E 63 -11.42 -30.48 -8.97
N LYS E 64 -10.96 -30.87 -7.78
CA LYS E 64 -11.14 -30.09 -6.56
C LYS E 64 -9.80 -29.87 -5.86
N ASN E 65 -8.69 -30.01 -6.59
CA ASN E 65 -7.38 -29.73 -6.02
C ASN E 65 -7.28 -28.26 -5.63
N ASN E 66 -6.73 -28.00 -4.45
CA ASN E 66 -6.60 -26.64 -3.95
C ASN E 66 -5.32 -25.99 -4.43
N MET E 67 -4.33 -26.77 -4.85
CA MET E 67 -3.06 -26.22 -5.30
C MET E 67 -3.20 -25.42 -6.59
N VAL E 68 -4.34 -25.49 -7.27
CA VAL E 68 -4.54 -24.75 -8.51
C VAL E 68 -4.95 -23.31 -8.22
N GLU E 69 -5.93 -23.14 -7.31
CA GLU E 69 -6.40 -21.79 -6.97
C GLU E 69 -5.28 -20.97 -6.34
N GLN E 70 -4.51 -21.58 -5.45
CA GLN E 70 -3.41 -20.87 -4.80
C GLN E 70 -2.40 -20.37 -5.81
N MET E 71 -2.02 -21.22 -6.77
CA MET E 71 -1.05 -20.81 -7.76
C MET E 71 -1.63 -19.78 -8.72
N HIS E 72 -2.92 -19.87 -9.02
CA HIS E 72 -3.56 -18.85 -9.85
C HIS E 72 -3.49 -17.48 -9.19
N THR E 73 -3.89 -17.40 -7.91
CA THR E 73 -3.84 -16.11 -7.23
C THR E 73 -2.42 -15.65 -6.96
N ASP E 74 -1.47 -16.57 -6.80
CA ASP E 74 -0.08 -16.17 -6.64
C ASP E 74 0.47 -15.56 -7.91
N ILE E 75 0.15 -16.13 -9.07
CA ILE E 75 0.63 -15.57 -10.34
C ILE E 75 -0.03 -14.23 -10.62
N ILE E 76 -1.32 -14.10 -10.30
CA ILE E 76 -1.98 -12.80 -10.45
C ILE E 76 -1.31 -11.75 -9.57
N SER E 77 -1.00 -12.13 -8.32
CA SER E 77 -0.34 -11.20 -7.40
C SER E 77 1.04 -10.81 -7.91
N LEU E 78 1.79 -11.77 -8.45
CA LEU E 78 3.11 -11.45 -8.99
C LEU E 78 3.01 -10.48 -10.17
N TRP E 79 2.04 -10.71 -11.05
CA TRP E 79 1.84 -9.79 -12.18
C TRP E 79 1.56 -8.37 -11.68
N ASP E 80 0.60 -8.25 -10.75
CA ASP E 80 0.25 -6.93 -10.24
C ASP E 80 1.42 -6.26 -9.54
N GLN E 81 2.19 -7.03 -8.76
CA GLN E 81 3.35 -6.48 -8.07
C GLN E 81 4.42 -6.02 -9.05
N SER E 82 4.64 -6.79 -10.11
CA SER E 82 5.68 -6.44 -11.07
C SER E 82 5.30 -5.26 -11.95
N LEU E 83 4.00 -5.00 -12.14
CA LEU E 83 3.59 -3.84 -12.93
C LEU E 83 3.50 -2.55 -12.13
N LYS E 84 3.85 -2.57 -10.84
CA LYS E 84 3.64 -1.40 -9.99
C LYS E 84 4.66 -0.29 -10.21
N PRO E 85 5.99 -0.56 -10.20
CA PRO E 85 6.94 0.56 -10.25
C PRO E 85 7.21 1.09 -11.65
N CYS E 86 6.37 0.76 -12.63
CA CYS E 86 6.62 1.11 -14.02
C CYS E 86 5.87 2.40 -14.40
N VAL E 87 6.14 2.87 -15.61
CA VAL E 87 5.63 4.15 -16.07
C VAL E 87 4.14 4.08 -16.36
N LYS E 88 3.42 5.14 -15.98
CA LYS E 88 2.01 5.27 -16.33
C LYS E 88 1.87 6.13 -17.57
N LEU E 89 1.09 5.64 -18.52
CA LEU E 89 0.91 6.28 -19.82
C LEU E 89 -0.35 7.12 -19.90
N THR E 90 -0.79 7.71 -18.78
CA THR E 90 -1.96 8.59 -18.81
C THR E 90 -1.87 9.74 -19.81
N PRO E 91 -0.71 10.37 -20.10
CA PRO E 91 -0.72 11.43 -21.13
C PRO E 91 -0.90 10.93 -22.55
N LEU E 92 -0.95 9.61 -22.76
CA LEU E 92 -1.10 9.05 -24.10
C LEU E 92 -2.55 8.85 -24.50
N CYS E 93 -3.50 9.21 -23.62
CA CYS E 93 -4.92 9.18 -23.96
C CYS E 93 -5.24 10.49 -24.64
N VAL E 94 -5.09 10.49 -25.97
CA VAL E 94 -5.10 11.72 -26.77
C VAL E 94 -5.65 11.36 -28.14
N THR E 95 -6.14 12.37 -28.86
CA THR E 95 -6.67 12.16 -30.21
C THR E 95 -5.52 12.03 -31.18
N LEU E 96 -5.34 10.84 -31.75
CA LEU E 96 -4.27 10.58 -32.70
C LEU E 96 -4.67 11.04 -34.10
N GLN E 97 -3.66 11.18 -34.96
CA GLN E 97 -3.88 11.44 -36.38
C GLN E 97 -3.15 10.34 -37.13
N CYS E 98 -3.89 9.29 -37.50
CA CYS E 98 -3.33 8.09 -38.10
C CYS E 98 -3.47 8.12 -39.62
N THR E 99 -2.51 7.49 -40.30
CA THR E 99 -2.55 7.36 -41.75
C THR E 99 -2.03 5.98 -42.12
N ASN E 100 -2.33 5.57 -43.35
CA ASN E 100 -1.95 4.24 -43.82
C ASN E 100 -0.45 4.15 -44.08
N VAL E 101 0.10 2.98 -43.80
CA VAL E 101 1.51 2.69 -44.06
C VAL E 101 1.60 1.87 -45.33
N THR E 102 2.35 2.37 -46.32
CA THR E 102 2.50 1.67 -47.59
C THR E 102 3.83 2.00 -48.24
N MET E 109 -0.45 -8.38 -45.66
CA MET E 109 -0.47 -7.50 -44.50
C MET E 109 -0.69 -6.05 -44.91
N ARG E 110 -1.79 -5.77 -45.59
CA ARG E 110 -2.14 -4.44 -46.05
C ARG E 110 -3.24 -3.88 -45.16
N GLY E 111 -3.02 -2.69 -44.62
CA GLY E 111 -3.95 -2.08 -43.69
C GLY E 111 -3.79 -2.50 -42.24
N GLU E 112 -2.82 -3.37 -41.94
CA GLU E 112 -2.60 -3.80 -40.57
C GLU E 112 -1.89 -2.74 -39.73
N LEU E 113 -0.97 -1.99 -40.33
CA LEU E 113 -0.18 -1.00 -39.61
C LEU E 113 -0.69 0.40 -39.89
N LYS E 114 -0.51 1.27 -38.89
CA LYS E 114 -0.87 2.67 -39.00
C LYS E 114 0.31 3.53 -38.57
N ASN E 115 0.36 4.75 -39.07
CA ASN E 115 1.39 5.72 -38.72
C ASN E 115 0.67 6.93 -38.15
N CYS E 116 0.78 7.14 -36.84
CA CYS E 116 -0.04 8.11 -36.14
C CYS E 116 0.82 9.17 -35.48
N SER E 117 0.41 10.43 -35.63
CA SER E 117 1.09 11.57 -35.03
C SER E 117 0.18 12.24 -34.02
N PHE E 118 0.78 12.78 -32.96
CA PHE E 118 0.03 13.38 -31.87
C PHE E 118 0.91 14.31 -31.06
N ASN E 119 0.25 15.17 -30.28
CA ASN E 119 0.91 16.09 -29.36
C ASN E 119 1.16 15.37 -28.04
N MET E 120 2.35 15.57 -27.48
CA MET E 120 2.71 14.97 -26.21
C MET E 120 3.38 16.00 -25.32
N THR E 121 3.24 15.83 -24.01
CA THR E 121 3.89 16.71 -23.06
C THR E 121 5.39 16.44 -23.02
N THR E 122 6.14 17.44 -22.59
CA THR E 122 7.59 17.35 -22.46
C THR E 122 7.98 17.61 -21.01
N GLU E 123 9.29 17.58 -20.75
CA GLU E 123 9.79 17.75 -19.39
C GLU E 123 9.52 19.14 -18.83
N LEU E 124 9.15 20.10 -19.66
CA LEU E 124 8.72 21.42 -19.21
C LEU E 124 7.21 21.48 -19.23
N ARG E 125 6.62 21.96 -18.14
CA ARG E 125 5.16 21.89 -17.97
C ARG E 125 4.42 22.76 -18.97
N ASP E 126 5.04 23.82 -19.47
CA ASP E 126 4.35 24.79 -20.32
C ASP E 126 4.71 24.65 -21.79
N LYS E 127 5.27 23.51 -22.21
CA LYS E 127 5.64 23.30 -23.60
C LYS E 127 5.19 21.92 -24.04
N LYS E 128 5.00 21.77 -25.35
CA LYS E 128 4.53 20.54 -25.97
C LYS E 128 5.51 20.10 -27.04
N GLN E 129 5.27 18.90 -27.57
CA GLN E 129 6.04 18.39 -28.70
C GLN E 129 5.11 17.58 -29.59
N LYS E 130 5.51 17.40 -30.84
CA LYS E 130 4.73 16.61 -31.79
C LYS E 130 5.54 15.38 -32.17
N VAL E 131 4.98 14.19 -31.90
CA VAL E 131 5.68 12.94 -32.14
C VAL E 131 4.80 12.03 -32.98
N TYR E 132 5.37 10.90 -33.39
CA TYR E 132 4.64 9.91 -34.17
C TYR E 132 5.11 8.51 -33.79
N SER E 133 4.27 7.53 -34.10
CA SER E 133 4.59 6.14 -33.82
C SER E 133 3.77 5.23 -34.74
N LEU E 134 4.22 3.99 -34.85
CA LEU E 134 3.55 2.99 -35.67
C LEU E 134 2.68 2.12 -34.78
N PHE E 135 1.38 2.12 -35.04
CA PHE E 135 0.41 1.40 -34.23
C PHE E 135 -0.28 0.33 -35.08
N TYR E 136 -0.52 -0.83 -34.47
CA TYR E 136 -1.27 -1.88 -35.13
C TYR E 136 -2.74 -1.49 -35.26
N ARG E 137 -3.43 -2.14 -36.20
CA ARG E 137 -4.85 -1.85 -36.39
C ARG E 137 -5.69 -2.30 -35.21
N LEU E 138 -5.28 -3.39 -34.53
CA LEU E 138 -6.05 -3.92 -33.42
C LEU E 138 -6.01 -3.04 -32.18
N ASP E 139 -5.16 -2.01 -32.15
CA ASP E 139 -4.97 -1.20 -30.96
C ASP E 139 -5.66 0.16 -31.03
N VAL E 140 -6.27 0.52 -32.15
CA VAL E 140 -6.87 1.83 -32.32
C VAL E 140 -8.30 1.69 -32.80
N VAL E 141 -9.14 2.67 -32.44
CA VAL E 141 -10.51 2.78 -32.91
C VAL E 141 -10.73 4.20 -33.39
N GLN E 142 -11.80 4.39 -34.14
CA GLN E 142 -12.14 5.69 -34.72
C GLN E 142 -13.09 6.46 -33.82
N ILE E 143 -13.10 7.77 -34.00
CA ILE E 143 -14.00 8.65 -33.25
C ILE E 143 -14.72 9.59 -34.21
N LYS E 156 -10.47 9.98 -39.60
CA LYS E 156 -9.03 10.15 -39.63
C LYS E 156 -8.48 10.25 -38.20
N GLU E 157 -9.34 10.66 -37.27
CA GLU E 157 -8.97 10.78 -35.86
C GLU E 157 -9.17 9.43 -35.18
N TYR E 158 -8.14 8.96 -34.49
CA TYR E 158 -8.17 7.68 -33.81
C TYR E 158 -7.86 7.84 -32.33
N ARG E 159 -8.12 6.77 -31.58
CA ARG E 159 -7.81 6.74 -30.16
C ARG E 159 -7.51 5.30 -29.76
N LEU E 160 -6.89 5.15 -28.60
CA LEU E 160 -6.59 3.82 -28.08
C LEU E 160 -7.88 3.12 -27.65
N ILE E 161 -7.82 1.79 -27.58
CA ILE E 161 -9.02 1.01 -27.27
C ILE E 161 -9.44 1.23 -25.82
N ASN E 162 -8.48 1.34 -24.91
CA ASN E 162 -8.77 1.33 -23.48
C ASN E 162 -9.12 2.71 -22.92
N CYS E 163 -9.20 3.74 -23.75
CA CYS E 163 -9.38 5.10 -23.25
C CYS E 163 -10.71 5.31 -22.53
N ASN E 164 -11.67 4.40 -22.68
CA ASN E 164 -12.95 4.53 -22.01
C ASN E 164 -13.20 3.49 -20.93
N THR E 165 -12.46 2.39 -20.90
CA THR E 165 -12.68 1.35 -19.90
C THR E 165 -11.55 1.17 -18.89
N SER E 166 -10.31 1.54 -19.24
CA SER E 166 -9.19 1.17 -18.38
C SER E 166 -8.08 2.21 -18.46
N ALA E 167 -7.17 2.13 -17.49
CA ALA E 167 -5.98 2.96 -17.45
C ALA E 167 -4.77 2.09 -17.79
N ILE E 168 -3.93 2.56 -18.69
CA ILE E 168 -2.86 1.76 -19.28
C ILE E 168 -1.53 2.15 -18.66
N THR E 169 -0.72 1.15 -18.31
CA THR E 169 0.62 1.35 -17.81
C THR E 169 1.61 0.60 -18.68
N GLN E 170 2.81 1.15 -18.84
CA GLN E 170 3.83 0.55 -19.69
C GLN E 170 4.63 -0.49 -18.91
N ALA E 171 4.90 -1.62 -19.56
CA ALA E 171 5.72 -2.65 -18.96
C ALA E 171 7.19 -2.25 -19.03
N CYS E 172 7.89 -2.40 -17.91
CA CYS E 172 9.30 -2.04 -17.87
C CYS E 172 10.11 -2.95 -18.78
N PRO E 173 11.04 -2.41 -19.58
CA PRO E 173 11.83 -3.25 -20.48
C PRO E 173 12.80 -4.17 -19.76
N LYS E 174 13.18 -3.87 -18.51
CA LYS E 174 14.14 -4.71 -17.80
C LYS E 174 13.60 -6.11 -17.55
N VAL E 175 12.34 -6.21 -17.12
CA VAL E 175 11.77 -7.50 -16.77
C VAL E 175 11.53 -8.31 -18.04
N SER E 176 11.70 -9.63 -17.94
CA SER E 176 11.51 -10.54 -19.05
C SER E 176 10.28 -11.41 -18.81
N PHE E 177 9.57 -11.71 -19.89
CA PHE E 177 8.36 -12.52 -19.83
C PHE E 177 8.62 -14.01 -20.00
N GLU E 178 9.87 -14.43 -20.16
CA GLU E 178 10.17 -15.83 -20.42
C GLU E 178 9.87 -16.66 -19.17
N PRO E 179 9.12 -17.75 -19.29
CA PRO E 179 8.83 -18.59 -18.12
C PRO E 179 10.09 -19.26 -17.61
N ILE E 180 10.12 -19.45 -16.29
CA ILE E 180 11.20 -20.17 -15.61
C ILE E 180 10.57 -21.16 -14.64
N PRO E 181 11.08 -22.39 -14.56
CA PRO E 181 10.43 -23.40 -13.71
C PRO E 181 10.38 -22.97 -12.25
N ILE E 182 9.27 -23.32 -11.60
CA ILE E 182 9.01 -22.99 -10.20
C ILE E 182 8.60 -24.26 -9.48
N HIS E 183 9.23 -24.53 -8.34
CA HIS E 183 8.88 -25.68 -7.51
C HIS E 183 8.02 -25.22 -6.34
N TYR E 184 6.92 -25.91 -6.10
CA TYR E 184 6.05 -25.64 -4.97
C TYR E 184 6.35 -26.63 -3.86
N CYS E 185 6.68 -26.11 -2.68
CA CYS E 185 7.09 -26.92 -1.55
C CYS E 185 6.18 -26.65 -0.36
N ALA E 186 5.93 -27.71 0.43
CA ALA E 186 5.07 -27.75 1.59
C ALA E 186 5.84 -27.42 2.87
N PRO E 187 5.19 -26.83 3.85
CA PRO E 187 5.86 -26.52 5.11
C PRO E 187 6.20 -27.78 5.89
N ALA E 188 6.99 -27.60 6.95
CA ALA E 188 7.36 -28.71 7.80
C ALA E 188 6.11 -29.31 8.46
N GLY E 189 6.11 -30.62 8.62
CA GLY E 189 4.95 -31.32 9.11
C GLY E 189 3.90 -31.62 8.07
N PHE E 190 4.18 -31.34 6.80
CA PHE E 190 3.24 -31.51 5.72
C PHE E 190 3.91 -32.30 4.61
N ALA E 191 3.12 -33.04 3.83
CA ALA E 191 3.70 -33.90 2.81
C ALA E 191 2.95 -33.71 1.48
N ILE E 192 3.67 -33.98 0.40
CA ILE E 192 3.11 -33.97 -0.95
C ILE E 192 3.22 -35.38 -1.51
N LEU E 193 2.08 -35.96 -1.86
CA LEU E 193 2.00 -37.30 -2.42
C LEU E 193 1.67 -37.20 -3.91
N LYS E 194 2.38 -37.97 -4.73
CA LYS E 194 2.20 -37.94 -6.17
C LYS E 194 1.87 -39.32 -6.69
N CYS E 195 1.14 -39.36 -7.80
CA CYS E 195 0.68 -40.60 -8.41
C CYS E 195 1.60 -40.97 -9.56
N LYS E 196 2.17 -42.17 -9.49
CA LYS E 196 3.07 -42.66 -10.52
C LYS E 196 2.41 -43.63 -11.48
N ASP E 197 1.08 -43.75 -11.43
CA ASP E 197 0.38 -44.65 -12.33
C ASP E 197 0.32 -44.03 -13.73
N LYS E 198 0.79 -44.79 -14.73
CA LYS E 198 0.87 -44.26 -16.09
C LYS E 198 -0.51 -44.10 -16.72
N LYS E 199 -1.40 -45.07 -16.50
CA LYS E 199 -2.74 -45.02 -17.07
C LYS E 199 -3.75 -44.34 -16.17
N PHE E 200 -3.29 -43.43 -15.30
CA PHE E 200 -4.18 -42.74 -14.38
C PHE E 200 -4.98 -41.66 -15.09
N ASN E 201 -6.29 -41.64 -14.84
CA ASN E 201 -7.15 -40.58 -15.31
C ASN E 201 -7.35 -39.55 -14.19
N GLY E 202 -8.27 -38.63 -14.41
CA GLY E 202 -8.49 -37.54 -13.48
C GLY E 202 -8.82 -37.92 -12.04
N THR E 203 -9.44 -39.08 -11.85
CA THR E 203 -9.95 -39.45 -10.53
C THR E 203 -9.75 -40.94 -10.32
N GLY E 204 -9.80 -41.37 -9.07
CA GLY E 204 -9.69 -42.77 -8.73
C GLY E 204 -8.41 -43.10 -7.98
N PRO E 205 -8.39 -44.27 -7.34
CA PRO E 205 -7.20 -44.66 -6.58
C PRO E 205 -5.98 -44.85 -7.45
N CYS E 206 -4.82 -44.57 -6.87
CA CYS E 206 -3.53 -44.71 -7.56
C CYS E 206 -2.71 -45.82 -6.89
N PRO E 207 -2.57 -46.98 -7.53
CA PRO E 207 -1.82 -48.09 -6.89
C PRO E 207 -0.41 -47.74 -6.47
N SER E 208 0.32 -46.97 -7.29
CA SER E 208 1.71 -46.63 -7.02
C SER E 208 1.80 -45.19 -6.53
N VAL E 209 2.14 -45.01 -5.26
CA VAL E 209 2.22 -43.68 -4.66
C VAL E 209 3.68 -43.41 -4.32
N SER E 210 4.02 -42.16 -4.02
CA SER E 210 5.38 -41.75 -3.69
C SER E 210 5.29 -40.43 -2.94
N THR E 211 6.41 -40.04 -2.31
CA THR E 211 6.44 -38.87 -1.45
C THR E 211 7.57 -37.94 -1.88
N VAL E 212 7.23 -36.67 -2.11
CA VAL E 212 8.20 -35.61 -2.33
C VAL E 212 7.75 -34.41 -1.51
N GLN E 213 8.66 -33.48 -1.28
CA GLN E 213 8.34 -32.23 -0.61
C GLN E 213 8.46 -31.02 -1.52
N CYS E 214 8.88 -31.21 -2.77
CA CYS E 214 8.90 -30.14 -3.76
C CYS E 214 8.54 -30.73 -5.11
N THR E 215 7.67 -30.04 -5.85
CA THR E 215 7.21 -30.53 -7.13
C THR E 215 8.28 -30.29 -8.20
N HIS E 216 8.00 -30.79 -9.40
CA HIS E 216 8.89 -30.56 -10.53
C HIS E 216 8.69 -29.15 -11.07
N GLY E 217 9.61 -28.73 -11.94
CA GLY E 217 9.53 -27.41 -12.53
C GLY E 217 8.29 -27.22 -13.38
N ILE E 218 7.50 -26.20 -13.08
CA ILE E 218 6.25 -25.93 -13.78
C ILE E 218 6.39 -24.54 -14.42
N LYS E 219 6.74 -24.51 -15.69
CA LYS E 219 6.91 -23.24 -16.39
C LYS E 219 5.55 -22.59 -16.59
N PRO E 220 5.36 -21.34 -16.15
CA PRO E 220 4.07 -20.66 -16.36
C PRO E 220 3.93 -20.16 -17.79
N VAL E 221 3.10 -20.84 -18.57
CA VAL E 221 2.85 -20.49 -19.96
C VAL E 221 1.36 -20.20 -20.12
N VAL E 222 1.04 -19.15 -20.87
CA VAL E 222 -0.34 -18.77 -21.15
C VAL E 222 -0.68 -19.19 -22.58
N SER E 223 -1.78 -19.93 -22.72
CA SER E 223 -2.21 -20.44 -24.02
C SER E 223 -3.68 -20.80 -23.91
N THR E 224 -4.41 -20.62 -25.00
CA THR E 224 -5.85 -20.82 -24.96
C THR E 224 -6.34 -22.09 -25.63
N GLN E 225 -5.72 -22.54 -26.72
CA GLN E 225 -6.21 -23.71 -27.43
C GLN E 225 -5.22 -24.85 -27.51
N LEU E 226 -3.92 -24.59 -27.45
CA LEU E 226 -2.89 -25.61 -27.54
C LEU E 226 -1.90 -25.38 -26.42
N LEU E 227 -1.59 -26.42 -25.66
CA LEU E 227 -0.66 -26.31 -24.55
C LEU E 227 0.76 -26.45 -25.05
N LEU E 228 1.64 -25.54 -24.62
CA LEU E 228 3.00 -25.46 -25.12
C LEU E 228 3.99 -25.68 -23.98
N ASN E 229 5.12 -26.31 -24.32
CA ASN E 229 6.22 -26.51 -23.39
C ASN E 229 5.77 -27.24 -22.13
N GLY E 230 4.89 -28.24 -22.30
CA GLY E 230 4.33 -28.98 -21.20
C GLY E 230 5.08 -30.27 -20.94
N SER E 231 4.38 -31.20 -20.28
CA SER E 231 4.92 -32.52 -19.95
C SER E 231 4.14 -33.58 -20.70
N LEU E 232 4.87 -34.51 -21.31
CA LEU E 232 4.28 -35.55 -22.14
C LEU E 232 3.81 -36.73 -21.29
N ALA E 233 2.96 -37.56 -21.89
CA ALA E 233 2.47 -38.78 -21.25
C ALA E 233 3.33 -39.96 -21.70
N GLU E 234 3.78 -40.76 -20.73
CA GLU E 234 4.66 -41.87 -21.04
C GLU E 234 3.92 -42.97 -21.81
N GLU E 235 2.71 -43.32 -21.37
CA GLU E 235 2.00 -44.46 -21.94
C GLU E 235 1.38 -44.11 -23.29
N GLU E 236 0.44 -43.18 -23.30
CA GLU E 236 -0.35 -42.89 -24.50
C GLU E 236 -1.17 -41.63 -24.24
N VAL E 237 -1.86 -41.19 -25.29
CA VAL E 237 -2.80 -40.07 -25.16
C VAL E 237 -3.81 -40.37 -24.06
N MET E 238 -4.12 -39.35 -23.27
CA MET E 238 -5.07 -39.49 -22.17
C MET E 238 -6.10 -38.37 -22.23
N ILE E 239 -7.36 -38.72 -22.00
CA ILE E 239 -8.48 -37.79 -22.08
C ILE E 239 -9.13 -37.72 -20.70
N ARG E 240 -9.22 -36.50 -20.15
CA ARG E 240 -9.76 -36.29 -18.82
C ARG E 240 -10.76 -35.14 -18.84
N SER E 241 -11.94 -35.38 -18.26
CA SER E 241 -12.94 -34.36 -18.05
C SER E 241 -13.59 -34.60 -16.69
N GLU E 242 -14.21 -33.56 -16.15
CA GLU E 242 -14.88 -33.71 -14.85
C GLU E 242 -15.98 -34.76 -14.92
N ASN E 243 -16.91 -34.60 -15.86
CA ASN E 243 -17.95 -35.60 -16.11
C ASN E 243 -18.29 -35.52 -17.59
N ILE E 244 -17.89 -36.52 -18.36
CA ILE E 244 -17.92 -36.41 -19.82
C ILE E 244 -19.34 -36.31 -20.37
N THR E 245 -20.35 -36.72 -19.60
CA THR E 245 -21.72 -36.59 -20.07
C THR E 245 -22.13 -35.12 -20.19
N ASN E 246 -21.60 -34.26 -19.33
CA ASN E 246 -21.89 -32.83 -19.40
C ASN E 246 -21.08 -32.19 -20.52
N ASN E 247 -21.77 -31.56 -21.48
CA ASN E 247 -21.08 -30.93 -22.59
C ASN E 247 -20.54 -29.54 -22.24
N ALA E 248 -20.85 -29.02 -21.06
CA ALA E 248 -20.35 -27.73 -20.64
C ALA E 248 -18.96 -27.80 -20.02
N LYS E 249 -18.37 -28.98 -19.91
CA LYS E 249 -17.04 -29.15 -19.35
C LYS E 249 -16.03 -29.37 -20.48
N ASN E 250 -14.89 -28.69 -20.38
CA ASN E 250 -13.85 -28.84 -21.38
C ASN E 250 -13.18 -30.20 -21.24
N ILE E 251 -12.58 -30.65 -22.34
CA ILE E 251 -11.88 -31.93 -22.42
C ILE E 251 -10.40 -31.64 -22.62
N LEU E 252 -9.57 -32.23 -21.76
CA LEU E 252 -8.12 -32.02 -21.80
C LEU E 252 -7.47 -33.24 -22.43
N VAL E 253 -6.69 -33.02 -23.49
CA VAL E 253 -6.00 -34.07 -24.22
C VAL E 253 -4.51 -33.90 -24.00
N GLN E 254 -3.83 -34.98 -23.61
CA GLN E 254 -2.40 -34.96 -23.32
C GLN E 254 -1.67 -35.85 -24.31
N PHE E 255 -0.79 -35.25 -25.11
CA PHE E 255 -0.03 -35.98 -26.11
C PHE E 255 1.08 -36.80 -25.45
N ASN E 256 1.50 -37.86 -26.15
CA ASN E 256 2.63 -38.65 -25.71
C ASN E 256 3.92 -38.33 -26.45
N THR E 257 3.82 -37.63 -27.59
CA THR E 257 4.97 -37.17 -28.35
C THR E 257 4.74 -35.71 -28.73
N PRO E 258 5.78 -34.87 -28.69
CA PRO E 258 5.60 -33.46 -29.01
C PRO E 258 5.37 -33.25 -30.50
N VAL E 259 4.76 -32.11 -30.82
CA VAL E 259 4.51 -31.68 -32.18
C VAL E 259 5.18 -30.32 -32.33
N GLN E 260 6.33 -30.30 -33.02
CA GLN E 260 7.12 -29.08 -33.10
C GLN E 260 6.40 -28.00 -33.91
N ILE E 261 6.47 -26.76 -33.43
CA ILE E 261 5.87 -25.62 -34.07
C ILE E 261 6.90 -24.48 -34.10
N ASN E 262 7.00 -23.82 -35.26
CA ASN E 262 7.98 -22.75 -35.47
C ASN E 262 7.24 -21.45 -35.77
N CYS E 263 7.36 -20.47 -34.88
CA CYS E 263 6.68 -19.20 -35.04
C CYS E 263 7.69 -18.09 -35.29
N THR E 264 7.35 -17.18 -36.19
CA THR E 264 8.29 -16.11 -36.54
C THR E 264 7.54 -14.83 -36.88
N ARG E 265 8.22 -13.71 -36.63
CA ARG E 265 7.80 -12.38 -37.07
C ARG E 265 8.88 -11.81 -37.97
N PRO E 266 8.74 -11.88 -39.29
CA PRO E 266 9.84 -11.50 -40.18
C PRO E 266 10.19 -10.01 -40.15
N ASN E 267 9.30 -9.15 -39.69
CA ASN E 267 9.56 -7.71 -39.74
C ASN E 267 10.76 -7.33 -38.87
N ASN E 268 11.55 -6.37 -39.34
CA ASN E 268 12.67 -5.82 -38.60
C ASN E 268 12.24 -4.48 -38.02
N ASN E 269 12.16 -4.40 -36.69
CA ASN E 269 11.60 -3.25 -36.02
C ASN E 269 12.70 -2.37 -35.43
N THR E 270 12.41 -1.08 -35.32
CA THR E 270 13.29 -0.12 -34.69
C THR E 270 12.54 0.61 -33.60
N ARG E 271 13.18 0.80 -32.45
CA ARG E 271 12.55 1.40 -31.30
C ARG E 271 13.03 2.84 -31.11
N LYS E 272 12.17 3.66 -30.51
CA LYS E 272 12.44 5.06 -30.27
C LYS E 272 12.29 5.35 -28.78
N SER E 273 12.71 6.55 -28.38
CA SER E 273 12.49 7.02 -27.03
C SER E 273 11.93 8.44 -27.07
N ILE E 274 10.97 8.71 -26.19
CA ILE E 274 10.31 10.00 -26.13
C ILE E 274 10.24 10.44 -24.68
N ARG E 275 10.71 11.64 -24.39
CA ARG E 275 10.70 12.18 -23.03
C ARG E 275 9.33 12.79 -22.78
N ILE E 276 8.52 12.12 -21.94
CA ILE E 276 7.15 12.57 -21.70
C ILE E 276 7.01 13.30 -20.37
N GLY E 277 8.09 13.44 -19.62
CA GLY E 277 8.07 14.14 -18.34
C GLY E 277 9.43 14.12 -17.70
N PRO E 278 9.53 14.62 -16.46
CA PRO E 278 10.81 14.57 -15.77
C PRO E 278 11.21 13.14 -15.43
N GLY E 279 12.22 12.63 -16.13
CA GLY E 279 12.66 11.26 -15.93
C GLY E 279 11.63 10.21 -16.28
N GLN E 280 10.91 10.41 -17.38
CA GLN E 280 9.91 9.46 -17.85
C GLN E 280 9.99 9.32 -19.36
N ALA E 281 10.14 8.09 -19.84
CA ALA E 281 10.35 7.81 -21.24
C ALA E 281 9.29 6.85 -21.75
N PHE E 282 8.81 7.11 -22.97
CA PHE E 282 7.86 6.26 -23.68
C PHE E 282 8.53 5.73 -24.93
N TYR E 283 8.44 4.42 -25.13
CA TYR E 283 9.16 3.73 -26.20
C TYR E 283 8.22 3.52 -27.38
N ALA E 284 8.56 4.12 -28.52
CA ALA E 284 7.74 4.06 -29.72
C ALA E 284 8.49 3.33 -30.82
N THR E 285 7.74 2.90 -31.83
CA THR E 285 8.30 2.13 -32.93
C THR E 285 8.66 3.05 -34.09
N GLY E 286 9.86 2.89 -34.63
CA GLY E 286 10.26 3.58 -35.83
C GLY E 286 9.88 2.81 -37.08
N ASP E 287 10.35 3.30 -38.22
CA ASP E 287 10.03 2.67 -39.49
C ASP E 287 10.63 1.27 -39.57
N ILE E 288 9.92 0.38 -40.27
CA ILE E 288 10.39 -0.98 -40.48
C ILE E 288 11.45 -0.97 -41.57
N ILE E 289 12.58 -1.61 -41.29
CA ILE E 289 13.68 -1.69 -42.26
C ILE E 289 13.40 -2.83 -43.22
N GLY E 290 13.33 -2.51 -44.51
CA GLY E 290 13.04 -3.51 -45.52
C GLY E 290 11.55 -3.64 -45.81
N ASP E 291 11.21 -4.80 -46.37
CA ASP E 291 9.83 -5.08 -46.72
C ASP E 291 9.04 -5.51 -45.48
N ILE E 292 7.72 -5.42 -45.59
CA ILE E 292 6.81 -5.78 -44.51
C ILE E 292 6.12 -7.09 -44.88
N ARG E 293 6.26 -8.09 -44.02
CA ARG E 293 5.70 -9.41 -44.26
C ARG E 293 4.91 -9.86 -43.04
N GLN E 294 3.99 -10.79 -43.28
CA GLN E 294 3.13 -11.32 -42.22
C GLN E 294 3.90 -12.29 -41.33
N ALA E 295 3.62 -12.22 -40.03
CA ALA E 295 4.13 -13.21 -39.09
C ALA E 295 3.30 -14.48 -39.19
N HIS E 296 3.91 -15.62 -38.85
CA HIS E 296 3.22 -16.88 -39.04
C HIS E 296 3.83 -17.95 -38.14
N CYS E 297 3.25 -19.16 -38.24
CA CYS E 297 3.75 -20.35 -37.56
C CYS E 297 3.60 -21.54 -38.50
N ASN E 298 4.57 -22.44 -38.45
CA ASN E 298 4.60 -23.65 -39.26
C ASN E 298 4.50 -24.87 -38.36
N VAL E 299 3.70 -25.85 -38.77
CA VAL E 299 3.57 -27.13 -38.10
C VAL E 299 3.65 -28.24 -39.16
N SER E 300 4.11 -29.42 -38.74
CA SER E 300 4.27 -30.54 -39.66
C SER E 300 2.94 -31.23 -39.93
N LYS E 301 2.72 -31.60 -41.20
CA LYS E 301 1.44 -32.18 -41.59
C LYS E 301 1.32 -33.65 -41.17
N ALA E 302 2.36 -34.46 -41.41
CA ALA E 302 2.27 -35.89 -41.12
C ALA E 302 2.17 -36.15 -39.62
N THR E 303 2.96 -35.44 -38.82
CA THR E 303 2.93 -35.63 -37.38
C THR E 303 1.57 -35.26 -36.81
N TRP E 304 0.98 -34.17 -37.31
CA TRP E 304 -0.35 -33.79 -36.86
C TRP E 304 -1.42 -34.75 -37.34
N ASN E 305 -1.26 -35.32 -38.54
CA ASN E 305 -2.23 -36.28 -39.06
C ASN E 305 -2.13 -37.64 -38.35
N GLU E 306 -1.02 -37.92 -37.68
CA GLU E 306 -0.93 -39.11 -36.83
C GLU E 306 -1.41 -38.84 -35.41
N THR E 307 -1.09 -37.67 -34.85
CA THR E 307 -1.58 -37.34 -33.52
C THR E 307 -3.10 -37.24 -33.50
N LEU E 308 -3.69 -36.68 -34.56
CA LEU E 308 -5.14 -36.64 -34.65
C LEU E 308 -5.73 -38.05 -34.69
N GLY E 309 -5.08 -38.97 -35.41
CA GLY E 309 -5.58 -40.34 -35.43
C GLY E 309 -5.54 -41.00 -34.07
N LYS E 310 -4.43 -40.82 -33.35
CA LYS E 310 -4.35 -41.37 -31.99
C LYS E 310 -5.40 -40.76 -31.08
N VAL E 311 -5.60 -39.44 -31.19
CA VAL E 311 -6.61 -38.77 -30.38
C VAL E 311 -8.00 -39.33 -30.71
N VAL E 312 -8.29 -39.53 -32.00
CA VAL E 312 -9.59 -40.04 -32.41
C VAL E 312 -9.81 -41.44 -31.85
N LYS E 313 -8.77 -42.28 -31.86
CA LYS E 313 -8.92 -43.63 -31.32
C LYS E 313 -9.21 -43.59 -29.81
N GLN E 314 -8.40 -42.84 -29.06
CA GLN E 314 -8.59 -42.80 -27.61
C GLN E 314 -9.92 -42.14 -27.24
N LEU E 315 -10.40 -41.21 -28.06
CA LEU E 315 -11.71 -40.60 -27.83
C LEU E 315 -12.84 -41.52 -28.24
N ARG E 316 -12.63 -42.35 -29.25
CA ARG E 316 -13.61 -43.35 -29.67
C ARG E 316 -13.73 -44.46 -28.66
N LYS E 317 -12.74 -44.62 -27.78
CA LYS E 317 -12.91 -45.56 -26.67
C LYS E 317 -14.17 -45.26 -25.86
N HIS E 318 -14.41 -43.97 -25.56
CA HIS E 318 -15.55 -43.62 -24.71
C HIS E 318 -16.88 -43.77 -25.44
N PHE E 319 -16.95 -43.33 -26.70
CA PHE E 319 -18.17 -43.40 -27.47
C PHE E 319 -18.27 -44.73 -28.21
N GLY E 320 -19.39 -44.93 -28.89
CA GLY E 320 -19.56 -46.14 -29.67
C GLY E 320 -18.56 -46.22 -30.80
N ASN E 321 -18.24 -47.46 -31.20
CA ASN E 321 -17.30 -47.66 -32.30
C ASN E 321 -17.89 -47.27 -33.64
N ASN E 322 -19.23 -47.28 -33.77
CA ASN E 322 -19.86 -46.88 -35.01
C ASN E 322 -19.85 -45.37 -35.20
N THR E 323 -19.67 -44.60 -34.13
CA THR E 323 -19.69 -43.15 -34.22
C THR E 323 -18.49 -42.64 -35.01
N ILE E 324 -18.68 -41.50 -35.67
CA ILE E 324 -17.65 -40.86 -36.46
C ILE E 324 -17.29 -39.54 -35.79
N ILE E 325 -16.00 -39.20 -35.81
CA ILE E 325 -15.47 -38.06 -35.05
C ILE E 325 -15.14 -36.94 -36.02
N ARG E 326 -15.78 -35.79 -35.83
CA ARG E 326 -15.54 -34.62 -36.66
C ARG E 326 -14.58 -33.66 -35.95
N PHE E 327 -14.14 -32.64 -36.68
CA PHE E 327 -13.40 -31.53 -36.10
C PHE E 327 -13.83 -30.25 -36.80
N ALA E 328 -13.81 -29.16 -36.06
CA ALA E 328 -14.17 -27.86 -36.60
C ALA E 328 -13.46 -26.77 -35.81
N ASN E 329 -13.34 -25.60 -36.43
CA ASN E 329 -12.71 -24.47 -35.74
C ASN E 329 -13.70 -23.82 -34.78
N SER E 330 -13.19 -22.92 -33.95
CA SER E 330 -13.98 -22.37 -32.85
C SER E 330 -15.24 -21.69 -33.37
N SER E 331 -16.27 -21.68 -32.53
CA SER E 331 -17.56 -21.13 -32.93
C SER E 331 -17.57 -19.61 -32.86
N GLY E 332 -17.19 -19.04 -31.73
CA GLY E 332 -17.13 -17.60 -31.60
C GLY E 332 -16.58 -17.20 -30.25
N GLY E 333 -16.66 -15.90 -29.98
CA GLY E 333 -16.21 -15.41 -28.69
C GLY E 333 -15.33 -14.19 -28.77
N ASP E 334 -14.28 -14.17 -27.96
CA ASP E 334 -13.32 -13.08 -27.93
C ASP E 334 -12.21 -13.37 -28.93
N LEU E 335 -11.29 -12.40 -29.06
CA LEU E 335 -10.09 -12.65 -29.85
C LEU E 335 -9.09 -13.51 -29.11
N GLU E 336 -9.36 -13.86 -27.85
CA GLU E 336 -8.47 -14.71 -27.08
C GLU E 336 -8.87 -16.18 -27.13
N VAL E 337 -10.15 -16.48 -27.36
CA VAL E 337 -10.62 -17.86 -27.38
C VAL E 337 -10.85 -18.37 -28.79
N THR E 338 -11.05 -17.49 -29.77
CA THR E 338 -11.18 -17.92 -31.16
C THR E 338 -9.84 -18.24 -31.80
N THR E 339 -8.73 -17.75 -31.24
CA THR E 339 -7.41 -17.93 -31.80
C THR E 339 -6.45 -18.39 -30.71
N HIS E 340 -5.45 -19.17 -31.13
CA HIS E 340 -4.42 -19.64 -30.20
C HIS E 340 -3.50 -18.48 -29.86
N SER E 341 -3.58 -18.00 -28.63
CA SER E 341 -2.85 -16.81 -28.19
C SER E 341 -1.69 -17.21 -27.31
N PHE E 342 -0.54 -16.57 -27.52
CA PHE E 342 0.63 -16.88 -26.71
C PHE E 342 1.60 -15.71 -26.77
N ASN E 343 2.72 -15.88 -26.07
CA ASN E 343 3.80 -14.89 -26.03
C ASN E 343 5.06 -15.52 -26.59
N CYS E 344 5.64 -14.90 -27.61
CA CYS E 344 6.82 -15.40 -28.31
C CYS E 344 7.96 -14.41 -28.10
N GLY E 345 8.75 -14.64 -27.05
CA GLY E 345 9.91 -13.80 -26.79
C GLY E 345 9.58 -12.36 -26.50
N GLY E 346 8.57 -12.11 -25.67
CA GLY E 346 8.18 -10.76 -25.30
C GLY E 346 7.16 -10.11 -26.19
N GLU E 347 6.72 -10.77 -27.25
CA GLU E 347 5.72 -10.23 -28.17
C GLU E 347 4.53 -11.18 -28.22
N PHE E 348 3.34 -10.61 -28.37
CA PHE E 348 2.09 -11.36 -28.22
C PHE E 348 1.52 -11.74 -29.58
N PHE E 349 1.22 -13.03 -29.75
CA PHE E 349 0.76 -13.61 -31.00
C PHE E 349 -0.65 -14.16 -30.81
N TYR E 350 -1.48 -14.01 -31.86
CA TYR E 350 -2.84 -14.53 -31.89
C TYR E 350 -3.02 -15.30 -33.20
N CYS E 351 -2.65 -16.57 -33.20
CA CYS E 351 -2.59 -17.36 -34.43
C CYS E 351 -3.91 -18.05 -34.72
N ASN E 352 -4.26 -18.11 -36.01
CA ASN E 352 -5.50 -18.71 -36.48
C ASN E 352 -5.27 -20.20 -36.72
N THR E 353 -6.02 -21.05 -36.02
CA THR E 353 -5.87 -22.50 -36.09
C THR E 353 -7.06 -23.16 -36.76
N SER E 354 -7.59 -22.54 -37.81
CA SER E 354 -8.69 -23.15 -38.55
C SER E 354 -8.24 -24.30 -39.43
N GLY E 355 -6.98 -24.28 -39.88
CA GLY E 355 -6.49 -25.34 -40.74
C GLY E 355 -6.15 -26.62 -40.01
N LEU E 356 -5.86 -26.53 -38.71
CA LEU E 356 -5.50 -27.73 -37.95
C LEU E 356 -6.72 -28.59 -37.66
N PHE E 357 -7.86 -27.98 -37.37
CA PHE E 357 -9.04 -28.67 -36.85
C PHE E 357 -10.12 -28.85 -37.91
N ASN E 358 -9.75 -29.16 -39.14
CA ASN E 358 -10.72 -29.38 -40.22
C ASN E 358 -10.53 -30.79 -40.77
N SER E 359 -11.31 -31.74 -40.26
CA SER E 359 -11.22 -33.12 -40.70
C SER E 359 -12.44 -33.89 -40.20
N THR E 360 -12.64 -35.06 -40.79
CA THR E 360 -13.69 -36.00 -40.39
C THR E 360 -13.14 -37.40 -40.47
N TRP E 361 -13.33 -38.18 -39.40
CA TRP E 361 -12.77 -39.53 -39.29
C TRP E 361 -13.92 -40.51 -39.10
N ILE E 362 -14.01 -41.49 -39.99
CA ILE E 362 -15.07 -42.49 -39.97
C ILE E 362 -14.46 -43.86 -39.74
N SER E 363 -15.27 -44.77 -39.19
CA SER E 363 -14.85 -46.14 -38.93
C SER E 363 -16.06 -47.05 -38.80
N ASP E 377 5.89 -31.04 -46.93
CA ASP E 377 4.72 -30.17 -46.80
C ASP E 377 4.48 -29.80 -45.33
N SER E 378 3.87 -28.65 -45.11
CA SER E 378 3.61 -28.18 -43.75
C SER E 378 2.40 -27.25 -43.78
N ILE E 379 1.81 -27.04 -42.60
CA ILE E 379 0.67 -26.16 -42.42
C ILE E 379 1.16 -24.84 -41.85
N THR E 380 0.81 -23.74 -42.52
CA THR E 380 1.20 -22.40 -42.10
C THR E 380 0.00 -21.70 -41.49
N LEU E 381 0.18 -21.21 -40.26
CA LEU E 381 -0.91 -20.58 -39.50
C LEU E 381 -0.71 -19.08 -39.45
N PRO E 382 -1.55 -18.28 -40.11
CA PRO E 382 -1.40 -16.82 -40.01
C PRO E 382 -1.66 -16.34 -38.59
N CYS E 383 -0.95 -15.28 -38.20
CA CYS E 383 -1.03 -14.77 -36.85
C CYS E 383 -1.13 -13.25 -36.87
N ARG E 384 -1.69 -12.71 -35.79
CA ARG E 384 -1.83 -11.28 -35.57
C ARG E 384 -1.07 -10.88 -34.32
N ILE E 385 -0.69 -9.61 -34.24
CA ILE E 385 0.10 -9.09 -33.13
C ILE E 385 -0.63 -7.92 -32.51
N LYS E 386 -0.68 -7.90 -31.18
CA LYS E 386 -1.36 -6.85 -30.42
C LYS E 386 -0.43 -6.37 -29.32
N GLN E 387 -0.55 -5.09 -28.97
CA GLN E 387 0.30 -4.47 -27.96
C GLN E 387 -0.45 -4.09 -26.69
N ILE E 388 -1.69 -3.64 -26.80
CA ILE E 388 -2.52 -3.37 -25.61
C ILE E 388 -3.06 -4.70 -25.13
N ILE E 389 -2.56 -5.17 -23.98
CA ILE E 389 -2.85 -6.50 -23.48
C ILE E 389 -3.65 -6.39 -22.20
N ASN E 390 -4.85 -6.95 -22.20
CA ASN E 390 -5.68 -7.06 -21.01
C ASN E 390 -5.94 -8.53 -20.75
N MET E 391 -5.39 -9.06 -19.67
CA MET E 391 -5.42 -10.49 -19.41
C MET E 391 -5.83 -10.75 -17.97
N TRP E 392 -5.90 -12.04 -17.62
CA TRP E 392 -6.48 -12.53 -16.38
C TRP E 392 -7.97 -12.27 -16.28
N GLN E 393 -8.63 -12.02 -17.42
CA GLN E 393 -10.07 -11.80 -17.48
C GLN E 393 -10.52 -10.70 -16.52
N ARG E 394 -9.75 -9.61 -16.48
CA ARG E 394 -10.13 -8.41 -15.76
C ARG E 394 -10.49 -7.32 -16.77
N ILE E 395 -11.44 -6.46 -16.40
CA ILE E 395 -11.90 -5.42 -17.31
C ILE E 395 -11.53 -4.03 -16.79
N GLY E 396 -10.48 -3.94 -15.98
CA GLY E 396 -10.13 -2.66 -15.40
C GLY E 396 -8.68 -2.23 -15.50
N GLN E 397 -7.77 -3.16 -15.77
CA GLN E 397 -6.33 -2.88 -15.77
C GLN E 397 -5.72 -3.37 -17.08
N ALA E 398 -5.25 -2.43 -17.90
CA ALA E 398 -4.60 -2.73 -19.15
C ALA E 398 -3.08 -2.69 -18.97
N MET E 399 -2.37 -2.98 -20.07
CA MET E 399 -0.91 -2.99 -20.04
C MET E 399 -0.39 -2.76 -21.45
N TYR E 400 0.74 -2.06 -21.56
CA TYR E 400 1.38 -1.78 -22.83
C TYR E 400 2.71 -2.52 -22.91
N ALA E 401 2.91 -3.25 -24.01
CA ALA E 401 4.14 -4.01 -24.21
C ALA E 401 5.07 -3.24 -25.13
N PRO E 402 6.25 -2.84 -24.68
CA PRO E 402 7.13 -2.05 -25.54
C PRO E 402 7.56 -2.85 -26.74
N PRO E 403 7.77 -2.19 -27.89
CA PRO E 403 8.22 -2.90 -29.08
C PRO E 403 9.61 -3.47 -28.91
N ILE E 404 9.86 -4.57 -29.61
CA ILE E 404 11.14 -5.27 -29.57
C ILE E 404 11.79 -5.15 -30.94
N GLN E 405 13.05 -4.74 -30.98
CA GLN E 405 13.78 -4.56 -32.22
C GLN E 405 14.45 -5.86 -32.63
N GLY E 406 14.41 -6.15 -33.92
CA GLY E 406 14.99 -7.34 -34.48
C GLY E 406 13.95 -8.30 -35.05
N VAL E 407 14.37 -9.55 -35.21
CA VAL E 407 13.53 -10.61 -35.74
C VAL E 407 13.21 -11.58 -34.62
N ILE E 408 11.93 -11.93 -34.48
CA ILE E 408 11.45 -12.78 -33.39
C ILE E 408 11.23 -14.18 -33.92
N ARG E 409 11.82 -15.17 -33.25
CA ARG E 409 11.72 -16.57 -33.61
C ARG E 409 11.50 -17.41 -32.36
N CYS E 410 10.56 -18.35 -32.45
CA CYS E 410 10.27 -19.30 -31.38
C CYS E 410 10.15 -20.70 -31.96
N VAL E 411 10.73 -21.68 -31.29
CA VAL E 411 10.58 -23.09 -31.63
C VAL E 411 10.11 -23.82 -30.38
N SER E 412 8.92 -24.41 -30.44
CA SER E 412 8.35 -24.97 -29.23
C SER E 412 7.58 -26.24 -29.54
N ASN E 413 7.23 -26.97 -28.48
CA ASN E 413 6.45 -28.19 -28.58
C ASN E 413 4.97 -27.92 -28.35
N ILE E 414 4.15 -28.87 -28.78
CA ILE E 414 2.71 -28.87 -28.50
C ILE E 414 2.40 -30.15 -27.76
N THR E 415 1.94 -30.02 -26.51
CA THR E 415 1.82 -31.17 -25.62
C THR E 415 0.41 -31.30 -25.05
N GLY E 416 -0.60 -30.87 -25.78
CA GLY E 416 -1.97 -31.07 -25.32
C GLY E 416 -2.94 -30.11 -25.95
N LEU E 417 -4.21 -30.47 -25.86
CA LEU E 417 -5.30 -29.70 -26.45
C LEU E 417 -6.39 -29.51 -25.40
N ILE E 418 -7.18 -28.46 -25.59
CA ILE E 418 -8.38 -28.21 -24.79
C ILE E 418 -9.56 -28.09 -25.75
N LEU E 419 -10.56 -28.94 -25.60
CA LEU E 419 -11.64 -29.08 -26.56
C LEU E 419 -13.00 -28.91 -25.87
N THR E 420 -14.03 -28.72 -26.70
CA THR E 420 -15.42 -28.69 -26.24
C THR E 420 -16.23 -29.50 -27.24
N ARG E 421 -16.91 -30.53 -26.75
CA ARG E 421 -17.78 -31.34 -27.59
C ARG E 421 -19.16 -30.71 -27.70
N ASP E 422 -19.68 -30.62 -28.92
CA ASP E 422 -21.01 -30.10 -29.13
C ASP E 422 -22.06 -31.10 -28.67
N GLY E 423 -23.17 -30.59 -28.15
CA GLY E 423 -24.24 -31.43 -27.65
C GLY E 423 -25.54 -31.16 -28.38
N GLY E 424 -26.37 -32.20 -28.47
CA GLY E 424 -27.66 -32.09 -29.14
C GLY E 424 -28.05 -33.36 -29.87
N THR E 429 -25.32 -39.96 -35.22
CA THR E 429 -24.16 -40.78 -34.85
C THR E 429 -22.86 -40.08 -35.21
N THR E 430 -22.73 -38.82 -34.80
CA THR E 430 -21.53 -38.04 -35.07
C THR E 430 -21.35 -37.01 -33.96
N GLU E 431 -20.09 -36.75 -33.62
CA GLU E 431 -19.75 -35.78 -32.58
C GLU E 431 -18.72 -34.80 -33.12
N THR E 432 -18.94 -33.51 -32.88
CA THR E 432 -18.04 -32.46 -33.34
C THR E 432 -17.34 -31.84 -32.15
N PHE E 433 -16.00 -31.76 -32.22
CA PHE E 433 -15.17 -31.25 -31.15
C PHE E 433 -14.47 -29.99 -31.64
N ARG E 434 -14.67 -28.88 -30.94
CA ARG E 434 -14.08 -27.61 -31.34
C ARG E 434 -13.16 -27.07 -30.26
N PRO E 435 -12.02 -26.50 -30.61
CA PRO E 435 -11.09 -26.01 -29.58
C PRO E 435 -11.68 -24.86 -28.79
N GLY E 436 -11.39 -24.84 -27.50
CA GLY E 436 -11.85 -23.76 -26.63
C GLY E 436 -10.92 -23.61 -25.46
N GLY E 437 -10.89 -22.39 -24.91
CA GLY E 437 -10.07 -22.09 -23.75
C GLY E 437 -10.58 -20.87 -23.04
N GLY E 438 -9.65 -20.00 -22.65
CA GLY E 438 -9.98 -18.72 -22.06
C GLY E 438 -9.88 -18.68 -20.54
N ASP E 439 -9.94 -19.83 -19.87
CA ASP E 439 -9.80 -19.91 -18.42
C ASP E 439 -8.49 -20.61 -18.13
N MET E 440 -7.65 -20.00 -17.30
CA MET E 440 -6.28 -20.44 -17.12
C MET E 440 -6.12 -21.48 -16.03
N ARG E 441 -7.19 -21.87 -15.34
CA ARG E 441 -7.09 -22.91 -14.34
C ARG E 441 -6.98 -24.29 -14.95
N ASP E 442 -7.52 -24.48 -16.15
CA ASP E 442 -7.32 -25.75 -16.86
C ASP E 442 -5.85 -25.94 -17.21
N ASN E 443 -5.17 -24.86 -17.59
CA ASN E 443 -3.74 -24.94 -17.88
C ASN E 443 -2.95 -25.46 -16.68
N TRP E 444 -3.39 -25.13 -15.46
CA TRP E 444 -2.63 -25.58 -14.32
C TRP E 444 -3.09 -26.94 -13.84
N ARG E 445 -4.37 -27.25 -14.01
CA ARG E 445 -4.87 -28.60 -13.75
C ARG E 445 -4.15 -29.61 -14.63
N SER E 446 -3.75 -29.21 -15.83
CA SER E 446 -3.02 -30.11 -16.71
C SER E 446 -1.68 -30.54 -16.10
N GLU E 447 -1.11 -29.70 -15.23
CA GLU E 447 0.19 -30.00 -14.62
C GLU E 447 0.09 -30.56 -13.21
N LEU E 448 -0.92 -30.16 -12.43
CA LEU E 448 -1.01 -30.49 -11.02
C LEU E 448 -2.02 -31.59 -10.73
N TYR E 449 -2.16 -32.56 -11.63
CA TYR E 449 -3.12 -33.63 -11.40
C TYR E 449 -2.53 -34.73 -10.51
N LYS E 450 -1.21 -34.90 -10.52
CA LYS E 450 -0.58 -35.96 -9.75
C LYS E 450 -0.57 -35.65 -8.25
N TYR E 451 -0.23 -34.41 -7.90
CA TYR E 451 0.14 -34.08 -6.53
C TYR E 451 -1.07 -33.82 -5.65
N LYS E 452 -0.88 -34.06 -4.35
CA LYS E 452 -1.84 -33.67 -3.32
C LYS E 452 -1.08 -33.42 -2.03
N VAL E 453 -1.66 -32.60 -1.16
CA VAL E 453 -1.01 -32.17 0.06
C VAL E 453 -1.74 -32.76 1.26
N VAL E 454 -0.99 -33.23 2.24
CA VAL E 454 -1.53 -33.96 3.39
C VAL E 454 -0.91 -33.46 4.68
N LYS E 455 -1.77 -33.29 5.69
CA LYS E 455 -1.35 -33.10 7.07
C LYS E 455 -0.77 -34.40 7.63
N ILE E 456 0.25 -34.27 8.45
CA ILE E 456 0.84 -35.40 9.17
C ILE E 456 0.40 -35.31 10.62
N GLU E 457 -0.28 -36.36 11.10
CA GLU E 457 -0.73 -36.43 12.49
C GLU E 457 -0.02 -37.58 13.19
N PRO E 458 0.95 -37.31 14.07
CA PRO E 458 1.82 -38.36 14.60
C PRO E 458 1.42 -38.95 15.95
N LEU E 459 0.26 -38.62 16.50
CA LEU E 459 -0.16 -39.12 17.79
C LEU E 459 -1.15 -40.28 17.61
N GLY E 460 -0.89 -41.38 18.30
CA GLY E 460 -1.78 -42.53 18.26
C GLY E 460 -1.75 -43.27 19.59
N VAL E 461 -2.87 -43.90 19.92
CA VAL E 461 -3.04 -44.60 21.19
C VAL E 461 -3.47 -46.05 20.87
N ALA E 462 -2.49 -46.94 20.80
CA ALA E 462 -2.71 -48.34 20.42
C ALA E 462 -2.74 -49.24 21.64
N PRO E 463 -3.38 -50.41 21.54
CA PRO E 463 -3.36 -51.35 22.66
C PRO E 463 -2.06 -52.12 22.75
N THR E 464 -1.65 -52.45 23.97
CA THR E 464 -0.45 -53.23 24.21
C THR E 464 -0.53 -53.85 25.59
N ARG E 465 0.27 -54.90 25.80
CA ARG E 465 0.27 -55.64 27.06
C ARG E 465 1.45 -55.20 27.92
N CYS E 466 1.30 -54.02 28.54
CA CYS E 466 2.28 -53.54 29.50
C CYS E 466 1.63 -52.43 30.32
N LYS E 467 2.14 -52.25 31.54
CA LYS E 467 1.62 -51.26 32.46
C LYS E 467 2.75 -50.42 33.03
N ARG E 468 2.43 -49.19 33.41
CA ARG E 468 3.41 -48.24 33.93
C ARG E 468 3.64 -48.51 35.41
N ARG E 469 4.91 -48.61 35.79
CA ARG E 469 5.27 -48.88 37.18
C ARG E 469 5.00 -47.68 38.08
N VAL F 2 26.54 53.52 -1.58
CA VAL F 2 25.13 53.91 -1.63
C VAL F 2 24.99 55.41 -1.87
N GLN F 3 24.13 55.77 -2.81
CA GLN F 3 23.82 57.17 -3.08
C GLN F 3 22.32 57.34 -3.20
N LEU F 4 21.80 58.40 -2.56
CA LEU F 4 20.37 58.67 -2.53
C LEU F 4 20.13 59.97 -3.27
N LEU F 5 19.47 59.90 -4.44
CA LEU F 5 19.23 61.08 -5.27
C LEU F 5 17.74 61.39 -5.24
N GLU F 6 17.38 62.54 -4.66
CA GLU F 6 16.00 62.89 -4.39
C GLU F 6 15.46 63.82 -5.47
N SER F 7 14.16 63.71 -5.72
CA SER F 7 13.49 64.50 -6.76
C SER F 7 12.05 64.77 -6.36
N GLY F 8 11.62 65.99 -6.63
CA GLY F 8 10.26 66.42 -6.43
C GLY F 8 9.91 67.56 -7.37
N PRO F 9 8.64 67.68 -7.75
CA PRO F 9 8.26 68.67 -8.77
C PRO F 9 8.11 70.09 -8.23
N GLY F 10 9.12 70.93 -8.49
CA GLY F 10 9.04 72.37 -8.34
C GLY F 10 8.24 72.91 -7.16
N LEU F 11 7.27 73.78 -7.48
CA LEU F 11 6.35 74.32 -6.49
C LEU F 11 4.99 73.68 -6.67
N VAL F 12 4.31 73.40 -5.56
CA VAL F 12 3.08 72.63 -5.54
C VAL F 12 1.90 73.55 -5.27
N ARG F 13 0.77 73.24 -5.91
CA ARG F 13 -0.46 74.00 -5.68
C ARG F 13 -1.02 73.69 -4.29
N PRO F 14 -1.87 74.59 -3.77
CA PRO F 14 -2.44 74.36 -2.43
C PRO F 14 -3.21 73.06 -2.29
N SER F 15 -3.82 72.56 -3.38
CA SER F 15 -4.60 71.34 -3.33
C SER F 15 -3.98 70.18 -4.09
N GLU F 16 -3.02 70.45 -4.97
CA GLU F 16 -2.30 69.37 -5.65
C GLU F 16 -1.41 68.64 -4.65
N THR F 17 -1.33 67.32 -4.79
CA THR F 17 -0.62 66.49 -3.84
C THR F 17 0.87 66.47 -4.13
N LEU F 18 1.65 66.06 -3.13
CA LEU F 18 3.09 65.95 -3.26
C LEU F 18 3.49 64.55 -3.68
N THR F 19 4.40 64.46 -4.65
CA THR F 19 5.00 63.20 -5.07
C THR F 19 6.52 63.35 -4.99
N LEU F 20 7.13 62.59 -4.09
CA LEU F 20 8.55 62.66 -3.84
C LEU F 20 9.18 61.30 -4.11
N THR F 21 10.33 61.28 -4.77
CA THR F 21 10.99 60.00 -5.03
C THR F 21 12.50 60.17 -5.01
N CYS F 22 13.19 59.29 -4.29
CA CYS F 22 14.65 59.31 -4.26
C CYS F 22 15.18 57.96 -4.72
N SER F 23 15.87 57.95 -5.85
CA SER F 23 16.47 56.75 -6.38
C SER F 23 17.69 56.35 -5.56
N VAL F 24 17.90 55.04 -5.44
CA VAL F 24 19.04 54.48 -4.71
C VAL F 24 20.06 53.98 -5.72
N PHE F 25 21.33 54.15 -5.39
CA PHE F 25 22.43 53.69 -6.23
C PHE F 25 23.36 52.85 -5.36
N ASN F 26 23.76 51.69 -5.89
CA ASN F 26 24.57 50.71 -5.16
C ASN F 26 23.84 50.20 -3.93
N SER F 27 22.57 49.85 -4.10
CA SER F 27 21.77 49.29 -3.01
C SER F 27 20.59 48.53 -3.59
N ARG F 28 20.00 47.68 -2.74
CA ARG F 28 18.97 46.74 -3.19
C ARG F 28 17.56 47.26 -3.06
N VAL F 29 17.34 48.35 -2.31
CA VAL F 29 16.05 48.97 -1.97
C VAL F 29 15.20 47.88 -1.31
N SER F 30 15.86 46.91 -0.69
CA SER F 30 15.21 45.82 0.00
C SER F 30 16.11 45.36 1.14
N GLY F 31 15.50 44.96 2.24
CA GLY F 31 16.27 44.61 3.42
C GLY F 31 16.80 45.79 4.19
N TYR F 32 16.38 47.02 3.85
CA TYR F 32 16.82 48.22 4.54
C TYR F 32 15.61 49.10 4.82
N TYR F 33 15.58 49.69 6.02
CA TYR F 33 14.53 50.63 6.38
C TYR F 33 14.81 51.98 5.72
N TYR F 34 13.83 52.51 5.01
CA TYR F 34 13.97 53.80 4.32
C TYR F 34 13.00 54.80 4.93
N SER F 35 13.51 55.95 5.34
CA SER F 35 12.71 56.92 6.08
C SER F 35 12.81 58.29 5.44
N TRP F 36 11.77 59.10 5.70
CA TRP F 36 11.69 60.47 5.22
C TRP F 36 11.68 61.42 6.41
N ILE F 37 12.51 62.47 6.34
CA ILE F 37 12.60 63.49 7.38
C ILE F 37 12.43 64.84 6.71
N ARG F 38 11.80 65.78 7.42
CA ARG F 38 11.49 67.08 6.84
C ARG F 38 11.86 68.19 7.82
N GLN F 39 12.39 69.29 7.27
CA GLN F 39 12.70 70.46 8.09
C GLN F 39 12.22 71.73 7.39
N PRO F 40 11.47 72.58 8.06
CA PRO F 40 11.16 73.92 7.53
C PRO F 40 12.41 74.76 7.43
N PRO F 41 12.39 75.83 6.63
CA PRO F 41 13.61 76.64 6.45
C PRO F 41 14.19 77.16 7.76
N GLY F 42 13.35 77.59 8.69
CA GLY F 42 13.87 78.10 9.95
C GLY F 42 14.50 77.01 10.80
N ARG F 43 13.71 76.00 11.17
CA ARG F 43 14.19 74.87 11.95
C ARG F 43 13.23 73.71 11.74
N GLY F 44 13.70 72.51 12.05
CA GLY F 44 12.95 71.32 11.67
C GLY F 44 13.55 69.99 12.08
N LEU F 45 13.60 69.06 11.11
CA LEU F 45 14.00 67.66 11.30
C LEU F 45 12.90 66.82 11.95
N GLU F 46 11.66 67.02 11.54
CA GLU F 46 10.58 66.10 11.89
C GLU F 46 10.46 65.02 10.83
N TRP F 47 10.32 63.77 11.27
CA TRP F 47 10.36 62.63 10.37
C TRP F 47 8.94 62.28 9.93
N ILE F 48 8.76 62.07 8.62
CA ILE F 48 7.43 61.80 8.08
C ILE F 48 7.05 60.34 8.27
N ALA F 49 7.78 59.43 7.64
CA ALA F 49 7.39 58.02 7.61
C ALA F 49 8.62 57.15 7.43
N SER F 50 8.42 55.84 7.60
CA SER F 50 9.46 54.84 7.41
C SER F 50 8.86 53.62 6.75
N THR F 51 9.65 52.95 5.91
CA THR F 51 9.19 51.82 5.11
C THR F 51 10.20 50.69 5.17
N HIS F 52 9.70 49.48 4.96
CA HIS F 52 10.54 48.31 4.73
C HIS F 52 9.82 47.38 3.76
N PHE F 53 10.60 46.56 3.07
CA PHE F 53 10.03 45.67 2.06
C PHE F 53 9.20 44.57 2.71
N SER F 54 9.76 43.89 3.71
CA SER F 54 9.12 42.72 4.29
C SER F 54 8.81 42.87 5.79
N LEU F 55 8.95 44.06 6.35
CA LEU F 55 8.63 44.29 7.75
C LEU F 55 7.65 45.45 7.90
N ARG F 56 7.10 45.57 9.11
CA ARG F 56 6.03 46.53 9.36
C ARG F 56 6.54 47.96 9.30
N PRO F 57 5.89 48.84 8.57
CA PRO F 57 6.30 50.25 8.52
C PRO F 57 5.78 51.01 9.74
N SER F 58 5.99 52.32 9.72
CA SER F 58 5.49 53.22 10.76
C SER F 58 5.17 54.57 10.15
N ARG F 59 4.22 55.27 10.76
CA ARG F 59 3.79 56.58 10.29
C ARG F 59 3.72 57.57 11.44
N ASN F 60 3.85 58.85 11.11
CA ASN F 60 3.73 59.90 12.11
C ASN F 60 2.27 60.08 12.49
N PRO F 61 1.92 60.00 13.78
CA PRO F 61 0.52 60.19 14.17
C PRO F 61 -0.05 61.54 13.76
N SER F 62 0.76 62.60 13.77
CA SER F 62 0.29 63.92 13.36
C SER F 62 0.08 64.02 11.85
N LEU F 63 0.56 63.04 11.07
CA LEU F 63 0.37 63.06 9.62
C LEU F 63 -0.11 61.71 9.09
N LEU F 64 -0.57 60.81 9.96
CA LEU F 64 -1.00 59.48 9.53
C LEU F 64 -2.14 59.53 8.53
N SER F 65 -2.90 60.62 8.49
CA SER F 65 -4.10 60.69 7.66
C SER F 65 -3.77 60.58 6.18
N ARG F 66 -2.70 61.24 5.73
CA ARG F 66 -2.43 61.40 4.30
C ARG F 66 -1.12 60.80 3.84
N VAL F 67 -0.44 60.01 4.66
CA VAL F 67 0.82 59.39 4.26
C VAL F 67 0.51 58.06 3.56
N THR F 68 0.80 57.99 2.26
CA THR F 68 0.67 56.76 1.47
C THR F 68 1.98 56.57 0.72
N THR F 69 2.94 55.93 1.37
CA THR F 69 4.28 55.73 0.85
C THR F 69 4.48 54.28 0.41
N SER F 70 5.34 54.09 -0.59
CA SER F 70 5.57 52.77 -1.17
C SER F 70 6.99 52.69 -1.72
N ILE F 71 7.36 51.50 -2.19
CA ILE F 71 8.67 51.25 -2.76
C ILE F 71 8.52 50.46 -4.05
N ASP F 72 9.52 50.57 -4.92
CA ASP F 72 9.54 49.87 -6.21
C ASP F 72 10.88 49.17 -6.34
N THR F 73 10.84 47.84 -6.48
CA THR F 73 12.04 47.01 -6.50
C THR F 73 12.69 46.94 -7.88
N GLU F 74 11.89 46.90 -8.94
CA GLU F 74 12.47 46.81 -10.29
C GLU F 74 13.28 48.04 -10.62
N ARG F 75 12.77 49.24 -10.29
CA ARG F 75 13.44 50.48 -10.59
C ARG F 75 14.18 51.07 -9.40
N TYR F 76 14.17 50.39 -8.24
CA TYR F 76 14.97 50.78 -7.08
C TYR F 76 14.58 52.14 -6.53
N GLN F 77 13.29 52.44 -6.45
CA GLN F 77 12.84 53.77 -6.00
C GLN F 77 11.96 53.66 -4.76
N VAL F 78 11.75 54.82 -4.12
CA VAL F 78 10.87 54.95 -2.97
C VAL F 78 10.03 56.22 -3.14
N PHE F 79 8.74 56.14 -2.83
CA PHE F 79 7.79 57.22 -3.09
C PHE F 79 7.06 57.61 -1.82
N LEU F 80 7.11 58.89 -1.45
CA LEU F 80 6.34 59.39 -0.32
C LEU F 80 4.86 59.52 -0.67
N ASN F 81 4.54 60.33 -1.67
CA ASN F 81 3.17 60.49 -2.20
C ASN F 81 2.17 60.90 -1.11
N MET F 82 2.53 61.91 -0.33
CA MET F 82 1.58 62.49 0.62
C MET F 82 0.61 63.42 -0.11
N ARG F 83 -0.57 63.61 0.49
CA ARG F 83 -1.64 64.39 -0.12
C ARG F 83 -2.27 65.29 0.93
N SER F 84 -3.31 66.02 0.53
CA SER F 84 -4.03 66.95 1.39
C SER F 84 -3.08 67.97 2.02
N VAL F 85 -2.22 68.54 1.18
CA VAL F 85 -1.18 69.44 1.67
C VAL F 85 -1.77 70.79 2.03
N THR F 86 -1.12 71.47 2.97
CA THR F 86 -1.46 72.83 3.37
C THR F 86 -0.25 73.72 3.14
N ALA F 87 -0.49 75.04 3.16
CA ALA F 87 0.59 76.00 2.97
C ALA F 87 1.56 76.01 4.14
N ALA F 88 1.16 75.49 5.30
CA ALA F 88 1.98 75.58 6.51
C ALA F 88 3.02 74.48 6.62
N ASP F 89 2.96 73.43 5.80
CA ASP F 89 3.90 72.33 5.88
C ASP F 89 5.04 72.43 4.88
N THR F 90 5.15 73.55 4.16
CA THR F 90 6.21 73.70 3.18
C THR F 90 7.57 73.64 3.86
N ALA F 91 8.47 72.83 3.30
CA ALA F 91 9.75 72.55 3.93
C ALA F 91 10.59 71.69 2.98
N VAL F 92 11.83 71.44 3.37
CA VAL F 92 12.77 70.65 2.59
C VAL F 92 12.85 69.24 3.16
N TYR F 93 12.93 68.24 2.27
CA TYR F 93 12.82 66.84 2.61
C TYR F 93 14.13 66.11 2.35
N PHE F 94 14.46 65.16 3.22
CA PHE F 94 15.56 64.23 3.04
C PHE F 94 15.04 62.80 3.15
N CYS F 95 15.64 61.89 2.40
CA CYS F 95 15.38 60.47 2.54
C CYS F 95 16.66 59.77 2.98
N ALA F 96 16.52 58.81 3.89
CA ALA F 96 17.65 58.17 4.53
C ALA F 96 17.38 56.68 4.66
N ARG F 97 18.44 55.92 4.93
CA ARG F 97 18.31 54.48 5.14
C ARG F 97 19.09 54.09 6.40
N GLY F 98 18.71 52.95 6.96
CA GLY F 98 19.31 52.47 8.19
C GLY F 98 20.68 51.85 7.97
N ASP F 99 21.25 51.37 9.06
CA ASP F 99 22.59 50.80 9.03
C ASP F 99 22.57 49.43 8.35
N ALA F 100 23.75 48.82 8.27
CA ALA F 100 23.94 47.55 7.58
C ALA F 100 23.15 46.41 8.22
N SER F 101 22.68 46.62 9.45
CA SER F 101 21.90 45.59 10.13
C SER F 101 20.60 45.30 9.38
N GLY F 102 19.94 46.34 8.88
CA GLY F 102 18.74 46.17 8.09
C GLY F 102 17.46 46.04 8.87
N TRP F 103 17.53 46.04 10.21
CA TRP F 103 16.35 45.89 11.07
C TRP F 103 16.16 47.03 12.06
N ARG F 104 16.94 48.11 11.97
CA ARG F 104 16.88 49.18 12.93
C ARG F 104 16.53 50.49 12.23
N ALA F 105 15.48 51.15 12.71
CA ALA F 105 15.03 52.44 12.19
C ALA F 105 15.15 53.52 13.26
N ASP F 106 16.18 53.42 14.09
CA ASP F 106 16.42 54.40 15.15
C ASP F 106 17.32 55.54 14.65
N TYR F 107 18.44 55.20 14.03
CA TYR F 107 19.38 56.20 13.53
C TYR F 107 19.64 55.96 12.06
N PHE F 108 19.86 57.05 11.32
CA PHE F 108 19.98 57.02 9.87
C PHE F 108 21.34 57.59 9.47
N PRO F 109 22.35 56.74 9.28
CA PRO F 109 23.67 57.24 8.87
C PRO F 109 23.67 57.93 7.52
N HIS F 110 23.20 57.23 6.49
CA HIS F 110 23.20 57.79 5.14
C HIS F 110 22.05 58.78 4.97
N TRP F 111 22.29 59.84 4.21
CA TRP F 111 21.27 60.85 3.93
C TRP F 111 21.35 61.22 2.45
N GLY F 112 20.60 62.25 2.07
CA GLY F 112 20.52 62.68 0.69
C GLY F 112 20.63 64.19 0.56
N GLN F 113 20.64 64.65 -0.70
CA GLN F 113 20.83 66.07 -0.97
C GLN F 113 19.66 66.91 -0.48
N GLY F 114 18.44 66.52 -0.82
CA GLY F 114 17.25 67.24 -0.43
C GLY F 114 16.61 68.01 -1.58
N THR F 115 15.38 68.45 -1.34
CA THR F 115 14.59 69.18 -2.33
C THR F 115 13.87 70.32 -1.63
N LEU F 116 13.55 71.37 -2.40
CA LEU F 116 12.94 72.57 -1.82
C LEU F 116 11.45 72.37 -1.57
N VAL F 117 10.68 72.11 -2.62
CA VAL F 117 9.27 71.74 -2.53
C VAL F 117 8.52 72.85 -1.80
N VAL F 118 8.75 74.10 -2.21
CA VAL F 118 7.97 75.21 -1.67
C VAL F 118 6.52 75.07 -2.09
N VAL F 119 5.59 75.37 -1.18
CA VAL F 119 4.16 75.34 -1.46
C VAL F 119 3.71 76.71 -1.91
N SER F 120 3.03 76.77 -3.04
CA SER F 120 2.49 78.03 -3.56
C SER F 120 1.08 78.29 -3.02
N GLY G 2 29.78 -13.59 33.50
CA GLY G 2 28.72 -13.14 32.62
C GLY G 2 28.62 -13.96 31.33
N PHE G 3 27.92 -13.41 30.35
CA PHE G 3 27.76 -14.09 29.07
C PHE G 3 29.10 -14.27 28.39
N LEU G 4 29.41 -15.52 28.03
CA LEU G 4 30.67 -15.90 27.39
C LEU G 4 31.88 -15.56 28.24
N GLY G 5 31.70 -15.48 29.57
CA GLY G 5 32.79 -15.08 30.43
C GLY G 5 33.92 -16.10 30.46
N ALA G 6 33.58 -17.39 30.42
CA ALA G 6 34.56 -18.47 30.49
C ALA G 6 35.02 -18.92 29.10
N ALA G 7 35.03 -18.02 28.12
CA ALA G 7 35.45 -18.40 26.77
C ALA G 7 36.91 -18.81 26.74
N GLY G 8 37.76 -18.11 27.49
CA GLY G 8 39.17 -18.40 27.50
C GLY G 8 39.59 -19.50 28.46
N SER G 9 38.72 -19.83 29.40
CA SER G 9 39.04 -20.85 30.40
C SER G 9 39.05 -22.23 29.77
N THR G 10 39.67 -23.18 30.47
CA THR G 10 39.81 -24.54 29.98
C THR G 10 38.48 -25.26 30.05
N MET G 11 38.47 -26.51 29.56
CA MET G 11 37.24 -27.28 29.53
C MET G 11 36.76 -27.65 30.93
N GLY G 12 37.69 -27.89 31.86
CA GLY G 12 37.29 -28.26 33.21
C GLY G 12 36.58 -27.13 33.94
N ALA G 13 37.08 -25.91 33.81
CA ALA G 13 36.53 -24.77 34.52
C ALA G 13 35.36 -24.12 33.78
N ALA G 14 35.11 -24.49 32.54
CA ALA G 14 33.99 -23.95 31.77
C ALA G 14 32.74 -24.82 31.84
N SER G 15 32.82 -25.97 32.52
CA SER G 15 31.68 -26.86 32.65
C SER G 15 30.77 -26.51 33.83
N MET G 16 31.19 -25.59 34.69
CA MET G 16 30.40 -25.18 35.84
C MET G 16 29.61 -23.91 35.57
N THR G 17 29.64 -23.38 34.34
CA THR G 17 28.99 -22.13 34.01
C THR G 17 28.04 -22.29 32.81
N LEU G 18 27.52 -23.49 32.60
CA LEU G 18 26.65 -23.73 31.45
C LEU G 18 25.33 -22.99 31.58
N THR G 19 24.85 -22.76 32.81
CA THR G 19 23.56 -22.11 32.99
C THR G 19 23.57 -20.67 32.52
N VAL G 20 24.73 -20.01 32.58
CA VAL G 20 24.81 -18.61 32.15
C VAL G 20 24.52 -18.49 30.67
N GLN G 21 25.07 -19.38 29.86
CA GLN G 21 24.76 -19.40 28.43
C GLN G 21 23.41 -20.01 28.16
N ALA G 22 22.92 -20.90 29.02
CA ALA G 22 21.69 -21.62 28.74
C ALA G 22 20.46 -20.74 28.86
N ARG G 23 20.50 -19.72 29.71
CA ARG G 23 19.34 -18.88 29.97
C ARG G 23 19.36 -17.57 29.19
N ASN G 24 20.29 -17.42 28.25
CA ASN G 24 20.38 -16.21 27.44
C ASN G 24 20.14 -16.52 25.96
N LEU G 25 19.46 -17.64 25.68
CA LEU G 25 19.21 -18.05 24.31
C LEU G 25 17.85 -17.59 23.79
N LEU G 26 17.06 -16.93 24.61
CA LEU G 26 15.76 -16.40 24.18
C LEU G 26 15.64 -14.91 24.44
N VAL G 51 10.53 -1.13 8.06
CA VAL G 51 11.86 -1.06 8.66
C VAL G 51 11.73 -0.85 10.16
N TRP G 52 12.61 -1.51 10.92
CA TRP G 52 12.57 -1.58 12.38
C TRP G 52 11.33 -2.30 12.86
N GLY G 53 10.52 -2.82 11.94
CA GLY G 53 9.32 -3.54 12.30
C GLY G 53 9.36 -4.97 11.82
N ILE G 54 10.11 -5.22 10.76
CA ILE G 54 10.29 -6.58 10.23
C ILE G 54 11.61 -7.12 10.75
N LYS G 55 12.57 -6.22 10.98
CA LYS G 55 13.88 -6.63 11.48
C LYS G 55 13.83 -7.12 12.92
N GLN G 56 12.74 -6.84 13.63
CA GLN G 56 12.55 -7.39 14.96
C GLN G 56 11.76 -8.69 14.93
N LEU G 57 10.72 -8.77 14.10
CA LEU G 57 9.93 -10.00 13.99
C LEU G 57 10.77 -11.15 13.44
N GLN G 58 11.60 -10.87 12.43
CA GLN G 58 12.44 -11.93 11.87
C GLN G 58 13.39 -12.49 12.93
N ALA G 59 14.01 -11.62 13.72
CA ALA G 59 14.88 -12.07 14.79
C ALA G 59 14.11 -12.86 15.84
N ARG G 60 12.91 -12.38 16.20
CA ARG G 60 12.13 -13.04 17.24
C ARG G 60 11.71 -14.45 16.82
N VAL G 61 11.40 -14.64 15.54
CA VAL G 61 11.05 -15.99 15.10
C VAL G 61 12.30 -16.85 14.88
N LEU G 62 13.41 -16.25 14.43
CA LEU G 62 14.62 -17.03 14.20
C LEU G 62 15.18 -17.60 15.50
N ALA G 63 15.16 -16.80 16.58
CA ALA G 63 15.67 -17.30 17.85
C ALA G 63 14.86 -18.51 18.32
N VAL G 64 13.53 -18.43 18.19
CA VAL G 64 12.66 -19.54 18.58
C VAL G 64 12.96 -20.77 17.74
N GLU G 65 13.10 -20.60 16.43
CA GLU G 65 13.36 -21.75 15.56
C GLU G 65 14.68 -22.43 15.93
N ARG G 66 15.74 -21.63 16.14
CA ARG G 66 17.03 -22.19 16.48
C ARG G 66 16.99 -22.91 17.83
N TYR G 67 16.31 -22.31 18.82
CA TYR G 67 16.22 -22.93 20.14
C TYR G 67 15.45 -24.24 20.08
N LEU G 68 14.34 -24.27 19.34
CA LEU G 68 13.55 -25.49 19.22
C LEU G 68 14.32 -26.58 18.49
N ARG G 69 15.08 -26.22 17.45
CA ARG G 69 15.88 -27.22 16.75
C ARG G 69 16.93 -27.82 17.68
N ASP G 70 17.64 -26.97 18.43
CA ASP G 70 18.65 -27.50 19.34
C ASP G 70 18.04 -28.39 20.41
N GLN G 71 16.89 -27.96 20.96
CA GLN G 71 16.24 -28.75 22.01
C GLN G 71 15.67 -30.06 21.46
N GLN G 72 15.20 -30.06 20.21
CA GLN G 72 14.73 -31.31 19.61
C GLN G 72 15.86 -32.31 19.46
N LEU G 73 17.01 -31.86 18.94
CA LEU G 73 18.16 -32.76 18.83
C LEU G 73 18.61 -33.24 20.20
N LEU G 74 18.57 -32.37 21.21
CA LEU G 74 18.91 -32.80 22.56
C LEU G 74 17.93 -33.85 23.07
N GLY G 75 16.64 -33.67 22.79
CA GLY G 75 15.64 -34.57 23.34
C GLY G 75 15.63 -35.95 22.69
N ILE G 76 15.82 -36.00 21.37
CA ILE G 76 15.73 -37.28 20.67
C ILE G 76 16.93 -38.18 20.90
N TRP G 77 17.92 -37.74 21.69
CA TRP G 77 18.99 -38.60 22.15
C TRP G 77 18.75 -39.13 23.55
N GLY G 78 17.59 -38.86 24.14
CA GLY G 78 17.33 -39.26 25.51
C GLY G 78 17.94 -38.37 26.56
N CYS G 79 18.37 -37.16 26.19
CA CYS G 79 19.03 -36.24 27.11
C CYS G 79 18.17 -35.01 27.42
N SER G 80 16.88 -35.07 27.13
CA SER G 80 16.02 -33.91 27.33
C SER G 80 15.96 -33.52 28.79
N GLY G 81 16.11 -32.22 29.06
CA GLY G 81 16.01 -31.69 30.41
C GLY G 81 17.30 -31.73 31.21
N LYS G 82 18.39 -32.23 30.64
CA LYS G 82 19.66 -32.34 31.35
C LYS G 82 20.75 -31.60 30.59
N LEU G 83 21.54 -30.81 31.30
CA LEU G 83 22.66 -30.10 30.69
C LEU G 83 23.85 -31.01 30.43
N ILE G 84 24.12 -31.95 31.34
CA ILE G 84 25.22 -32.89 31.22
C ILE G 84 24.64 -34.28 31.31
N CYS G 85 24.62 -34.99 30.18
CA CYS G 85 24.08 -36.33 30.11
C CYS G 85 25.14 -37.31 29.62
N CYS G 86 25.19 -38.48 30.25
CA CYS G 86 26.11 -39.53 29.84
C CYS G 86 25.43 -40.45 28.84
N THR G 87 26.20 -40.95 27.88
CA THR G 87 25.66 -41.80 26.82
C THR G 87 26.48 -43.08 26.75
N ASN G 88 25.83 -44.17 26.33
CA ASN G 88 26.46 -45.47 26.19
C ASN G 88 26.92 -45.76 24.77
N VAL G 89 27.36 -44.73 24.05
CA VAL G 89 27.93 -44.89 22.72
C VAL G 89 29.44 -44.98 22.87
N PRO G 90 30.07 -46.11 22.50
CA PRO G 90 31.52 -46.23 22.66
C PRO G 90 32.27 -45.22 21.80
N TRP G 91 33.41 -44.77 22.32
CA TRP G 91 34.23 -43.76 21.66
C TRP G 91 35.53 -44.40 21.22
N ASN G 92 35.73 -44.49 19.92
CA ASN G 92 36.96 -45.04 19.36
C ASN G 92 38.01 -43.95 19.22
N SER G 93 39.26 -44.39 19.08
CA SER G 93 40.38 -43.47 18.95
C SER G 93 40.52 -42.89 17.55
N SER G 94 39.76 -43.39 16.57
CA SER G 94 39.87 -42.89 15.21
C SER G 94 39.44 -41.44 15.12
N TRP G 95 38.36 -41.07 15.81
CA TRP G 95 37.87 -39.69 15.75
C TRP G 95 38.89 -38.73 16.35
N SER G 96 39.44 -39.07 17.51
CA SER G 96 40.45 -38.28 18.17
C SER G 96 41.05 -39.11 19.29
N ASN G 97 42.30 -38.80 19.65
CA ASN G 97 42.96 -39.50 20.74
C ASN G 97 43.95 -38.59 21.46
N ARG G 98 43.61 -38.23 22.69
CA ARG G 98 44.48 -37.43 23.55
C ARG G 98 44.26 -37.89 24.98
N ASN G 99 45.17 -37.52 25.86
CA ASN G 99 45.09 -37.93 27.25
C ASN G 99 44.00 -37.17 27.98
N LEU G 100 43.22 -37.89 28.78
CA LEU G 100 42.11 -37.25 29.49
C LEU G 100 42.60 -36.20 30.48
N SER G 101 43.82 -36.36 31.01
CA SER G 101 44.38 -35.36 31.90
C SER G 101 44.61 -34.05 31.18
N GLU G 102 45.09 -34.11 29.94
CA GLU G 102 45.41 -32.89 29.19
C GLU G 102 44.15 -32.19 28.69
N ILE G 103 43.17 -32.95 28.20
CA ILE G 103 42.04 -32.36 27.49
C ILE G 103 41.24 -31.43 28.40
N TRP G 104 40.96 -31.88 29.62
CA TRP G 104 40.12 -31.11 30.52
C TRP G 104 40.91 -30.11 31.36
N ASP G 105 42.24 -30.18 31.36
CA ASP G 105 43.05 -29.29 32.18
C ASP G 105 43.74 -28.19 31.40
N ASN G 106 44.11 -28.41 30.14
CA ASN G 106 44.96 -27.49 29.40
C ASN G 106 44.26 -26.77 28.26
N MET G 107 43.48 -27.47 27.43
CA MET G 107 42.96 -26.89 26.21
C MET G 107 41.53 -26.39 26.40
N THR G 108 41.11 -25.53 25.48
CA THR G 108 39.87 -24.77 25.57
C THR G 108 38.79 -25.41 24.69
N TRP G 109 37.53 -25.04 24.97
CA TRP G 109 36.41 -25.55 24.18
C TRP G 109 36.53 -25.15 22.71
N LEU G 110 36.95 -23.90 22.44
CA LEU G 110 37.11 -23.46 21.06
C LEU G 110 38.19 -24.28 20.36
N GLN G 111 39.28 -24.60 21.06
CA GLN G 111 40.31 -25.44 20.47
C GLN G 111 39.78 -26.83 20.14
N TRP G 112 38.93 -27.38 21.02
CA TRP G 112 38.39 -28.71 20.78
C TRP G 112 37.35 -28.71 19.67
N ASP G 113 36.68 -27.57 19.45
CA ASP G 113 35.61 -27.53 18.46
C ASP G 113 36.14 -27.83 17.06
N LYS G 114 37.29 -27.27 16.72
CA LYS G 114 37.84 -27.48 15.38
C LYS G 114 38.39 -28.89 15.20
N GLU G 115 38.95 -29.46 16.26
CA GLU G 115 39.61 -30.76 16.15
C GLU G 115 38.61 -31.87 15.81
N ILE G 116 37.43 -31.85 16.42
CA ILE G 116 36.44 -32.90 16.25
C ILE G 116 35.30 -32.48 15.34
N SER G 117 35.41 -31.32 14.70
CA SER G 117 34.29 -30.80 13.90
C SER G 117 33.97 -31.71 12.72
N ASN G 118 34.94 -32.49 12.25
CA ASN G 118 34.74 -33.27 11.04
C ASN G 118 33.79 -34.45 11.29
N TYR G 119 33.89 -35.08 12.45
CA TYR G 119 33.18 -36.32 12.72
C TYR G 119 31.91 -36.14 13.54
N THR G 120 31.42 -34.91 13.69
CA THR G 120 30.26 -34.67 14.55
C THR G 120 29.00 -35.34 14.00
N GLN G 121 28.82 -35.32 12.67
CA GLN G 121 27.57 -35.79 12.09
C GLN G 121 27.36 -37.29 12.33
N ILE G 122 28.41 -38.09 12.17
CA ILE G 122 28.26 -39.52 12.40
C ILE G 122 28.08 -39.83 13.88
N ILE G 123 28.68 -39.03 14.77
CA ILE G 123 28.42 -39.18 16.19
C ILE G 123 26.95 -38.91 16.50
N TYR G 124 26.39 -37.86 15.89
CA TYR G 124 24.97 -37.57 16.07
C TYR G 124 24.11 -38.71 15.54
N GLY G 125 24.49 -39.26 14.39
CA GLY G 125 23.75 -40.39 13.84
C GLY G 125 23.79 -41.61 14.75
N LEU G 126 24.94 -41.88 15.36
CA LEU G 126 25.04 -42.97 16.33
C LEU G 126 24.18 -42.69 17.55
N LEU G 127 24.18 -41.45 18.04
CA LEU G 127 23.34 -41.10 19.19
C LEU G 127 21.86 -41.22 18.86
N GLU G 128 21.50 -41.06 17.58
CA GLU G 128 20.10 -41.06 17.18
C GLU G 128 19.38 -42.35 17.59
N GLU G 129 19.88 -43.49 17.15
CA GLU G 129 19.18 -44.76 17.35
C GLU G 129 19.86 -45.68 18.36
N SER G 130 21.19 -45.66 18.45
CA SER G 130 21.86 -46.61 19.32
C SER G 130 21.71 -46.24 20.79
N GLN G 131 21.73 -44.95 21.11
CA GLN G 131 21.62 -44.50 22.49
C GLN G 131 20.25 -44.85 23.08
N ASN G 132 19.18 -44.45 22.39
CA ASN G 132 17.85 -44.44 23.01
C ASN G 132 16.86 -45.42 22.41
N GLN G 133 16.85 -45.62 21.08
CA GLN G 133 15.77 -46.35 20.44
C GLN G 133 15.73 -47.80 20.90
N GLN G 134 16.88 -48.49 20.84
CA GLN G 134 16.91 -49.88 21.27
C GLN G 134 16.62 -49.99 22.76
N GLU G 135 17.17 -49.09 23.57
CA GLU G 135 16.85 -49.06 24.99
C GLU G 135 15.38 -48.78 25.22
N LYS G 136 14.76 -47.96 24.36
CA LYS G 136 13.33 -47.72 24.46
C LYS G 136 12.53 -49.00 24.24
N ASN G 137 12.92 -49.77 23.21
CA ASN G 137 12.24 -51.04 22.96
C ASN G 137 12.45 -52.02 24.11
N GLU G 138 13.66 -52.07 24.66
CA GLU G 138 13.93 -52.96 25.80
C GLU G 138 13.06 -52.57 26.99
N GLN G 139 12.97 -51.28 27.28
CA GLN G 139 12.13 -50.82 28.39
C GLN G 139 10.67 -51.16 28.13
N ASP G 140 10.22 -51.06 26.88
CA ASP G 140 8.84 -51.40 26.54
C ASP G 140 8.57 -52.87 26.81
N LEU G 141 9.47 -53.76 26.39
CA LEU G 141 9.25 -55.19 26.59
C LEU G 141 9.34 -55.58 28.06
N LEU G 142 10.34 -55.07 28.78
CA LEU G 142 10.58 -55.47 30.16
C LEU G 142 9.73 -54.70 31.18
N ALA G 143 8.76 -53.91 30.74
CA ALA G 143 7.86 -53.22 31.66
C ALA G 143 6.51 -53.94 31.73
N LEU H 1 12.23 -46.92 2.65
CA LEU H 1 13.22 -46.60 3.67
C LEU H 1 13.54 -45.10 3.66
N GLY H 2 12.82 -44.36 4.49
CA GLY H 2 13.01 -42.92 4.57
C GLY H 2 11.82 -42.26 5.26
N PHE H 3 11.59 -41.00 4.90
CA PHE H 3 10.47 -40.26 5.45
C PHE H 3 9.15 -40.89 4.99
N LEU H 4 8.34 -41.34 5.95
CA LEU H 4 7.08 -42.02 5.69
C LEU H 4 7.29 -43.31 4.90
N GLY H 5 8.47 -43.93 5.04
CA GLY H 5 8.79 -45.09 4.23
C GLY H 5 8.13 -46.37 4.67
N ALA H 6 7.59 -46.40 5.89
CA ALA H 6 6.85 -47.55 6.41
C ALA H 6 5.35 -47.31 6.43
N ALA H 7 4.85 -46.49 5.50
CA ALA H 7 3.42 -46.17 5.49
C ALA H 7 2.58 -47.41 5.24
N GLY H 8 3.03 -48.29 4.34
CA GLY H 8 2.34 -49.53 4.06
C GLY H 8 2.71 -50.69 4.94
N SER H 9 3.78 -50.56 5.73
CA SER H 9 4.24 -51.67 6.56
C SER H 9 3.30 -51.89 7.74
N THR H 10 3.37 -53.09 8.30
CA THR H 10 2.57 -53.45 9.46
C THR H 10 3.00 -52.64 10.67
N MET H 11 2.06 -52.43 11.61
CA MET H 11 2.32 -51.58 12.76
C MET H 11 3.57 -52.02 13.52
N GLY H 12 3.78 -53.33 13.66
CA GLY H 12 4.95 -53.82 14.35
C GLY H 12 6.25 -53.40 13.69
N ALA H 13 6.29 -53.48 12.36
CA ALA H 13 7.48 -53.04 11.62
C ALA H 13 7.56 -51.52 11.54
N ALA H 14 6.42 -50.83 11.55
CA ALA H 14 6.41 -49.37 11.47
C ALA H 14 6.86 -48.72 12.77
N SER H 15 6.66 -49.39 13.90
CA SER H 15 7.03 -48.84 15.20
C SER H 15 8.53 -48.73 15.40
N MET H 16 9.34 -49.32 14.52
CA MET H 16 10.79 -49.27 14.65
C MET H 16 11.40 -48.03 14.03
N THR H 17 10.65 -47.29 13.21
CA THR H 17 11.17 -46.11 12.52
C THR H 17 10.54 -44.82 13.05
N LEU H 18 10.35 -44.72 14.35
CA LEU H 18 9.74 -43.53 14.93
C LEU H 18 10.57 -42.28 14.63
N THR H 19 11.89 -42.39 14.72
CA THR H 19 12.75 -41.21 14.67
C THR H 19 12.73 -40.53 13.32
N VAL H 20 12.62 -41.29 12.23
CA VAL H 20 12.66 -40.66 10.90
C VAL H 20 11.43 -39.78 10.69
N GLN H 21 10.28 -40.18 11.22
CA GLN H 21 9.10 -39.32 11.17
C GLN H 21 9.21 -38.17 12.17
N ALA H 22 9.75 -38.45 13.36
CA ALA H 22 9.81 -37.41 14.39
C ALA H 22 10.79 -36.30 14.04
N ARG H 23 11.80 -36.60 13.22
CA ARG H 23 12.85 -35.64 12.93
C ARG H 23 12.39 -34.55 11.96
N ASN H 24 11.54 -34.89 11.00
CA ASN H 24 11.17 -33.96 9.95
C ASN H 24 10.01 -33.05 10.33
N LEU H 25 9.43 -33.21 11.51
CA LEU H 25 8.28 -32.39 11.88
C LEU H 25 8.66 -30.92 12.06
N LEU H 26 9.76 -30.65 12.75
CA LEU H 26 10.14 -29.28 13.02
C LEU H 26 10.68 -28.59 11.76
N SER H 27 11.55 -29.27 11.02
CA SER H 27 12.15 -28.69 9.82
C SER H 27 12.70 -29.77 8.90
N THR H 50 6.44 -8.81 0.39
CA THR H 50 6.36 -9.31 -0.98
C THR H 50 5.80 -10.73 -1.01
N VAL H 51 5.41 -11.18 -2.20
CA VAL H 51 4.93 -12.55 -2.35
C VAL H 51 6.07 -13.51 -2.11
N TRP H 52 5.78 -14.61 -1.41
CA TRP H 52 6.77 -15.56 -0.93
C TRP H 52 7.78 -14.92 0.03
N GLY H 53 7.41 -13.79 0.63
CA GLY H 53 8.18 -13.21 1.71
C GLY H 53 7.43 -13.31 3.02
N ILE H 54 6.10 -13.22 2.94
CA ILE H 54 5.22 -13.40 4.08
C ILE H 54 4.65 -14.82 4.02
N LYS H 55 4.56 -15.38 2.82
CA LYS H 55 4.07 -16.74 2.65
C LYS H 55 5.01 -17.77 3.26
N GLN H 56 6.31 -17.48 3.32
CA GLN H 56 7.24 -18.35 4.03
C GLN H 56 7.13 -18.15 5.54
N LEU H 57 6.92 -16.92 5.98
CA LEU H 57 6.81 -16.63 7.41
C LEU H 57 5.58 -17.31 8.01
N GLN H 58 4.47 -17.33 7.27
CA GLN H 58 3.27 -18.01 7.76
C GLN H 58 3.54 -19.48 8.02
N ALA H 59 4.21 -20.14 7.08
CA ALA H 59 4.55 -21.55 7.26
C ALA H 59 5.52 -21.75 8.42
N ARG H 60 6.48 -20.84 8.55
CA ARG H 60 7.45 -20.95 9.64
C ARG H 60 6.77 -20.88 11.00
N VAL H 61 5.81 -19.97 11.16
CA VAL H 61 5.10 -19.87 12.43
C VAL H 61 4.18 -21.08 12.63
N LEU H 62 3.50 -21.52 11.56
CA LEU H 62 2.54 -22.61 11.69
C LEU H 62 3.20 -23.91 12.12
N ALA H 63 4.37 -24.23 11.54
CA ALA H 63 5.06 -25.46 11.90
C ALA H 63 5.46 -25.46 13.37
N VAL H 64 5.98 -24.34 13.85
CA VAL H 64 6.37 -24.24 15.27
C VAL H 64 5.15 -24.38 16.16
N GLU H 65 4.03 -23.75 15.78
CA GLU H 65 2.82 -23.84 16.59
C GLU H 65 2.34 -25.29 16.70
N ARG H 66 2.29 -26.00 15.58
CA ARG H 66 1.84 -27.38 15.59
C ARG H 66 2.76 -28.27 16.42
N TYR H 67 4.07 -28.09 16.26
CA TYR H 67 5.03 -28.88 17.02
C TYR H 67 4.88 -28.64 18.52
N LEU H 68 4.73 -27.37 18.91
CA LEU H 68 4.56 -27.04 20.32
C LEU H 68 3.27 -27.61 20.87
N ARG H 69 2.19 -27.59 20.09
CA ARG H 69 0.93 -28.17 20.56
C ARG H 69 1.07 -29.66 20.79
N ASP H 70 1.69 -30.38 19.86
CA ASP H 70 1.87 -31.82 20.05
C ASP H 70 2.75 -32.11 21.27
N GLN H 71 3.80 -31.30 21.47
CA GLN H 71 4.68 -31.52 22.61
C GLN H 71 3.97 -31.22 23.93
N GLN H 72 3.12 -30.20 23.95
CA GLN H 72 2.33 -29.92 25.15
C GLN H 72 1.39 -31.07 25.47
N LEU H 73 0.73 -31.61 24.45
CA LEU H 73 -0.15 -32.75 24.69
C LEU H 73 0.62 -33.93 25.27
N LEU H 74 1.83 -34.19 24.75
CA LEU H 74 2.63 -35.26 25.35
C LEU H 74 3.03 -34.93 26.78
N GLY H 75 3.36 -33.66 27.05
CA GLY H 75 3.82 -33.29 28.39
C GLY H 75 2.73 -33.40 29.44
N ILE H 76 1.48 -33.10 29.07
CA ILE H 76 0.38 -33.17 30.03
C ILE H 76 0.18 -34.59 30.53
N TRP H 77 0.33 -35.58 29.65
CA TRP H 77 0.08 -36.97 30.00
C TRP H 77 1.22 -37.61 30.78
N GLY H 78 2.30 -36.88 31.05
CA GLY H 78 3.45 -37.46 31.71
C GLY H 78 4.39 -38.21 30.81
N CYS H 79 4.25 -38.07 29.50
CA CYS H 79 5.04 -38.80 28.52
C CYS H 79 6.05 -37.90 27.80
N SER H 80 6.42 -36.78 28.41
CA SER H 80 7.31 -35.83 27.74
C SER H 80 8.64 -36.49 27.40
N GLY H 81 9.12 -36.23 26.18
CA GLY H 81 10.40 -36.77 25.75
C GLY H 81 10.44 -38.27 25.62
N LYS H 82 9.32 -38.90 25.26
CA LYS H 82 9.25 -40.36 25.13
C LYS H 82 8.47 -40.72 23.88
N LEU H 83 9.12 -41.45 22.97
CA LEU H 83 8.45 -41.91 21.76
C LEU H 83 7.52 -43.08 22.03
N ILE H 84 7.86 -43.95 22.98
CA ILE H 84 7.04 -45.11 23.31
C ILE H 84 6.74 -45.01 24.80
N CYS H 85 5.58 -44.46 25.14
CA CYS H 85 5.19 -44.24 26.52
C CYS H 85 4.26 -45.35 27.00
N CYS H 86 4.20 -45.50 28.32
CA CYS H 86 3.27 -46.41 28.97
C CYS H 86 2.36 -45.61 29.90
N THR H 87 1.09 -46.02 29.96
CA THR H 87 0.09 -45.28 30.70
C THR H 87 -0.58 -46.20 31.70
N ASN H 88 -1.54 -45.64 32.46
CA ASN H 88 -2.22 -46.34 33.53
C ASN H 88 -3.73 -46.38 33.31
N VAL H 89 -4.16 -46.27 32.06
CA VAL H 89 -5.58 -46.27 31.70
C VAL H 89 -5.91 -47.63 31.08
N PRO H 90 -6.83 -48.39 31.66
CA PRO H 90 -7.17 -49.71 31.11
C PRO H 90 -8.24 -49.61 30.02
N TRP H 91 -8.24 -50.63 29.16
CA TRP H 91 -9.25 -50.74 28.12
C TRP H 91 -10.58 -51.22 28.70
N ASN H 97 -13.55 -56.95 22.00
CA ASN H 97 -12.80 -57.86 21.15
C ASN H 97 -11.43 -57.27 20.83
N ARG H 98 -11.03 -57.41 19.55
CA ARG H 98 -9.78 -56.82 19.05
C ARG H 98 -8.56 -57.38 19.77
N ASN H 99 -8.33 -58.68 19.59
CA ASN H 99 -7.12 -59.31 20.11
C ASN H 99 -5.88 -58.67 19.49
N LEU H 100 -4.84 -58.48 20.33
CA LEU H 100 -3.62 -57.83 19.85
C LEU H 100 -2.95 -58.61 18.72
N SER H 101 -3.17 -59.91 18.62
CA SER H 101 -2.51 -60.70 17.58
C SER H 101 -2.91 -60.24 16.19
N GLU H 102 -4.20 -59.97 15.98
CA GLU H 102 -4.65 -59.48 14.69
C GLU H 102 -4.31 -58.01 14.49
N ILE H 103 -4.28 -57.22 15.57
CA ILE H 103 -4.03 -55.80 15.45
C ILE H 103 -2.58 -55.52 15.04
N TRP H 104 -1.63 -56.14 15.74
CA TRP H 104 -0.24 -55.80 15.52
C TRP H 104 0.39 -56.56 14.35
N ASP H 105 -0.28 -57.61 13.86
CA ASP H 105 0.28 -58.41 12.78
C ASP H 105 -0.43 -58.23 11.44
N ASN H 106 -1.70 -57.86 11.44
CA ASN H 106 -2.51 -57.90 10.22
C ASN H 106 -3.10 -56.55 9.82
N MET H 107 -2.73 -55.46 10.49
CA MET H 107 -3.28 -54.14 10.17
C MET H 107 -2.17 -53.12 10.05
N THR H 108 -2.51 -51.98 9.47
CA THR H 108 -1.63 -50.83 9.34
C THR H 108 -2.19 -49.68 10.15
N TRP H 109 -1.36 -48.64 10.35
CA TRP H 109 -1.76 -47.51 11.19
C TRP H 109 -2.94 -46.74 10.60
N LEU H 110 -3.07 -46.72 9.27
CA LEU H 110 -4.15 -45.94 8.66
C LEU H 110 -5.51 -46.56 8.91
N GLN H 111 -5.64 -47.89 8.72
CA GLN H 111 -6.90 -48.56 9.02
C GLN H 111 -7.20 -48.47 10.51
N TRP H 112 -6.17 -48.60 11.35
CA TRP H 112 -6.33 -48.40 12.78
C TRP H 112 -6.91 -47.03 13.10
N ASP H 113 -6.38 -45.99 12.45
CA ASP H 113 -6.89 -44.64 12.67
C ASP H 113 -8.34 -44.53 12.24
N LYS H 114 -8.65 -45.03 11.04
CA LYS H 114 -10.02 -44.94 10.55
C LYS H 114 -10.99 -45.67 11.48
N GLU H 115 -10.53 -46.76 12.09
CA GLU H 115 -11.42 -47.55 12.93
C GLU H 115 -11.60 -46.94 14.32
N ILE H 116 -10.56 -46.32 14.87
CA ILE H 116 -10.56 -45.93 16.28
C ILE H 116 -10.61 -44.42 16.49
N SER H 117 -10.69 -43.63 15.42
CA SER H 117 -10.70 -42.18 15.58
C SER H 117 -11.91 -41.67 16.36
N ASN H 118 -12.98 -42.47 16.48
CA ASN H 118 -14.18 -42.01 17.17
C ASN H 118 -13.92 -41.77 18.65
N TYR H 119 -13.16 -42.64 19.30
CA TYR H 119 -13.03 -42.66 20.75
C TYR H 119 -11.82 -41.88 21.25
N THR H 120 -11.08 -41.24 20.34
CA THR H 120 -9.81 -40.63 20.73
C THR H 120 -10.00 -39.46 21.67
N GLN H 121 -11.12 -38.73 21.57
CA GLN H 121 -11.33 -37.61 22.47
C GLN H 121 -11.53 -38.07 23.91
N ILE H 122 -12.34 -39.12 24.10
CA ILE H 122 -12.53 -39.62 25.45
C ILE H 122 -11.25 -40.26 25.99
N ILE H 123 -10.46 -40.91 25.11
CA ILE H 123 -9.18 -41.45 25.58
C ILE H 123 -8.25 -40.33 26.02
N TYR H 124 -8.20 -39.23 25.24
CA TYR H 124 -7.39 -38.08 25.62
C TYR H 124 -7.85 -37.50 26.95
N GLY H 125 -9.16 -37.37 27.12
CA GLY H 125 -9.69 -36.81 28.35
C GLY H 125 -9.37 -37.67 29.56
N LEU H 126 -9.44 -38.99 29.41
CA LEU H 126 -9.03 -39.87 30.48
C LEU H 126 -7.54 -39.73 30.79
N LEU H 127 -6.71 -39.65 29.73
CA LEU H 127 -5.27 -39.57 29.95
C LEU H 127 -4.87 -38.28 30.63
N GLU H 128 -5.59 -37.18 30.38
CA GLU H 128 -5.16 -35.89 30.92
C GLU H 128 -5.12 -35.89 32.44
N GLU H 129 -6.19 -36.36 33.08
CA GLU H 129 -6.33 -36.22 34.53
C GLU H 129 -6.53 -37.52 35.29
N SER H 130 -6.95 -38.61 34.64
CA SER H 130 -7.21 -39.84 35.37
C SER H 130 -5.94 -40.47 35.93
N GLN H 131 -4.81 -40.27 35.25
CA GLN H 131 -3.59 -40.99 35.62
C GLN H 131 -2.38 -40.10 35.87
N ASN H 132 -2.40 -38.83 35.50
CA ASN H 132 -1.22 -37.98 35.67
C ASN H 132 -1.30 -37.09 36.89
N GLN H 133 -2.34 -36.23 36.98
CA GLN H 133 -2.50 -35.38 38.16
C GLN H 133 -2.60 -36.22 39.42
N GLN H 134 -3.27 -37.37 39.32
CA GLN H 134 -3.31 -38.28 40.46
C GLN H 134 -1.90 -38.69 40.85
N GLU H 135 -1.12 -39.20 39.89
CA GLU H 135 0.26 -39.61 40.17
C GLU H 135 1.04 -38.48 40.84
N LYS H 136 0.82 -37.24 40.40
CA LYS H 136 1.47 -36.12 41.08
C LYS H 136 1.02 -36.01 42.53
N ASN H 137 -0.27 -36.24 42.80
CA ASN H 137 -0.74 -36.17 44.18
C ASN H 137 -0.10 -37.23 45.07
N GLU H 138 -0.10 -38.49 44.63
CA GLU H 138 0.58 -39.53 45.41
C GLU H 138 2.08 -39.28 45.55
N GLN H 139 2.75 -38.81 44.50
CA GLN H 139 4.18 -38.51 44.63
C GLN H 139 4.42 -37.38 45.63
N ASP H 140 3.59 -36.34 45.61
CA ASP H 140 3.74 -35.23 46.53
C ASP H 140 3.50 -35.70 47.97
N LEU H 141 2.43 -36.46 48.19
CA LEU H 141 2.10 -36.91 49.53
C LEU H 141 3.07 -37.96 50.06
N LEU H 142 3.74 -38.69 49.16
CA LEU H 142 4.70 -39.70 49.60
C LEU H 142 5.90 -39.06 50.29
N ALA H 143 6.41 -37.97 49.75
CA ALA H 143 7.57 -37.29 50.33
C ALA H 143 7.13 -36.11 51.19
N VAL I 2 29.74 -7.24 -23.45
CA VAL I 2 30.75 -6.25 -23.06
C VAL I 2 31.63 -5.84 -24.25
N GLN I 3 31.37 -4.65 -24.77
CA GLN I 3 32.14 -4.12 -25.89
C GLN I 3 32.46 -2.66 -25.65
N LEU I 4 33.72 -2.28 -25.92
CA LEU I 4 34.15 -0.89 -25.88
C LEU I 4 34.34 -0.39 -27.31
N LEU I 5 34.56 0.91 -27.45
CA LEU I 5 34.72 1.52 -28.76
C LEU I 5 35.87 2.51 -28.70
N GLN I 6 36.18 3.09 -29.85
CA GLN I 6 37.34 3.95 -29.98
C GLN I 6 37.10 4.92 -31.13
N SER I 7 37.90 5.99 -31.16
CA SER I 7 37.81 6.99 -32.22
C SER I 7 38.94 6.79 -33.23
N GLY I 8 38.82 7.51 -34.36
CA GLY I 8 39.79 7.39 -35.42
C GLY I 8 41.09 8.10 -35.09
N ALA I 9 42.07 7.89 -35.98
CA ALA I 9 43.38 8.50 -35.81
C ALA I 9 43.29 10.02 -35.93
N ALA I 10 44.13 10.70 -35.17
CA ALA I 10 44.14 12.16 -35.13
C ALA I 10 45.55 12.68 -35.38
N VAL I 11 45.65 13.74 -36.18
CA VAL I 11 46.90 14.40 -36.47
C VAL I 11 46.76 15.86 -36.05
N THR I 12 47.62 16.30 -35.14
CA THR I 12 47.55 17.65 -34.60
C THR I 12 48.92 18.31 -34.65
N LYS I 13 48.91 19.62 -34.83
CA LYS I 13 50.14 20.40 -34.82
C LYS I 13 50.69 20.52 -33.41
N PRO I 14 51.99 20.76 -33.27
CA PRO I 14 52.55 20.97 -31.93
C PRO I 14 51.93 22.18 -31.24
N GLY I 15 51.84 22.08 -29.91
CA GLY I 15 51.18 23.11 -29.13
C GLY I 15 49.68 23.18 -29.35
N ALA I 16 49.03 22.02 -29.46
CA ALA I 16 47.59 21.94 -29.63
C ALA I 16 47.02 20.91 -28.65
N SER I 17 45.72 20.65 -28.78
CA SER I 17 45.03 19.71 -27.90
C SER I 17 44.39 18.60 -28.72
N VAL I 18 44.43 17.38 -28.18
CA VAL I 18 43.88 16.21 -28.84
C VAL I 18 42.90 15.54 -27.88
N ARG I 19 41.82 14.98 -28.42
CA ARG I 19 40.78 14.36 -27.63
C ARG I 19 40.50 12.96 -28.16
N VAL I 20 40.54 11.96 -27.27
CA VAL I 20 40.30 10.57 -27.61
C VAL I 20 39.17 10.05 -26.75
N SER I 21 38.23 9.34 -27.36
CA SER I 21 37.01 8.92 -26.68
C SER I 21 36.79 7.41 -26.82
N CYS I 22 36.42 6.77 -25.72
CA CYS I 22 35.97 5.39 -25.69
C CYS I 22 34.50 5.34 -25.26
N GLU I 23 33.85 4.21 -25.53
CA GLU I 23 32.43 4.07 -25.22
C GLU I 23 32.13 2.62 -24.86
N ALA I 24 31.62 2.40 -23.64
CA ALA I 24 31.34 1.07 -23.12
C ALA I 24 29.82 0.91 -22.99
N SER I 25 29.26 -0.05 -23.73
CA SER I 25 27.82 -0.23 -23.81
C SER I 25 27.31 -1.55 -23.27
N GLY I 26 28.18 -2.51 -23.00
CA GLY I 26 27.76 -3.89 -22.83
C GLY I 26 27.58 -4.44 -21.44
N TYR I 27 27.67 -3.63 -20.39
CA TYR I 27 27.69 -4.17 -19.03
C TYR I 27 27.40 -3.05 -18.04
N ASN I 28 27.40 -3.42 -16.76
CA ASN I 28 27.24 -2.45 -15.67
C ASN I 28 28.47 -1.55 -15.61
N ILE I 29 28.36 -0.34 -16.17
CA ILE I 29 29.56 0.49 -16.31
C ILE I 29 30.00 1.05 -14.96
N ARG I 30 29.05 1.38 -14.08
CA ARG I 30 29.37 2.11 -12.86
C ARG I 30 30.16 1.28 -11.85
N ASP I 31 30.27 -0.03 -12.04
CA ASP I 31 30.90 -0.90 -11.06
C ASP I 31 32.35 -1.26 -11.38
N TYR I 32 32.90 -0.74 -12.47
CA TYR I 32 34.26 -1.08 -12.88
C TYR I 32 35.00 0.17 -13.33
N PHE I 33 36.27 0.27 -12.94
CA PHE I 33 37.11 1.40 -13.33
C PHE I 33 37.47 1.31 -14.81
N ILE I 34 37.92 2.44 -15.36
CA ILE I 34 38.41 2.52 -16.72
C ILE I 34 39.81 3.11 -16.69
N HIS I 35 40.75 2.40 -17.31
CA HIS I 35 42.15 2.80 -17.30
C HIS I 35 42.59 3.16 -18.72
N TRP I 36 43.61 4.02 -18.82
CA TRP I 36 44.15 4.43 -20.11
C TRP I 36 45.62 4.07 -20.17
N TRP I 37 46.05 3.59 -21.34
CA TRP I 37 47.45 3.26 -21.56
C TRP I 37 47.89 3.83 -22.90
N ARG I 38 49.20 4.09 -23.02
CA ARG I 38 49.76 4.54 -24.28
C ARG I 38 51.07 3.79 -24.55
N GLN I 39 51.28 3.44 -25.81
CA GLN I 39 52.44 2.66 -26.22
C GLN I 39 53.23 3.45 -27.25
N ALA I 40 54.48 3.74 -26.93
CA ALA I 40 55.38 4.37 -27.89
C ALA I 40 55.76 3.35 -28.97
N PRO I 41 56.11 3.81 -30.17
CA PRO I 41 56.54 2.87 -31.22
C PRO I 41 57.80 2.13 -30.81
N GLY I 42 57.72 0.80 -30.86
CA GLY I 42 58.84 -0.04 -30.49
C GLY I 42 59.22 0.07 -29.01
N GLN I 43 58.22 0.04 -28.15
CA GLN I 43 58.45 0.14 -26.71
C GLN I 43 57.27 -0.50 -25.97
N GLY I 44 57.47 -0.73 -24.68
CA GLY I 44 56.43 -1.31 -23.86
C GLY I 44 55.35 -0.32 -23.49
N LEU I 45 54.31 -0.85 -22.86
CA LEU I 45 53.16 -0.03 -22.49
C LEU I 45 53.52 0.97 -21.40
N GLN I 46 52.84 2.10 -21.42
CA GLN I 46 53.02 3.17 -20.43
C GLN I 46 51.68 3.45 -19.76
N TRP I 47 51.71 3.70 -18.45
CA TRP I 47 50.48 3.82 -17.68
C TRP I 47 49.98 5.26 -17.69
N VAL I 48 48.71 5.43 -18.04
CA VAL I 48 47.98 6.66 -17.80
C VAL I 48 46.90 6.32 -16.77
N GLY I 49 46.45 7.34 -16.03
CA GLY I 49 45.65 7.08 -14.85
C GLY I 49 44.24 6.64 -15.14
N TRP I 50 43.59 6.13 -14.09
CA TRP I 50 42.22 5.65 -14.14
C TRP I 50 41.22 6.77 -13.86
N ILE I 51 39.94 6.44 -14.04
CA ILE I 51 38.84 7.34 -13.70
C ILE I 51 37.71 6.51 -13.09
N ASN I 52 37.13 7.03 -12.00
CA ASN I 52 36.04 6.34 -11.31
C ASN I 52 34.72 6.75 -11.95
N PRO I 53 33.99 5.84 -12.59
CA PRO I 53 32.75 6.23 -13.27
C PRO I 53 31.68 6.80 -12.35
N LYS I 54 31.65 6.39 -11.08
CA LYS I 54 30.58 6.83 -10.18
C LYS I 54 30.73 8.30 -9.83
N THR I 55 31.95 8.73 -9.46
CA THR I 55 32.17 10.10 -9.04
C THR I 55 33.01 10.93 -10.00
N GLY I 56 33.77 10.29 -10.88
CA GLY I 56 34.52 11.01 -11.88
C GLY I 56 35.89 11.49 -11.46
N GLN I 57 36.36 11.13 -10.27
CA GLN I 57 37.66 11.62 -9.80
C GLN I 57 38.79 10.88 -10.49
N PRO I 58 39.72 11.58 -11.15
CA PRO I 58 40.84 10.90 -11.81
C PRO I 58 42.04 10.72 -10.91
N ASN I 59 43.09 10.07 -11.44
CA ASN I 59 44.33 9.85 -10.71
C ASN I 59 45.44 9.71 -11.75
N ASN I 60 46.30 10.70 -11.86
CA ASN I 60 47.31 10.72 -12.90
C ASN I 60 48.70 10.78 -12.31
N PRO I 61 49.69 10.19 -12.98
CA PRO I 61 51.06 10.18 -12.44
C PRO I 61 51.72 11.55 -12.59
N ARG I 62 52.90 11.67 -12.00
CA ARG I 62 53.59 12.95 -11.96
C ARG I 62 54.00 13.42 -13.36
N GLN I 63 54.27 12.49 -14.27
CA GLN I 63 54.68 12.87 -15.61
C GLN I 63 53.57 13.62 -16.34
N PHE I 64 52.32 13.18 -16.16
CA PHE I 64 51.19 13.73 -16.88
C PHE I 64 50.38 14.73 -16.06
N GLN I 65 50.89 15.15 -14.90
CA GLN I 65 50.16 16.10 -14.07
C GLN I 65 50.09 17.45 -14.76
N GLY I 66 48.89 18.01 -14.83
CA GLY I 66 48.68 19.30 -15.46
C GLY I 66 48.57 19.28 -16.96
N ARG I 67 48.64 18.11 -17.59
CA ARG I 67 48.56 18.01 -19.05
C ARG I 67 47.45 17.10 -19.55
N VAL I 68 46.94 16.17 -18.74
CA VAL I 68 45.92 15.22 -19.19
C VAL I 68 44.70 15.38 -18.30
N SER I 69 43.52 15.31 -18.91
CA SER I 69 42.25 15.38 -18.20
C SER I 69 41.38 14.19 -18.58
N LEU I 70 40.79 13.55 -17.59
CA LEU I 70 39.90 12.41 -17.80
C LEU I 70 38.51 12.75 -17.31
N THR I 71 37.52 12.60 -18.19
CA THR I 71 36.13 12.88 -17.86
C THR I 71 35.25 11.77 -18.43
N ARG I 72 34.05 11.66 -17.86
CA ARG I 72 33.05 10.73 -18.39
C ARG I 72 31.71 11.41 -18.41
N HIS I 73 30.85 10.99 -19.33
CA HIS I 73 29.53 11.58 -19.48
C HIS I 73 28.53 10.45 -19.73
N ALA I 74 27.69 10.17 -18.74
CA ALA I 74 26.65 9.16 -18.89
C ALA I 74 25.48 9.73 -19.68
N SER I 75 24.63 8.82 -20.15
CA SER I 75 23.44 9.19 -20.91
C SER I 75 22.19 8.77 -20.14
N TRP I 76 21.03 9.09 -20.70
CA TRP I 76 19.76 8.77 -20.07
C TRP I 76 19.63 7.26 -19.87
N ASP I 77 19.14 6.86 -18.70
CA ASP I 77 18.93 5.48 -18.26
C ASP I 77 20.25 4.78 -17.92
N PHE I 78 21.38 5.49 -17.97
CA PHE I 78 22.68 4.95 -17.61
C PHE I 78 22.97 3.64 -18.34
N ASP I 79 22.66 3.61 -19.63
CA ASP I 79 22.89 2.43 -20.45
C ASP I 79 24.23 2.49 -21.18
N THR I 80 24.69 3.68 -21.53
CA THR I 80 25.94 3.87 -22.24
C THR I 80 26.76 4.93 -21.53
N PHE I 81 28.08 4.83 -21.68
CA PHE I 81 29.01 5.78 -21.11
C PHE I 81 30.01 6.20 -22.17
N SER I 82 30.51 7.43 -22.04
CA SER I 82 31.56 7.94 -22.90
C SER I 82 32.70 8.42 -22.05
N PHE I 83 33.89 7.89 -22.28
CA PHE I 83 35.08 8.24 -21.51
C PHE I 83 36.05 8.98 -22.43
N TYR I 84 36.35 10.23 -22.08
CA TYR I 84 37.22 11.08 -22.88
C TYR I 84 38.59 11.20 -22.25
N MET I 85 39.57 11.58 -23.07
CA MET I 85 40.92 11.86 -22.60
C MET I 85 41.46 13.05 -23.38
N ASP I 86 41.83 14.11 -22.67
CA ASP I 86 42.33 15.33 -23.27
C ASP I 86 43.80 15.52 -22.94
N LEU I 87 44.59 15.90 -23.93
CA LEU I 87 46.00 16.22 -23.73
C LEU I 87 46.21 17.69 -24.07
N LYS I 88 46.80 18.43 -23.13
CA LYS I 88 46.79 19.89 -23.22
C LYS I 88 47.82 20.42 -24.22
N ALA I 89 49.07 20.03 -24.07
CA ALA I 89 50.16 20.57 -24.89
C ALA I 89 50.92 19.41 -25.54
N LEU I 90 50.68 19.18 -26.83
CA LEU I 90 51.38 18.14 -27.56
C LEU I 90 52.85 18.50 -27.70
N ARG I 91 53.72 17.55 -27.36
CA ARG I 91 55.17 17.71 -27.49
C ARG I 91 55.70 16.81 -28.59
N SER I 92 57.01 16.91 -28.82
CA SER I 92 57.64 16.15 -29.90
C SER I 92 57.42 14.65 -29.72
N ASP I 93 57.62 14.13 -28.51
CA ASP I 93 57.62 12.69 -28.26
C ASP I 93 56.31 12.20 -27.64
N ASP I 94 55.20 12.88 -27.92
CA ASP I 94 53.90 12.41 -27.45
C ASP I 94 53.24 11.44 -28.42
N THR I 95 53.89 11.10 -29.54
CA THR I 95 53.32 10.15 -30.47
C THR I 95 53.29 8.76 -29.84
N ALA I 96 52.13 8.11 -29.88
CA ALA I 96 51.94 6.80 -29.28
C ALA I 96 50.58 6.28 -29.73
N VAL I 97 50.25 5.06 -29.28
CA VAL I 97 48.95 4.46 -29.53
C VAL I 97 48.23 4.34 -28.19
N TYR I 98 46.99 4.80 -28.13
CA TYR I 98 46.25 4.93 -26.88
C TYR I 98 45.15 3.88 -26.81
N PHE I 99 45.12 3.15 -25.70
CA PHE I 99 44.13 2.12 -25.44
C PHE I 99 43.37 2.45 -24.16
N CYS I 100 42.10 2.03 -24.10
CA CYS I 100 41.30 2.09 -22.90
C CYS I 100 40.93 0.67 -22.48
N ALA I 101 41.07 0.39 -21.19
CA ALA I 101 40.90 -0.96 -20.66
C ALA I 101 39.98 -0.94 -19.46
N ARG I 102 39.36 -2.09 -19.20
CA ARG I 102 38.43 -2.27 -18.09
C ARG I 102 39.10 -3.17 -17.05
N GLN I 103 39.33 -2.62 -15.86
CA GLN I 103 39.87 -3.41 -14.75
C GLN I 103 38.74 -4.21 -14.13
N ARG I 104 38.88 -5.54 -14.10
CA ARG I 104 37.80 -6.38 -13.59
C ARG I 104 37.80 -6.44 -12.07
N SER I 105 38.97 -6.54 -11.46
CA SER I 105 39.03 -6.71 -10.01
C SER I 105 40.40 -6.27 -9.50
N ASP I 106 40.58 -6.42 -8.18
CA ASP I 106 41.78 -5.95 -7.48
C ASP I 106 43.07 -6.52 -8.02
N TYR I 107 42.99 -7.58 -8.84
CA TYR I 107 44.19 -8.10 -9.49
C TYR I 107 44.72 -7.16 -10.56
N TRP I 108 43.96 -6.12 -10.92
CA TRP I 108 44.31 -5.20 -12.01
C TRP I 108 44.51 -5.97 -13.31
N ASP I 109 43.52 -6.79 -13.65
CA ASP I 109 43.55 -7.61 -14.86
C ASP I 109 42.57 -7.03 -15.86
N PHE I 110 43.09 -6.57 -16.99
CA PHE I 110 42.30 -5.86 -17.99
C PHE I 110 41.89 -6.84 -19.07
N ASP I 111 40.70 -7.41 -18.94
CA ASP I 111 40.23 -8.40 -19.89
C ASP I 111 39.81 -7.77 -21.21
N VAL I 112 39.13 -6.62 -21.17
CA VAL I 112 38.61 -5.96 -22.36
C VAL I 112 39.47 -4.73 -22.65
N TRP I 113 39.89 -4.60 -23.91
CA TRP I 113 40.69 -3.48 -24.36
C TRP I 113 40.02 -2.81 -25.55
N GLY I 114 40.48 -1.60 -25.87
CA GLY I 114 39.97 -0.87 -27.00
C GLY I 114 40.72 -1.16 -28.29
N SER I 115 40.18 -0.62 -29.38
CA SER I 115 40.80 -0.84 -30.69
C SER I 115 42.16 -0.14 -30.79
N GLY I 116 42.28 1.05 -30.24
CA GLY I 116 43.50 1.82 -30.30
C GLY I 116 43.36 3.02 -31.22
N THR I 117 44.17 4.04 -30.95
CA THR I 117 44.16 5.28 -31.73
C THR I 117 45.59 5.72 -32.00
N GLN I 118 45.84 6.12 -33.24
CA GLN I 118 47.14 6.65 -33.64
C GLN I 118 47.14 8.16 -33.44
N VAL I 119 48.06 8.65 -32.61
CA VAL I 119 48.23 10.08 -32.37
C VAL I 119 49.62 10.47 -32.84
N THR I 120 49.69 11.41 -33.79
CA THR I 120 50.95 11.85 -34.37
C THR I 120 50.98 13.37 -34.40
N VAL I 121 52.15 13.94 -34.14
CA VAL I 121 52.32 15.39 -34.16
C VAL I 121 52.96 15.82 -35.47
N VAL J 2 -32.31 -11.27 -8.91
CA VAL J 2 -31.96 -12.13 -10.04
C VAL J 2 -33.15 -12.27 -10.97
N GLN J 3 -33.35 -11.27 -11.82
CA GLN J 3 -34.47 -11.26 -12.77
C GLN J 3 -33.95 -11.00 -14.17
N LEU J 4 -34.55 -11.68 -15.14
CA LEU J 4 -34.16 -11.60 -16.54
C LEU J 4 -35.26 -10.89 -17.31
N LEU J 5 -34.91 -9.79 -17.98
CA LEU J 5 -35.84 -9.00 -18.76
C LEU J 5 -35.69 -9.35 -20.24
N GLN J 6 -36.82 -9.59 -20.91
CA GLN J 6 -36.85 -10.03 -22.29
C GLN J 6 -37.62 -9.03 -23.14
N SER J 7 -37.22 -8.90 -24.40
CA SER J 7 -37.84 -7.97 -25.31
C SER J 7 -39.20 -8.50 -25.78
N GLY J 8 -39.94 -7.62 -26.47
CA GLY J 8 -41.27 -7.96 -26.92
C GLY J 8 -41.28 -8.85 -28.14
N ALA J 9 -42.49 -9.27 -28.52
CA ALA J 9 -42.67 -10.16 -29.66
C ALA J 9 -42.42 -9.43 -30.97
N ALA J 10 -42.19 -10.21 -32.03
CA ALA J 10 -41.97 -9.64 -33.35
C ALA J 10 -42.40 -10.65 -34.41
N VAL J 11 -42.91 -10.14 -35.52
CA VAL J 11 -43.33 -10.94 -36.66
C VAL J 11 -42.51 -10.54 -37.87
N THR J 12 -42.07 -11.52 -38.64
CA THR J 12 -41.20 -11.25 -39.78
C THR J 12 -41.48 -12.26 -40.89
N LYS J 13 -41.03 -11.91 -42.09
CA LYS J 13 -41.15 -12.77 -43.25
C LYS J 13 -40.02 -13.79 -43.29
N PRO J 14 -40.19 -14.88 -44.04
CA PRO J 14 -39.10 -15.85 -44.18
C PRO J 14 -37.88 -15.22 -44.84
N GLY J 15 -36.72 -15.75 -44.52
CA GLY J 15 -35.46 -15.21 -45.03
C GLY J 15 -35.09 -13.85 -44.49
N ALA J 16 -35.31 -13.63 -43.20
CA ALA J 16 -35.00 -12.37 -42.54
C ALA J 16 -34.22 -12.63 -41.26
N SER J 17 -33.80 -11.56 -40.60
CA SER J 17 -33.09 -11.63 -39.34
C SER J 17 -33.89 -10.96 -38.24
N VAL J 18 -33.85 -11.53 -37.03
CA VAL J 18 -34.53 -10.98 -35.87
C VAL J 18 -33.60 -10.96 -34.68
N ARG J 19 -33.87 -10.04 -33.75
CA ARG J 19 -33.09 -9.89 -32.53
C ARG J 19 -34.01 -9.97 -31.32
N VAL J 20 -33.58 -10.71 -30.30
CA VAL J 20 -34.34 -10.85 -29.05
C VAL J 20 -33.38 -10.57 -27.90
N SER J 21 -33.35 -9.32 -27.44
CA SER J 21 -32.49 -8.94 -26.33
C SER J 21 -32.95 -9.59 -25.04
N CYS J 22 -31.99 -9.84 -24.14
CA CYS J 22 -32.27 -10.50 -22.88
C CYS J 22 -31.24 -10.04 -21.87
N GLU J 23 -31.70 -9.34 -20.83
CA GLU J 23 -30.82 -8.59 -19.94
C GLU J 23 -30.93 -9.09 -18.50
N ALA J 24 -29.79 -9.16 -17.82
CA ALA J 24 -29.69 -9.58 -16.43
C ALA J 24 -29.10 -8.43 -15.61
N SER J 25 -29.82 -8.01 -14.57
CA SER J 25 -29.38 -6.90 -13.71
C SER J 25 -29.25 -7.28 -12.24
N GLY J 26 -29.58 -8.52 -11.87
CA GLY J 26 -29.82 -8.80 -10.46
C GLY J 26 -28.61 -9.21 -9.64
N TYR J 27 -27.64 -9.89 -10.24
CA TYR J 27 -26.67 -10.66 -9.47
C TYR J 27 -25.29 -10.53 -10.11
N ASN J 28 -24.35 -11.35 -9.64
CA ASN J 28 -23.01 -11.47 -10.22
C ASN J 28 -23.14 -12.33 -11.48
N ILE J 29 -23.09 -11.68 -12.64
CA ILE J 29 -23.52 -12.32 -13.87
C ILE J 29 -22.42 -13.20 -14.46
N ARG J 30 -21.15 -12.87 -14.23
CA ARG J 30 -20.05 -13.58 -14.87
C ARG J 30 -19.90 -15.01 -14.39
N ASP J 31 -20.50 -15.39 -13.26
CA ASP J 31 -20.26 -16.68 -12.65
C ASP J 31 -21.24 -17.77 -13.08
N TYR J 32 -22.25 -17.43 -13.89
CA TYR J 32 -23.27 -18.40 -14.29
C TYR J 32 -23.51 -18.34 -15.79
N PHE J 33 -23.67 -19.52 -16.40
CA PHE J 33 -24.01 -19.60 -17.81
C PHE J 33 -25.44 -19.13 -18.03
N ILE J 34 -25.81 -18.98 -19.30
CA ILE J 34 -27.17 -18.63 -19.69
C ILE J 34 -27.54 -19.47 -20.90
N HIS J 35 -28.66 -20.20 -20.80
CA HIS J 35 -29.14 -21.08 -21.84
C HIS J 35 -30.36 -20.48 -22.52
N TRP J 36 -30.63 -20.94 -23.73
CA TRP J 36 -31.81 -20.54 -24.49
C TRP J 36 -32.63 -21.77 -24.83
N TRP J 37 -33.95 -21.69 -24.63
CA TRP J 37 -34.85 -22.77 -24.99
C TRP J 37 -35.96 -22.24 -25.89
N ARG J 38 -36.39 -23.07 -26.84
CA ARG J 38 -37.51 -22.70 -27.70
C ARG J 38 -38.53 -23.83 -27.71
N GLN J 39 -39.80 -23.45 -27.64
CA GLN J 39 -40.89 -24.42 -27.64
C GLN J 39 -41.90 -24.08 -28.73
N ALA J 40 -42.37 -25.11 -29.42
CA ALA J 40 -43.46 -25.03 -30.37
C ALA J 40 -44.79 -25.20 -29.64
N PRO J 41 -45.88 -24.68 -30.21
CA PRO J 41 -47.19 -24.84 -29.56
C PRO J 41 -47.54 -26.32 -29.40
N GLY J 42 -47.94 -26.70 -28.19
CA GLY J 42 -48.29 -28.08 -27.92
C GLY J 42 -47.13 -29.05 -28.05
N GLN J 43 -45.96 -28.67 -27.57
CA GLN J 43 -44.79 -29.54 -27.63
C GLN J 43 -43.83 -29.18 -26.51
N GLY J 44 -42.93 -30.11 -26.22
CA GLY J 44 -41.96 -29.90 -25.17
C GLY J 44 -40.87 -28.91 -25.56
N LEU J 45 -40.06 -28.55 -24.57
CA LEU J 45 -38.97 -27.61 -24.79
C LEU J 45 -37.91 -28.21 -25.70
N GLN J 46 -37.13 -27.34 -26.32
CA GLN J 46 -36.02 -27.75 -27.18
C GLN J 46 -34.80 -26.91 -26.87
N TRP J 47 -33.67 -27.56 -26.66
CA TRP J 47 -32.44 -26.86 -26.30
C TRP J 47 -31.87 -26.12 -27.51
N VAL J 48 -31.35 -24.92 -27.27
CA VAL J 48 -30.83 -24.09 -28.35
C VAL J 48 -29.34 -23.82 -28.13
N GLY J 49 -28.91 -23.81 -26.87
CA GLY J 49 -27.49 -23.63 -26.59
C GLY J 49 -27.17 -22.60 -25.53
N TRP J 50 -25.94 -22.62 -25.02
CA TRP J 50 -25.51 -21.72 -23.96
C TRP J 50 -24.45 -20.75 -24.46
N ILE J 51 -24.18 -19.74 -23.64
CA ILE J 51 -23.14 -18.75 -23.90
C ILE J 51 -22.42 -18.46 -22.60
N ASN J 52 -21.09 -18.34 -22.68
CA ASN J 52 -20.28 -18.05 -21.50
C ASN J 52 -20.14 -16.55 -21.33
N PRO J 53 -20.64 -15.96 -20.24
CA PRO J 53 -20.54 -14.50 -20.08
C PRO J 53 -19.11 -13.98 -20.04
N LYS J 54 -18.17 -14.75 -19.50
CA LYS J 54 -16.80 -14.23 -19.34
C LYS J 54 -16.08 -14.13 -20.68
N THR J 55 -16.18 -15.16 -21.52
CA THR J 55 -15.44 -15.20 -22.77
C THR J 55 -16.32 -15.14 -24.01
N GLY J 56 -17.62 -15.35 -23.88
CA GLY J 56 -18.50 -15.26 -25.03
C GLY J 56 -18.53 -16.47 -25.93
N GLN J 57 -18.04 -17.61 -25.46
CA GLN J 57 -18.01 -18.82 -26.28
C GLN J 57 -19.41 -19.42 -26.40
N PRO J 58 -19.97 -19.53 -27.60
CA PRO J 58 -21.29 -20.14 -27.77
C PRO J 58 -21.21 -21.63 -28.05
N ASN J 59 -22.35 -22.29 -27.90
CA ASN J 59 -22.50 -23.71 -28.19
C ASN J 59 -23.91 -23.94 -28.73
N ASN J 60 -24.01 -24.67 -29.83
CA ASN J 60 -25.30 -24.90 -30.47
C ASN J 60 -25.35 -26.32 -31.01
N PRO J 61 -26.55 -26.89 -31.13
CA PRO J 61 -26.68 -28.24 -31.70
C PRO J 61 -26.45 -28.22 -33.21
N ARG J 62 -26.32 -29.42 -33.76
CA ARG J 62 -26.02 -29.55 -35.20
C ARG J 62 -27.12 -28.95 -36.05
N GLN J 63 -28.37 -29.06 -35.62
CA GLN J 63 -29.48 -28.53 -36.42
C GLN J 63 -29.41 -27.01 -36.52
N PHE J 64 -29.07 -26.33 -35.43
CA PHE J 64 -29.07 -24.88 -35.39
C PHE J 64 -27.75 -24.24 -35.81
N GLN J 65 -26.67 -25.02 -35.86
CA GLN J 65 -25.37 -24.44 -36.17
C GLN J 65 -25.32 -23.94 -37.61
N GLY J 66 -24.74 -22.76 -37.79
CA GLY J 66 -24.72 -22.09 -39.07
C GLY J 66 -25.84 -21.09 -39.27
N ARG J 67 -26.81 -21.04 -38.35
CA ARG J 67 -27.95 -20.15 -38.46
C ARG J 67 -28.14 -19.23 -37.27
N VAL J 68 -27.66 -19.62 -36.08
CA VAL J 68 -27.87 -18.86 -34.85
C VAL J 68 -26.51 -18.47 -34.29
N SER J 69 -26.38 -17.22 -33.87
CA SER J 69 -25.17 -16.70 -33.25
C SER J 69 -25.55 -15.95 -31.98
N LEU J 70 -24.82 -16.21 -30.90
CA LEU J 70 -25.08 -15.60 -29.61
C LEU J 70 -23.97 -14.62 -29.24
N THR J 71 -24.35 -13.49 -28.65
CA THR J 71 -23.42 -12.41 -28.39
C THR J 71 -23.82 -11.71 -27.09
N ARG J 72 -22.83 -11.24 -26.34
CA ARG J 72 -23.05 -10.49 -25.12
C ARG J 72 -22.32 -9.16 -25.18
N HIS J 73 -22.86 -8.17 -24.48
CA HIS J 73 -22.30 -6.82 -24.48
C HIS J 73 -22.27 -6.31 -23.05
N ALA J 74 -21.09 -6.35 -22.44
CA ALA J 74 -20.92 -5.88 -21.07
C ALA J 74 -21.02 -4.36 -21.01
N SER J 75 -21.33 -3.86 -19.81
CA SER J 75 -21.39 -2.43 -19.55
C SER J 75 -20.54 -2.08 -18.34
N TRP J 76 -20.01 -0.87 -18.33
CA TRP J 76 -19.14 -0.43 -17.25
C TRP J 76 -19.93 -0.21 -15.96
N PHE J 81 -25.49 -6.26 -18.36
CA PHE J 81 -25.20 -7.39 -19.22
C PHE J 81 -26.42 -7.75 -20.05
N SER J 82 -26.35 -7.53 -21.36
CA SER J 82 -27.47 -7.78 -22.25
C SER J 82 -27.09 -8.89 -23.23
N PHE J 83 -27.86 -9.97 -23.24
CA PHE J 83 -27.59 -11.11 -24.10
C PHE J 83 -28.53 -11.08 -25.30
N TYR J 84 -27.99 -11.43 -26.47
CA TYR J 84 -28.75 -11.38 -27.71
C TYR J 84 -28.83 -12.77 -28.35
N MET J 85 -29.59 -12.84 -29.44
CA MET J 85 -29.73 -14.04 -30.24
C MET J 85 -30.04 -13.61 -31.67
N ASP J 86 -29.59 -14.41 -32.63
CA ASP J 86 -29.78 -14.10 -34.04
C ASP J 86 -30.25 -15.33 -34.78
N LEU J 87 -30.96 -15.10 -35.89
CA LEU J 87 -31.37 -16.17 -36.80
C LEU J 87 -31.18 -15.66 -38.22
N LYS J 88 -30.16 -16.17 -38.90
CA LYS J 88 -29.82 -15.66 -40.23
C LYS J 88 -30.91 -16.00 -41.24
N ALA J 89 -31.37 -17.25 -41.26
CA ALA J 89 -32.36 -17.71 -42.23
C ALA J 89 -33.51 -18.38 -41.50
N LEU J 90 -34.70 -17.80 -41.61
CA LEU J 90 -35.90 -18.36 -41.00
C LEU J 90 -36.60 -19.32 -41.96
N ARG J 91 -37.69 -19.89 -41.49
CA ARG J 91 -38.47 -20.85 -42.26
C ARG J 91 -39.86 -20.93 -41.65
N SER J 92 -40.75 -21.64 -42.34
CA SER J 92 -42.13 -21.76 -41.88
C SER J 92 -42.22 -22.38 -40.48
N ASP J 93 -41.35 -23.33 -40.18
CA ASP J 93 -41.46 -24.11 -38.95
C ASP J 93 -40.68 -23.51 -37.79
N ASP J 94 -40.07 -22.34 -37.95
CA ASP J 94 -39.28 -21.72 -36.90
C ASP J 94 -40.11 -20.81 -35.99
N THR J 95 -41.44 -20.89 -36.06
CA THR J 95 -42.29 -20.12 -35.16
C THR J 95 -42.37 -20.83 -33.81
N ALA J 96 -41.83 -20.20 -32.78
CA ALA J 96 -41.75 -20.80 -31.45
C ALA J 96 -41.69 -19.69 -30.42
N VAL J 97 -41.55 -20.08 -29.15
CA VAL J 97 -41.37 -19.15 -28.04
C VAL J 97 -39.99 -19.41 -27.44
N TYR J 98 -39.28 -18.33 -27.10
CA TYR J 98 -37.89 -18.39 -26.65
C TYR J 98 -37.78 -17.92 -25.21
N PHE J 99 -37.06 -18.70 -24.39
CA PHE J 99 -36.86 -18.43 -22.98
C PHE J 99 -35.38 -18.36 -22.67
N CYS J 100 -35.00 -17.38 -21.85
CA CYS J 100 -33.69 -17.31 -21.22
C CYS J 100 -33.71 -18.09 -19.92
N ALA J 101 -32.67 -18.87 -19.67
CA ALA J 101 -32.55 -19.62 -18.43
C ALA J 101 -31.17 -19.42 -17.85
N ARG J 102 -31.06 -19.55 -16.53
CA ARG J 102 -29.81 -19.29 -15.82
C ARG J 102 -29.38 -20.58 -15.14
N GLN J 103 -28.40 -21.26 -15.72
CA GLN J 103 -27.79 -22.41 -15.07
C GLN J 103 -27.01 -21.96 -13.85
N ARG J 104 -27.11 -22.72 -12.75
CA ARG J 104 -26.46 -22.35 -11.51
C ARG J 104 -25.72 -23.50 -10.84
N SER J 105 -25.72 -24.70 -11.42
CA SER J 105 -25.05 -25.83 -10.80
C SER J 105 -24.74 -26.86 -11.87
N ASP J 106 -23.98 -27.88 -11.47
CA ASP J 106 -23.62 -28.97 -12.37
C ASP J 106 -24.81 -29.86 -12.70
N TYR J 107 -25.93 -29.69 -12.03
CA TYR J 107 -27.14 -30.46 -12.30
C TYR J 107 -27.95 -29.89 -13.45
N TRP J 108 -27.51 -28.76 -14.03
CA TRP J 108 -28.25 -28.07 -15.10
C TRP J 108 -29.68 -27.75 -14.65
N ASP J 109 -29.81 -27.22 -13.44
CA ASP J 109 -31.09 -26.81 -12.90
C ASP J 109 -31.25 -25.31 -13.06
N PHE J 110 -32.35 -24.91 -13.70
CA PHE J 110 -32.61 -23.51 -14.00
C PHE J 110 -33.68 -23.00 -13.04
N ASP J 111 -33.33 -21.98 -12.25
CA ASP J 111 -34.24 -21.43 -11.26
C ASP J 111 -34.80 -20.07 -11.64
N VAL J 112 -34.27 -19.43 -12.67
CA VAL J 112 -34.76 -18.13 -13.14
C VAL J 112 -35.01 -18.22 -14.63
N TRP J 113 -36.16 -17.71 -15.07
CA TRP J 113 -36.54 -17.73 -16.47
C TRP J 113 -37.06 -16.36 -16.87
N GLY J 114 -36.95 -16.05 -18.17
CA GLY J 114 -37.50 -14.83 -18.69
C GLY J 114 -38.97 -14.93 -19.03
N SER J 115 -39.58 -13.77 -19.28
CA SER J 115 -41.00 -13.75 -19.63
C SER J 115 -41.27 -14.45 -20.94
N GLY J 116 -40.31 -14.46 -21.85
CA GLY J 116 -40.45 -15.14 -23.12
C GLY J 116 -40.83 -14.21 -24.25
N THR J 117 -40.40 -14.57 -25.45
CA THR J 117 -40.73 -13.83 -26.67
C THR J 117 -41.37 -14.80 -27.66
N GLN J 118 -42.54 -14.43 -28.16
CA GLN J 118 -43.32 -15.30 -29.04
C GLN J 118 -43.17 -14.78 -30.47
N VAL J 119 -42.41 -15.51 -31.29
CA VAL J 119 -42.04 -15.07 -32.63
C VAL J 119 -42.82 -15.89 -33.64
N THR J 120 -43.47 -15.20 -34.58
CA THR J 120 -44.21 -15.84 -35.66
C THR J 120 -43.54 -15.54 -36.99
N VAL J 121 -43.69 -16.47 -37.93
CA VAL J 121 -43.12 -16.33 -39.26
C VAL J 121 -44.20 -16.50 -40.32
N ASP K 1 58.72 -0.27 -2.50
CA ASP K 1 58.61 -0.08 -3.94
C ASP K 1 58.36 -1.42 -4.64
N ILE K 2 58.15 -1.37 -5.95
CA ILE K 2 57.92 -2.57 -6.76
C ILE K 2 59.04 -2.65 -7.78
N GLN K 3 59.79 -3.75 -7.74
CA GLN K 3 60.84 -4.04 -8.71
C GLN K 3 60.47 -5.31 -9.45
N MET K 4 60.57 -5.28 -10.79
CA MET K 4 60.17 -6.43 -11.59
C MET K 4 60.97 -6.43 -12.89
N THR K 5 61.46 -7.60 -13.26
CA THR K 5 62.28 -7.74 -14.46
C THR K 5 61.88 -8.99 -15.24
N GLN K 6 62.19 -8.97 -16.53
CA GLN K 6 61.91 -10.06 -17.48
C GLN K 6 63.17 -10.32 -18.28
N SER K 7 64.00 -11.24 -17.78
CA SER K 7 65.32 -11.48 -18.37
C SER K 7 65.28 -12.03 -19.80
N PRO K 8 64.47 -13.05 -20.14
CA PRO K 8 64.72 -13.82 -21.38
C PRO K 8 64.99 -13.02 -22.64
N SER K 9 64.45 -11.80 -22.77
CA SER K 9 64.62 -10.96 -23.96
C SER K 9 64.06 -11.75 -25.16
N SER K 10 64.82 -11.95 -26.23
CA SER K 10 64.31 -12.67 -27.39
C SER K 10 64.64 -14.16 -27.30
N LEU K 11 63.77 -14.97 -27.90
CA LEU K 11 63.91 -16.42 -27.90
C LEU K 11 63.80 -16.94 -29.32
N SER K 12 64.22 -18.20 -29.51
CA SER K 12 64.27 -18.82 -30.83
C SER K 12 63.62 -20.20 -30.84
N ALA K 13 62.60 -20.42 -30.02
CA ALA K 13 61.91 -21.71 -29.98
C ALA K 13 61.37 -22.09 -31.35
N SER K 14 61.37 -23.38 -31.64
CA SER K 14 60.93 -23.91 -32.92
C SER K 14 59.50 -24.46 -32.82
N VAL K 15 58.94 -24.78 -33.99
CA VAL K 15 57.57 -25.28 -34.05
C VAL K 15 57.51 -26.68 -33.44
N GLY K 16 56.51 -26.91 -32.59
CA GLY K 16 56.34 -28.19 -31.96
C GLY K 16 57.15 -28.40 -30.70
N ASP K 17 57.79 -27.37 -30.18
CA ASP K 17 58.60 -27.46 -28.97
C ASP K 17 57.93 -26.73 -27.82
N THR K 18 58.50 -26.87 -26.63
CA THR K 18 58.00 -26.24 -25.42
C THR K 18 58.86 -25.03 -25.08
N VAL K 19 58.21 -23.90 -24.80
CA VAL K 19 58.90 -22.65 -24.54
C VAL K 19 58.53 -22.18 -23.14
N THR K 20 59.47 -21.48 -22.50
CA THR K 20 59.27 -20.95 -21.16
C THR K 20 59.78 -19.52 -21.10
N ILE K 21 58.93 -18.61 -20.62
CA ILE K 21 59.28 -17.21 -20.44
C ILE K 21 59.21 -16.91 -18.96
N THR K 22 60.31 -16.43 -18.38
CA THR K 22 60.41 -16.26 -16.93
C THR K 22 60.52 -14.77 -16.58
N CYS K 23 60.14 -14.45 -15.35
CA CYS K 23 60.22 -13.10 -14.84
C CYS K 23 60.24 -13.14 -13.32
N GLN K 24 60.64 -12.03 -12.72
CA GLN K 24 60.62 -11.90 -11.27
C GLN K 24 59.96 -10.59 -10.89
N ALA K 25 59.10 -10.66 -9.88
CA ALA K 25 58.30 -9.51 -9.46
C ALA K 25 57.72 -9.77 -8.07
N ASN K 26 57.27 -8.70 -7.44
CA ASN K 26 56.50 -8.78 -6.20
C ASN K 26 55.14 -8.12 -6.41
N GLY K 27 54.09 -8.78 -5.93
CA GLY K 27 52.73 -8.34 -6.16
C GLY K 27 52.04 -9.22 -7.20
N TYR K 28 50.78 -8.88 -7.45
CA TYR K 28 49.99 -9.62 -8.43
C TYR K 28 50.56 -9.42 -9.82
N LEU K 29 50.66 -10.51 -10.57
CA LEU K 29 51.25 -10.47 -11.91
C LEU K 29 50.29 -11.08 -12.92
N ASN K 30 50.23 -10.47 -14.10
CA ASN K 30 49.38 -10.93 -15.19
C ASN K 30 50.16 -10.95 -16.50
N TRP K 31 49.83 -11.92 -17.34
CA TRP K 31 50.51 -12.17 -18.60
C TRP K 31 49.60 -11.76 -19.76
N TYR K 32 50.16 -11.01 -20.71
CA TYR K 32 49.45 -10.58 -21.91
C TYR K 32 50.26 -10.95 -23.14
N GLN K 33 49.56 -11.36 -24.20
CA GLN K 33 50.17 -11.66 -25.49
C GLN K 33 49.58 -10.73 -26.52
N GLN K 34 50.43 -9.90 -27.12
CA GLN K 34 50.03 -8.91 -28.11
C GLN K 34 50.60 -9.29 -29.46
N ARG K 35 49.74 -9.39 -30.46
CA ARG K 35 50.18 -9.53 -31.84
C ARG K 35 50.52 -8.16 -32.41
N ARG K 36 51.37 -8.16 -33.43
CA ARG K 36 51.80 -6.90 -34.04
C ARG K 36 50.61 -6.16 -34.62
N GLY K 37 50.50 -4.87 -34.30
CA GLY K 37 49.40 -4.06 -34.79
C GLY K 37 48.04 -4.51 -34.29
N LYS K 38 47.92 -4.82 -33.01
CA LYS K 38 46.64 -5.25 -32.44
C LYS K 38 46.64 -4.98 -30.95
N ALA K 39 45.44 -5.01 -30.37
CA ALA K 39 45.26 -4.79 -28.94
C ALA K 39 45.71 -6.01 -28.14
N PRO K 40 46.22 -5.78 -26.93
CA PRO K 40 46.65 -6.91 -26.09
C PRO K 40 45.48 -7.78 -25.65
N LYS K 41 45.80 -9.01 -25.28
CA LYS K 41 44.83 -9.97 -24.80
C LYS K 41 45.37 -10.66 -23.56
N LEU K 42 44.47 -10.96 -22.61
CA LEU K 42 44.85 -11.60 -21.36
C LEU K 42 44.85 -13.12 -21.53
N LEU K 43 45.98 -13.74 -21.21
CA LEU K 43 46.09 -15.20 -21.22
C LEU K 43 45.85 -15.79 -19.84
N ILE K 44 46.68 -15.42 -18.88
CA ILE K 44 46.63 -15.96 -17.52
C ILE K 44 46.60 -14.80 -16.54
N TYR K 45 45.65 -14.82 -15.62
CA TYR K 45 45.47 -13.78 -14.63
C TYR K 45 45.90 -14.29 -13.26
N ASP K 46 46.49 -13.40 -12.46
CA ASP K 46 47.11 -13.69 -11.17
C ASP K 46 48.37 -14.52 -11.37
N GLY K 47 48.77 -14.77 -12.61
CA GLY K 47 49.96 -15.51 -12.95
C GLY K 47 49.85 -17.02 -12.80
N SER K 48 48.72 -17.53 -12.31
CA SER K 48 48.49 -18.97 -12.23
C SER K 48 47.20 -19.43 -12.87
N LYS K 49 46.18 -18.57 -12.92
CA LYS K 49 44.86 -18.95 -13.40
C LYS K 49 44.65 -18.41 -14.81
N LEU K 50 44.11 -19.26 -15.68
CA LEU K 50 43.97 -18.96 -17.09
C LEU K 50 42.53 -18.51 -17.37
N GLU K 51 42.40 -17.41 -18.10
CA GLU K 51 41.08 -16.87 -18.42
C GLU K 51 40.32 -17.81 -19.34
N ARG K 52 39.01 -17.85 -19.17
CA ARG K 52 38.16 -18.69 -20.03
C ARG K 52 38.25 -18.23 -21.47
N GLY K 53 38.42 -19.19 -22.39
CA GLY K 53 38.54 -18.90 -23.80
C GLY K 53 39.93 -19.04 -24.38
N VAL K 54 40.92 -19.46 -23.59
CA VAL K 54 42.27 -19.68 -24.09
C VAL K 54 42.54 -21.18 -24.01
N PRO K 55 43.26 -21.77 -24.97
CA PRO K 55 43.52 -23.22 -24.91
C PRO K 55 44.32 -23.60 -23.67
N SER K 56 44.07 -24.82 -23.19
CA SER K 56 44.62 -25.31 -21.94
C SER K 56 46.13 -25.52 -21.99
N ARG K 57 46.75 -25.46 -23.17
CA ARG K 57 48.20 -25.68 -23.26
C ARG K 57 48.96 -24.59 -22.51
N PHE K 58 48.50 -23.34 -22.60
CA PHE K 58 49.16 -22.23 -21.91
C PHE K 58 49.06 -22.45 -20.41
N SER K 59 50.21 -22.49 -19.73
CA SER K 59 50.16 -22.71 -18.28
C SER K 59 51.28 -21.95 -17.61
N GLY K 60 50.95 -21.22 -16.55
CA GLY K 60 51.94 -20.44 -15.83
C GLY K 60 51.99 -20.83 -14.37
N ARG K 61 53.19 -20.80 -13.82
CA ARG K 61 53.41 -21.25 -12.46
C ARG K 61 54.32 -20.27 -11.72
N ARG K 62 54.08 -20.14 -10.42
CA ARG K 62 54.77 -19.21 -9.55
C ARG K 62 55.45 -19.97 -8.41
N TRP K 63 56.70 -19.59 -8.12
CA TRP K 63 57.43 -20.16 -7.00
C TRP K 63 58.26 -19.06 -6.36
N GLY K 64 57.98 -18.76 -5.11
CA GLY K 64 58.67 -17.68 -4.43
C GLY K 64 58.44 -16.37 -5.14
N GLN K 65 59.52 -15.70 -5.52
CA GLN K 65 59.46 -14.46 -6.27
C GLN K 65 59.68 -14.66 -7.77
N GLU K 66 59.75 -15.90 -8.23
CA GLU K 66 60.02 -16.21 -9.63
C GLU K 66 58.79 -16.81 -10.27
N TYR K 67 58.28 -16.16 -11.32
CA TYR K 67 57.15 -16.67 -12.06
C TYR K 67 57.62 -17.06 -13.46
N ASN K 68 56.96 -18.04 -14.06
CA ASN K 68 57.18 -18.21 -15.49
C ASN K 68 56.00 -18.90 -16.15
N LEU K 69 55.86 -18.63 -17.45
CA LEU K 69 54.81 -19.18 -18.30
C LEU K 69 55.43 -20.18 -19.26
N THR K 70 54.83 -21.37 -19.35
CA THR K 70 55.25 -22.41 -20.27
C THR K 70 54.14 -22.66 -21.27
N ILE K 71 54.54 -22.76 -22.54
CA ILE K 71 53.66 -23.14 -23.63
C ILE K 71 54.19 -24.44 -24.23
N ASN K 72 53.29 -25.39 -24.44
CA ASN K 72 53.63 -26.70 -24.99
C ASN K 72 52.80 -26.96 -26.24
N ASN K 73 53.34 -27.75 -27.15
CA ASN K 73 52.74 -28.00 -28.46
C ASN K 73 52.53 -26.69 -29.21
N LEU K 74 53.65 -25.96 -29.40
CA LEU K 74 53.64 -24.67 -30.05
C LEU K 74 53.06 -24.78 -31.46
N GLN K 75 52.27 -23.78 -31.83
CA GLN K 75 51.66 -23.66 -33.15
C GLN K 75 52.19 -22.41 -33.83
N PRO K 76 52.15 -22.34 -35.17
CA PRO K 76 52.67 -21.15 -35.84
C PRO K 76 51.95 -19.86 -35.47
N GLU K 77 50.67 -19.93 -35.12
CA GLU K 77 49.90 -18.73 -34.80
C GLU K 77 50.31 -18.09 -33.48
N ASP K 78 51.13 -18.76 -32.66
CA ASP K 78 51.48 -18.28 -31.33
C ASP K 78 52.69 -17.36 -31.34
N ILE K 79 53.08 -16.82 -32.49
CA ILE K 79 54.26 -15.95 -32.57
C ILE K 79 53.77 -14.53 -32.32
N ALA K 80 53.77 -14.16 -31.03
CA ALA K 80 53.37 -12.81 -30.61
C ALA K 80 54.38 -12.35 -29.56
N THR K 81 54.06 -11.23 -28.91
CA THR K 81 54.93 -10.66 -27.87
C THR K 81 54.27 -10.87 -26.52
N TYR K 82 54.99 -11.47 -25.59
CA TYR K 82 54.46 -11.83 -24.28
C TYR K 82 55.11 -10.97 -23.20
N PHE K 83 54.29 -10.34 -22.36
CA PHE K 83 54.78 -9.46 -21.32
C PHE K 83 53.94 -9.61 -20.05
N CYS K 84 54.53 -9.22 -18.92
CA CYS K 84 53.91 -9.35 -17.60
C CYS K 84 53.83 -8.00 -16.93
N GLN K 85 52.65 -7.64 -16.42
CA GLN K 85 52.42 -6.35 -15.75
C GLN K 85 51.98 -6.59 -14.30
N VAL K 86 52.61 -5.90 -13.35
CA VAL K 86 52.23 -6.09 -11.95
C VAL K 86 51.00 -5.25 -11.61
N TYR K 87 51.17 -3.95 -11.37
CA TYR K 87 50.02 -3.08 -11.11
C TYR K 87 49.92 -1.98 -12.16
N GLU K 88 50.95 -1.15 -12.28
CA GLU K 88 51.02 -0.17 -13.36
C GLU K 88 52.38 -0.15 -14.03
N PHE K 89 53.21 -1.17 -13.79
CA PHE K 89 54.55 -1.24 -14.35
C PHE K 89 54.59 -2.37 -15.36
N VAL K 90 55.08 -2.07 -16.57
CA VAL K 90 55.17 -3.04 -17.64
C VAL K 90 56.59 -3.02 -18.18
N VAL K 91 56.98 -4.13 -18.80
CA VAL K 91 58.30 -4.27 -19.42
C VAL K 91 58.07 -4.52 -20.91
N PRO K 92 59.03 -4.19 -21.78
CA PRO K 92 58.79 -4.36 -23.23
C PRO K 92 58.38 -5.77 -23.63
N GLY K 93 58.91 -6.78 -22.97
CA GLY K 93 58.46 -8.15 -23.20
C GLY K 93 59.42 -8.96 -24.03
N THR K 94 58.93 -10.12 -24.46
CA THR K 94 59.69 -11.09 -25.22
C THR K 94 59.01 -11.38 -26.55
N ARG K 95 59.80 -11.44 -27.61
CA ARG K 95 59.28 -11.79 -28.93
C ARG K 95 60.06 -12.96 -29.52
N ASP L 1 -25.89 -43.10 -24.81
CA ASP L 1 -26.22 -41.70 -24.59
C ASP L 1 -27.18 -41.56 -23.41
N ILE L 2 -28.30 -40.88 -23.65
CA ILE L 2 -29.33 -40.68 -22.64
C ILE L 2 -30.63 -41.29 -23.16
N GLN L 3 -31.17 -42.24 -22.41
CA GLN L 3 -32.45 -42.88 -22.73
C GLN L 3 -33.49 -42.44 -21.71
N MET L 4 -34.65 -41.99 -22.20
CA MET L 4 -35.60 -41.29 -21.37
C MET L 4 -37.03 -41.66 -21.78
N THR L 5 -37.91 -41.82 -20.78
CA THR L 5 -39.26 -42.30 -21.03
C THR L 5 -40.23 -41.65 -20.04
N GLN L 6 -41.41 -41.27 -20.53
CA GLN L 6 -42.48 -40.70 -19.71
C GLN L 6 -43.76 -41.50 -19.96
N SER L 7 -44.09 -42.40 -19.02
CA SER L 7 -45.22 -43.31 -19.19
C SER L 7 -46.57 -42.66 -18.88
N PRO L 8 -46.73 -41.94 -17.77
CA PRO L 8 -48.05 -41.37 -17.47
C PRO L 8 -48.34 -40.13 -18.32
N SER L 9 -48.81 -40.33 -19.54
CA SER L 9 -49.04 -39.19 -20.43
C SER L 9 -50.19 -38.34 -19.94
N SER L 10 -51.38 -38.91 -19.86
CA SER L 10 -52.57 -38.22 -19.39
C SER L 10 -53.07 -38.88 -18.11
N LEU L 11 -53.43 -38.07 -17.11
CA LEU L 11 -53.91 -38.57 -15.83
C LEU L 11 -55.16 -37.79 -15.42
N SER L 12 -56.04 -38.48 -14.69
CA SER L 12 -57.30 -37.92 -14.21
C SER L 12 -57.36 -38.14 -12.70
N ALA L 13 -57.02 -37.12 -11.93
CA ALA L 13 -56.99 -37.20 -10.48
C ALA L 13 -57.99 -36.24 -9.88
N SER L 14 -58.54 -36.61 -8.73
CA SER L 14 -59.50 -35.79 -8.02
C SER L 14 -58.80 -34.90 -7.00
N VAL L 15 -59.55 -33.92 -6.48
CA VAL L 15 -59.00 -32.98 -5.51
C VAL L 15 -58.76 -33.70 -4.18
N GLY L 16 -57.57 -33.49 -3.61
CA GLY L 16 -57.21 -34.10 -2.34
C GLY L 16 -56.56 -35.45 -2.44
N ASP L 17 -56.51 -36.05 -3.62
CA ASP L 17 -55.90 -37.37 -3.81
C ASP L 17 -54.40 -37.24 -4.05
N THR L 18 -53.71 -38.36 -3.89
CA THR L 18 -52.26 -38.44 -4.11
C THR L 18 -51.98 -39.29 -5.33
N VAL L 19 -51.21 -38.75 -6.27
CA VAL L 19 -50.87 -39.43 -7.50
C VAL L 19 -49.36 -39.33 -7.73
N THR L 20 -48.84 -40.26 -8.52
CA THR L 20 -47.42 -40.30 -8.87
C THR L 20 -47.26 -40.52 -10.37
N ILE L 21 -46.23 -39.91 -10.93
CA ILE L 21 -45.89 -40.05 -12.34
C ILE L 21 -44.46 -40.55 -12.44
N THR L 22 -44.23 -41.52 -13.34
CA THR L 22 -42.97 -42.22 -13.46
C THR L 22 -42.16 -41.67 -14.62
N CYS L 23 -40.94 -41.21 -14.33
CA CYS L 23 -39.98 -40.81 -15.35
C CYS L 23 -38.74 -41.69 -15.22
N GLN L 24 -38.35 -42.31 -16.33
CA GLN L 24 -37.15 -43.14 -16.39
C GLN L 24 -36.11 -42.42 -17.23
N ALA L 25 -34.93 -42.22 -16.66
CA ALA L 25 -33.89 -41.48 -17.36
C ALA L 25 -32.54 -41.83 -16.76
N ASN L 26 -31.49 -41.50 -17.52
CA ASN L 26 -30.11 -41.67 -17.09
C ASN L 26 -29.53 -40.31 -16.75
N GLY L 27 -28.95 -40.19 -15.55
CA GLY L 27 -28.35 -38.94 -15.12
C GLY L 27 -29.26 -38.14 -14.22
N TYR L 28 -28.77 -36.95 -13.86
CA TYR L 28 -29.50 -36.07 -12.97
C TYR L 28 -30.83 -35.65 -13.60
N LEU L 29 -31.90 -35.73 -12.82
CA LEU L 29 -33.25 -35.51 -13.31
C LEU L 29 -33.89 -34.36 -12.55
N ASN L 30 -34.62 -33.51 -13.27
CA ASN L 30 -35.29 -32.35 -12.70
C ASN L 30 -36.78 -32.43 -13.00
N TRP L 31 -37.59 -32.04 -12.02
CA TRP L 31 -39.03 -31.95 -12.17
C TRP L 31 -39.45 -30.49 -12.24
N TYR L 32 -40.15 -30.14 -13.31
CA TYR L 32 -40.60 -28.79 -13.60
C TYR L 32 -42.11 -28.78 -13.75
N GLN L 33 -42.73 -27.67 -13.35
CA GLN L 33 -44.16 -27.46 -13.52
C GLN L 33 -44.36 -26.19 -14.33
N GLN L 34 -45.14 -26.31 -15.41
CA GLN L 34 -45.38 -25.18 -16.32
C GLN L 34 -46.88 -25.04 -16.54
N ARG L 35 -47.46 -23.96 -16.03
CA ARG L 35 -48.83 -23.62 -16.36
C ARG L 35 -48.92 -23.13 -17.81
N ARG L 36 -50.07 -23.36 -18.44
CA ARG L 36 -50.26 -22.97 -19.82
C ARG L 36 -50.08 -21.46 -19.98
N GLY L 37 -49.24 -21.07 -20.94
CA GLY L 37 -48.99 -19.67 -21.20
C GLY L 37 -47.98 -19.02 -20.29
N LYS L 38 -47.33 -19.77 -19.41
CA LYS L 38 -46.37 -19.21 -18.46
C LYS L 38 -45.06 -19.99 -18.53
N ALA L 39 -43.99 -19.32 -18.12
CA ALA L 39 -42.66 -19.93 -18.14
C ALA L 39 -42.55 -21.02 -17.08
N PRO L 40 -41.78 -22.07 -17.36
CA PRO L 40 -41.63 -23.16 -16.39
C PRO L 40 -40.95 -22.68 -15.10
N LYS L 41 -41.26 -23.38 -14.01
CA LYS L 41 -40.68 -23.10 -12.71
C LYS L 41 -40.04 -24.37 -12.15
N LEU L 42 -38.98 -24.18 -11.38
CA LEU L 42 -38.24 -25.31 -10.83
C LEU L 42 -38.93 -25.85 -9.58
N LEU L 43 -39.32 -27.12 -9.62
CA LEU L 43 -39.88 -27.80 -8.46
C LEU L 43 -38.85 -28.67 -7.75
N ILE L 44 -38.26 -29.63 -8.47
CA ILE L 44 -37.28 -30.54 -7.90
C ILE L 44 -36.03 -30.49 -8.76
N TYR L 45 -34.89 -30.13 -8.15
CA TYR L 45 -33.71 -29.87 -8.96
C TYR L 45 -32.77 -31.06 -9.07
N ASP L 46 -32.88 -32.06 -8.19
CA ASP L 46 -31.96 -33.19 -8.27
C ASP L 46 -32.74 -34.52 -8.36
N GLY L 47 -34.06 -34.46 -8.25
CA GLY L 47 -34.88 -35.67 -8.28
C GLY L 47 -35.33 -36.16 -6.91
N SER L 48 -34.69 -35.70 -5.84
CA SER L 48 -35.13 -36.04 -4.49
C SER L 48 -35.04 -34.86 -3.53
N LYS L 49 -34.60 -33.69 -3.97
CA LYS L 49 -34.48 -32.51 -3.14
C LYS L 49 -35.57 -31.50 -3.51
N LEU L 50 -35.87 -30.62 -2.57
CA LEU L 50 -36.95 -29.65 -2.71
C LEU L 50 -36.37 -28.25 -2.89
N GLU L 51 -37.13 -27.41 -3.59
CA GLU L 51 -36.72 -26.04 -3.88
C GLU L 51 -37.35 -25.08 -2.88
N ARG L 52 -36.62 -24.00 -2.59
CA ARG L 52 -37.10 -23.01 -1.63
C ARG L 52 -38.34 -22.29 -2.15
N GLY L 53 -39.34 -22.15 -1.29
CA GLY L 53 -40.58 -21.50 -1.64
C GLY L 53 -41.62 -22.40 -2.25
N VAL L 54 -41.29 -23.65 -2.55
CA VAL L 54 -42.24 -24.61 -3.10
C VAL L 54 -43.09 -25.16 -1.97
N PRO L 55 -44.33 -25.58 -2.24
CA PRO L 55 -45.14 -26.19 -1.18
C PRO L 55 -44.50 -27.48 -0.66
N SER L 56 -44.69 -27.72 0.63
CA SER L 56 -44.12 -28.90 1.26
C SER L 56 -44.77 -30.19 0.79
N ARG L 57 -45.94 -30.11 0.15
CA ARG L 57 -46.61 -31.31 -0.33
C ARG L 57 -45.84 -31.99 -1.46
N PHE L 58 -45.13 -31.23 -2.27
CA PHE L 58 -44.35 -31.80 -3.36
C PHE L 58 -43.13 -32.54 -2.83
N SER L 59 -42.88 -33.72 -3.37
CA SER L 59 -41.72 -34.52 -3.00
C SER L 59 -41.43 -35.51 -4.12
N GLY L 60 -40.26 -36.14 -4.04
CA GLY L 60 -39.85 -37.09 -5.04
C GLY L 60 -39.01 -38.20 -4.45
N ARG L 61 -39.00 -39.33 -5.15
CA ARG L 61 -38.27 -40.51 -4.72
C ARG L 61 -37.65 -41.19 -5.93
N ARG L 62 -36.40 -41.62 -5.78
CA ARG L 62 -35.66 -42.29 -6.84
C ARG L 62 -35.42 -43.73 -6.45
N TRP L 63 -35.85 -44.67 -7.30
CA TRP L 63 -35.65 -46.10 -7.09
C TRP L 63 -35.00 -46.66 -8.35
N GLY L 64 -33.70 -46.96 -8.27
CA GLY L 64 -32.98 -47.39 -9.45
C GLY L 64 -33.01 -46.32 -10.52
N GLN L 65 -33.36 -46.73 -11.74
CA GLN L 65 -33.50 -45.78 -12.84
C GLN L 65 -34.81 -45.01 -12.77
N GLU L 66 -35.82 -45.53 -12.06
CA GLU L 66 -37.13 -44.91 -12.01
C GLU L 66 -37.13 -43.71 -11.06
N TYR L 67 -37.89 -42.69 -11.43
CA TYR L 67 -38.11 -41.51 -10.61
C TYR L 67 -39.61 -41.26 -10.50
N ASN L 68 -40.06 -40.88 -9.31
CA ASN L 68 -41.48 -40.67 -9.03
C ASN L 68 -41.68 -39.33 -8.35
N LEU L 69 -42.70 -38.59 -8.80
CA LEU L 69 -43.10 -37.32 -8.20
C LEU L 69 -44.39 -37.53 -7.44
N THR L 70 -44.38 -37.21 -6.15
CA THR L 70 -45.53 -37.43 -5.27
C THR L 70 -46.01 -36.11 -4.69
N ILE L 71 -47.33 -35.97 -4.60
CA ILE L 71 -47.96 -34.79 -4.03
C ILE L 71 -49.20 -35.22 -3.26
N ASN L 72 -49.53 -34.46 -2.22
CA ASN L 72 -50.71 -34.72 -1.40
C ASN L 72 -51.53 -33.45 -1.27
N ASN L 73 -52.84 -33.64 -1.05
CA ASN L 73 -53.78 -32.53 -0.89
C ASN L 73 -53.79 -31.62 -2.11
N LEU L 74 -54.15 -32.18 -3.26
CA LEU L 74 -54.21 -31.43 -4.51
C LEU L 74 -55.10 -30.20 -4.36
N GLN L 75 -54.65 -29.09 -4.94
CA GLN L 75 -55.35 -27.82 -4.93
C GLN L 75 -55.95 -27.53 -6.29
N PRO L 76 -56.97 -26.66 -6.36
CA PRO L 76 -57.53 -26.32 -7.68
C PRO L 76 -56.52 -25.71 -8.64
N GLU L 77 -55.52 -24.99 -8.12
CA GLU L 77 -54.47 -24.41 -8.95
C GLU L 77 -53.28 -25.33 -9.13
N ASP L 78 -53.36 -26.57 -8.64
CA ASP L 78 -52.26 -27.53 -8.74
C ASP L 78 -52.34 -28.39 -9.99
N ILE L 79 -53.33 -28.19 -10.84
CA ILE L 79 -53.49 -28.98 -12.06
C ILE L 79 -52.82 -28.22 -13.20
N ALA L 80 -51.71 -28.75 -13.70
CA ALA L 80 -50.95 -28.14 -14.78
C ALA L 80 -50.03 -29.20 -15.38
N THR L 81 -49.17 -28.77 -16.29
CA THR L 81 -48.23 -29.69 -16.93
C THR L 81 -46.98 -29.85 -16.07
N TYR L 82 -46.50 -31.10 -15.98
CA TYR L 82 -45.32 -31.45 -15.21
C TYR L 82 -44.41 -32.29 -16.08
N PHE L 83 -43.14 -31.90 -16.19
CA PHE L 83 -42.21 -32.68 -16.99
C PHE L 83 -40.87 -32.86 -16.30
N CYS L 84 -40.21 -33.96 -16.63
CA CYS L 84 -38.88 -34.30 -16.16
C CYS L 84 -37.88 -33.98 -17.26
N GLN L 85 -36.73 -33.44 -16.88
CA GLN L 85 -35.68 -33.08 -17.82
C GLN L 85 -34.32 -33.57 -17.32
N VAL L 86 -33.44 -33.90 -18.26
CA VAL L 86 -32.08 -34.33 -17.97
C VAL L 86 -31.15 -33.62 -18.93
N TYR L 87 -30.29 -32.74 -18.41
CA TYR L 87 -29.32 -31.95 -19.21
C TYR L 87 -30.08 -31.23 -20.32
N GLU L 88 -29.67 -31.36 -21.58
CA GLU L 88 -30.36 -30.64 -22.66
C GLU L 88 -31.68 -31.33 -23.02
N PHE L 89 -31.75 -32.65 -22.91
CA PHE L 89 -32.92 -33.40 -23.38
C PHE L 89 -34.08 -33.22 -22.41
N VAL L 90 -35.29 -33.05 -22.97
CA VAL L 90 -36.53 -32.99 -22.20
C VAL L 90 -37.64 -33.63 -23.04
N VAL L 91 -38.59 -34.23 -22.34
CA VAL L 91 -39.74 -34.89 -22.98
C VAL L 91 -40.98 -34.09 -22.62
N PRO L 92 -41.96 -33.96 -23.52
CA PRO L 92 -43.18 -33.21 -23.18
C PRO L 92 -43.87 -33.80 -21.97
N GLY L 93 -44.44 -32.92 -21.14
CA GLY L 93 -44.92 -33.29 -19.83
C GLY L 93 -46.29 -33.94 -19.83
N THR L 94 -46.78 -34.18 -18.62
CA THR L 94 -48.06 -34.82 -18.39
C THR L 94 -49.07 -33.78 -17.93
N ARG L 95 -50.24 -33.79 -18.56
CA ARG L 95 -51.32 -32.88 -18.21
C ARG L 95 -52.38 -33.63 -17.40
N LEU L 96 -52.70 -33.11 -16.22
CA LEU L 96 -53.71 -33.71 -15.36
C LEU L 96 -55.08 -33.08 -15.62
N ASP L 97 -56.11 -33.69 -15.05
CA ASP L 97 -57.48 -33.23 -15.23
C ASP L 97 -58.17 -33.14 -13.88
N LEU L 98 -59.13 -32.23 -13.79
CA LEU L 98 -59.87 -32.01 -12.56
C LEU L 98 -60.90 -33.12 -12.32
N SER M 2 -61.77 6.80 -29.50
CA SER M 2 -62.09 6.65 -28.09
C SER M 2 -62.81 5.33 -27.83
N VAL M 3 -62.05 4.34 -27.34
CA VAL M 3 -62.63 3.04 -27.04
C VAL M 3 -63.65 3.16 -25.92
N LEU M 4 -63.33 3.92 -24.88
CA LEU M 4 -64.25 4.11 -23.77
C LEU M 4 -65.45 4.93 -24.24
N THR M 5 -66.65 4.50 -23.84
CA THR M 5 -67.88 5.17 -24.24
C THR M 5 -68.82 5.26 -23.05
N GLN M 6 -69.70 6.24 -23.11
CA GLN M 6 -70.69 6.52 -22.08
C GLN M 6 -72.02 6.84 -22.74
N PRO M 7 -73.13 6.72 -22.00
CA PRO M 7 -74.40 7.22 -22.52
C PRO M 7 -74.31 8.71 -22.76
N PRO M 8 -75.02 9.23 -23.77
CA PRO M 8 -74.81 10.63 -24.16
C PRO M 8 -75.33 11.64 -23.16
N SER M 9 -76.39 11.32 -22.41
CA SER M 9 -76.96 12.28 -21.49
C SER M 9 -77.69 11.54 -20.37
N ALA M 10 -77.95 12.26 -19.29
CA ALA M 10 -78.70 11.74 -18.16
C ALA M 10 -79.48 12.88 -17.51
N SER M 11 -80.52 12.53 -16.78
CA SER M 11 -81.38 13.51 -16.15
C SER M 11 -81.97 12.93 -14.88
N GLY M 12 -82.71 13.77 -14.15
CA GLY M 12 -83.32 13.34 -12.92
C GLY M 12 -83.98 14.48 -12.21
N SER M 13 -84.17 14.31 -10.91
CA SER M 13 -84.80 15.31 -10.05
C SER M 13 -83.92 15.55 -8.83
N PRO M 14 -84.01 16.73 -8.23
CA PRO M 14 -83.22 17.01 -7.01
C PRO M 14 -83.55 16.02 -5.91
N GLY M 15 -82.50 15.60 -5.18
CA GLY M 15 -82.65 14.63 -4.12
C GLY M 15 -82.63 13.19 -4.55
N GLN M 16 -82.54 12.91 -5.85
CA GLN M 16 -82.53 11.56 -6.37
C GLN M 16 -81.09 11.11 -6.64
N SER M 17 -80.96 9.92 -7.21
CA SER M 17 -79.66 9.33 -7.54
C SER M 17 -79.52 9.18 -9.04
N VAL M 18 -78.33 9.48 -9.54
CA VAL M 18 -78.02 9.40 -10.97
C VAL M 18 -76.82 8.49 -11.15
N THR M 19 -76.90 7.56 -12.10
CA THR M 19 -75.85 6.59 -12.37
C THR M 19 -75.32 6.79 -13.78
N ILE M 20 -74.00 6.90 -13.91
CA ILE M 20 -73.33 7.05 -15.20
C ILE M 20 -72.36 5.88 -15.36
N SER M 21 -72.42 5.23 -16.51
CA SER M 21 -71.63 4.03 -16.78
C SER M 21 -70.59 4.32 -17.85
N CYS M 22 -69.36 3.84 -17.61
CA CYS M 22 -68.26 3.97 -18.56
C CYS M 22 -67.70 2.57 -18.83
N THR M 23 -67.67 2.18 -20.10
CA THR M 23 -67.33 0.83 -20.49
C THR M 23 -66.02 0.81 -21.28
N GLY M 24 -65.33 -0.33 -21.22
CA GLY M 24 -64.09 -0.52 -21.93
C GLY M 24 -63.76 -1.98 -22.06
N THR M 25 -62.67 -2.26 -22.77
CA THR M 25 -62.24 -3.63 -22.98
C THR M 25 -61.46 -4.15 -21.77
N SER M 26 -61.19 -5.46 -21.79
CA SER M 26 -60.53 -6.09 -20.65
C SER M 26 -59.13 -5.55 -20.44
N SER M 27 -58.38 -5.33 -21.52
CA SER M 27 -57.01 -4.83 -21.39
C SER M 27 -56.97 -3.36 -21.00
N ASP M 28 -58.06 -2.62 -21.16
CA ASP M 28 -58.06 -1.20 -20.86
C ASP M 28 -58.41 -0.95 -19.39
N ILE M 29 -59.59 -1.38 -18.96
CA ILE M 29 -60.06 -1.11 -17.61
C ILE M 29 -59.68 -2.22 -16.64
N GLY M 30 -59.73 -3.47 -17.09
CA GLY M 30 -59.41 -4.59 -16.22
C GLY M 30 -57.93 -4.80 -15.97
N ALA M 31 -57.06 -4.03 -16.61
CA ALA M 31 -55.62 -4.18 -16.40
C ALA M 31 -55.21 -3.68 -15.02
N SER M 32 -55.76 -2.54 -14.60
CA SER M 32 -55.40 -1.94 -13.32
C SER M 32 -56.58 -1.15 -12.79
N ASP M 33 -56.37 -0.51 -11.65
CA ASP M 33 -57.42 0.25 -10.97
C ASP M 33 -57.41 1.73 -11.34
N TYR M 34 -56.58 2.14 -12.29
CA TYR M 34 -56.39 3.56 -12.60
C TYR M 34 -57.53 4.03 -13.49
N VAL M 35 -58.60 4.52 -12.85
CA VAL M 35 -59.75 5.10 -13.54
C VAL M 35 -60.05 6.45 -12.90
N SER M 36 -60.25 7.47 -13.72
CA SER M 36 -60.45 8.82 -13.24
C SER M 36 -61.74 9.40 -13.81
N TRP M 37 -62.44 10.18 -13.00
CA TRP M 37 -63.66 10.86 -13.38
C TRP M 37 -63.46 12.36 -13.24
N TYR M 38 -63.75 13.11 -14.29
CA TYR M 38 -63.61 14.56 -14.29
C TYR M 38 -64.96 15.21 -14.53
N GLN M 39 -65.07 16.49 -14.14
CA GLN M 39 -66.24 17.30 -14.44
C GLN M 39 -65.77 18.70 -14.82
N GLN M 40 -66.44 19.30 -15.79
CA GLN M 40 -66.07 20.64 -16.25
C GLN M 40 -67.33 21.48 -16.44
N TYR M 41 -67.20 22.77 -16.17
CA TYR M 41 -68.21 23.73 -16.51
C TYR M 41 -68.05 24.18 -17.96
N PRO M 42 -69.12 24.65 -18.60
CA PRO M 42 -69.01 25.02 -20.03
C PRO M 42 -67.97 26.10 -20.31
N GLY M 43 -67.76 27.03 -19.39
CA GLY M 43 -66.81 28.10 -19.59
C GLY M 43 -65.50 27.97 -18.86
N GLU M 44 -65.22 26.83 -18.24
CA GLU M 44 -64.00 26.63 -17.47
C GLU M 44 -63.36 25.29 -17.84
N ALA M 45 -62.21 24.98 -17.19
CA ALA M 45 -61.45 23.76 -17.37
C ALA M 45 -61.84 22.72 -16.32
N PRO M 46 -61.77 21.44 -16.66
CA PRO M 46 -62.19 20.40 -15.72
C PRO M 46 -61.25 20.27 -14.54
N LYS M 47 -61.75 19.59 -13.50
CA LYS M 47 -60.98 19.29 -12.31
C LYS M 47 -61.23 17.84 -11.92
N VAL M 48 -60.24 17.23 -11.27
CA VAL M 48 -60.36 15.83 -10.86
C VAL M 48 -61.44 15.70 -9.80
N ILE M 49 -62.29 14.67 -9.96
CA ILE M 49 -63.34 14.37 -9.00
C ILE M 49 -63.22 12.97 -8.43
N ILE M 50 -62.66 12.02 -9.18
CA ILE M 50 -62.45 10.66 -8.69
C ILE M 50 -61.14 10.17 -9.29
N TYR M 51 -60.32 9.55 -8.45
CA TYR M 51 -59.07 8.95 -8.92
C TYR M 51 -58.90 7.63 -8.19
N ASP M 52 -58.37 6.63 -8.90
CA ASP M 52 -58.24 5.27 -8.38
C ASP M 52 -59.63 4.72 -8.00
N VAL M 53 -60.48 4.63 -9.03
CA VAL M 53 -61.87 4.13 -8.98
C VAL M 53 -62.68 4.68 -7.82
N THR M 54 -62.16 4.59 -6.59
CA THR M 54 -62.94 4.94 -5.41
C THR M 54 -62.45 6.18 -4.70
N LYS M 55 -61.14 6.44 -4.66
CA LYS M 55 -60.61 7.53 -3.87
C LYS M 55 -60.99 8.88 -4.47
N ARG M 56 -61.03 9.90 -3.61
CA ARG M 56 -61.42 11.25 -3.98
C ARG M 56 -60.37 12.23 -3.50
N PRO M 57 -60.21 13.36 -4.19
CA PRO M 57 -59.21 14.34 -3.77
C PRO M 57 -59.64 15.09 -2.52
N SER M 58 -58.68 15.78 -1.92
CA SER M 58 -58.94 16.56 -0.71
C SER M 58 -59.84 17.74 -1.03
N GLY M 59 -60.72 18.06 -0.07
CA GLY M 59 -61.61 19.20 -0.22
C GLY M 59 -62.64 19.08 -1.32
N VAL M 60 -63.26 17.92 -1.46
CA VAL M 60 -64.30 17.71 -2.46
C VAL M 60 -65.57 17.30 -1.71
N PRO M 61 -66.75 17.64 -2.23
CA PRO M 61 -67.99 17.17 -1.62
C PRO M 61 -68.14 15.67 -1.82
N ASP M 62 -68.29 14.94 -0.73
CA ASP M 62 -68.34 13.48 -0.77
C ASP M 62 -69.78 13.02 -0.99
N ARG M 63 -70.26 13.25 -2.21
CA ARG M 63 -71.49 12.63 -2.69
C ARG M 63 -71.27 11.94 -4.03
N PHE M 64 -70.04 11.93 -4.53
CA PHE M 64 -69.64 11.14 -5.68
C PHE M 64 -68.97 9.86 -5.22
N SER M 65 -69.09 8.82 -6.03
CA SER M 65 -68.60 7.51 -5.65
C SER M 65 -68.24 6.75 -6.92
N GLY M 66 -67.55 5.63 -6.73
CA GLY M 66 -67.16 4.79 -7.85
C GLY M 66 -67.31 3.34 -7.48
N SER M 67 -67.58 2.54 -8.50
CA SER M 67 -67.67 1.09 -8.32
C SER M 67 -67.08 0.44 -9.56
N LYS M 68 -66.02 -0.34 -9.36
CA LYS M 68 -65.28 -0.95 -10.46
C LYS M 68 -65.91 -2.32 -10.64
N SER M 69 -67.03 -2.35 -11.36
CA SER M 69 -67.84 -3.55 -11.55
C SER M 69 -67.30 -4.32 -12.74
N GLY M 70 -66.44 -5.30 -12.47
CA GLY M 70 -65.85 -6.06 -13.56
C GLY M 70 -65.00 -5.16 -14.42
N THR M 71 -65.37 -5.05 -15.69
CA THR M 71 -64.67 -4.22 -16.66
C THR M 71 -65.35 -2.87 -16.87
N THR M 72 -66.41 -2.58 -16.11
CA THR M 72 -67.20 -1.38 -16.27
C THR M 72 -67.12 -0.52 -15.00
N ALA M 73 -66.97 0.78 -15.18
CA ALA M 73 -66.93 1.73 -14.09
C ALA M 73 -68.24 2.51 -14.02
N SER M 74 -68.68 2.82 -12.80
CA SER M 74 -69.94 3.52 -12.58
C SER M 74 -69.73 4.67 -11.61
N LEU M 75 -70.36 5.79 -11.91
CA LEU M 75 -70.34 6.97 -11.03
C LEU M 75 -71.76 7.24 -10.55
N THR M 76 -71.92 7.33 -9.23
CA THR M 76 -73.23 7.49 -8.61
C THR M 76 -73.26 8.84 -7.90
N VAL M 77 -74.10 9.76 -8.40
CA VAL M 77 -74.30 11.06 -7.78
C VAL M 77 -75.58 11.01 -6.96
N SER M 78 -75.48 11.37 -5.68
CA SER M 78 -76.62 11.33 -4.77
C SER M 78 -76.89 12.74 -4.26
N GLY M 79 -78.17 13.09 -4.19
CA GLY M 79 -78.55 14.42 -3.72
C GLY M 79 -78.04 15.54 -4.60
N LEU M 80 -78.17 15.38 -5.92
CA LEU M 80 -77.71 16.41 -6.85
C LEU M 80 -78.56 17.66 -6.72
N GLN M 81 -77.90 18.82 -6.81
CA GLN M 81 -78.55 20.11 -6.68
C GLN M 81 -78.51 20.86 -8.01
N ALA M 82 -79.14 22.05 -8.01
CA ALA M 82 -79.25 22.83 -9.23
C ALA M 82 -77.90 23.16 -9.84
N GLU M 83 -76.85 23.29 -9.03
CA GLU M 83 -75.53 23.67 -9.50
C GLU M 83 -74.65 22.47 -9.82
N ASP M 84 -75.16 21.25 -9.66
CA ASP M 84 -74.42 20.05 -10.01
C ASP M 84 -74.61 19.62 -11.45
N GLU M 85 -75.03 20.53 -12.32
CA GLU M 85 -75.23 20.26 -13.74
C GLU M 85 -73.92 20.50 -14.48
N ALA M 86 -73.27 19.41 -14.90
CA ALA M 86 -72.00 19.51 -15.61
C ALA M 86 -71.72 18.18 -16.28
N ASP M 87 -70.73 18.19 -17.18
CA ASP M 87 -70.32 16.97 -17.86
C ASP M 87 -69.52 16.09 -16.92
N TYR M 88 -69.37 14.82 -17.31
CA TYR M 88 -68.60 13.85 -16.53
C TYR M 88 -67.85 12.93 -17.48
N TYR M 89 -66.54 13.06 -17.51
CA TYR M 89 -65.68 12.27 -18.38
C TYR M 89 -64.99 11.16 -17.58
N CYS M 90 -64.79 10.02 -18.25
CA CYS M 90 -64.04 8.91 -17.66
C CYS M 90 -62.76 8.67 -18.45
N SER M 91 -61.67 8.47 -17.74
CA SER M 91 -60.37 8.19 -18.33
C SER M 91 -59.75 6.98 -17.67
N SER M 92 -58.99 6.23 -18.46
CA SER M 92 -58.36 5.01 -17.98
C SER M 92 -56.99 4.85 -18.64
N ASP M 93 -56.16 4.01 -18.03
CA ASP M 93 -54.80 3.77 -18.50
C ASP M 93 -54.74 2.42 -19.22
N ALA M 94 -54.12 2.41 -20.40
CA ALA M 94 -53.98 1.21 -21.21
C ALA M 94 -52.51 0.79 -21.33
N GLY M 95 -51.74 0.99 -20.26
CA GLY M 95 -50.34 0.58 -20.26
C GLY M 95 -49.42 1.57 -20.94
N ARG M 96 -48.16 1.60 -20.51
CA ARG M 96 -47.14 2.48 -21.08
C ARG M 96 -47.56 3.95 -21.03
N HIS M 97 -48.23 4.33 -19.94
CA HIS M 97 -48.67 5.71 -19.71
C HIS M 97 -49.51 6.22 -20.88
N THR M 98 -50.38 5.36 -21.40
CA THR M 98 -51.29 5.70 -22.48
C THR M 98 -52.70 5.79 -21.92
N LEU M 99 -53.32 6.96 -22.04
CA LEU M 99 -54.66 7.19 -21.52
C LEU M 99 -55.69 7.09 -22.65
N LEU M 100 -56.92 6.78 -22.26
CA LEU M 100 -58.06 6.83 -23.17
C LEU M 100 -59.20 7.55 -22.47
N PHE M 101 -59.86 8.45 -23.20
CA PHE M 101 -60.94 9.27 -22.66
C PHE M 101 -62.26 8.92 -23.33
N GLY M 102 -63.33 8.92 -22.54
CA GLY M 102 -64.65 8.68 -23.06
C GLY M 102 -65.30 9.95 -23.60
N GLY M 103 -66.51 9.79 -24.12
CA GLY M 103 -67.24 10.91 -24.68
C GLY M 103 -67.95 11.79 -23.69
N GLY M 104 -68.04 11.37 -22.43
CA GLY M 104 -68.70 12.14 -21.40
C GLY M 104 -70.19 11.89 -21.33
N THR M 105 -70.79 12.36 -20.23
CA THR M 105 -72.22 12.23 -20.00
C THR M 105 -72.73 13.54 -19.41
N LYS M 106 -73.45 14.32 -20.21
CA LYS M 106 -73.98 15.60 -19.75
C LYS M 106 -75.20 15.35 -18.86
N VAL M 107 -75.16 15.89 -17.64
CA VAL M 107 -76.22 15.70 -16.67
C VAL M 107 -76.98 17.01 -16.54
N THR M 108 -78.30 16.97 -16.76
CA THR M 108 -79.16 18.13 -16.65
C THR M 108 -80.29 17.84 -15.67
N VAL M 109 -80.71 18.89 -14.95
CA VAL M 109 -81.75 18.75 -13.95
C VAL M 109 -82.41 20.10 -13.68
N SER N 2 6.88 68.27 18.85
CA SER N 2 8.24 68.21 19.38
C SER N 2 8.22 68.09 20.90
N VAL N 3 8.01 66.87 21.39
CA VAL N 3 7.99 66.63 22.82
C VAL N 3 9.35 66.90 23.44
N LEU N 4 10.41 66.43 22.79
CA LEU N 4 11.76 66.65 23.29
C LEU N 4 12.19 68.09 23.04
N THR N 5 12.74 68.74 24.06
CA THR N 5 13.13 70.13 23.98
C THR N 5 14.56 70.30 24.46
N GLN N 6 15.22 71.34 23.96
CA GLN N 6 16.60 71.67 24.28
C GLN N 6 16.71 73.16 24.53
N PRO N 7 17.75 73.60 25.23
CA PRO N 7 18.01 75.04 25.32
C PRO N 7 18.29 75.59 23.93
N PRO N 8 17.90 76.84 23.67
CA PRO N 8 17.99 77.37 22.30
C PRO N 8 19.40 77.45 21.77
N SER N 9 20.39 77.74 22.61
CA SER N 9 21.76 77.90 22.14
C SER N 9 22.71 77.74 23.31
N ALA N 10 24.00 77.60 22.99
CA ALA N 10 25.06 77.52 23.98
C ALA N 10 26.33 78.09 23.36
N SER N 11 27.26 78.49 24.23
CA SER N 11 28.49 79.11 23.78
C SER N 11 29.60 78.81 24.78
N GLY N 12 30.82 79.24 24.46
CA GLY N 12 31.96 79.02 25.31
C GLY N 12 33.24 79.59 24.74
N SER N 13 34.36 78.95 25.05
CA SER N 13 35.68 79.37 24.58
C SER N 13 36.44 78.14 24.11
N PRO N 14 37.40 78.32 23.20
CA PRO N 14 38.21 77.17 22.78
C PRO N 14 38.95 76.54 23.94
N GLY N 15 39.03 75.20 23.92
CA GLY N 15 39.63 74.47 25.00
C GLY N 15 38.75 74.24 26.20
N GLN N 16 37.48 74.59 26.11
CA GLN N 16 36.53 74.41 27.21
C GLN N 16 35.48 73.38 26.82
N SER N 17 34.67 72.99 27.80
CA SER N 17 33.65 71.96 27.63
C SER N 17 32.26 72.57 27.71
N VAL N 18 31.37 72.07 26.86
CA VAL N 18 29.98 72.52 26.82
C VAL N 18 29.08 71.30 26.97
N THR N 19 28.08 71.42 27.85
CA THR N 19 27.13 70.34 28.12
C THR N 19 25.75 70.75 27.64
N ILE N 20 25.11 69.89 26.86
CA ILE N 20 23.79 70.15 26.29
C ILE N 20 22.83 69.09 26.81
N SER N 21 21.67 69.52 27.30
CA SER N 21 20.69 68.63 27.90
C SER N 21 19.48 68.48 26.99
N CYS N 22 19.01 67.24 26.85
CA CYS N 22 17.81 66.92 26.09
C CYS N 22 16.86 66.16 26.99
N THR N 23 15.62 66.63 27.08
CA THR N 23 14.65 66.12 28.04
C THR N 23 13.43 65.53 27.33
N GLY N 24 12.74 64.65 28.05
CA GLY N 24 11.54 64.03 27.54
C GLY N 24 10.81 63.32 28.65
N THR N 25 9.63 62.81 28.31
CA THR N 25 8.80 62.11 29.29
C THR N 25 9.37 60.72 29.56
N SER N 26 8.85 60.09 30.62
CA SER N 26 9.34 58.78 31.03
C SER N 26 9.08 57.73 29.95
N SER N 27 7.89 57.77 29.33
CA SER N 27 7.57 56.82 28.28
C SER N 27 8.42 57.00 27.03
N ASP N 28 8.99 58.19 26.82
CA ASP N 28 9.77 58.44 25.62
C ASP N 28 11.20 57.95 25.77
N ILE N 29 11.94 58.53 26.71
CA ILE N 29 13.37 58.25 26.84
C ILE N 29 13.63 57.11 27.82
N GLY N 30 12.84 57.01 28.87
CA GLY N 30 13.03 55.97 29.86
C GLY N 30 12.56 54.59 29.44
N ALA N 31 11.99 54.46 28.24
CA ALA N 31 11.50 53.16 27.79
C ALA N 31 12.63 52.30 27.25
N SER N 32 13.54 52.89 26.46
CA SER N 32 14.63 52.13 25.86
C SER N 32 15.84 53.04 25.71
N ASP N 33 16.94 52.45 25.24
CA ASP N 33 18.21 53.14 25.11
C ASP N 33 18.41 53.78 23.74
N TYR N 34 17.42 53.70 22.86
CA TYR N 34 17.59 54.23 21.51
C TYR N 34 17.53 55.76 21.50
N VAL N 35 18.67 56.39 21.76
CA VAL N 35 18.79 57.85 21.75
C VAL N 35 19.96 58.22 20.84
N SER N 36 19.75 59.22 19.98
CA SER N 36 20.74 59.58 18.98
C SER N 36 20.93 61.09 18.95
N TRP N 37 22.11 61.50 18.49
CA TRP N 37 22.44 62.91 18.34
C TRP N 37 23.01 63.15 16.94
N TYR N 38 22.58 64.26 16.33
CA TYR N 38 22.99 64.62 14.98
C TYR N 38 23.61 66.01 14.98
N GLN N 39 24.47 66.26 14.00
CA GLN N 39 24.94 67.61 13.74
C GLN N 39 24.83 67.90 12.25
N GLN N 40 24.54 69.16 11.92
CA GLN N 40 24.43 69.58 10.53
C GLN N 40 25.00 70.97 10.36
N TYR N 41 25.70 71.17 9.26
CA TYR N 41 26.12 72.51 8.87
C TYR N 41 24.95 73.24 8.20
N PRO N 42 24.99 74.57 8.16
CA PRO N 42 23.87 75.30 7.55
C PRO N 42 23.59 74.92 6.11
N GLY N 43 24.62 74.56 5.35
CA GLY N 43 24.47 74.18 3.97
C GLY N 43 24.53 72.70 3.66
N GLU N 44 24.50 71.82 4.67
CA GLU N 44 24.64 70.39 4.45
C GLU N 44 23.60 69.63 5.26
N ALA N 45 23.48 68.34 4.94
CA ALA N 45 22.57 67.42 5.62
C ALA N 45 23.20 66.90 6.91
N PRO N 46 22.38 66.53 7.89
CA PRO N 46 22.92 66.07 9.17
C PRO N 46 23.62 64.72 9.04
N LYS N 47 24.45 64.42 10.04
CA LYS N 47 25.16 63.15 10.12
C LYS N 47 25.14 62.68 11.57
N VAL N 48 25.11 61.35 11.74
CA VAL N 48 25.02 60.77 13.07
C VAL N 48 26.35 60.91 13.80
N ILE N 49 26.31 61.38 15.04
CA ILE N 49 27.49 61.53 15.87
C ILE N 49 27.47 60.61 17.08
N ILE N 50 26.29 60.41 17.68
CA ILE N 50 26.13 59.49 18.80
C ILE N 50 24.88 58.67 18.54
N TYR N 51 25.03 57.34 18.58
CA TYR N 51 23.90 56.43 18.43
C TYR N 51 23.89 55.46 19.60
N ASP N 52 22.70 55.06 20.02
CA ASP N 52 22.52 54.16 21.16
C ASP N 52 23.18 54.72 22.41
N VAL N 53 23.00 56.03 22.63
CA VAL N 53 23.28 56.81 23.83
C VAL N 53 24.79 56.91 24.09
N THR N 54 25.50 55.77 24.13
CA THR N 54 26.90 55.77 24.52
C THR N 54 27.82 55.16 23.46
N LYS N 55 27.36 55.06 22.22
CA LYS N 55 28.17 54.54 21.12
C LYS N 55 28.33 55.61 20.04
N ARG N 56 29.42 55.51 19.29
CA ARG N 56 29.73 56.47 18.24
C ARG N 56 30.07 55.75 16.95
N PRO N 57 29.78 56.36 15.80
CA PRO N 57 30.10 55.73 14.52
C PRO N 57 31.60 55.73 14.26
N SER N 58 32.00 54.84 13.35
CA SER N 58 33.41 54.74 12.98
C SER N 58 33.88 56.01 12.27
N GLY N 59 35.14 56.35 12.49
CA GLY N 59 35.75 57.50 11.83
C GLY N 59 35.23 58.85 12.27
N VAL N 60 34.95 59.02 13.56
CA VAL N 60 34.60 60.32 14.10
C VAL N 60 35.53 60.60 15.28
N PRO N 61 35.81 61.87 15.56
CA PRO N 61 36.57 62.21 16.77
C PRO N 61 35.82 61.76 18.01
N ASP N 62 36.57 61.21 18.97
CA ASP N 62 35.99 60.78 20.24
C ASP N 62 36.10 61.94 21.25
N ARG N 63 35.30 62.96 21.01
CA ARG N 63 35.19 64.10 21.92
C ARG N 63 33.74 64.32 22.36
N PHE N 64 32.84 63.40 22.03
CA PHE N 64 31.43 63.49 22.36
C PHE N 64 31.02 62.28 23.19
N SER N 65 29.96 62.44 23.98
CA SER N 65 29.53 61.37 24.87
C SER N 65 28.06 61.56 25.20
N GLY N 66 27.49 60.53 25.83
CA GLY N 66 26.11 60.54 26.27
C GLY N 66 25.98 59.87 27.61
N SER N 67 25.13 60.42 28.50
CA SER N 67 25.07 59.95 29.87
C SER N 67 23.79 59.22 30.23
N LYS N 68 22.67 59.52 29.58
CA LYS N 68 21.37 58.95 29.95
C LYS N 68 21.10 59.13 31.44
N SER N 69 21.11 60.39 31.86
CA SER N 69 20.86 60.73 33.26
C SER N 69 19.36 60.65 33.53
N GLY N 70 18.91 59.49 34.00
CA GLY N 70 17.49 59.31 34.24
C GLY N 70 16.70 59.37 32.95
N THR N 71 15.73 60.29 32.89
CA THR N 71 14.93 60.51 31.71
C THR N 71 15.47 61.65 30.86
N THR N 72 16.65 62.17 31.17
CA THR N 72 17.28 63.24 30.41
C THR N 72 18.65 62.78 29.92
N ALA N 73 18.97 63.12 28.67
CA ALA N 73 20.25 62.81 28.08
C ALA N 73 21.11 64.06 27.99
N SER N 74 22.42 63.88 28.12
CA SER N 74 23.36 64.99 28.10
C SER N 74 24.50 64.67 27.14
N LEU N 75 24.85 65.65 26.31
CA LEU N 75 25.97 65.54 25.38
C LEU N 75 27.06 66.52 25.80
N THR N 76 28.28 66.02 25.96
CA THR N 76 29.41 66.83 26.36
C THR N 76 30.43 66.89 25.23
N VAL N 77 30.88 68.10 24.91
CA VAL N 77 31.91 68.33 23.90
C VAL N 77 33.11 68.92 24.62
N SER N 78 34.25 68.25 24.53
CA SER N 78 35.46 68.64 25.25
C SER N 78 36.55 69.00 24.25
N GLY N 79 37.21 70.13 24.48
CA GLY N 79 38.24 70.60 23.57
C GLY N 79 37.70 71.01 22.21
N LEU N 80 36.61 71.76 22.18
CA LEU N 80 36.04 72.21 20.92
C LEU N 80 37.01 73.16 20.21
N GLN N 81 36.84 73.27 18.89
CA GLN N 81 37.68 74.09 18.05
C GLN N 81 36.82 75.03 17.23
N ALA N 82 37.46 75.76 16.32
CA ALA N 82 36.76 76.79 15.56
C ALA N 82 35.81 76.22 14.52
N GLU N 83 35.94 74.93 14.18
CA GLU N 83 35.09 74.32 13.16
C GLU N 83 34.05 73.39 13.77
N ASP N 84 33.90 73.37 15.09
CA ASP N 84 32.90 72.56 15.76
C ASP N 84 31.61 73.33 16.01
N GLU N 85 31.37 74.41 15.26
CA GLU N 85 30.17 75.22 15.41
C GLU N 85 29.10 74.66 14.48
N ALA N 86 28.12 73.96 15.04
CA ALA N 86 27.04 73.38 14.27
C ALA N 86 25.87 73.09 15.18
N ASP N 87 24.69 72.92 14.58
CA ASP N 87 23.49 72.61 15.34
C ASP N 87 23.51 71.16 15.82
N TYR N 88 22.96 70.95 17.01
CA TYR N 88 22.92 69.62 17.63
C TYR N 88 21.48 69.24 17.92
N TYR N 89 21.03 68.14 17.33
CA TYR N 89 19.66 67.65 17.49
C TYR N 89 19.68 66.34 18.25
N CYS N 90 18.68 66.13 19.12
CA CYS N 90 18.51 64.88 19.84
C CYS N 90 17.22 64.22 19.40
N SER N 91 17.29 62.91 19.17
CA SER N 91 16.15 62.12 18.75
C SER N 91 16.04 60.87 19.62
N SER N 92 14.80 60.41 19.82
CA SER N 92 14.55 59.25 20.65
C SER N 92 13.35 58.49 20.11
N ASP N 93 13.23 57.24 20.55
CA ASP N 93 12.19 56.34 20.09
C ASP N 93 11.01 56.35 21.06
N ALA N 94 9.80 56.44 20.52
CA ALA N 94 8.58 56.54 21.31
C ALA N 94 7.62 55.39 21.00
N GLY N 95 8.16 54.20 20.79
CA GLY N 95 7.34 53.03 20.57
C GLY N 95 6.77 52.93 19.17
N ARG N 96 6.57 51.69 18.69
CA ARG N 96 6.05 51.42 17.35
C ARG N 96 6.90 52.10 16.28
N HIS N 97 8.22 52.08 16.48
CA HIS N 97 9.18 52.67 15.55
C HIS N 97 8.85 54.14 15.26
N THR N 98 8.41 54.86 16.28
CA THR N 98 8.10 56.28 16.17
C THR N 98 9.18 57.08 16.88
N LEU N 99 9.87 57.93 16.12
CA LEU N 99 10.92 58.78 16.66
C LEU N 99 10.36 60.16 17.00
N LEU N 100 10.99 60.81 17.97
CA LEU N 100 10.65 62.18 18.33
C LEU N 100 11.94 62.99 18.42
N PHE N 101 11.96 64.13 17.75
CA PHE N 101 13.15 64.96 17.67
C PHE N 101 13.10 66.09 18.71
N GLY N 102 14.15 66.91 18.71
CA GLY N 102 14.24 68.04 19.61
C GLY N 102 14.35 69.36 18.85
N GLY N 103 14.34 70.45 19.60
CA GLY N 103 14.41 71.77 19.00
C GLY N 103 15.77 72.19 18.52
N GLY N 104 16.81 71.45 18.87
CA GLY N 104 18.16 71.78 18.45
C GLY N 104 18.86 72.75 19.38
N THR N 105 20.18 72.72 19.33
CA THR N 105 21.02 73.61 20.14
C THR N 105 22.14 74.13 19.26
N LYS N 106 22.12 75.43 18.97
CA LYS N 106 23.13 76.05 18.12
C LYS N 106 24.32 76.46 18.98
N VAL N 107 25.45 75.80 18.78
CA VAL N 107 26.67 76.06 19.54
C VAL N 107 27.54 77.00 18.74
N THR N 108 27.91 78.14 19.34
CA THR N 108 28.72 79.14 18.69
C THR N 108 29.92 79.49 19.58
N VAL N 109 31.01 79.90 18.94
CA VAL N 109 32.23 80.28 19.65
C VAL N 109 33.05 81.24 18.80
C1 NAG O . -29.29 22.87 -13.78
C2 NAG O . -30.56 22.52 -14.53
C3 NAG O . -30.22 21.97 -15.91
C4 NAG O . -29.27 22.91 -16.66
C5 NAG O . -28.08 23.30 -15.78
C6 NAG O . -27.21 24.38 -16.39
C7 NAG O . -32.27 21.91 -12.88
C8 NAG O . -33.00 20.78 -12.21
N2 NAG O . -31.35 21.56 -13.79
O3 NAG O . -31.41 21.81 -16.67
O4 NAG O . -28.76 22.20 -17.79
O5 NAG O . -28.55 23.81 -14.52
O6 NAG O . -28.00 25.48 -16.83
O7 NAG O . -32.48 23.09 -12.60
C1 NAG O . -28.95 22.92 -19.03
C2 NAG O . -28.27 22.10 -20.13
C3 NAG O . -28.45 22.78 -21.48
C4 NAG O . -29.92 23.06 -21.75
C5 NAG O . -30.53 23.83 -20.58
C6 NAG O . -32.02 24.03 -20.73
C7 NAG O . -26.39 20.79 -19.25
C8 NAG O . -24.91 20.75 -19.02
N2 NAG O . -26.86 21.90 -19.83
O3 NAG O . -27.92 21.95 -22.50
O4 NAG O . -30.05 23.83 -22.93
O5 NAG O . -30.33 23.11 -19.35
O6 NAG O . -32.62 22.95 -21.43
O7 NAG O . -27.12 19.86 -18.93
C1 NAG P . -29.72 1.40 14.61
C2 NAG P . -29.27 2.11 13.34
C3 NAG P . -30.37 2.09 12.30
C4 NAG P . -30.86 0.66 12.04
C5 NAG P . -31.23 0.01 13.37
C6 NAG P . -31.59 -1.46 13.23
C7 NAG P . -27.65 3.96 13.38
C8 NAG P . -27.41 5.39 13.75
N2 NAG P . -28.86 3.48 13.63
O3 NAG P . -29.89 2.66 11.08
O4 NAG P . -31.99 0.69 11.19
O5 NAG P . -30.13 0.06 14.28
O6 NAG P . -30.50 -2.20 12.69
O7 NAG P . -26.77 3.26 12.88
C1 NAG P . -31.72 -0.08 10.00
C2 NAG P . -33.05 -0.58 9.44
C3 NAG P . -32.81 -1.41 8.19
C4 NAG P . -31.99 -0.62 7.17
C5 NAG P . -30.72 -0.06 7.82
C6 NAG P . -29.97 0.87 6.90
C7 NAG P . -35.04 -1.11 10.78
C8 NAG P . -35.64 -2.01 11.82
N2 NAG P . -33.77 -1.36 10.44
O3 NAG P . -34.07 -1.78 7.62
O4 NAG P . -31.64 -1.46 6.09
O5 NAG P . -31.05 0.69 8.99
O6 NAG P . -30.83 1.79 6.25
O7 NAG P . -35.68 -0.20 10.27
C1 BMA P . -32.25 -1.00 4.87
C2 BMA P . -31.28 -1.35 3.71
C3 BMA P . -31.93 -1.00 2.37
C4 BMA P . -33.34 -1.59 2.26
C5 BMA P . -34.18 -1.16 3.47
C6 BMA P . -35.59 -1.75 3.46
O2 BMA P . -31.00 -2.74 3.68
O3 BMA P . -31.14 -1.46 1.28
O4 BMA P . -33.97 -1.15 1.07
O5 BMA P . -33.51 -1.61 4.66
O6 BMA P . -36.17 -1.48 2.19
C1 NAG Q . 35.07 28.74 17.07
C2 NAG Q . 36.21 29.68 17.44
C3 NAG Q . 36.66 29.46 18.89
C4 NAG Q . 35.45 29.54 19.83
C5 NAG Q . 34.35 28.60 19.35
C6 NAG Q . 33.08 28.72 20.17
C7 NAG Q . 38.15 28.61 16.20
C8 NAG Q . 37.90 27.28 16.88
N2 NAG Q . 37.34 29.64 16.51
O3 NAG Q . 37.62 30.45 19.25
O4 NAG Q . 35.83 29.16 21.15
O5 NAG Q . 33.99 28.91 18.00
O6 NAG Q . 32.44 29.96 19.95
O7 NAG Q . 39.06 28.73 15.38
C1 NAG Q . 35.98 30.33 21.98
C2 NAG Q . 35.27 30.10 23.32
C3 NAG Q . 35.48 31.30 24.24
C4 NAG Q . 36.97 31.61 24.38
C5 NAG Q . 37.59 31.79 23.00
C6 NAG Q . 39.09 31.98 23.05
C7 NAG Q . 33.10 29.14 23.97
C8 NAG Q . 31.66 28.99 23.62
N2 NAG Q . 33.84 29.86 23.13
O3 NAG Q . 34.92 31.03 25.52
O4 NAG Q . 37.15 32.80 25.14
O5 NAG Q . 37.37 30.61 22.21
O6 NAG Q . 39.69 31.83 21.77
O7 NAG Q . 33.58 28.63 24.99
C1 NAG R . 17.54 38.85 11.26
C2 NAG R . 18.21 39.19 12.58
C3 NAG R . 17.20 39.10 13.73
C4 NAG R . 15.96 39.95 13.43
C5 NAG R . 15.41 39.63 12.04
C6 NAG R . 14.31 40.59 11.62
C7 NAG R . 20.50 38.73 13.35
C8 NAG R . 21.54 37.67 13.56
N2 NAG R . 19.34 38.30 12.84
O3 NAG R . 17.82 39.55 14.93
O4 NAG R . 14.95 39.67 14.38
O5 NAG R . 16.44 39.73 11.04
O6 NAG R . 13.41 39.98 10.71
O7 NAG R . 20.70 39.90 13.63
C1 NAG R . 14.95 40.65 15.43
C2 NAG R . 13.57 40.66 16.10
C3 NAG R . 13.53 41.63 17.28
C4 NAG R . 14.68 41.36 18.23
C5 NAG R . 16.01 41.35 17.47
C6 NAG R . 17.19 40.99 18.35
C7 NAG R . 12.14 41.93 14.43
C8 NAG R . 13.05 43.12 14.49
N2 NAG R . 12.45 40.85 15.19
O3 NAG R . 12.29 41.49 17.96
O4 NAG R . 14.73 42.38 19.24
O5 NAG R . 15.97 40.40 16.41
O6 NAG R . 16.82 40.13 19.41
O7 NAG R . 11.14 41.92 13.71
C1 NAG S . 36.36 33.54 10.97
C2 NAG S . 35.76 34.35 12.11
C3 NAG S . 35.38 35.76 11.61
C4 NAG S . 36.58 36.41 10.93
C5 NAG S . 37.20 35.48 9.88
C6 NAG S . 38.49 36.01 9.32
C7 NAG S . 33.47 33.28 12.32
C8 NAG S . 33.19 33.51 10.86
N2 NAG S . 34.66 33.69 12.81
O3 NAG S . 34.96 36.54 12.72
O4 NAG S . 36.16 37.60 10.28
O5 NAG S . 37.50 34.20 10.46
O6 NAG S . 39.41 36.35 10.35
O7 NAG S . 32.65 32.72 13.04
C1 NAG S . 36.67 38.73 11.01
C2 NAG S . 37.06 39.82 10.01
C3 NAG S . 37.55 41.06 10.75
C4 NAG S . 36.51 41.52 11.76
C5 NAG S . 36.14 40.36 12.69
C6 NAG S . 35.03 40.71 13.65
C7 NAG S . 38.14 39.70 7.80
C8 NAG S . 39.26 39.11 7.00
N2 NAG S . 38.08 39.34 9.09
O3 NAG S . 37.80 42.10 9.81
O4 NAG S . 37.02 42.59 12.54
O5 NAG S . 35.68 39.24 11.91
O6 NAG S . 33.88 41.17 12.96
O7 NAG S . 37.32 40.46 7.31
C1 NAG T . 43.93 23.13 -7.70
C2 NAG T . 42.49 23.42 -7.42
C3 NAG T . 41.95 24.35 -8.52
C4 NAG T . 42.88 25.51 -8.83
C5 NAG T . 44.39 25.17 -8.70
C6 NAG T . 45.24 26.40 -8.47
C7 NAG T . 40.45 22.18 -6.85
C8 NAG T . 39.77 20.85 -6.85
N2 NAG T . 41.70 22.21 -7.34
O3 NAG T . 40.67 24.85 -8.13
O4 NAG T . 42.71 25.84 -10.20
O5 NAG T . 44.66 24.30 -7.60
O6 NAG T . 45.90 26.35 -7.22
O7 NAG T . 39.91 23.19 -6.42
C1 NAG T . 42.25 27.17 -10.46
C2 NAG T . 43.10 27.74 -11.60
C3 NAG T . 42.59 29.12 -12.00
C4 NAG T . 41.11 29.07 -12.33
C5 NAG T . 40.35 28.46 -11.17
C6 NAG T . 38.87 28.27 -11.47
C7 NAG T . 45.50 27.70 -12.09
C8 NAG T . 46.89 27.78 -11.52
N2 NAG T . 44.50 27.80 -11.22
O3 NAG T . 43.33 29.59 -13.13
O4 NAG T . 40.62 30.38 -12.61
O5 NAG T . 40.88 27.17 -10.85
O6 NAG T . 38.49 28.97 -12.64
O7 NAG T . 45.30 27.53 -13.30
C1 NAG U . 39.47 26.94 -4.58
C2 NAG U . 39.03 27.57 -5.90
C3 NAG U . 40.24 27.93 -6.74
C4 NAG U . 41.19 28.82 -5.95
C5 NAG U . 41.58 28.11 -4.64
C6 NAG U . 42.46 28.95 -3.76
C7 NAG U . 37.03 27.10 -7.23
C8 NAG U . 36.23 26.04 -7.94
N2 NAG U . 38.15 26.68 -6.63
O3 NAG U . 39.82 28.61 -7.92
O4 NAG U . 42.37 29.07 -6.70
O5 NAG U . 40.39 27.81 -3.90
O6 NAG U . 41.82 30.16 -3.39
O7 NAG U . 36.67 28.27 -7.20
C1 NAG U . 42.37 30.45 -7.12
C2 NAG U . 43.77 30.82 -7.62
C3 NAG U . 43.78 32.26 -8.14
C4 NAG U . 42.69 32.46 -9.17
C5 NAG U . 41.34 32.04 -8.60
C6 NAG U . 40.22 32.12 -9.62
C7 NAG U . 45.95 30.07 -6.80
C8 NAG U . 46.85 29.97 -5.61
N2 NAG U . 44.76 30.64 -6.58
O3 NAG U . 45.06 32.54 -8.72
O4 NAG U . 42.63 33.83 -9.56
O5 NAG U . 41.40 30.67 -8.16
O6 NAG U . 40.45 33.13 -10.58
O7 NAG U . 46.28 29.65 -7.90
C1 NAG V . 12.08 39.84 -7.40
C2 NAG V . 11.84 41.10 -6.57
C3 NAG V . 10.34 41.38 -6.46
C4 NAG V . 9.69 41.39 -7.84
C5 NAG V . 10.05 40.13 -8.62
C6 NAG V . 9.59 40.14 -10.06
C7 NAG V . 13.68 41.34 -4.96
C8 NAG V . 14.10 41.13 -3.53
N2 NAG V . 12.43 40.97 -5.24
O3 NAG V . 10.15 42.65 -5.83
O4 NAG V . 8.27 41.41 -7.65
O5 NAG V . 11.48 39.99 -8.67
O6 NAG V . 10.00 41.33 -10.72
O7 NAG V . 14.43 41.81 -5.80
C1 NAG V . 7.62 42.45 -8.42
C2 NAG V . 6.14 42.11 -8.46
C3 NAG V . 5.39 43.16 -9.27
C4 NAG V . 5.70 44.56 -8.76
C5 NAG V . 7.21 44.79 -8.62
C6 NAG V . 7.56 46.09 -7.94
C7 NAG V . 5.56 39.74 -8.26
C8 NAG V . 5.37 38.44 -9.01
N2 NAG V . 5.92 40.79 -9.01
O3 NAG V . 4.00 42.93 -9.18
O4 NAG V . 5.20 45.52 -9.69
O5 NAG V . 7.80 43.74 -7.84
O6 NAG V . 7.31 46.00 -6.54
O7 NAG V . 5.39 39.83 -7.06
C1 BMA V . 4.13 46.31 -9.14
C2 BMA V . 3.94 47.51 -10.09
C3 BMA V . 2.67 48.30 -9.76
C4 BMA V . 1.47 47.37 -9.55
C5 BMA V . 1.83 46.31 -8.51
C6 BMA V . 0.68 45.36 -8.21
O2 BMA V . 3.80 47.07 -11.43
O3 BMA V . 2.39 49.24 -10.80
O4 BMA V . 0.35 48.11 -9.10
O5 BMA V . 2.93 45.55 -9.01
O6 BMA V . 0.33 44.69 -9.43
C1 MAN V . 2.10 50.55 -10.25
C2 MAN V . 1.80 51.49 -11.45
C3 MAN V . 3.08 51.86 -12.17
C4 MAN V . 4.10 52.44 -11.18
C5 MAN V . 4.39 51.40 -10.11
C6 MAN V . 5.34 51.91 -9.04
O2 MAN V . 1.23 52.72 -11.02
O3 MAN V . 2.85 52.78 -13.24
O4 MAN V . 5.30 52.78 -11.86
O5 MAN V . 3.16 51.04 -9.43
O6 MAN V . 4.65 52.88 -8.26
C1 NAG W . 48.51 -6.54 -1.44
C2 NAG W . 48.82 -7.26 -0.13
C3 NAG W . 50.06 -8.14 -0.29
C4 NAG W . 49.90 -9.08 -1.48
C5 NAG W . 49.55 -8.26 -2.73
C6 NAG W . 49.31 -9.12 -3.95
C7 NAG W . 48.48 -6.51 2.19
C8 NAG W . 48.77 -5.44 3.20
N2 NAG W . 49.00 -6.32 0.97
O3 NAG W . 50.25 -8.88 0.90
O4 NAG W . 51.11 -9.79 -1.73
O5 NAG W . 48.36 -7.50 -2.51
O6 NAG W . 48.00 -9.69 -3.98
O7 NAG W . 47.81 -7.50 2.46
C1 NAG W . 51.10 -11.06 -1.06
C2 NAG W . 51.86 -12.07 -1.89
C3 NAG W . 51.94 -13.42 -1.17
C4 NAG W . 52.52 -13.22 0.23
C5 NAG W . 51.71 -12.16 0.98
C6 NAG W . 52.30 -11.83 2.34
C7 NAG W . 51.88 -12.06 -4.35
C8 NAG W . 53.33 -11.65 -4.25
N2 NAG W . 51.24 -12.25 -3.20
O3 NAG W . 52.76 -14.31 -1.90
O4 NAG W . 52.47 -14.44 0.96
O5 NAG W . 51.71 -10.94 0.23
O6 NAG W . 53.27 -10.81 2.25
O7 NAG W . 51.34 -12.21 -5.44
C1 NAG X . 28.55 18.22 15.05
C2 NAG X . 27.53 18.81 14.06
C3 NAG X . 27.14 20.23 14.48
C4 NAG X . 26.67 20.24 15.93
C5 NAG X . 27.71 19.60 16.84
C6 NAG X . 27.25 19.44 18.27
C7 NAG X . 27.55 18.09 11.72
C8 NAG X . 28.23 18.21 10.39
N2 NAG X . 28.07 18.82 12.71
O3 NAG X . 26.11 20.70 13.63
O4 NAG X . 26.47 21.59 16.34
O5 NAG X . 28.01 18.27 16.36
O6 NAG X . 27.34 20.66 18.98
O7 NAG X . 26.59 17.35 11.89
C1 NAG X . 25.09 21.80 16.76
C2 NAG X . 25.03 23.05 17.62
C3 NAG X . 23.60 23.29 18.09
C4 NAG X . 22.65 23.34 16.89
C5 NAG X . 22.84 22.10 16.01
C6 NAG X . 22.04 22.18 14.73
C7 NAG X . 26.85 23.89 19.04
C8 NAG X . 27.70 23.63 20.25
N2 NAG X . 25.94 22.95 18.76
O3 NAG X . 23.54 24.52 18.80
O4 NAG X . 21.31 23.36 17.37
O5 NAG X . 24.21 21.94 15.63
O6 NAG X . 22.05 23.50 14.20
O7 NAG X . 26.98 24.89 18.35
C1 BMA X . 20.69 24.62 17.03
C2 BMA X . 19.18 24.37 16.81
C3 BMA X . 18.44 25.68 16.61
C4 BMA X . 18.80 26.72 17.68
C5 BMA X . 20.32 26.87 17.78
C6 BMA X . 20.75 27.83 18.87
O2 BMA X . 18.60 23.75 17.95
O3 BMA X . 17.03 25.48 16.58
O4 BMA X . 18.22 27.97 17.36
O5 BMA X . 20.89 25.58 18.06
O6 BMA X . 20.40 27.27 20.13
C1 NAG Y . -13.99 -21.02 -38.99
C2 NAG Y . -13.86 -19.50 -38.92
C3 NAG Y . -14.93 -18.84 -39.77
C4 NAG Y . -14.92 -19.39 -41.19
C5 NAG Y . -14.98 -20.91 -41.16
C6 NAG Y . -14.83 -21.53 -42.53
C7 NAG Y . -12.92 -18.56 -36.85
C8 NAG Y . -13.20 -18.14 -35.44
N2 NAG Y . -13.96 -19.05 -37.54
O3 NAG Y . -14.69 -17.43 -39.80
O4 NAG Y . -16.07 -18.93 -41.88
O5 NAG Y . -13.92 -21.44 -40.35
O6 NAG Y . -15.99 -21.35 -43.32
O7 NAG Y . -11.80 -18.47 -37.34
C1 NAG Y . -15.74 -17.89 -42.82
C2 NAG Y . -17.02 -17.48 -43.54
C3 NAG Y . -16.74 -16.35 -44.53
C4 NAG Y . -16.08 -15.19 -43.81
C5 NAG Y . -14.82 -15.67 -43.08
C6 NAG Y . -14.18 -14.59 -42.24
C7 NAG Y . -18.80 -19.13 -43.91
C8 NAG Y . -19.26 -20.31 -44.72
N2 NAG Y . -17.62 -18.63 -44.23
O3 NAG Y . -17.97 -15.93 -45.11
O4 NAG Y . -15.70 -14.19 -44.75
O5 NAG Y . -15.17 -16.74 -42.17
O6 NAG Y . -14.79 -13.33 -42.47
O7 NAG Y . -19.49 -18.66 -43.00
C1 NAG Z . -8.90 -18.29 -40.11
C2 NAG Z . -9.59 -17.03 -40.65
C3 NAG Z . -10.73 -17.42 -41.59
C4 NAG Z . -10.22 -18.34 -42.70
C5 NAG Z . -9.55 -19.55 -42.07
C6 NAG Z . -8.93 -20.49 -43.08
C7 NAG Z . -10.26 -14.90 -39.65
C8 NAG Z . -10.79 -14.21 -38.43
N2 NAG Z . -10.10 -16.22 -39.56
O3 NAG Z . -11.28 -16.25 -42.17
O4 NAG Z . -11.29 -18.75 -43.53
O5 NAG Z . -8.48 -19.12 -41.20
O6 NAG Z . -8.10 -19.79 -43.99
O7 NAG Z . -10.00 -14.28 -40.68
C1 NAG Z . -11.00 -18.31 -44.88
C2 NAG Z . -11.92 -19.07 -45.85
C3 NAG Z . -11.67 -18.62 -47.27
C4 NAG Z . -11.79 -17.11 -47.39
C5 NAG Z . -10.89 -16.42 -46.36
C6 NAG Z . -11.05 -14.93 -46.34
C7 NAG Z . -12.73 -21.39 -45.90
C8 NAG Z . -12.36 -22.83 -45.74
N2 NAG Z . -11.75 -20.51 -45.72
O3 NAG Z . -12.61 -19.24 -48.15
O4 NAG Z . -11.40 -16.69 -48.69
O5 NAG Z . -11.20 -16.90 -45.05
O6 NAG Z . -12.24 -14.52 -47.00
O7 NAG Z . -13.87 -21.03 -46.20
C1 NAG AA . 8.69 -22.61 -25.13
C2 NAG AA . 8.80 -21.10 -24.88
C3 NAG AA . 9.65 -20.42 -25.95
C4 NAG AA . 11.00 -21.10 -26.05
C5 NAG AA . 10.81 -22.59 -26.29
C6 NAG AA . 12.12 -23.35 -26.31
C7 NAG AA . 6.48 -20.30 -25.56
C8 NAG AA . 6.64 -20.90 -26.93
N2 NAG AA . 7.50 -20.44 -24.69
O3 NAG AA . 9.83 -19.05 -25.61
O4 NAG AA . 11.76 -20.53 -27.12
O5 NAG AA . 10.01 -23.17 -25.25
O6 NAG AA . 12.93 -23.00 -25.19
O7 NAG AA . 5.46 -19.71 -25.23
C1 NAG AA . 12.88 -19.82 -26.56
C2 NAG AA . 14.11 -20.05 -27.44
C3 NAG AA . 15.30 -19.27 -26.87
C4 NAG AA . 14.94 -17.80 -26.70
C5 NAG AA . 13.67 -17.65 -25.87
C6 NAG AA . 13.18 -16.23 -25.77
C7 NAG AA . 14.98 -22.00 -28.64
C8 NAG AA . 15.24 -23.48 -28.57
N2 NAG AA . 14.44 -21.45 -27.54
O3 NAG AA . 16.41 -19.39 -27.76
O4 NAG AA . 16.00 -17.11 -26.05
O5 NAG AA . 12.60 -18.42 -26.47
O6 NAG AA . 12.90 -15.70 -27.07
O7 NAG AA . 15.23 -21.33 -29.64
C1 NAG BA . -21.88 -37.64 -14.05
C2 NAG BA . -22.18 -37.62 -12.54
C3 NAG BA . -22.95 -38.87 -12.12
C4 NAG BA . -24.13 -39.14 -13.06
C5 NAG BA . -23.71 -39.01 -14.53
C6 NAG BA . -24.88 -39.09 -15.48
C7 NAG BA . -19.95 -38.32 -11.76
C8 NAG BA . -18.80 -37.96 -10.87
N2 NAG BA . -20.97 -37.46 -11.76
O3 NAG BA . -23.42 -38.61 -10.80
O4 NAG BA . -24.67 -40.46 -12.91
O5 NAG BA . -23.07 -37.75 -14.76
O6 NAG BA . -25.42 -37.80 -15.73
O7 NAG BA . -19.95 -39.34 -12.44
C1 NAG BA . -24.35 -41.19 -11.71
C2 NAG BA . -25.66 -41.62 -11.03
C3 NAG BA . -25.37 -42.43 -9.79
C4 NAG BA . -24.46 -43.60 -10.12
C5 NAG BA . -23.20 -43.10 -10.81
C6 NAG BA . -22.28 -44.22 -11.26
C7 NAG BA . -27.78 -40.36 -11.02
C8 NAG BA . -28.46 -39.10 -10.61
N2 NAG BA . -26.48 -40.46 -10.72
O3 NAG BA . -26.60 -42.91 -9.23
O4 NAG BA . -24.08 -44.29 -8.92
O5 NAG BA . -23.56 -42.37 -12.00
O6 NAG BA . -22.35 -45.33 -10.37
O7 NAG BA . -28.36 -41.27 -11.60
C1 NAG CA . -16.60 -19.44 48.25
C2 NAG CA . -16.38 -20.87 47.78
C3 NAG CA . -17.33 -21.82 48.51
C4 NAG CA . -17.18 -21.65 50.02
C5 NAG CA . -17.36 -20.19 50.40
C6 NAG CA . -17.09 -19.93 51.87
C7 NAG CA . -15.63 -21.47 45.53
C8 NAG CA . -15.99 -21.52 44.07
N2 NAG CA . -16.57 -20.99 46.34
O3 NAG CA . -17.05 -23.17 48.14
O4 NAG CA . -18.15 -22.43 50.70
O5 NAG CA . -16.44 -19.37 49.67
O6 NAG CA . -16.06 -20.77 52.37
O7 NAG CA . -14.54 -21.85 45.93
C1 NAG DA . -32.31 32.57 -4.70
C2 NAG DA . -32.89 33.20 -3.44
C3 NAG DA . -33.34 34.64 -3.71
C4 NAG DA . -32.20 35.44 -4.33
C5 NAG DA . -31.67 34.73 -5.57
C6 NAG DA . -30.46 35.41 -6.17
C7 NAG DA . -34.16 32.09 -1.64
C8 NAG DA . -33.08 32.58 -0.71
N2 NAG DA . -34.01 32.42 -2.93
O3 NAG DA . -33.78 35.25 -2.51
O4 NAG DA . -32.67 36.74 -4.71
O5 NAG DA . -31.25 33.40 -5.21
O6 NAG DA . -30.44 36.80 -5.84
O7 NAG DA . -35.11 31.43 -1.24
C1 NAG EA . -16.36 26.50 -19.02
C2 NAG EA . -16.50 27.77 -18.17
C3 NAG EA . -16.99 28.95 -18.99
C4 NAG EA . -16.11 29.14 -20.23
C5 NAG EA . -16.05 27.82 -21.01
C6 NAG EA . -15.14 27.90 -22.21
C7 NAG EA . -18.60 27.25 -16.84
C8 NAG EA . -19.38 27.02 -18.10
N2 NAG EA . -17.30 27.58 -16.95
O3 NAG EA . -16.95 30.14 -18.20
O4 NAG EA . -16.65 30.15 -21.06
O5 NAG EA . -15.54 26.78 -20.17
O6 NAG EA . -14.41 26.69 -22.38
O7 NAG EA . -19.13 27.12 -15.74
C1 NAG FA . -10.54 28.52 3.21
C2 NAG FA . -9.89 28.98 4.51
C3 NAG FA . -10.96 29.23 5.58
C4 NAG FA . -12.03 30.19 5.05
C5 NAG FA . -12.59 29.67 3.73
C6 NAG FA . -13.56 30.63 3.09
C7 NAG FA . -7.78 28.35 5.60
C8 NAG FA . -6.90 27.21 6.03
N2 NAG FA . -8.91 28.00 4.99
O3 NAG FA . -10.34 29.78 6.74
O4 NAG FA . -13.07 30.30 5.99
O5 NAG FA . -11.52 29.48 2.79
O6 NAG FA . -12.91 31.53 2.20
O7 NAG FA . -7.48 29.52 5.80
C1 NAG GA . -41.90 5.38 14.63
C2 NAG GA . -42.95 5.81 15.65
C3 NAG GA . -43.71 4.58 16.17
C4 NAG GA . -44.27 3.77 15.01
C5 NAG GA . -43.16 3.43 14.02
C6 NAG GA . -43.67 2.73 12.77
C7 NAG GA . -42.54 7.85 16.95
C8 NAG GA . -41.85 8.44 18.13
N2 NAG GA . -42.35 6.54 16.75
O3 NAG GA . -44.76 5.01 17.02
O4 NAG GA . -44.84 2.55 15.50
O5 NAG GA . -42.52 4.64 13.57
O6 NAG GA . -43.04 3.24 11.60
O7 NAG GA . -43.24 8.52 16.20
C1 NAG HA . -43.50 13.04 12.18
C2 NAG HA . -44.17 12.25 11.06
C3 NAG HA . -45.02 13.20 10.20
C4 NAG HA . -45.99 13.97 11.08
C5 NAG HA . -45.25 14.68 12.19
C6 NAG HA . -46.18 15.38 13.17
C7 NAG HA . -42.72 10.34 10.55
C8 NAG HA . -41.72 9.78 9.59
N2 NAG HA . -43.18 11.56 10.24
O3 NAG HA . -45.72 12.44 9.23
O4 NAG HA . -46.69 14.93 10.29
O5 NAG HA . -44.48 13.74 12.96
O6 NAG HA . -47.43 15.66 12.58
O7 NAG HA . -43.10 9.73 11.54
C1 NAG IA . -30.66 27.74 21.73
C2 NAG IA . -30.12 28.17 20.36
C3 NAG IA . -30.31 29.67 20.16
C4 NAG IA . -31.77 30.06 20.38
C5 NAG IA . -32.23 29.57 21.74
C6 NAG IA . -33.70 29.81 21.99
C7 NAG IA . -28.28 26.89 19.36
C8 NAG IA . -26.80 26.65 19.34
N2 NAG IA . -28.72 27.81 20.22
O3 NAG IA . -29.91 30.02 18.84
O4 NAG IA . -31.91 31.47 20.31
O5 NAG IA . -32.03 28.15 21.85
O6 NAG IA . -34.46 29.64 20.81
O7 NAG IA . -29.04 26.28 18.61
C1 NAG JA . -32.55 24.90 16.73
C2 NAG JA . -32.08 26.16 15.99
C3 NAG JA . -32.51 27.41 16.74
C4 NAG JA . -34.01 27.38 17.00
C5 NAG JA . -34.38 26.10 17.73
C6 NAG JA . -35.87 25.95 17.94
C7 NAG JA . -30.04 26.50 14.67
C8 NAG JA . -28.55 26.42 14.66
N2 NAG JA . -30.64 26.14 15.81
O3 NAG JA . -32.17 28.56 15.97
O4 NAG JA . -34.39 28.50 17.79
O5 NAG JA . -33.96 24.96 16.95
O6 NAG JA . -36.20 24.68 18.48
O7 NAG JA . -30.68 26.86 13.68
C1 NAG KA . -39.80 7.97 -5.79
C2 NAG KA . -41.30 7.67 -5.65
C3 NAG KA . -41.61 6.27 -6.17
C4 NAG KA . -41.11 6.12 -7.60
C5 NAG KA . -39.63 6.47 -7.66
C6 NAG KA . -39.08 6.45 -9.08
C7 NAG KA . -42.47 8.82 -3.81
C8 NAG KA . -42.81 8.79 -2.36
N2 NAG KA . -41.72 7.80 -4.26
O3 NAG KA . -43.02 6.06 -6.13
O4 NAG KA . -41.30 4.79 -8.05
O5 NAG KA . -39.41 7.80 -7.16
O6 NAG KA . -39.11 5.14 -9.62
O7 NAG KA . -42.84 9.72 -4.56
C1 NAG LA . -34.52 -1.14 20.56
C2 NAG LA . -34.31 -2.09 19.39
C3 NAG LA . -35.29 -3.27 19.49
C4 NAG LA . -35.17 -3.94 20.84
C5 NAG LA . -35.37 -2.92 21.95
C6 NAG LA . -35.17 -3.49 23.33
C7 NAG LA . -33.68 -1.60 17.07
C8 NAG LA . -34.01 -0.81 15.84
N2 NAG LA . -34.48 -1.40 18.12
O3 NAG LA . -35.00 -4.20 18.45
O4 NAG LA . -36.16 -4.96 20.96
O5 NAG LA . -34.41 -1.86 21.80
O6 NAG LA . -36.16 -3.04 24.23
O7 NAG LA . -32.75 -2.40 17.10
C1 NAG MA . 23.53 40.43 -14.34
C2 NAG MA . 24.25 41.65 -14.92
C3 NAG MA . 25.03 41.28 -16.19
C4 NAG MA . 25.92 40.08 -15.93
C5 NAG MA . 25.12 38.93 -15.32
C6 NAG MA . 25.97 37.74 -14.94
C7 NAG MA . 22.32 42.94 -15.92
C8 NAG MA . 21.89 41.76 -16.74
N2 NAG MA . 23.39 42.81 -15.12
O3 NAG MA . 25.82 42.39 -16.60
O4 NAG MA . 26.52 39.64 -17.15
O5 NAG MA . 24.47 39.37 -14.11
O6 NAG MA . 27.06 38.12 -14.11
O7 NAG MA . 21.69 44.00 -15.96
C1 NAG NA . 3.28 33.72 -17.16
C2 NAG NA . 4.58 34.21 -17.83
C3 NAG NA . 4.28 35.37 -18.77
C4 NAG NA . 3.18 34.99 -19.76
C5 NAG NA . 1.95 34.51 -19.00
C6 NAG NA . 0.85 34.02 -19.91
C7 NAG NA . 6.79 34.10 -16.79
C8 NAG NA . 7.68 34.63 -15.69
N2 NAG NA . 5.56 34.61 -16.83
O3 NAG NA . 5.46 35.73 -19.48
O4 NAG NA . 2.83 36.11 -20.56
O5 NAG NA . 2.31 33.41 -18.15
O6 NAG NA . -0.07 35.06 -20.20
O7 NAG NA . 7.18 33.26 -17.60
C1 NAG OA . 20.05 17.79 -18.60
C2 NAG OA . 20.97 16.79 -19.29
C3 NAG OA . 22.44 17.09 -18.97
C4 NAG OA . 22.76 18.55 -19.29
C5 NAG OA . 21.77 19.47 -18.57
C6 NAG OA . 21.98 20.93 -18.92
C7 NAG OA . 20.90 14.36 -19.67
C8 NAG OA . 20.50 13.04 -19.12
N2 NAG OA . 20.65 15.42 -18.90
O3 NAG OA . 23.28 16.24 -19.71
O4 NAG OA . 24.08 18.86 -18.87
O5 NAG OA . 20.44 19.13 -18.95
O6 NAG OA . 22.19 21.11 -20.31
O7 NAG OA . 21.44 14.47 -20.77
C1 NAG PA . 54.40 23.92 10.03
C2 NAG PA . 54.84 24.71 8.79
C3 NAG PA . 56.32 24.47 8.51
C4 NAG PA . 57.15 24.78 9.75
C5 NAG PA . 56.62 24.01 10.95
C6 NAG PA . 57.31 24.38 12.25
C7 NAG PA . 53.51 25.25 6.80
C8 NAG PA . 52.71 24.71 5.66
N2 NAG PA . 54.04 24.35 7.63
O3 NAG PA . 56.73 25.29 7.43
O4 NAG PA . 58.51 24.42 9.53
O5 NAG PA . 55.22 24.29 11.14
O6 NAG PA . 56.75 25.55 12.83
O7 NAG PA . 53.67 26.46 6.97
C1 NAG QA . 34.35 17.75 19.72
C2 NAG QA . 34.57 17.50 21.21
C3 NAG QA . 33.66 16.39 21.71
C4 NAG QA . 32.21 16.67 21.35
C5 NAG QA . 32.10 16.90 19.84
C6 NAG QA . 30.71 17.29 19.42
C7 NAG QA . 36.51 17.31 22.72
C8 NAG QA . 37.96 16.93 22.84
N2 NAG QA . 35.96 17.19 21.50
O3 NAG QA . 33.78 16.26 23.12
O4 NAG QA . 31.39 15.57 21.72
O5 NAG QA . 32.97 17.98 19.46
O6 NAG QA . 30.56 18.71 19.36
O7 NAG QA . 35.86 17.71 23.68
C1 NAG RA . 49.40 27.98 -0.86
C2 NAG RA . 50.39 27.85 -2.03
C3 NAG RA . 50.71 29.22 -2.64
C4 NAG RA . 49.44 29.99 -2.96
C5 NAG RA . 48.53 30.05 -1.73
C6 NAG RA . 47.21 30.71 -2.01
C7 NAG RA . 52.55 27.37 -0.78
C8 NAG RA . 52.38 28.63 0.05
N2 NAG RA . 51.60 27.10 -1.70
O3 NAG RA . 51.48 29.04 -3.83
O4 NAG RA . 49.77 31.32 -3.36
O5 NAG RA . 48.25 28.72 -1.29
O6 NAG RA . 46.13 29.82 -1.73
O7 NAG RA . 53.50 26.63 -0.62
C1 NAG SA . 43.13 -17.70 31.73
C2 NAG SA . 44.58 -17.59 32.22
C3 NAG SA . 44.66 -17.85 33.72
C4 NAG SA . 43.67 -16.97 34.48
C5 NAG SA . 42.28 -17.13 33.90
C6 NAG SA . 41.27 -16.19 34.53
C7 NAG SA . 46.74 -18.24 31.26
C8 NAG SA . 47.49 -19.29 30.49
N2 NAG SA . 45.44 -18.49 31.49
O3 NAG SA . 45.98 -17.62 34.18
O4 NAG SA . 43.66 -17.33 35.85
O5 NAG SA . 42.29 -16.82 32.50
O6 NAG SA . 41.77 -14.87 34.63
O7 NAG SA . 47.28 -17.20 31.65
C1 NAG TA . -1.34 19.25 -32.05
C2 NAG TA . -2.59 18.80 -32.84
C3 NAG TA . -2.89 19.76 -33.99
C4 NAG TA . -2.94 21.19 -33.48
C5 NAG TA . -1.68 21.53 -32.70
C6 NAG TA . -1.73 22.91 -32.08
C7 NAG TA . -1.65 16.82 -34.13
C8 NAG TA . -0.56 17.68 -34.72
N2 NAG TA . -2.52 17.41 -33.28
O3 NAG TA . -4.12 19.41 -34.60
O4 NAG TA . -3.09 22.09 -34.58
O5 NAG TA . -1.51 20.60 -31.62
O6 NAG TA . -2.61 22.95 -30.96
O7 NAG TA . -1.74 15.63 -34.40
C1 NAG UA . -15.47 1.88 -25.39
C2 NAG UA . -16.82 1.22 -25.05
C3 NAG UA . -17.06 0.00 -25.94
C4 NAG UA . -16.94 0.39 -27.40
C5 NAG UA . -15.59 1.07 -27.65
C6 NAG UA . -15.44 1.59 -29.07
C7 NAG UA . -17.94 1.01 -22.87
C8 NAG UA . -17.81 0.55 -21.45
N2 NAG UA . -16.87 0.83 -23.64
O3 NAG UA . -18.36 -0.51 -25.69
O4 NAG UA . -17.03 -0.76 -28.23
O5 NAG UA . -15.45 2.20 -26.78
O6 NAG UA . -16.34 2.66 -29.34
O7 NAG UA . -18.97 1.53 -23.30
C1 NAG VA . 11.38 -25.88 -37.23
C2 NAG VA . 11.26 -26.83 -38.41
C3 NAG VA . 12.28 -27.97 -38.27
C4 NAG VA . 13.68 -27.40 -38.07
C5 NAG VA . 13.69 -26.41 -36.90
C6 NAG VA . 15.02 -25.72 -36.73
C7 NAG VA . 8.99 -26.87 -39.34
C8 NAG VA . 7.66 -27.54 -39.33
N2 NAG VA . 9.92 -27.37 -38.52
O3 NAG VA . 12.25 -28.78 -39.44
O4 NAG VA . 14.60 -28.45 -37.81
O5 NAG VA . 12.72 -25.39 -37.13
O6 NAG VA . 15.30 -24.84 -37.80
O7 NAG VA . 9.22 -25.90 -40.05
C1 NAG WA . 10.42 -30.58 -27.01
C2 NAG WA . 11.35 -30.11 -25.90
C3 NAG WA . 12.75 -30.67 -26.11
C4 NAG WA . 12.71 -32.19 -26.23
C5 NAG WA . 11.70 -32.61 -27.31
C6 NAG WA . 11.50 -34.10 -27.36
C7 NAG WA . 10.93 -27.97 -24.79
C8 NAG WA . 11.05 -26.47 -24.88
N2 NAG WA . 11.38 -28.66 -25.84
O3 NAG WA . 13.58 -30.29 -25.01
O4 NAG WA . 13.99 -32.69 -26.57
O5 NAG WA . 10.42 -32.02 -27.05
O6 NAG WA . 10.92 -34.59 -26.16
O7 NAG WA . 10.47 -28.52 -23.80
C1 NAG XA . 4.31 9.23 -40.13
C2 NAG XA . 5.48 9.09 -41.11
C3 NAG XA . 6.51 10.20 -40.87
C4 NAG XA . 5.84 11.56 -40.91
C5 NAG XA . 4.66 11.60 -39.93
C6 NAG XA . 3.88 12.89 -40.00
C7 NAG XA . 6.03 6.85 -41.98
C8 NAG XA . 6.74 5.57 -41.69
N2 NAG XA . 6.10 7.79 -41.01
O3 NAG XA . 7.52 10.12 -41.86
O4 NAG XA . 6.78 12.57 -40.55
O5 NAG XA . 3.74 10.54 -40.24
O6 NAG XA . 3.22 13.03 -41.25
O7 NAG XA . 5.42 7.06 -43.02
C1 NAG YA . 7.09 -21.81 -43.09
C2 NAG YA . 8.48 -21.21 -43.20
C3 NAG YA . 8.60 -20.37 -44.47
C4 NAG YA . 8.21 -21.20 -45.69
C5 NAG YA . 6.84 -21.83 -45.48
C6 NAG YA . 6.46 -22.77 -46.59
C7 NAG YA . 9.39 -20.89 -40.94
C8 NAG YA . 9.62 -19.93 -39.82
N2 NAG YA . 8.79 -20.40 -42.03
O3 NAG YA . 9.93 -19.89 -44.60
O4 NAG YA . 8.19 -20.38 -46.84
O5 NAG YA . 6.82 -22.59 -44.27
O6 NAG YA . 6.92 -24.10 -46.33
O7 NAG YA . 9.73 -22.07 -40.86
C1 NAG ZA . 60.12 -22.10 -14.43
C2 NAG ZA . 61.38 -22.10 -13.53
C3 NAG ZA . 61.06 -21.61 -12.11
C4 NAG ZA . 59.56 -21.56 -11.86
C5 NAG ZA . 58.95 -22.85 -12.37
C6 NAG ZA . 57.49 -23.00 -12.02
C7 NAG ZA . 63.02 -23.75 -14.30
C8 NAG ZA . 63.56 -25.13 -14.13
N2 NAG ZA . 62.01 -23.41 -13.48
O3 NAG ZA . 61.63 -20.31 -11.91
O4 NAG ZA . 59.30 -21.42 -10.47
O5 NAG ZA . 59.03 -22.88 -13.80
O6 NAG ZA . 57.03 -24.33 -12.20
O7 NAG ZA . 63.48 -22.97 -15.13
#